data_8X2J
#
_entry.id   8X2J
#
_cell.length_a   1.00
_cell.length_b   1.00
_cell.length_c   1.00
_cell.angle_alpha   90.00
_cell.angle_beta   90.00
_cell.angle_gamma   90.00
#
_symmetry.space_group_name_H-M   'P 1'
#
loop_
_entity.id
_entity.type
_entity.pdbx_description
1 polymer 'Cytochrome c7-like domain-containing protein'
2 polymer 'Fe-S-cluster-containing hydrogenase components 1-like protein'
3 polymer 'Polysulphide reductase NrfD'
4 polymer 'Quinol:cytochrome c oxidoreductase membrane protein'
5 polymer 'Cytochrome c domain-containing protein'
6 polymer 'Quinol:cytochrome c oxidoreductase quinone-binding subunit 2'
7 polymer 'Uncharacterized protein'
8 polymer unknown
9 non-polymer 'HEME C'
10 non-polymer 'IRON/SULFUR CLUSTER'
11 non-polymer 'FE3-S4 CLUSTER'
12 non-polymer '[(2~{R})-3-[2-azanylethoxy(oxidanyl)phosphoryl]oxy-2-tetradecanoyloxy-propyl] hexadecanoate'
13 non-polymer '2-HEPTYL-4-HYDROXY QUINOLINE N-OXIDE'
14 non-polymer '[(2~{R})-3-[2-azanylethoxy(oxidanyl)phosphoryl]oxy-2-pentadecanoyloxy-propyl] pentadecanoate'
15 non-polymer '1,3-bis(13-methyltetradecanoyloxy)propan-2-yl pentadecanoate'
#
loop_
_entity_poly.entity_id
_entity_poly.type
_entity_poly.pdbx_seq_one_letter_code
_entity_poly.pdbx_strand_id
1 'polypeptide(L)'
;MAQIFPRNANLLSRLSIFALVLLVVEGILILGVYFRSNYFRQVNVAIEQPVAFSHQLHVNVVGIDCRYCHTSVDQSYFAN
IPATETCMTCHSQIKTYSPLLEKVRESYATGKPIEWVKVYDLPNFVYFNHSIHVNKGIGCSTCHGQVNNMPVVWQQQALY
MGWCLNCHRNPELYVRPREEVYNMDYVPPSNQLEIGRQLVAEYGIMPPDQLTNCYVCHR
;
A
2 'polypeptide(L)'
;MTQQQPDLEAIRAQLRDARGPQFWRSLDQLADAPAFRELIEREFPRGASELEDGISRRTFLKLMGASLALAGVTACTYQP
RQYIAPFDRQPEGRVPGIPQYFASTLTLGGYGTGVLVRSNEGRPTKVEGNPRHPASLGGTDLFAQAEILTMYDPDRSTTV
LRQGVPSTWAEFTTTLGNALTAARATQGAGVRLLTTTITSPSLAAQIEQFLQAYPQARWYQYEPINRDNVVAGARLAFGR
DVTTRYDLSAAQVVVSLDADFLAPGPGFVAYARAFAERRKVRKDSTTMNRLYVVEASPSTTGTAADHRLPLRADAIAAFT
GALANELGVGGAPATLSPKAEEFLRAIARDLEEHRGQSVVIAGDQQPPIVHALAHLINAELGNVGQTVFYHEPVEARPTN
QTEELVALVSEMAAGRVETLIMIGGNPVYNAPGDLRFADRMASVPLTIHLSQFVDETSARATWHIPQAHPLESWGDARAF
DGTASIVQPLIEPLYGGKTANELLAAMLGQPEAESYDLVRSFWLEQIGETGWQVALANGVIAETVAPVIEPTLNEGAIRA
TPIPQPGDGVEIVFRPDPSLFDGFYANNGWLQELPRPLTKLVWDNAALMSPRTAIKLLGLPFNADRLIGTEADDRERQQY
LEQLSKVNGTIARIEYRGGIIEIPIWLLPGHAEDSITLNLGYGRTHAGRVGNNVGIDVYPIRTSDSPWFGAGARVTNTGR
TYLLVSTQDHWTLEGRDIYRVGEFKKFKEDPKYIAKEVYQEEYGRETPNYQSLQPGDDYTGRNAWGMTINLNACIGCNAC
VVACQAENNIAVVGKDQVSRGREMHWIRIDRYFAGEDLDNPSIYMMPVNCMQCEKAPCEVVCPVAATVHDYEGLNNMVYN
RCVGTKYCSNNCPYKVRRFNFLQYSDTTTETFKLAFNPDVTVRIRGVMEKCTYCVQRISGARIAAKRAAVQAGQSSYVIS
DGAIQTACEQACPTGAIVFGDINDSNSRVAKWKAEGHNYGLLGFLNTVPRTTYLARVRNPSEELEKVEG
;
B
3 'polypeptide(L)'
;MAQAQPLRTRPQDDGEAYLLPGETYTSISAKIGDVPLTPPLKTPKGWLAGFSVAFFMLMIFFVSVTWLFIRGVGIWGINI
PVGWGMDIINFVWWIGIGHAGTLISAILLLLNQGWRNSINRFAEAMTLFAVACAGLYPILHLGRPWLFYWLIPYPNTHGM
WPQFRSALAWDVFAISTYATVSLVFWLVGLIPDFATLRDRAKNIWVKRLYGIAALGWRGSARHWHRYEMASILLAGLSTP
LVVSVHSIISLDFAISQVPGWQVTVFPPYFVAGAVFAGFAMVLLLMIPVRTFYGFENYITLHHLDVMAKVMLTTGMIVVY
GYFMEVFASLYSGNEFEEYLLYNRLFGPSSWAYWGLLFCNAVAIQPLWFKKVRQNIPALLIISLIVSVGMWLERYVIIVI
SLERDFLPSSWDIYIPTIWDWSLYIGTFGLFFTLLFLFIRVLPMINIFEMRLFLYQETEKAKQRAGHGAHGHGHEQSPAH
GAATAD
;
C
4 'polypeptide(L)'
;MRNDVYGVMAEFPTPEALIEATRKAKAAGYTKMDAFSPFPIEEVIEEIAHGDTGVPRLVLLFGLIGAASGFILQYIGNLV
DYPLNVGGRPLDITNWPAMIPITFESGILLASFAAAIGMIVLNGLPSPYHPVFNVPRFQYASQDAFFLCIEATDPLFDRS
RTSQFLRSLNPMQVSEVAY
;
D
5 'polypeptide(L)'
;MQKPRLTSRMIRFGWVGLLVLLLTACHQDMYDQQKYTTYEPSSFFADGRSSRPNVPGTTPFEVVKTDEFLYTGLIDGQEV
DAMPFPVTKDLLLRGQLKYNIYCAVCHGEAGYGASMVAERGGIVPANFHQQRLREAPLSHFFVVITNGVYRGDPENGGYQ
SMYGYASRITPEDRWAIAAYIRALQLSQNATIDDVPPDQRAQLGN
;
E
6 'polypeptide(L)'
;MATTSISQTRIPQLGQVQMLGLAAAVIGIGVLAAGYFLSPTSFFESYIYGYYVAMTIPLGCLGFLMVQHLTGGAWGVTVR
RMLEAGAATLPIMGLLFIPIALGYFDTYKALGLEHPLYEWANPEVVTPGGAEFDPIIAHKVPWLSPLWVTARIAIFFIIW
SALALTLRAWSRQQDAGGDAKKLATRMRRLSGIGVALFVITVTFFSFDVAMSLDPHWFSTIYGAHYMANAGLMTLAFLAL
MMSRVRDAALFREYVSVKPIHDIGKLIFAFTVLWTYMSYGQLVIIWSGDVAEFTPWYVHRTQHGWVFVALALMLFAFALP
FFVLLFRGTKRNLNTLATIAGWIVVMRFVDMAWIILPEFREHLWDIAITDVAAPIGLIGLVIALFAANVQQAPLLPLRDP
NMEQLQNSGHH
;
F
7 'polypeptide(L)'
;MSYRPNYSASRYTAGRPAQPVRTARTMAEPSLSRLMIAGLMVFLVLSLVVLLAGRLPFTPQPAPVTGNTYRTYVNDARTL
LNSYGYTMEGKVHIPIDRAMDLIVERGLPVRE
;
G
8 'polypeptide(L)' MQPEWSGDPEVKPVFLAVTLTGMVAFLLMVWLFAFYW I
#
loop_
_chem_comp.id
_chem_comp.type
_chem_comp.name
_chem_comp.formula
F3S non-polymer 'FE3-S4 CLUSTER' 'Fe3 S4'
HEC non-polymer 'HEME C' 'C34 H34 Fe N4 O4'
HQO non-polymer '2-HEPTYL-4-HYDROXY QUINOLINE N-OXIDE' 'C16 H21 N O2'
JL3 non-polymer '[(2~{R})-3-[2-azanylethoxy(oxidanyl)phosphoryl]oxy-2-pentadecanoyloxy-propyl] pentadecanoate' 'C35 H70 N O8 P'
JLQ non-polymer '[(2~{R})-3-[2-azanylethoxy(oxidanyl)phosphoryl]oxy-2-tetradecanoyloxy-propyl] hexadecanoate' 'C35 H70 N O8 P'
JM9 non-polymer '1,3-bis(13-methyltetradecanoyloxy)propan-2-yl pentadecanoate' 'C48 H92 O6'
SF4 non-polymer 'IRON/SULFUR CLUSTER' 'Fe4 S4'
#
# COMPACT_ATOMS: atom_id res chain seq x y z
N ALA A 2 -10.21 -6.33 58.87
CA ALA A 2 -9.88 -6.63 60.25
C ALA A 2 -9.99 -8.12 60.52
N GLN A 3 -10.87 -8.78 59.76
CA GLN A 3 -11.00 -10.23 59.89
C GLN A 3 -9.81 -10.95 59.28
N ILE A 4 -9.27 -10.43 58.19
CA ILE A 4 -8.24 -11.11 57.42
C ILE A 4 -6.98 -10.26 57.34
N PHE A 5 -7.11 -9.07 56.76
CA PHE A 5 -5.99 -8.20 56.50
C PHE A 5 -5.58 -7.44 57.76
N PRO A 6 -4.28 -7.10 57.92
CA PRO A 6 -3.86 -6.36 59.11
C PRO A 6 -4.14 -4.88 59.00
N ARG A 7 -3.68 -4.12 60.01
CA ARG A 7 -3.99 -2.69 60.11
C ARG A 7 -3.35 -1.89 58.97
N ASN A 8 -2.11 -2.21 58.61
CA ASN A 8 -1.39 -1.46 57.58
C ASN A 8 -1.71 -1.90 56.16
N ALA A 9 -2.79 -2.67 55.96
CA ALA A 9 -3.13 -3.14 54.62
C ALA A 9 -3.65 -2.01 53.74
N ASN A 10 -4.30 -1.00 54.32
CA ASN A 10 -4.79 0.12 53.53
C ASN A 10 -3.63 0.95 52.98
N LEU A 11 -2.68 1.29 53.84
CA LEU A 11 -1.47 2.00 53.41
C LEU A 11 -0.65 1.15 52.45
N LEU A 12 -0.60 -0.17 52.67
CA LEU A 12 0.13 -1.06 51.78
C LEU A 12 -0.52 -1.12 50.40
N SER A 13 -1.86 -1.14 50.34
CA SER A 13 -2.54 -1.18 49.05
C SER A 13 -2.41 0.13 48.29
N ARG A 14 -2.53 1.26 48.99
CA ARG A 14 -2.36 2.56 48.36
C ARG A 14 -0.93 2.75 47.86
N LEU A 15 0.05 2.34 48.66
CA LEU A 15 1.45 2.41 48.26
C LEU A 15 1.76 1.42 47.14
N SER A 16 1.02 0.30 47.09
CA SER A 16 1.19 -0.64 45.99
C SER A 16 0.67 -0.09 44.67
N ILE A 17 -0.48 0.60 44.71
CA ILE A 17 -1.00 1.25 43.50
C ILE A 17 -0.06 2.36 43.05
N PHE A 18 0.44 3.15 44.00
CA PHE A 18 1.39 4.23 43.69
C PHE A 18 2.70 3.67 43.11
N ALA A 19 3.21 2.59 43.69
CA ALA A 19 4.45 1.99 43.20
C ALA A 19 4.26 1.29 41.86
N LEU A 20 3.06 0.76 41.59
CA LEU A 20 2.80 0.17 40.28
C LEU A 20 2.74 1.23 39.19
N VAL A 21 2.11 2.37 39.48
CA VAL A 21 2.09 3.47 38.51
C VAL A 21 3.50 4.02 38.28
N LEU A 22 4.27 4.20 39.37
CA LEU A 22 5.65 4.66 39.25
C LEU A 22 6.53 3.65 38.53
N LEU A 23 6.25 2.36 38.69
CA LEU A 23 7.04 1.32 38.02
C LEU A 23 6.73 1.29 36.52
N VAL A 24 5.47 1.51 36.15
CA VAL A 24 5.11 1.61 34.73
C VAL A 24 5.78 2.82 34.09
N VAL A 25 5.76 3.96 34.78
CA VAL A 25 6.41 5.17 34.28
C VAL A 25 7.92 4.99 34.17
N GLU A 26 8.52 4.32 35.17
CA GLU A 26 9.96 4.07 35.16
C GLU A 26 10.34 3.09 34.06
N GLY A 27 9.50 2.10 33.78
CA GLY A 27 9.78 1.19 32.68
C GLY A 27 9.72 1.85 31.32
N ILE A 28 8.71 2.71 31.11
CA ILE A 28 8.61 3.48 29.87
C ILE A 28 9.80 4.42 29.74
N LEU A 29 10.20 5.04 30.84
CA LEU A 29 11.36 5.93 30.85
C LEU A 29 12.65 5.17 30.55
N ILE A 30 12.83 3.98 31.11
CA ILE A 30 14.03 3.19 30.90
C ILE A 30 14.12 2.74 29.44
N LEU A 31 12.98 2.35 28.85
CA LEU A 31 12.95 1.97 27.44
C LEU A 31 13.28 3.15 26.53
N GLY A 32 12.73 4.33 26.84
CA GLY A 32 13.04 5.51 26.04
C GLY A 32 14.48 5.96 26.15
N VAL A 33 15.03 5.96 27.36
CA VAL A 33 16.43 6.34 27.58
C VAL A 33 17.37 5.33 26.92
N TYR A 34 17.03 4.04 26.96
CA TYR A 34 17.86 3.05 26.27
C TYR A 34 17.81 3.21 24.76
N PHE A 35 16.64 3.51 24.20
CA PHE A 35 16.60 3.67 22.75
C PHE A 35 17.13 5.02 22.29
N ARG A 36 17.34 5.97 23.19
CA ARG A 36 17.97 7.24 22.85
C ARG A 36 19.40 7.37 23.35
N SER A 37 19.94 6.34 24.01
CA SER A 37 21.23 6.45 24.68
C SER A 37 22.40 6.47 23.69
N ASN A 38 23.50 7.06 24.16
CA ASN A 38 24.71 7.17 23.36
C ASN A 38 25.37 5.82 23.14
N TYR A 39 25.21 4.88 24.08
CA TYR A 39 25.73 3.53 23.88
C TYR A 39 24.98 2.81 22.77
N PHE A 40 23.65 2.92 22.78
CA PHE A 40 22.82 2.27 21.75
C PHE A 40 23.04 2.90 20.39
N ARG A 41 23.16 4.22 20.33
CA ARG A 41 23.32 4.90 19.07
C ARG A 41 24.77 5.12 18.68
N GLN A 42 25.72 4.62 19.48
CA GLN A 42 27.17 4.71 19.26
C GLN A 42 27.65 6.15 19.11
N VAL A 43 27.17 7.01 20.01
CA VAL A 43 27.46 8.43 19.99
C VAL A 43 28.50 8.74 21.07
N ASN A 44 29.46 9.61 20.73
CA ASN A 44 30.49 10.13 21.63
C ASN A 44 31.42 9.02 22.13
N VAL A 45 31.57 7.96 21.35
CA VAL A 45 32.51 6.89 21.65
C VAL A 45 33.52 6.79 20.51
N ALA A 46 34.80 6.76 20.88
CA ALA A 46 35.88 6.70 19.90
C ALA A 46 35.91 5.30 19.31
N ILE A 47 35.34 5.16 18.11
CA ILE A 47 35.26 3.86 17.44
C ILE A 47 36.64 3.47 16.94
N GLU A 48 37.13 2.32 17.39
CA GLU A 48 38.51 1.93 17.13
C GLU A 48 38.68 1.48 15.68
N GLN A 49 39.79 1.89 15.08
CA GLN A 49 40.19 1.63 13.71
C GLN A 49 41.41 0.70 13.68
N PRO A 50 41.59 -0.07 12.60
CA PRO A 50 42.77 -0.96 12.52
C PRO A 50 44.11 -0.23 12.47
N VAL A 51 44.13 1.04 12.06
CA VAL A 51 45.36 1.81 11.99
C VAL A 51 45.44 2.85 13.11
N ALA A 52 44.31 3.25 13.68
CA ALA A 52 44.16 4.40 14.57
C ALA A 52 44.70 5.67 13.90
N PHE A 53 44.03 6.02 12.81
CA PHE A 53 44.33 7.24 12.08
C PHE A 53 43.93 8.46 12.89
N SER A 54 44.79 9.49 12.87
CA SER A 54 44.63 10.67 13.71
C SER A 54 44.21 11.86 12.84
N HIS A 55 42.91 12.15 12.84
CA HIS A 55 42.40 13.34 12.16
C HIS A 55 42.93 14.61 12.81
N GLN A 56 43.10 14.61 14.14
CA GLN A 56 43.60 15.78 14.84
C GLN A 56 45.01 16.13 14.40
N LEU A 57 45.89 15.13 14.33
CA LEU A 57 47.24 15.35 13.81
C LEU A 57 47.20 15.77 12.34
N HIS A 58 46.49 15.00 11.51
CA HIS A 58 46.52 15.19 10.07
C HIS A 58 45.82 16.45 9.59
N VAL A 59 45.00 17.09 10.40
CA VAL A 59 44.36 18.35 10.03
C VAL A 59 44.91 19.52 10.85
N ASN A 60 44.85 19.43 12.18
CA ASN A 60 45.28 20.55 13.00
C ASN A 60 46.79 20.72 13.03
N VAL A 61 47.56 19.68 12.72
CA VAL A 61 49.02 19.74 12.73
C VAL A 61 49.58 19.71 11.32
N VAL A 62 49.29 18.64 10.57
CA VAL A 62 49.82 18.49 9.23
C VAL A 62 49.18 19.48 8.27
N GLY A 63 47.87 19.65 8.36
CA GLY A 63 47.19 20.65 7.57
C GLY A 63 46.59 20.17 6.28
N ILE A 64 46.23 18.90 6.21
CA ILE A 64 45.67 18.33 4.98
C ILE A 64 44.22 18.78 4.84
N ASP A 65 43.88 19.27 3.66
CA ASP A 65 42.51 19.67 3.36
C ASP A 65 41.60 18.44 3.35
N CYS A 66 40.32 18.66 3.68
CA CYS A 66 39.37 17.56 3.78
C CYS A 66 39.07 16.95 2.40
N ARG A 67 39.16 17.74 1.33
CA ARG A 67 38.94 17.23 -0.01
C ARG A 67 40.13 16.49 -0.58
N TYR A 68 41.30 16.57 0.07
CA TYR A 68 42.45 15.77 -0.36
C TYR A 68 42.16 14.28 -0.18
N CYS A 69 41.47 13.93 0.90
CA CYS A 69 41.18 12.55 1.23
C CYS A 69 39.73 12.17 0.97
N HIS A 70 38.78 13.05 1.28
CA HIS A 70 37.38 12.84 0.92
C HIS A 70 37.12 13.63 -0.36
N THR A 71 37.61 13.07 -1.47
CA THR A 71 37.64 13.79 -2.74
C THR A 71 36.27 13.90 -3.39
N SER A 72 35.34 13.02 -3.06
CA SER A 72 34.06 12.96 -3.74
C SER A 72 32.92 13.59 -2.94
N VAL A 73 33.25 14.44 -1.96
CA VAL A 73 32.22 14.92 -1.05
C VAL A 73 31.42 16.06 -1.67
N ASP A 74 31.98 16.81 -2.60
CA ASP A 74 31.29 17.91 -3.25
C ASP A 74 30.77 17.55 -4.62
N GLN A 75 30.81 16.27 -4.99
CA GLN A 75 30.43 15.87 -6.34
C GLN A 75 29.41 14.73 -6.33
N SER A 76 29.45 13.87 -5.32
CA SER A 76 28.56 12.72 -5.23
C SER A 76 27.96 12.65 -3.84
N TYR A 77 27.09 11.66 -3.63
CA TYR A 77 26.50 11.47 -2.31
C TYR A 77 27.50 10.92 -1.32
N PHE A 78 28.51 10.21 -1.82
CA PHE A 78 29.45 9.46 -0.98
C PHE A 78 30.71 10.29 -0.80
N ALA A 79 30.97 10.69 0.44
CA ALA A 79 32.29 11.23 0.76
C ALA A 79 33.31 10.11 0.69
N ASN A 80 34.44 10.38 0.05
CA ASN A 80 35.39 9.33 -0.30
C ASN A 80 36.15 8.87 0.94
N ILE A 81 36.04 7.59 1.25
CA ILE A 81 37.02 6.98 2.16
C ILE A 81 38.33 6.82 1.41
N PRO A 82 39.45 7.34 1.93
CA PRO A 82 40.67 7.44 1.13
C PRO A 82 41.31 6.09 0.85
N ALA A 83 42.15 6.08 -0.17
CA ALA A 83 42.84 4.88 -0.60
C ALA A 83 44.19 4.75 0.08
N THR A 84 44.72 3.52 0.04
CA THR A 84 46.08 3.28 0.51
C THR A 84 47.10 3.99 -0.38
N GLU A 85 46.76 4.21 -1.65
CA GLU A 85 47.56 5.07 -2.51
C GLU A 85 47.63 6.50 -1.97
N THR A 86 46.47 7.03 -1.51
CA THR A 86 46.43 8.37 -0.94
C THR A 86 47.21 8.45 0.36
N CYS A 87 47.16 7.40 1.18
CA CYS A 87 47.94 7.38 2.42
C CYS A 87 49.45 7.27 2.12
N MET A 88 49.82 6.38 1.20
CA MET A 88 51.23 6.14 0.91
C MET A 88 51.85 7.23 0.05
N THR A 89 51.02 8.14 -0.51
CA THR A 89 51.52 9.33 -1.20
C THR A 89 52.43 10.16 -0.31
N CYS A 90 52.07 10.31 0.96
CA CYS A 90 52.97 10.89 1.94
C CYS A 90 53.72 9.84 2.75
N HIS A 91 53.09 8.71 3.06
CA HIS A 91 53.72 7.73 3.94
C HIS A 91 54.66 6.77 3.22
N SER A 92 55.12 7.10 2.02
CA SER A 92 56.28 6.43 1.47
C SER A 92 57.59 6.96 2.05
N GLN A 93 57.56 8.09 2.75
CA GLN A 93 58.76 8.68 3.35
C GLN A 93 58.63 8.99 4.83
N ILE A 94 57.46 9.42 5.29
CA ILE A 94 57.27 9.79 6.68
C ILE A 94 56.93 8.55 7.50
N LYS A 95 57.75 8.29 8.54
CA LYS A 95 57.50 7.27 9.58
C LYS A 95 57.37 5.87 8.99
N THR A 96 58.21 5.56 8.01
CA THR A 96 58.25 4.21 7.47
C THR A 96 58.93 3.26 8.46
N TYR A 97 58.68 1.97 8.25
CA TYR A 97 59.10 0.88 9.14
C TYR A 97 58.60 1.09 10.57
N SER A 98 57.32 1.48 10.69
CA SER A 98 56.70 1.66 11.98
C SER A 98 55.53 0.69 12.14
N PRO A 99 55.37 0.10 13.33
CA PRO A 99 54.33 -0.94 13.51
C PRO A 99 52.91 -0.41 13.45
N LEU A 100 52.68 0.88 13.63
CA LEU A 100 51.35 1.43 13.51
C LEU A 100 51.01 1.83 12.08
N LEU A 101 52.00 1.93 11.20
CA LEU A 101 51.79 2.03 9.76
C LEU A 101 52.07 0.72 9.05
N GLU A 102 52.30 -0.35 9.83
CA GLU A 102 52.53 -1.68 9.27
C GLU A 102 51.32 -2.19 8.49
N LYS A 103 50.10 -1.85 8.92
CA LYS A 103 48.91 -2.26 8.18
C LYS A 103 48.80 -1.54 6.84
N VAL A 104 49.15 -0.25 6.82
CA VAL A 104 49.13 0.52 5.57
C VAL A 104 50.22 0.03 4.62
N ARG A 105 51.38 -0.34 5.16
CA ARG A 105 52.42 -0.92 4.31
C ARG A 105 52.08 -2.35 3.88
N GLU A 106 51.28 -3.07 4.68
CA GLU A 106 50.81 -4.39 4.29
C GLU A 106 49.82 -4.29 3.13
N SER A 107 48.95 -3.28 3.16
CA SER A 107 48.22 -2.92 1.95
C SER A 107 49.15 -2.19 0.98
N TYR A 108 48.64 -1.98 -0.24
CA TYR A 108 49.29 -1.39 -1.42
C TYR A 108 50.36 -2.30 -2.02
N ALA A 109 50.71 -3.38 -1.33
CA ALA A 109 51.50 -4.48 -1.89
C ALA A 109 50.61 -5.62 -2.36
N THR A 110 49.54 -5.88 -1.63
CA THR A 110 48.45 -6.76 -2.04
C THR A 110 47.23 -5.89 -2.35
N GLY A 111 46.19 -6.53 -2.86
CA GLY A 111 44.96 -5.81 -3.12
C GLY A 111 44.05 -5.64 -1.93
N LYS A 112 44.46 -6.13 -0.76
CA LYS A 112 43.61 -6.10 0.43
C LYS A 112 43.49 -4.68 0.95
N PRO A 113 42.29 -4.17 1.16
CA PRO A 113 42.11 -2.81 1.65
C PRO A 113 42.28 -2.74 3.17
N ILE A 114 42.14 -1.54 3.69
CA ILE A 114 42.09 -1.31 5.14
C ILE A 114 40.63 -1.25 5.55
N GLU A 115 40.21 -2.20 6.38
CA GLU A 115 38.80 -2.32 6.76
C GLU A 115 38.53 -1.34 7.90
N TRP A 116 38.27 -0.09 7.54
CA TRP A 116 37.83 0.89 8.51
C TRP A 116 36.41 0.59 8.97
N VAL A 117 36.06 1.09 10.15
CA VAL A 117 34.72 0.93 10.71
C VAL A 117 33.94 2.22 10.45
N LYS A 118 32.73 2.07 9.93
CA LYS A 118 31.88 3.21 9.60
C LYS A 118 31.33 3.81 10.89
N VAL A 119 31.83 4.98 11.28
CA VAL A 119 31.35 5.66 12.47
C VAL A 119 29.94 6.20 12.25
N TYR A 120 29.73 6.86 11.12
CA TYR A 120 28.43 7.44 10.77
C TYR A 120 27.75 6.48 9.80
N ASP A 121 26.96 5.55 10.35
CA ASP A 121 26.33 4.50 9.56
C ASP A 121 24.83 4.77 9.49
N LEU A 122 24.36 5.12 8.30
CA LEU A 122 22.93 5.29 8.08
C LEU A 122 22.30 3.98 7.61
N PRO A 123 21.08 3.67 8.04
CA PRO A 123 20.54 2.33 7.77
C PRO A 123 19.99 2.06 6.37
N ASN A 124 20.71 2.46 5.31
CA ASN A 124 20.54 1.95 3.95
C ASN A 124 19.18 2.16 3.27
N PHE A 125 18.22 2.79 3.95
CA PHE A 125 17.02 3.31 3.30
C PHE A 125 16.99 4.83 3.37
N VAL A 126 18.11 5.46 3.67
CA VAL A 126 18.13 6.85 4.10
C VAL A 126 18.64 7.78 3.00
N TYR A 127 19.69 7.36 2.29
CA TYR A 127 20.17 8.01 1.05
C TYR A 127 20.57 9.48 1.26
N PHE A 128 21.57 9.66 2.11
CA PHE A 128 22.16 10.97 2.30
C PHE A 128 22.96 11.36 1.05
N ASN A 129 22.98 12.66 0.76
CA ASN A 129 23.76 13.18 -0.35
C ASN A 129 24.70 14.27 0.17
N HIS A 130 26.00 14.02 0.04
CA HIS A 130 26.98 14.96 0.56
C HIS A 130 27.12 16.19 -0.33
N SER A 131 26.94 16.02 -1.65
CA SER A 131 27.26 17.06 -2.61
C SER A 131 26.32 18.25 -2.49
N ILE A 132 25.00 17.98 -2.42
CA ILE A 132 24.04 19.06 -2.33
C ILE A 132 24.11 19.75 -0.97
N HIS A 133 24.41 18.99 0.09
CA HIS A 133 24.52 19.58 1.42
C HIS A 133 25.75 20.48 1.52
N VAL A 134 26.86 20.07 0.93
CA VAL A 134 28.06 20.89 0.94
C VAL A 134 27.88 22.12 0.04
N ASN A 135 27.32 21.93 -1.16
CA ASN A 135 27.17 23.03 -2.10
C ASN A 135 26.06 24.00 -1.72
N LYS A 136 25.15 23.60 -0.82
CA LYS A 136 24.10 24.49 -0.36
C LYS A 136 24.43 25.11 1.00
N GLY A 137 25.72 25.30 1.26
CA GLY A 137 26.19 26.03 2.44
C GLY A 137 25.93 25.38 3.78
N ILE A 138 26.19 24.08 3.90
CA ILE A 138 26.18 23.41 5.20
C ILE A 138 27.59 22.89 5.45
N GLY A 139 28.23 23.41 6.49
CA GLY A 139 29.59 23.03 6.77
C GLY A 139 29.69 21.67 7.42
N CYS A 140 30.90 21.11 7.37
CA CYS A 140 31.14 19.79 7.96
C CYS A 140 31.04 19.81 9.47
N SER A 141 31.40 20.93 10.10
CA SER A 141 31.42 21.01 11.55
C SER A 141 30.02 21.02 12.14
N THR A 142 29.04 21.56 11.42
CA THR A 142 27.67 21.59 11.94
C THR A 142 27.01 20.23 11.94
N CYS A 143 27.53 19.27 11.19
CA CYS A 143 26.90 17.98 11.04
C CYS A 143 27.79 16.80 11.41
N HIS A 144 29.12 16.99 11.42
CA HIS A 144 30.05 15.96 11.84
C HIS A 144 30.83 16.33 13.08
N GLY A 145 30.78 17.58 13.52
CA GLY A 145 31.57 18.01 14.65
C GLY A 145 32.94 18.50 14.24
N GLN A 146 33.73 18.83 15.25
CA GLN A 146 35.10 19.30 15.06
C GLN A 146 35.99 18.07 14.84
N VAL A 147 35.96 17.55 13.61
CA VAL A 147 36.76 16.39 13.25
C VAL A 147 38.23 16.79 13.12
N ASN A 148 38.50 18.08 12.92
CA ASN A 148 39.87 18.57 12.88
C ASN A 148 40.60 18.44 14.21
N ASN A 149 39.89 18.26 15.31
CA ASN A 149 40.49 18.06 16.63
C ASN A 149 40.27 16.65 17.16
N MET A 150 39.70 15.75 16.36
CA MET A 150 39.42 14.39 16.81
C MET A 150 40.64 13.51 16.60
N PRO A 151 41.22 12.94 17.66
CA PRO A 151 42.27 11.92 17.46
C PRO A 151 41.67 10.65 16.88
N VAL A 152 40.61 10.17 17.51
CA VAL A 152 39.79 9.07 17.00
C VAL A 152 38.39 9.61 16.77
N VAL A 153 37.84 9.35 15.59
CA VAL A 153 36.56 9.94 15.21
C VAL A 153 35.43 9.30 15.99
N TRP A 154 34.61 10.12 16.63
CA TRP A 154 33.39 9.69 17.29
C TRP A 154 32.19 10.27 16.56
N GLN A 155 31.02 9.71 16.83
CA GLN A 155 29.77 10.28 16.36
C GLN A 155 29.37 11.41 17.30
N GLN A 156 29.21 12.62 16.74
CA GLN A 156 28.87 13.77 17.58
C GLN A 156 27.41 13.71 18.01
N GLN A 157 26.53 13.26 17.14
CA GLN A 157 25.12 13.11 17.44
C GLN A 157 24.62 11.85 16.76
N ALA A 158 23.52 11.32 17.28
CA ALA A 158 22.83 10.25 16.56
C ALA A 158 22.13 10.84 15.35
N LEU A 159 22.19 10.11 14.23
CA LEU A 159 21.59 10.56 12.98
C LEU A 159 20.10 10.20 12.99
N TYR A 160 19.37 10.90 13.86
CA TYR A 160 17.94 10.71 13.99
C TYR A 160 17.23 11.32 12.79
N MET A 161 16.07 10.73 12.45
CA MET A 161 15.21 11.30 11.43
C MET A 161 14.71 12.68 11.86
N GLY A 162 14.34 12.81 13.13
CA GLY A 162 13.93 14.10 13.66
C GLY A 162 15.04 15.12 13.67
N TRP A 163 16.28 14.69 13.92
CA TRP A 163 17.42 15.61 13.89
C TRP A 163 17.71 16.06 12.46
N CYS A 164 17.51 15.17 11.47
CA CYS A 164 17.61 15.56 10.08
C CYS A 164 16.52 16.56 9.70
N LEU A 165 15.29 16.28 10.11
CA LEU A 165 14.16 17.15 9.79
C LEU A 165 14.20 18.46 10.54
N ASN A 166 14.97 18.55 11.63
CA ASN A 166 15.17 19.82 12.32
C ASN A 166 15.86 20.83 11.41
N CYS A 167 16.95 20.43 10.76
CA CYS A 167 17.60 21.31 9.80
C CYS A 167 16.88 21.36 8.46
N HIS A 168 16.12 20.32 8.09
CA HIS A 168 15.34 20.46 6.87
C HIS A 168 14.13 21.37 7.04
N ARG A 169 13.68 21.61 8.27
CA ARG A 169 12.57 22.52 8.52
C ARG A 169 13.01 23.91 8.97
N ASN A 170 14.16 24.02 9.62
CA ASN A 170 14.73 25.32 9.98
C ASN A 170 16.20 25.33 9.56
N PRO A 171 16.48 25.50 8.27
CA PRO A 171 17.89 25.53 7.84
C PRO A 171 18.61 26.82 8.17
N GLU A 172 17.88 27.91 8.40
CA GLU A 172 18.49 29.23 8.63
C GLU A 172 19.29 29.29 9.92
N LEU A 173 19.07 28.36 10.85
CA LEU A 173 19.89 28.27 12.04
C LEU A 173 21.23 27.56 11.79
N TYR A 174 21.40 26.93 10.63
CA TYR A 174 22.58 26.11 10.39
C TYR A 174 23.28 26.36 9.05
N VAL A 175 22.68 27.17 8.17
CA VAL A 175 23.29 27.46 6.83
C VAL A 175 24.48 28.37 7.04
N ARG A 176 25.46 28.31 6.13
CA ARG A 176 26.66 29.16 6.26
C ARG A 176 27.06 29.64 4.87
N PRO A 177 27.82 30.74 4.75
CA PRO A 177 28.32 31.14 3.46
C PRO A 177 28.88 29.85 2.85
N ARG A 178 28.63 29.57 1.59
CA ARG A 178 29.07 28.29 0.94
C ARG A 178 30.59 28.25 0.86
N GLU A 179 31.27 29.28 1.30
CA GLU A 179 32.75 29.36 1.19
C GLU A 179 33.37 29.14 2.56
N GLU A 180 32.58 28.73 3.55
CA GLU A 180 33.07 28.58 4.94
C GLU A 180 32.71 27.17 5.35
N VAL A 181 32.51 26.29 4.37
CA VAL A 181 32.04 24.92 4.57
C VAL A 181 33.20 24.01 4.96
N TYR A 182 34.34 24.19 4.30
CA TYR A 182 35.53 23.43 4.60
C TYR A 182 36.39 24.09 5.68
N ASN A 183 36.00 25.27 6.14
CA ASN A 183 36.71 25.96 7.20
C ASN A 183 36.26 25.41 8.54
N MET A 184 37.18 24.75 9.26
CA MET A 184 36.88 24.22 10.58
C MET A 184 36.96 25.27 11.67
N ASP A 185 37.47 26.45 11.36
CA ASP A 185 37.58 27.54 12.32
C ASP A 185 36.37 28.46 12.30
N TYR A 186 35.39 28.21 11.43
CA TYR A 186 34.23 29.07 11.29
C TYR A 186 33.26 28.86 12.45
N VAL A 187 32.81 29.96 13.04
CA VAL A 187 31.75 29.93 14.05
C VAL A 187 30.60 30.79 13.54
N PRO A 188 29.35 30.43 13.83
CA PRO A 188 28.24 31.29 13.44
C PRO A 188 28.23 32.58 14.24
N PRO A 189 27.70 33.68 13.68
CA PRO A 189 27.76 34.96 14.39
C PRO A 189 26.81 35.07 15.56
N SER A 190 26.74 36.28 16.14
CA SER A 190 25.95 36.51 17.34
C SER A 190 24.45 36.40 17.06
N ASN A 191 24.01 36.89 15.91
CA ASN A 191 22.59 36.85 15.58
C ASN A 191 22.22 35.60 14.76
N GLN A 192 22.81 35.47 13.57
CA GLN A 192 22.83 34.31 12.67
C GLN A 192 21.49 34.02 12.01
N LEU A 193 20.39 34.59 12.53
CA LEU A 193 19.08 34.30 11.97
C LEU A 193 18.80 35.11 10.72
N GLU A 194 19.17 36.40 10.74
CA GLU A 194 19.01 37.27 9.59
C GLU A 194 19.86 36.80 8.42
N ILE A 195 21.13 36.47 8.69
CA ILE A 195 21.99 35.97 7.63
C ILE A 195 21.63 34.55 7.21
N GLY A 196 21.01 33.76 8.10
CA GLY A 196 20.53 32.45 7.67
C GLY A 196 19.36 32.55 6.72
N ARG A 197 18.42 33.46 6.99
CA ARG A 197 17.33 33.71 6.05
C ARG A 197 17.86 34.30 4.75
N GLN A 198 18.86 35.17 4.84
CA GLN A 198 19.48 35.75 3.65
C GLN A 198 20.17 34.68 2.80
N LEU A 199 20.86 33.73 3.44
CA LEU A 199 21.55 32.68 2.70
C LEU A 199 20.56 31.65 2.14
N VAL A 200 19.46 31.38 2.85
CA VAL A 200 18.42 30.51 2.31
C VAL A 200 17.79 31.14 1.06
N ALA A 201 17.50 32.44 1.11
CA ALA A 201 16.99 33.13 -0.07
C ALA A 201 18.03 33.23 -1.18
N GLU A 202 19.31 33.32 -0.82
CA GLU A 202 20.37 33.46 -1.81
C GLU A 202 20.64 32.14 -2.53
N TYR A 203 20.60 31.03 -1.80
CA TYR A 203 20.87 29.72 -2.39
C TYR A 203 19.60 29.01 -2.85
N GLY A 204 18.44 29.63 -2.65
CA GLY A 204 17.19 29.03 -3.11
C GLY A 204 16.83 27.76 -2.37
N ILE A 205 16.98 27.76 -1.05
CA ILE A 205 16.72 26.56 -0.26
C ILE A 205 15.22 26.37 -0.14
N MET A 206 14.75 25.16 -0.43
CA MET A 206 13.35 24.86 -0.59
C MET A 206 12.61 24.96 0.75
N PRO A 207 11.30 25.18 0.71
CA PRO A 207 10.49 25.22 1.94
C PRO A 207 10.49 23.89 2.67
N PRO A 208 10.13 23.89 3.97
CA PRO A 208 10.12 22.62 4.75
C PRO A 208 9.17 21.56 4.22
N ASP A 209 8.13 21.91 3.48
CA ASP A 209 7.29 20.91 2.84
C ASP A 209 8.08 20.10 1.83
N GLN A 210 8.81 20.80 0.95
CA GLN A 210 9.67 20.14 -0.03
C GLN A 210 10.80 19.38 0.65
N LEU A 211 11.41 19.97 1.68
CA LEU A 211 12.54 19.30 2.32
C LEU A 211 12.12 18.20 3.28
N THR A 212 10.83 18.08 3.58
CA THR A 212 10.30 17.12 4.53
C THR A 212 9.48 16.04 3.81
N ASN A 213 9.35 16.17 2.48
CA ASN A 213 8.91 15.07 1.61
C ASN A 213 9.67 13.78 1.89
N CYS A 214 8.95 12.66 1.83
CA CYS A 214 9.52 11.36 2.20
C CYS A 214 10.59 10.91 1.22
N TYR A 215 10.29 10.96 -0.08
CA TYR A 215 11.29 10.58 -1.09
C TYR A 215 12.40 11.59 -1.28
N VAL A 216 12.54 12.64 -0.49
CA VAL A 216 13.81 13.36 -0.42
C VAL A 216 14.90 12.43 0.10
N CYS A 217 14.63 11.76 1.21
CA CYS A 217 15.59 10.85 1.82
C CYS A 217 15.29 9.39 1.50
N HIS A 218 14.10 8.92 1.85
CA HIS A 218 13.82 7.50 1.72
C HIS A 218 13.50 7.12 0.28
N ARG A 219 13.64 5.84 0.00
CA ARG A 219 13.53 5.35 -1.37
C ARG A 219 13.30 3.85 -1.35
N CYS B 76 22.98 -4.74 23.49
CA CYS B 76 22.70 -4.67 22.06
C CYS B 76 22.70 -3.22 21.59
N THR B 77 23.20 -2.99 20.39
CA THR B 77 23.29 -1.66 19.81
C THR B 77 22.27 -1.51 18.68
N TYR B 78 22.24 -0.31 18.10
CA TYR B 78 21.29 -0.01 17.04
C TYR B 78 21.64 -0.75 15.75
N GLN B 79 22.93 -0.95 15.51
CA GLN B 79 23.43 -1.55 14.28
C GLN B 79 24.67 -2.36 14.59
N PRO B 80 25.06 -3.29 13.69
CA PRO B 80 26.39 -3.92 13.78
C PRO B 80 27.52 -2.98 13.38
N ARG B 81 28.74 -3.52 13.29
CA ARG B 81 29.93 -2.67 13.13
C ARG B 81 29.98 -1.99 11.76
N GLN B 82 29.60 -2.70 10.71
CA GLN B 82 29.51 -2.18 9.33
C GLN B 82 30.85 -1.65 8.83
N TYR B 83 31.77 -2.59 8.61
CA TYR B 83 33.09 -2.26 8.09
C TYR B 83 32.98 -1.68 6.68
N ILE B 84 33.94 -0.83 6.34
CA ILE B 84 33.99 -0.20 5.02
C ILE B 84 35.31 -0.60 4.37
N ALA B 85 35.31 -0.67 3.03
CA ALA B 85 36.45 -1.20 2.29
C ALA B 85 36.77 -0.30 1.11
N PRO B 86 37.71 0.63 1.28
CA PRO B 86 38.11 1.50 0.16
C PRO B 86 39.01 0.80 -0.84
N PHE B 87 39.54 1.55 -1.80
CA PHE B 87 40.46 0.99 -2.77
C PHE B 87 41.87 0.98 -2.24
N ASP B 88 42.73 0.16 -2.85
CA ASP B 88 44.16 0.29 -2.66
C ASP B 88 44.78 1.29 -3.61
N ARG B 89 44.24 1.37 -4.83
CA ARG B 89 44.58 2.39 -5.80
C ARG B 89 43.27 2.91 -6.39
N GLN B 90 43.07 4.22 -6.36
CA GLN B 90 41.84 4.79 -6.85
C GLN B 90 41.79 4.68 -8.38
N PRO B 91 40.62 4.36 -8.95
CA PRO B 91 40.48 4.43 -10.41
C PRO B 91 40.59 5.86 -10.91
N GLU B 92 41.06 5.99 -12.15
CA GLU B 92 41.42 7.30 -12.68
C GLU B 92 40.19 8.13 -13.04
N GLY B 93 39.34 7.62 -13.91
CA GLY B 93 38.19 8.36 -14.39
C GLY B 93 36.94 8.20 -13.58
N ARG B 94 37.03 7.65 -12.37
CA ARG B 94 35.87 7.33 -11.55
C ARG B 94 35.81 8.27 -10.35
N VAL B 95 34.63 8.83 -10.11
CA VAL B 95 34.31 9.52 -8.87
C VAL B 95 33.47 8.57 -8.01
N PRO B 96 33.85 8.31 -6.76
CA PRO B 96 33.13 7.33 -5.94
C PRO B 96 31.73 7.81 -5.58
N GLY B 97 30.73 7.04 -5.98
CA GLY B 97 29.35 7.37 -5.76
C GLY B 97 28.60 7.81 -7.00
N ILE B 98 29.31 8.25 -8.03
CA ILE B 98 28.68 8.67 -9.29
C ILE B 98 28.57 7.44 -10.18
N PRO B 99 27.37 7.03 -10.58
CA PRO B 99 27.25 5.93 -11.56
C PRO B 99 27.79 6.36 -12.91
N GLN B 100 28.35 5.39 -13.62
CA GLN B 100 29.14 5.66 -14.81
C GLN B 100 28.62 4.81 -15.95
N TYR B 101 28.49 5.42 -17.13
CA TYR B 101 27.86 4.79 -18.27
C TYR B 101 28.91 4.41 -19.31
N PHE B 102 28.84 3.16 -19.78
CA PHE B 102 29.76 2.64 -20.78
C PHE B 102 28.96 2.13 -21.96
N ALA B 103 29.44 2.41 -23.16
CA ALA B 103 28.78 2.00 -24.39
C ALA B 103 29.29 0.61 -24.79
N SER B 104 28.43 -0.39 -24.67
CA SER B 104 28.75 -1.77 -25.01
C SER B 104 27.82 -2.23 -26.13
N THR B 105 27.87 -3.53 -26.42
CA THR B 105 27.04 -4.13 -27.46
C THR B 105 26.55 -5.49 -27.00
N LEU B 106 25.24 -5.72 -27.11
CA LEU B 106 24.64 -6.99 -26.73
C LEU B 106 24.00 -7.63 -27.94
N THR B 107 24.21 -8.93 -28.11
CA THR B 107 23.74 -9.66 -29.27
C THR B 107 22.60 -10.60 -28.89
N LEU B 108 21.57 -10.64 -29.73
CA LEU B 108 20.47 -11.59 -29.56
C LEU B 108 20.69 -12.84 -30.41
N GLY B 109 20.74 -12.68 -31.72
CA GLY B 109 20.98 -13.80 -32.62
C GLY B 109 22.23 -13.56 -33.45
N GLY B 110 23.22 -12.92 -32.83
CA GLY B 110 24.42 -12.51 -33.50
C GLY B 110 24.42 -11.06 -33.94
N TYR B 111 23.24 -10.46 -34.08
CA TYR B 111 23.11 -9.06 -34.47
C TYR B 111 23.17 -8.20 -33.22
N GLY B 112 24.29 -7.50 -33.04
CA GLY B 112 24.47 -6.71 -31.85
C GLY B 112 23.69 -5.40 -31.88
N THR B 113 23.29 -4.95 -30.71
CA THR B 113 22.64 -3.67 -30.53
C THR B 113 23.42 -2.87 -29.48
N GLY B 114 23.49 -1.55 -29.69
CA GLY B 114 24.28 -0.71 -28.80
C GLY B 114 23.55 -0.47 -27.51
N VAL B 115 24.27 -0.64 -26.40
CA VAL B 115 23.67 -0.50 -25.08
C VAL B 115 24.54 0.42 -24.24
N LEU B 116 23.90 1.23 -23.40
CA LEU B 116 24.59 2.06 -22.42
C LEU B 116 24.42 1.37 -21.06
N VAL B 117 25.42 0.60 -20.66
CA VAL B 117 25.31 -0.19 -19.45
C VAL B 117 25.91 0.62 -18.31
N ARG B 118 25.20 0.72 -17.20
CA ARG B 118 25.58 1.59 -16.10
C ARG B 118 26.49 0.84 -15.12
N SER B 119 27.69 1.34 -14.91
CA SER B 119 28.61 0.80 -13.92
C SER B 119 28.52 1.65 -12.66
N ASN B 120 27.95 1.09 -11.60
CA ASN B 120 27.82 1.83 -10.35
C ASN B 120 29.16 1.96 -9.65
N GLU B 121 29.74 0.83 -9.23
CA GLU B 121 31.11 0.80 -8.73
C GLU B 121 31.83 -0.33 -9.46
N GLY B 122 32.27 -0.05 -10.68
CA GLY B 122 33.01 -1.01 -11.49
C GLY B 122 32.27 -2.25 -11.93
N ARG B 123 30.94 -2.31 -11.76
CA ARG B 123 30.20 -3.51 -12.09
C ARG B 123 28.91 -3.15 -12.83
N PRO B 124 28.50 -3.97 -13.80
CA PRO B 124 27.28 -3.65 -14.56
C PRO B 124 26.04 -3.89 -13.71
N THR B 125 25.12 -2.93 -13.75
CA THR B 125 23.90 -3.06 -12.96
C THR B 125 22.63 -2.82 -13.78
N LYS B 126 22.65 -1.86 -14.69
CA LYS B 126 21.47 -1.55 -15.50
C LYS B 126 21.88 -1.39 -16.94
N VAL B 127 21.13 -1.98 -17.86
CA VAL B 127 21.35 -1.84 -19.29
C VAL B 127 20.36 -0.81 -19.82
N GLU B 128 20.87 0.24 -20.46
CA GLU B 128 20.05 1.23 -21.13
C GLU B 128 20.34 1.16 -22.63
N GLY B 129 19.72 2.06 -23.39
CA GLY B 129 19.91 2.11 -24.82
C GLY B 129 20.89 3.18 -25.24
N ASN B 130 21.54 2.96 -26.37
CA ASN B 130 22.53 3.89 -26.89
C ASN B 130 21.91 4.72 -27.99
N PRO B 131 21.65 6.01 -27.77
CA PRO B 131 20.95 6.81 -28.80
C PRO B 131 21.76 7.05 -30.06
N ARG B 132 23.08 6.90 -30.01
CA ARG B 132 23.91 7.02 -31.20
C ARG B 132 23.88 5.78 -32.07
N HIS B 133 23.31 4.68 -31.60
CA HIS B 133 23.40 3.40 -32.28
C HIS B 133 22.17 3.16 -33.15
N PRO B 134 22.32 2.72 -34.42
CA PRO B 134 21.18 2.41 -35.28
C PRO B 134 20.06 1.48 -34.77
N ALA B 135 20.42 0.30 -34.26
CA ALA B 135 19.41 -0.67 -33.79
C ALA B 135 19.14 -0.46 -32.29
N SER B 136 19.59 0.67 -31.74
CA SER B 136 19.36 0.98 -30.30
C SER B 136 18.44 2.18 -30.16
N LEU B 137 18.89 3.37 -30.56
CA LEU B 137 18.04 4.58 -30.51
C LEU B 137 17.58 4.84 -29.08
N GLY B 138 18.40 4.48 -28.08
CA GLY B 138 18.06 4.76 -26.68
C GLY B 138 17.19 3.68 -26.05
N GLY B 139 16.41 2.96 -26.86
CA GLY B 139 15.57 1.88 -26.35
C GLY B 139 16.16 0.53 -26.60
N THR B 140 15.93 -0.42 -25.70
CA THR B 140 16.41 -1.79 -25.81
C THR B 140 15.22 -2.73 -25.75
N ASP B 141 15.51 -4.02 -25.83
CA ASP B 141 14.49 -5.05 -25.67
C ASP B 141 14.67 -5.74 -24.33
N LEU B 142 13.76 -6.68 -24.05
CA LEU B 142 13.71 -7.37 -22.77
C LEU B 142 14.92 -8.26 -22.54
N PHE B 143 15.47 -8.84 -23.62
CA PHE B 143 16.65 -9.69 -23.48
C PHE B 143 17.88 -8.87 -23.10
N ALA B 144 18.07 -7.72 -23.74
CA ALA B 144 19.17 -6.84 -23.37
C ALA B 144 18.97 -6.26 -21.97
N GLN B 145 17.71 -6.02 -21.57
CA GLN B 145 17.45 -5.54 -20.22
C GLN B 145 17.76 -6.60 -19.17
N ALA B 146 17.52 -7.89 -19.49
CA ALA B 146 17.77 -8.97 -18.55
C ALA B 146 19.15 -9.59 -18.71
N GLU B 147 20.00 -9.06 -19.60
CA GLU B 147 21.39 -9.49 -19.66
C GLU B 147 22.16 -9.25 -18.37
N ILE B 148 21.72 -8.31 -17.53
CA ILE B 148 22.34 -8.10 -16.22
C ILE B 148 22.18 -9.35 -15.36
N LEU B 149 20.97 -9.89 -15.29
CA LEU B 149 20.76 -11.07 -14.47
C LEU B 149 21.29 -12.32 -15.15
N THR B 150 21.33 -12.34 -16.49
CA THR B 150 22.00 -13.42 -17.21
C THR B 150 23.50 -13.45 -16.89
N MET B 151 24.13 -12.27 -16.79
CA MET B 151 25.50 -12.18 -16.30
C MET B 151 25.61 -12.65 -14.85
N TYR B 152 24.71 -12.19 -13.98
CA TYR B 152 24.77 -12.52 -12.57
C TYR B 152 23.97 -13.79 -12.24
N ASP B 153 23.83 -14.69 -13.20
CA ASP B 153 23.30 -16.01 -12.90
C ASP B 153 24.33 -16.78 -12.08
N PRO B 154 23.94 -17.39 -10.96
CA PRO B 154 24.92 -18.10 -10.12
C PRO B 154 25.36 -19.43 -10.71
N ASP B 155 24.72 -19.91 -11.76
CA ASP B 155 25.06 -21.19 -12.37
C ASP B 155 25.86 -21.04 -13.66
N ARG B 156 26.39 -19.85 -13.92
CA ARG B 156 27.34 -19.68 -15.01
C ARG B 156 28.63 -20.42 -14.68
N SER B 157 29.25 -20.98 -15.71
CA SER B 157 30.38 -21.88 -15.53
C SER B 157 31.61 -21.15 -15.02
N THR B 158 32.34 -21.79 -14.11
CA THR B 158 33.47 -21.19 -13.43
C THR B 158 34.82 -21.77 -13.83
N THR B 159 34.90 -23.06 -14.11
CA THR B 159 36.16 -23.72 -14.36
C THR B 159 36.12 -24.48 -15.67
N VAL B 160 37.31 -24.79 -16.20
CA VAL B 160 37.43 -25.66 -17.35
C VAL B 160 37.16 -27.09 -16.92
N LEU B 161 36.26 -27.77 -17.64
CA LEU B 161 35.84 -29.12 -17.29
C LEU B 161 36.31 -30.08 -18.37
N ARG B 162 37.27 -30.94 -18.02
CA ARG B 162 37.77 -31.91 -18.99
C ARG B 162 36.77 -33.05 -19.18
N GLN B 163 36.37 -33.70 -18.09
CA GLN B 163 35.34 -34.73 -18.13
C GLN B 163 34.41 -34.54 -16.93
N GLY B 164 33.99 -33.30 -16.69
CA GLY B 164 33.27 -32.94 -15.50
C GLY B 164 34.16 -32.51 -14.35
N VAL B 165 35.34 -33.09 -14.24
CA VAL B 165 36.33 -32.68 -13.24
C VAL B 165 36.88 -31.31 -13.61
N PRO B 166 37.12 -30.42 -12.65
CA PRO B 166 37.77 -29.14 -12.97
C PRO B 166 39.18 -29.33 -13.51
N SER B 167 39.55 -28.44 -14.43
CA SER B 167 40.82 -28.53 -15.14
C SER B 167 41.39 -27.12 -15.25
N THR B 168 42.40 -26.98 -16.12
CA THR B 168 43.13 -25.73 -16.28
C THR B 168 43.08 -25.32 -17.75
N TRP B 169 42.95 -24.02 -18.00
CA TRP B 169 42.95 -23.49 -19.35
C TRP B 169 44.29 -23.73 -20.04
N ALA B 170 45.40 -23.62 -19.29
CA ALA B 170 46.72 -23.88 -19.85
C ALA B 170 46.87 -25.34 -20.26
N GLU B 171 46.37 -26.26 -19.44
CA GLU B 171 46.42 -27.68 -19.78
C GLU B 171 45.48 -28.00 -20.94
N PHE B 172 44.35 -27.30 -21.05
CA PHE B 172 43.49 -27.44 -22.22
C PHE B 172 44.19 -26.96 -23.49
N THR B 173 44.90 -25.83 -23.41
CA THR B 173 45.59 -25.34 -24.59
C THR B 173 46.77 -26.23 -24.98
N THR B 174 47.42 -26.85 -24.00
CA THR B 174 48.45 -27.85 -24.30
C THR B 174 47.85 -29.05 -25.02
N THR B 175 46.71 -29.55 -24.53
CA THR B 175 46.06 -30.69 -25.17
C THR B 175 45.51 -30.34 -26.55
N LEU B 176 45.01 -29.12 -26.70
CA LEU B 176 44.49 -28.66 -27.99
C LEU B 176 45.61 -28.46 -29.00
N GLY B 177 46.75 -27.93 -28.56
CA GLY B 177 47.90 -27.81 -29.43
C GLY B 177 48.44 -29.17 -29.85
N ASN B 178 48.43 -30.14 -28.92
CA ASN B 178 48.82 -31.51 -29.26
C ASN B 178 47.85 -32.13 -30.25
N ALA B 179 46.55 -31.88 -30.09
CA ALA B 179 45.55 -32.45 -30.99
C ALA B 179 45.63 -31.84 -32.39
N LEU B 180 45.84 -30.54 -32.49
CA LEU B 180 45.98 -29.91 -33.80
C LEU B 180 47.34 -30.16 -34.44
N THR B 181 48.40 -30.44 -33.66
CA THR B 181 49.65 -30.83 -34.32
C THR B 181 49.66 -32.32 -34.65
N ALA B 182 48.78 -33.11 -34.04
CA ALA B 182 48.53 -34.46 -34.53
C ALA B 182 47.64 -34.44 -35.77
N ALA B 183 46.73 -33.47 -35.85
CA ALA B 183 45.90 -33.26 -37.02
C ALA B 183 46.58 -32.40 -38.07
N ARG B 184 47.80 -31.93 -37.82
CA ARG B 184 48.58 -31.25 -38.84
C ARG B 184 49.34 -32.22 -39.73
N ALA B 185 49.35 -33.51 -39.38
CA ALA B 185 49.89 -34.52 -40.30
C ALA B 185 49.06 -34.60 -41.57
N THR B 186 47.74 -34.55 -41.44
CA THR B 186 46.86 -34.33 -42.58
C THR B 186 46.68 -32.83 -42.77
N GLN B 187 45.84 -32.46 -43.73
CA GLN B 187 45.64 -31.05 -44.06
C GLN B 187 44.62 -30.38 -43.14
N GLY B 188 43.88 -31.15 -42.36
CA GLY B 188 42.89 -30.60 -41.46
C GLY B 188 41.48 -31.11 -41.70
N ALA B 189 41.39 -32.37 -42.16
CA ALA B 189 40.08 -32.94 -42.46
C ALA B 189 39.31 -33.30 -41.20
N GLY B 190 40.00 -33.66 -40.13
CA GLY B 190 39.33 -34.09 -38.91
C GLY B 190 38.82 -32.98 -38.02
N VAL B 191 39.29 -31.76 -38.20
CA VAL B 191 38.90 -30.63 -37.35
C VAL B 191 37.73 -29.90 -37.99
N ARG B 192 36.72 -29.60 -37.17
CA ARG B 192 35.53 -28.92 -37.65
C ARG B 192 35.20 -27.78 -36.68
N LEU B 193 34.05 -27.16 -36.90
CA LEU B 193 33.60 -26.03 -36.09
C LEU B 193 32.08 -26.03 -36.10
N LEU B 194 31.50 -25.38 -35.08
CA LEU B 194 30.05 -25.19 -35.03
C LEU B 194 29.80 -23.96 -34.16
N THR B 195 29.56 -22.83 -34.79
CA THR B 195 29.27 -21.58 -34.10
C THR B 195 27.83 -21.19 -34.33
N THR B 196 27.45 -20.03 -33.78
CA THR B 196 26.15 -19.45 -34.02
C THR B 196 26.24 -18.56 -35.26
N THR B 197 25.21 -17.74 -35.49
CA THR B 197 25.27 -16.72 -36.54
C THR B 197 26.28 -15.66 -36.15
N ILE B 198 27.37 -15.55 -36.90
CA ILE B 198 28.49 -14.68 -36.56
C ILE B 198 28.41 -13.42 -37.40
N THR B 199 28.23 -12.28 -36.73
CA THR B 199 28.38 -10.97 -37.35
C THR B 199 29.63 -10.25 -36.88
N SER B 200 30.47 -10.90 -36.08
CA SER B 200 31.66 -10.28 -35.53
C SER B 200 32.77 -10.27 -36.58
N PRO B 201 33.28 -9.09 -36.96
CA PRO B 201 34.29 -9.06 -38.05
C PRO B 201 35.64 -9.61 -37.64
N SER B 202 36.10 -9.32 -36.42
CA SER B 202 37.37 -9.85 -35.94
C SER B 202 37.31 -11.36 -35.78
N LEU B 203 36.21 -11.87 -35.25
CA LEU B 203 36.06 -13.30 -35.04
C LEU B 203 35.92 -14.03 -36.37
N ALA B 204 35.22 -13.42 -37.33
CA ALA B 204 35.12 -13.99 -38.67
C ALA B 204 36.46 -13.98 -39.39
N ALA B 205 37.27 -12.93 -39.15
CA ALA B 205 38.62 -12.89 -39.72
C ALA B 205 39.51 -13.97 -39.11
N GLN B 206 39.34 -14.25 -37.81
CA GLN B 206 40.08 -15.34 -37.19
C GLN B 206 39.61 -16.70 -37.70
N ILE B 207 38.31 -16.86 -37.98
CA ILE B 207 37.81 -18.08 -38.62
C ILE B 207 38.39 -18.24 -40.02
N GLU B 208 38.50 -17.14 -40.77
CA GLU B 208 39.10 -17.21 -42.10
C GLU B 208 40.59 -17.53 -42.02
N GLN B 209 41.28 -17.01 -41.01
CA GLN B 209 42.69 -17.36 -40.80
C GLN B 209 42.85 -18.83 -40.45
N PHE B 210 41.96 -19.36 -39.60
CA PHE B 210 42.02 -20.78 -39.25
C PHE B 210 41.68 -21.67 -40.44
N LEU B 211 40.76 -21.22 -41.29
CA LEU B 211 40.40 -21.99 -42.48
C LEU B 211 41.49 -21.91 -43.54
N GLN B 212 42.26 -20.83 -43.58
CA GLN B 212 43.42 -20.77 -44.47
C GLN B 212 44.56 -21.61 -43.94
N ALA B 213 44.70 -21.70 -42.62
CA ALA B 213 45.71 -22.57 -42.03
C ALA B 213 45.38 -24.04 -42.25
N TYR B 214 44.11 -24.41 -42.08
CA TYR B 214 43.64 -25.77 -42.31
C TYR B 214 42.59 -25.74 -43.42
N PRO B 215 42.99 -25.95 -44.68
CA PRO B 215 42.04 -25.79 -45.79
C PRO B 215 40.96 -26.87 -45.87
N GLN B 216 41.10 -27.98 -45.16
CA GLN B 216 40.08 -29.01 -45.14
C GLN B 216 39.08 -28.87 -44.00
N ALA B 217 39.25 -27.85 -43.15
CA ALA B 217 38.28 -27.59 -42.09
C ALA B 217 37.11 -26.77 -42.64
N ARG B 218 35.96 -26.90 -41.98
CA ARG B 218 34.74 -26.21 -42.40
C ARG B 218 34.18 -25.40 -41.25
N TRP B 219 33.39 -24.37 -41.60
CA TRP B 219 32.79 -23.49 -40.60
C TRP B 219 31.60 -24.16 -39.93
N TYR B 220 30.55 -24.45 -40.71
CA TYR B 220 29.33 -25.17 -40.27
C TYR B 220 28.66 -24.50 -39.07
N GLN B 221 28.17 -23.28 -39.27
CA GLN B 221 27.50 -22.55 -38.21
C GLN B 221 26.01 -22.87 -38.15
N TYR B 222 25.45 -22.78 -36.95
CA TYR B 222 24.03 -23.06 -36.74
C TYR B 222 23.55 -22.40 -35.45
N GLU B 223 22.36 -21.80 -35.51
CA GLU B 223 21.59 -21.41 -34.35
C GLU B 223 20.13 -21.72 -34.65
N PRO B 224 19.32 -22.05 -33.63
CA PRO B 224 17.94 -22.48 -33.91
C PRO B 224 17.02 -21.38 -34.40
N ILE B 225 17.20 -20.14 -33.98
CA ILE B 225 16.42 -19.01 -34.47
C ILE B 225 17.34 -18.24 -35.40
N ASN B 226 17.18 -18.46 -36.71
CA ASN B 226 18.13 -17.95 -37.69
C ASN B 226 17.38 -17.41 -38.90
N ARG B 227 18.13 -16.88 -39.85
CA ARG B 227 17.60 -16.29 -41.08
C ARG B 227 18.05 -17.07 -42.30
N ASP B 228 18.04 -18.40 -42.20
CA ASP B 228 18.38 -19.25 -43.33
C ASP B 228 17.37 -19.11 -44.45
N ASN B 229 16.09 -18.99 -44.10
CA ASN B 229 15.05 -18.80 -45.10
C ASN B 229 15.15 -17.42 -45.75
N VAL B 230 15.55 -16.40 -44.98
CA VAL B 230 15.78 -15.07 -45.56
C VAL B 230 16.96 -15.09 -46.52
N VAL B 231 18.03 -15.81 -46.15
CA VAL B 231 19.21 -15.94 -46.99
C VAL B 231 18.87 -16.68 -48.29
N ALA B 232 18.11 -17.78 -48.17
CA ALA B 232 17.71 -18.53 -49.35
C ALA B 232 16.72 -17.76 -50.22
N GLY B 233 15.87 -16.94 -49.61
CA GLY B 233 14.97 -16.09 -50.39
C GLY B 233 15.71 -15.00 -51.15
N ALA B 234 16.74 -14.42 -50.51
CA ALA B 234 17.58 -13.45 -51.21
C ALA B 234 18.37 -14.10 -52.33
N ARG B 235 18.86 -15.33 -52.11
CA ARG B 235 19.58 -16.05 -53.15
C ARG B 235 18.67 -16.47 -54.30
N LEU B 236 17.39 -16.74 -54.00
CA LEU B 236 16.45 -17.09 -55.05
C LEU B 236 16.03 -15.85 -55.85
N ALA B 237 15.79 -14.74 -55.16
CA ALA B 237 15.29 -13.54 -55.82
C ALA B 237 16.39 -12.83 -56.62
N PHE B 238 17.59 -12.71 -56.06
CA PHE B 238 18.62 -11.89 -56.66
C PHE B 238 19.81 -12.67 -57.19
N GLY B 239 19.97 -13.94 -56.82
CA GLY B 239 21.16 -14.67 -57.18
C GLY B 239 22.36 -14.41 -56.30
N ARG B 240 22.21 -13.61 -55.25
CA ARG B 240 23.31 -13.27 -54.36
C ARG B 240 22.73 -12.96 -52.99
N ASP B 241 23.61 -12.94 -52.00
CA ASP B 241 23.19 -12.65 -50.63
C ASP B 241 23.09 -11.14 -50.43
N VAL B 242 21.93 -10.68 -49.95
CA VAL B 242 21.72 -9.28 -49.61
C VAL B 242 21.12 -9.22 -48.21
N THR B 243 21.20 -8.03 -47.61
CA THR B 243 20.54 -7.75 -46.34
C THR B 243 19.42 -6.76 -46.59
N THR B 244 18.20 -7.15 -46.24
CA THR B 244 17.02 -6.35 -46.48
C THR B 244 16.63 -5.62 -45.19
N ARG B 245 16.86 -4.31 -45.16
CA ARG B 245 16.43 -3.46 -44.05
C ARG B 245 15.29 -2.58 -44.52
N TYR B 246 14.35 -2.32 -43.61
CA TYR B 246 13.10 -1.64 -43.93
C TYR B 246 13.07 -0.28 -43.26
N ASP B 247 12.65 0.73 -44.01
CA ASP B 247 12.47 2.09 -43.48
C ASP B 247 10.97 2.31 -43.31
N LEU B 248 10.50 2.18 -42.07
CA LEU B 248 9.08 2.30 -41.78
C LEU B 248 8.64 3.72 -41.48
N SER B 249 9.58 4.66 -41.39
CA SER B 249 9.20 6.07 -41.24
C SER B 249 8.64 6.63 -42.54
N ALA B 250 9.01 6.04 -43.68
CA ALA B 250 8.50 6.46 -44.98
C ALA B 250 7.43 5.52 -45.51
N ALA B 251 6.90 4.64 -44.67
CA ALA B 251 5.91 3.65 -45.08
C ALA B 251 4.56 3.97 -44.48
N GLN B 252 3.53 4.07 -45.34
CA GLN B 252 2.17 4.29 -44.89
C GLN B 252 1.33 3.02 -44.86
N VAL B 253 1.73 1.98 -45.59
CA VAL B 253 1.05 0.69 -45.57
C VAL B 253 2.10 -0.38 -45.31
N VAL B 254 1.95 -1.11 -44.21
CA VAL B 254 2.86 -2.18 -43.84
C VAL B 254 2.11 -3.51 -43.93
N VAL B 255 2.67 -4.45 -44.68
CA VAL B 255 2.11 -5.79 -44.83
C VAL B 255 3.11 -6.78 -44.27
N SER B 256 2.68 -7.58 -43.31
CA SER B 256 3.55 -8.55 -42.64
C SER B 256 3.04 -9.95 -42.94
N LEU B 257 3.81 -10.70 -43.73
CA LEU B 257 3.49 -12.08 -44.06
C LEU B 257 4.22 -12.97 -43.05
N ASP B 258 3.56 -13.17 -41.90
CA ASP B 258 4.11 -13.82 -40.71
C ASP B 258 5.40 -13.15 -40.24
N ALA B 259 5.46 -11.83 -40.42
CA ALA B 259 6.64 -11.04 -40.11
C ALA B 259 6.43 -10.39 -38.76
N ASP B 260 7.08 -10.95 -37.74
CA ASP B 260 6.94 -10.48 -36.37
C ASP B 260 8.04 -9.47 -36.06
N PHE B 261 8.03 -8.36 -36.81
CA PHE B 261 9.08 -7.36 -36.71
C PHE B 261 8.93 -6.47 -35.48
N LEU B 262 7.79 -6.53 -34.79
CA LEU B 262 7.62 -5.83 -33.52
C LEU B 262 7.91 -6.73 -32.32
N ALA B 263 8.65 -7.82 -32.53
CA ALA B 263 9.24 -8.72 -31.56
C ALA B 263 10.75 -8.65 -31.69
N PRO B 264 11.51 -8.96 -30.63
CA PRO B 264 12.98 -8.85 -30.69
C PRO B 264 13.61 -9.73 -31.75
N GLY B 265 14.60 -9.16 -32.43
CA GLY B 265 15.22 -9.78 -33.58
C GLY B 265 16.15 -8.78 -34.26
N PRO B 266 16.39 -8.98 -35.55
CA PRO B 266 17.26 -8.03 -36.28
C PRO B 266 16.59 -6.71 -36.59
N GLY B 267 17.02 -5.65 -35.91
CA GLY B 267 16.48 -4.32 -36.14
C GLY B 267 15.15 -4.03 -35.49
N PHE B 268 14.83 -4.74 -34.40
CA PHE B 268 13.51 -4.63 -33.78
C PHE B 268 13.30 -3.24 -33.18
N VAL B 269 14.31 -2.68 -32.52
CA VAL B 269 14.13 -1.39 -31.85
C VAL B 269 13.98 -0.26 -32.87
N ALA B 270 14.77 -0.30 -33.95
CA ALA B 270 14.63 0.69 -35.02
C ALA B 270 13.29 0.57 -35.72
N TYR B 271 12.85 -0.67 -36.00
CA TYR B 271 11.57 -0.87 -36.68
C TYR B 271 10.41 -0.42 -35.82
N ALA B 272 10.45 -0.75 -34.53
CA ALA B 272 9.40 -0.36 -33.60
C ALA B 272 9.39 1.15 -33.37
N ARG B 273 10.57 1.77 -33.30
CA ARG B 273 10.65 3.21 -33.10
C ARG B 273 10.12 3.98 -34.31
N ALA B 274 10.50 3.56 -35.52
CA ALA B 274 10.00 4.23 -36.72
C ALA B 274 8.51 4.00 -36.92
N PHE B 275 8.05 2.76 -36.65
CA PHE B 275 6.64 2.43 -36.76
C PHE B 275 5.80 3.23 -35.77
N ALA B 276 6.26 3.36 -34.53
CA ALA B 276 5.51 4.13 -33.55
C ALA B 276 5.62 5.63 -33.77
N GLU B 277 6.72 6.11 -34.34
CA GLU B 277 6.83 7.52 -34.67
C GLU B 277 5.86 7.90 -35.78
N ARG B 278 5.69 7.02 -36.76
CA ARG B 278 4.65 7.24 -37.77
C ARG B 278 3.25 7.00 -37.20
N ARG B 279 3.13 6.13 -36.21
CA ARG B 279 1.83 5.74 -35.64
C ARG B 279 1.27 6.79 -34.68
N LYS B 280 2.14 7.54 -33.99
CA LYS B 280 1.69 8.53 -33.01
C LYS B 280 0.97 9.68 -33.69
N VAL B 281 -0.22 9.99 -33.20
CA VAL B 281 -1.13 10.91 -33.87
C VAL B 281 -1.51 12.02 -32.90
N ARG B 282 -1.55 13.25 -33.40
CA ARG B 282 -1.88 14.43 -32.59
C ARG B 282 -2.98 15.23 -33.28
N LYS B 283 -3.24 16.45 -32.79
CA LYS B 283 -4.16 17.35 -33.48
C LYS B 283 -3.57 17.80 -34.82
N ASP B 284 -2.26 18.07 -34.85
CA ASP B 284 -1.61 18.54 -36.07
C ASP B 284 -1.26 17.42 -37.03
N SER B 285 -1.42 16.16 -36.64
CA SER B 285 -1.09 15.04 -37.50
C SER B 285 -2.15 14.85 -38.56
N THR B 286 -1.70 14.57 -39.79
CA THR B 286 -2.59 14.37 -40.92
C THR B 286 -2.56 12.96 -41.49
N THR B 287 -1.53 12.16 -41.19
CA THR B 287 -1.39 10.84 -41.76
C THR B 287 -1.01 9.84 -40.68
N MET B 288 -1.36 8.58 -40.92
CA MET B 288 -0.97 7.46 -40.08
C MET B 288 -0.64 6.26 -40.95
N ASN B 289 0.13 5.34 -40.39
CA ASN B 289 0.47 4.10 -41.07
C ASN B 289 -0.57 3.03 -40.79
N ARG B 290 -0.71 2.11 -41.72
CA ARG B 290 -1.64 0.99 -41.59
C ARG B 290 -0.87 -0.32 -41.64
N LEU B 291 -1.16 -1.21 -40.70
CA LEU B 291 -0.47 -2.48 -40.57
C LEU B 291 -1.43 -3.62 -40.87
N TYR B 292 -1.02 -4.50 -41.78
CA TYR B 292 -1.72 -5.75 -42.07
C TYR B 292 -0.83 -6.91 -41.68
N VAL B 293 -1.38 -7.88 -40.96
CA VAL B 293 -0.63 -9.08 -40.58
C VAL B 293 -1.44 -10.31 -40.96
N VAL B 294 -0.75 -11.33 -41.45
CA VAL B 294 -1.26 -12.70 -41.48
C VAL B 294 -0.29 -13.55 -40.65
N GLU B 295 -0.84 -14.32 -39.72
CA GLU B 295 -0.02 -15.13 -38.83
C GLU B 295 -0.87 -16.23 -38.23
N ALA B 296 -0.19 -17.28 -37.75
CA ALA B 296 -0.85 -18.31 -36.97
C ALA B 296 -0.88 -17.93 -35.49
N SER B 297 0.29 -17.58 -34.93
CA SER B 297 0.37 -17.14 -33.55
C SER B 297 0.22 -15.63 -33.49
N PRO B 298 -0.76 -15.09 -32.76
CA PRO B 298 -0.78 -13.65 -32.53
C PRO B 298 0.40 -13.21 -31.67
N SER B 299 0.89 -12.02 -31.96
CA SER B 299 2.12 -11.53 -31.35
C SER B 299 1.94 -10.05 -31.06
N THR B 300 3.04 -9.37 -30.73
CA THR B 300 3.01 -7.93 -30.54
C THR B 300 2.73 -7.21 -31.86
N THR B 301 3.21 -7.76 -32.97
CA THR B 301 2.93 -7.19 -34.29
C THR B 301 1.45 -7.28 -34.62
N GLY B 302 0.82 -8.42 -34.33
CA GLY B 302 -0.62 -8.53 -34.52
C GLY B 302 -1.42 -7.75 -33.52
N THR B 303 -0.84 -7.47 -32.34
CA THR B 303 -1.47 -6.57 -31.39
C THR B 303 -1.52 -5.14 -31.90
N ALA B 304 -0.40 -4.67 -32.46
CA ALA B 304 -0.31 -3.30 -32.95
C ALA B 304 -0.80 -3.15 -34.39
N ALA B 305 -1.64 -4.07 -34.87
CA ALA B 305 -2.13 -4.05 -36.23
C ALA B 305 -3.58 -3.62 -36.28
N ASP B 306 -3.90 -2.77 -37.27
CA ASP B 306 -5.30 -2.38 -37.47
C ASP B 306 -6.11 -3.53 -38.03
N HIS B 307 -5.51 -4.38 -38.85
CA HIS B 307 -6.17 -5.53 -39.42
C HIS B 307 -5.30 -6.78 -39.22
N ARG B 308 -5.93 -7.87 -38.80
CA ARG B 308 -5.24 -9.12 -38.57
C ARG B 308 -6.06 -10.27 -39.13
N LEU B 309 -5.43 -11.12 -39.93
CA LEU B 309 -6.08 -12.29 -40.51
C LEU B 309 -5.38 -13.55 -40.05
N PRO B 310 -6.00 -14.37 -39.21
CA PRO B 310 -5.33 -15.60 -38.72
C PRO B 310 -5.38 -16.77 -39.69
N LEU B 311 -4.44 -16.82 -40.62
CA LEU B 311 -4.26 -18.01 -41.43
C LEU B 311 -3.33 -19.00 -40.76
N ARG B 312 -3.39 -20.24 -41.24
CA ARG B 312 -2.41 -21.25 -40.89
C ARG B 312 -1.04 -20.85 -41.40
N ALA B 313 -0.01 -21.29 -40.69
CA ALA B 313 1.35 -20.84 -40.98
C ALA B 313 1.89 -21.40 -42.28
N ASP B 314 1.37 -22.54 -42.73
CA ASP B 314 1.73 -23.07 -44.03
C ASP B 314 0.86 -22.54 -45.17
N ALA B 315 -0.18 -21.77 -44.85
CA ALA B 315 -1.02 -21.13 -45.87
C ALA B 315 -0.56 -19.72 -46.22
N ILE B 316 0.47 -19.20 -45.54
CA ILE B 316 0.98 -17.87 -45.84
C ILE B 316 1.68 -17.85 -47.19
N ALA B 317 2.23 -18.99 -47.62
CA ALA B 317 2.81 -19.09 -48.96
C ALA B 317 1.74 -18.95 -50.04
N ALA B 318 0.60 -19.61 -49.85
CA ALA B 318 -0.51 -19.45 -50.79
C ALA B 318 -1.11 -18.06 -50.72
N PHE B 319 -1.12 -17.44 -49.54
CA PHE B 319 -1.55 -16.05 -49.39
C PHE B 319 -0.65 -15.10 -50.18
N THR B 320 0.67 -15.30 -50.10
CA THR B 320 1.61 -14.47 -50.84
C THR B 320 1.51 -14.71 -52.34
N GLY B 321 1.27 -15.96 -52.74
CA GLY B 321 1.06 -16.24 -54.15
C GLY B 321 -0.21 -15.60 -54.71
N ALA B 322 -1.30 -15.65 -53.94
CA ALA B 322 -2.54 -15.00 -54.37
C ALA B 322 -2.40 -13.48 -54.38
N LEU B 323 -1.66 -12.92 -53.42
CA LEU B 323 -1.39 -11.49 -53.39
C LEU B 323 -0.55 -11.06 -54.60
N ALA B 324 0.45 -11.86 -54.96
CA ALA B 324 1.26 -11.59 -56.14
C ALA B 324 0.43 -11.67 -57.42
N ASN B 325 -0.45 -12.68 -57.51
CA ASN B 325 -1.29 -12.86 -58.69
C ASN B 325 -2.31 -11.73 -58.84
N GLU B 326 -2.88 -11.26 -57.73
CA GLU B 326 -3.81 -10.13 -57.84
C GLU B 326 -3.09 -8.80 -57.97
N LEU B 327 -1.80 -8.72 -57.61
CA LEU B 327 -1.03 -7.51 -57.84
C LEU B 327 -0.47 -7.44 -59.25
N GLY B 328 -0.39 -8.56 -59.96
CA GLY B 328 -0.02 -8.60 -61.35
C GLY B 328 1.31 -9.26 -61.65
N VAL B 329 2.16 -9.44 -60.64
CA VAL B 329 3.42 -10.16 -60.80
C VAL B 329 3.14 -11.66 -60.73
N GLY B 330 4.15 -12.47 -61.04
CA GLY B 330 4.01 -13.91 -61.06
C GLY B 330 3.65 -14.54 -59.73
N GLY B 331 2.55 -15.28 -59.71
CA GLY B 331 2.10 -15.94 -58.49
C GLY B 331 0.98 -16.90 -58.80
N ALA B 332 0.64 -17.71 -57.81
CA ALA B 332 -0.39 -18.73 -57.99
C ALA B 332 -1.73 -18.20 -57.51
N PRO B 333 -2.79 -18.24 -58.34
CA PRO B 333 -4.11 -17.82 -57.87
C PRO B 333 -4.73 -18.85 -56.93
N ALA B 334 -4.33 -18.82 -55.66
CA ALA B 334 -4.78 -19.81 -54.70
C ALA B 334 -6.23 -19.57 -54.28
N THR B 335 -6.88 -20.64 -53.83
CA THR B 335 -8.24 -20.58 -53.31
C THR B 335 -8.19 -20.55 -51.79
N LEU B 336 -8.89 -19.58 -51.20
CA LEU B 336 -8.82 -19.34 -49.77
C LEU B 336 -10.23 -19.16 -49.22
N SER B 337 -10.31 -18.87 -47.92
CA SER B 337 -11.58 -18.57 -47.29
C SER B 337 -12.09 -17.20 -47.74
N PRO B 338 -13.40 -16.94 -47.63
CA PRO B 338 -13.91 -15.60 -47.97
C PRO B 338 -13.31 -14.46 -47.16
N LYS B 339 -13.04 -14.68 -45.88
CA LYS B 339 -12.35 -13.68 -45.06
C LYS B 339 -10.93 -13.44 -45.56
N ALA B 340 -10.25 -14.51 -45.97
CA ALA B 340 -8.88 -14.37 -46.48
C ALA B 340 -8.84 -13.67 -47.82
N GLU B 341 -9.81 -13.94 -48.70
CA GLU B 341 -9.81 -13.25 -49.99
C GLU B 341 -10.27 -11.80 -49.85
N GLU B 342 -11.14 -11.50 -48.87
CA GLU B 342 -11.46 -10.12 -48.54
C GLU B 342 -10.23 -9.38 -48.02
N PHE B 343 -9.44 -10.04 -47.19
CA PHE B 343 -8.23 -9.43 -46.66
C PHE B 343 -7.19 -9.25 -47.76
N LEU B 344 -7.15 -10.21 -48.71
CA LEU B 344 -6.29 -10.12 -49.88
C LEU B 344 -6.63 -8.91 -50.73
N ARG B 345 -7.91 -8.72 -51.05
CA ARG B 345 -8.28 -7.60 -51.90
C ARG B 345 -8.19 -6.27 -51.16
N ALA B 346 -8.32 -6.30 -49.82
CA ALA B 346 -8.06 -5.10 -49.04
C ALA B 346 -6.60 -4.69 -49.11
N ILE B 347 -5.68 -5.65 -48.98
CA ILE B 347 -4.25 -5.36 -49.12
C ILE B 347 -3.93 -4.90 -50.54
N ALA B 348 -4.50 -5.57 -51.55
CA ALA B 348 -4.21 -5.23 -52.93
C ALA B 348 -4.78 -3.87 -53.33
N ARG B 349 -5.87 -3.44 -52.70
CA ARG B 349 -6.38 -2.10 -52.95
C ARG B 349 -5.62 -1.05 -52.17
N ASP B 350 -5.13 -1.37 -50.96
CA ASP B 350 -4.30 -0.43 -50.23
C ASP B 350 -2.94 -0.25 -50.89
N LEU B 351 -2.39 -1.31 -51.47
CA LEU B 351 -1.26 -1.22 -52.37
C LEU B 351 -1.73 -0.71 -53.73
N GLU B 352 -0.76 -0.38 -54.59
CA GLU B 352 -0.95 0.35 -55.85
C GLU B 352 -1.62 1.71 -55.65
N GLU B 353 -1.54 2.25 -54.44
CA GLU B 353 -1.93 3.63 -54.13
C GLU B 353 -0.86 4.36 -53.35
N HIS B 354 0.07 3.64 -52.71
CA HIS B 354 1.22 4.20 -52.03
C HIS B 354 2.47 3.59 -52.68
N ARG B 355 2.91 4.21 -53.77
CA ARG B 355 4.08 3.74 -54.50
C ARG B 355 5.32 4.37 -53.88
N GLY B 356 6.14 3.55 -53.23
CA GLY B 356 7.25 4.03 -52.45
C GLY B 356 6.90 4.45 -51.04
N GLN B 357 5.63 4.41 -50.68
CA GLN B 357 5.17 4.68 -49.32
C GLN B 357 4.58 3.45 -48.66
N SER B 358 4.92 2.26 -49.17
CA SER B 358 4.42 1.00 -48.65
C SER B 358 5.58 0.03 -48.49
N VAL B 359 5.32 -1.07 -47.78
CA VAL B 359 6.33 -2.08 -47.53
C VAL B 359 5.62 -3.42 -47.33
N VAL B 360 6.21 -4.49 -47.87
CA VAL B 360 5.75 -5.85 -47.66
C VAL B 360 6.88 -6.62 -47.00
N ILE B 361 6.63 -7.13 -45.80
CA ILE B 361 7.64 -7.80 -44.98
C ILE B 361 7.25 -9.26 -44.83
N ALA B 362 8.21 -10.15 -45.01
CA ALA B 362 8.02 -11.58 -44.80
C ALA B 362 8.83 -12.03 -43.60
N GLY B 363 8.26 -12.97 -42.83
CA GLY B 363 8.93 -13.45 -41.64
C GLY B 363 10.06 -14.40 -41.92
N ASP B 364 10.92 -14.57 -40.92
CA ASP B 364 12.05 -15.48 -41.03
C ASP B 364 11.59 -16.94 -41.09
N GLN B 365 10.44 -17.24 -40.46
CA GLN B 365 9.88 -18.57 -40.50
C GLN B 365 9.24 -18.90 -41.84
N GLN B 366 8.93 -17.89 -42.67
CA GLN B 366 8.30 -18.13 -43.95
C GLN B 366 9.32 -18.72 -44.94
N PRO B 367 8.85 -19.47 -45.93
CA PRO B 367 9.77 -20.10 -46.90
C PRO B 367 10.49 -19.08 -47.77
N PRO B 368 11.61 -19.50 -48.39
CA PRO B 368 12.32 -18.61 -49.32
C PRO B 368 11.51 -18.19 -50.54
N ILE B 369 10.50 -18.99 -50.94
CA ILE B 369 9.61 -18.54 -52.01
C ILE B 369 8.78 -17.35 -51.53
N VAL B 370 8.38 -17.34 -50.26
CA VAL B 370 7.66 -16.21 -49.70
C VAL B 370 8.57 -14.99 -49.60
N HIS B 371 9.84 -15.20 -49.23
CA HIS B 371 10.80 -14.10 -49.17
C HIS B 371 11.06 -13.49 -50.55
N ALA B 372 11.27 -14.35 -51.55
CA ALA B 372 11.51 -13.89 -52.91
C ALA B 372 10.28 -13.24 -53.52
N LEU B 373 9.09 -13.74 -53.17
CA LEU B 373 7.86 -13.15 -53.68
C LEU B 373 7.59 -11.79 -53.04
N ALA B 374 7.91 -11.64 -51.76
CA ALA B 374 7.83 -10.32 -51.13
C ALA B 374 8.85 -9.36 -51.71
N HIS B 375 10.04 -9.86 -52.05
CA HIS B 375 11.05 -9.04 -52.73
C HIS B 375 10.56 -8.59 -54.11
N LEU B 376 9.92 -9.49 -54.85
CA LEU B 376 9.37 -9.13 -56.16
C LEU B 376 8.23 -8.13 -56.05
N ILE B 377 7.38 -8.28 -55.04
CA ILE B 377 6.28 -7.34 -54.81
C ILE B 377 6.82 -5.96 -54.44
N ASN B 378 7.83 -5.91 -53.57
CA ASN B 378 8.44 -4.64 -53.20
C ASN B 378 9.23 -4.01 -54.35
N ALA B 379 9.78 -4.84 -55.24
CA ALA B 379 10.50 -4.30 -56.40
C ALA B 379 9.55 -3.70 -57.42
N GLU B 380 8.46 -4.41 -57.74
CA GLU B 380 7.51 -3.91 -58.71
C GLU B 380 6.65 -2.77 -58.15
N LEU B 381 6.48 -2.71 -56.84
CA LEU B 381 5.65 -1.71 -56.20
C LEU B 381 6.37 -0.38 -56.04
N GLY B 382 7.65 -0.31 -56.39
CA GLY B 382 8.39 0.94 -56.28
C GLY B 382 8.95 1.23 -54.90
N ASN B 383 9.09 0.21 -54.06
CA ASN B 383 9.51 0.40 -52.68
C ASN B 383 11.02 0.35 -52.49
N VAL B 384 11.78 0.01 -53.53
CA VAL B 384 13.22 -0.12 -53.40
C VAL B 384 13.85 1.26 -53.40
N GLY B 385 14.64 1.55 -52.36
CA GLY B 385 15.23 2.86 -52.19
C GLY B 385 14.38 3.84 -51.42
N GLN B 386 13.13 3.50 -51.14
CA GLN B 386 12.21 4.37 -50.41
C GLN B 386 11.82 3.81 -49.06
N THR B 387 11.32 2.57 -49.02
CA THR B 387 11.00 1.91 -47.76
C THR B 387 11.84 0.66 -47.53
N VAL B 388 12.11 -0.12 -48.55
CA VAL B 388 13.00 -1.28 -48.42
C VAL B 388 14.37 -0.89 -48.98
N PHE B 389 15.40 -1.52 -48.43
CA PHE B 389 16.77 -1.24 -48.83
C PHE B 389 17.56 -2.54 -48.87
N TYR B 390 18.37 -2.70 -49.91
CA TYR B 390 19.19 -3.88 -50.08
C TYR B 390 20.65 -3.48 -49.86
N HIS B 391 21.31 -4.14 -48.91
CA HIS B 391 22.67 -3.84 -48.52
C HIS B 391 23.54 -5.06 -48.74
N GLU B 392 24.84 -4.89 -48.49
CA GLU B 392 25.74 -6.02 -48.43
C GLU B 392 25.43 -6.87 -47.20
N PRO B 393 25.65 -8.19 -47.28
CA PRO B 393 25.36 -9.05 -46.12
C PRO B 393 26.29 -8.76 -44.96
N VAL B 394 25.70 -8.71 -43.75
CA VAL B 394 26.43 -8.29 -42.57
C VAL B 394 26.80 -9.45 -41.65
N GLU B 395 26.21 -10.61 -41.87
CA GLU B 395 26.44 -11.77 -40.96
C GLU B 395 27.61 -12.61 -41.48
N ALA B 396 28.78 -11.99 -41.66
CA ALA B 396 29.98 -12.75 -42.12
C ALA B 396 29.59 -13.59 -43.35
N ARG B 397 29.73 -14.92 -43.24
CA ARG B 397 29.36 -15.81 -44.37
C ARG B 397 27.89 -16.24 -44.24
N PRO B 398 26.97 -15.70 -45.09
CA PRO B 398 25.58 -16.15 -45.06
C PRO B 398 25.51 -17.60 -45.56
N THR B 399 24.67 -18.43 -44.94
CA THR B 399 24.58 -19.83 -45.32
C THR B 399 23.26 -20.39 -44.81
N ASN B 400 22.95 -21.61 -45.25
CA ASN B 400 21.82 -22.38 -44.74
C ASN B 400 22.31 -23.15 -43.53
N GLN B 401 21.98 -22.63 -42.34
CA GLN B 401 22.55 -23.17 -41.10
C GLN B 401 21.98 -24.54 -40.77
N THR B 402 20.69 -24.76 -41.06
CA THR B 402 20.12 -26.08 -40.80
C THR B 402 20.65 -27.12 -41.77
N GLU B 403 20.94 -26.75 -43.02
CA GLU B 403 21.57 -27.67 -43.95
C GLU B 403 23.01 -27.94 -43.57
N GLU B 404 23.71 -26.94 -43.03
CA GLU B 404 25.06 -27.15 -42.51
C GLU B 404 25.06 -28.08 -41.31
N LEU B 405 24.04 -27.97 -40.45
CA LEU B 405 23.92 -28.89 -39.31
C LEU B 405 23.60 -30.30 -39.76
N VAL B 406 22.78 -30.46 -40.80
CA VAL B 406 22.51 -31.77 -41.38
C VAL B 406 23.79 -32.38 -41.96
N ALA B 407 24.59 -31.57 -42.66
CA ALA B 407 25.86 -32.04 -43.19
C ALA B 407 26.85 -32.40 -42.08
N LEU B 408 26.85 -31.62 -40.99
CA LEU B 408 27.73 -31.90 -39.86
C LEU B 408 27.35 -33.20 -39.15
N VAL B 409 26.06 -33.43 -38.93
CA VAL B 409 25.68 -34.68 -38.27
C VAL B 409 25.79 -35.87 -39.23
N SER B 410 25.72 -35.64 -40.54
CA SER B 410 26.03 -36.71 -41.49
C SER B 410 27.51 -37.08 -41.43
N GLU B 411 28.38 -36.07 -41.30
CA GLU B 411 29.80 -36.35 -41.11
C GLU B 411 30.07 -37.05 -39.77
N MET B 412 29.31 -36.68 -38.73
CA MET B 412 29.43 -37.35 -37.44
C MET B 412 29.00 -38.80 -37.52
N ALA B 413 27.92 -39.09 -38.25
CA ALA B 413 27.47 -40.47 -38.43
C ALA B 413 28.45 -41.26 -39.29
N ALA B 414 29.07 -40.61 -40.28
CA ALA B 414 30.08 -41.27 -41.10
C ALA B 414 31.41 -41.44 -40.38
N GLY B 415 31.64 -40.70 -39.30
CA GLY B 415 32.87 -40.83 -38.55
C GLY B 415 34.05 -40.08 -39.12
N ARG B 416 33.83 -39.15 -40.04
CA ARG B 416 34.92 -38.41 -40.65
C ARG B 416 35.43 -37.26 -39.78
N VAL B 417 34.77 -36.97 -38.67
CA VAL B 417 35.15 -35.86 -37.80
C VAL B 417 35.96 -36.39 -36.62
N GLU B 418 37.01 -35.66 -36.26
CA GLU B 418 37.84 -35.99 -35.11
C GLU B 418 37.83 -34.89 -34.06
N THR B 419 38.02 -33.65 -34.46
CA THR B 419 38.03 -32.51 -33.55
C THR B 419 36.80 -31.65 -33.81
N LEU B 420 36.04 -31.37 -32.76
CA LEU B 420 34.83 -30.57 -32.84
C LEU B 420 34.92 -29.44 -31.83
N ILE B 421 34.79 -28.21 -32.30
CA ILE B 421 34.84 -27.03 -31.44
C ILE B 421 33.51 -26.30 -31.59
N MET B 422 32.87 -25.98 -30.48
CA MET B 422 31.65 -25.18 -30.47
C MET B 422 31.86 -23.89 -29.69
N ILE B 423 31.20 -22.84 -30.16
CA ILE B 423 31.11 -21.57 -29.45
C ILE B 423 29.62 -21.26 -29.30
N GLY B 424 29.14 -21.25 -28.07
CA GLY B 424 27.75 -20.95 -27.79
C GLY B 424 26.81 -22.02 -28.35
N GLY B 425 25.58 -21.59 -28.60
CA GLY B 425 24.62 -22.39 -29.34
C GLY B 425 23.82 -23.43 -28.60
N ASN B 426 24.49 -24.21 -27.72
CA ASN B 426 23.99 -25.44 -27.09
C ASN B 426 23.41 -26.39 -28.13
N PRO B 427 24.26 -27.04 -28.95
CA PRO B 427 23.74 -27.77 -30.11
C PRO B 427 22.96 -29.04 -29.78
N VAL B 428 23.32 -29.76 -28.71
CA VAL B 428 22.58 -30.98 -28.34
C VAL B 428 21.14 -30.66 -27.97
N TYR B 429 20.95 -29.60 -27.18
CA TYR B 429 19.59 -29.21 -26.82
C TYR B 429 18.89 -28.52 -27.98
N ASN B 430 19.61 -27.75 -28.79
CA ASN B 430 18.99 -26.88 -29.78
C ASN B 430 18.80 -27.52 -31.15
N ALA B 431 19.38 -28.69 -31.39
CA ALA B 431 19.22 -29.32 -32.69
C ALA B 431 17.85 -29.97 -32.82
N PRO B 432 17.35 -30.12 -34.04
CA PRO B 432 16.16 -30.94 -34.25
C PRO B 432 16.40 -32.40 -33.87
N GLY B 433 15.36 -33.02 -33.34
CA GLY B 433 15.49 -34.36 -32.77
C GLY B 433 15.64 -35.47 -33.78
N ASP B 434 15.38 -35.21 -35.06
CA ASP B 434 15.55 -36.23 -36.08
C ASP B 434 17.01 -36.45 -36.44
N LEU B 435 17.89 -35.51 -36.08
CA LEU B 435 19.32 -35.65 -36.38
C LEU B 435 20.07 -36.50 -35.38
N ARG B 436 19.54 -36.65 -34.16
CA ARG B 436 20.14 -37.42 -33.06
C ARG B 436 21.54 -36.91 -32.74
N PHE B 437 21.59 -35.67 -32.25
CA PHE B 437 22.85 -34.97 -32.05
C PHE B 437 23.71 -35.61 -30.98
N ALA B 438 23.08 -36.07 -29.89
CA ALA B 438 23.84 -36.72 -28.81
C ALA B 438 24.47 -38.04 -29.27
N ASP B 439 23.70 -38.85 -30.01
CA ASP B 439 24.23 -40.12 -30.51
C ASP B 439 25.28 -39.90 -31.59
N ARG B 440 25.13 -38.86 -32.42
CA ARG B 440 26.14 -38.58 -33.43
C ARG B 440 27.39 -37.95 -32.83
N MET B 441 27.25 -37.25 -31.71
CA MET B 441 28.35 -36.61 -31.02
C MET B 441 29.14 -37.58 -30.15
N ALA B 442 28.50 -38.63 -29.64
CA ALA B 442 29.19 -39.60 -28.79
C ALA B 442 30.23 -40.44 -29.53
N SER B 443 30.26 -40.39 -30.86
CA SER B 443 31.21 -41.18 -31.64
C SER B 443 32.54 -40.49 -31.88
N VAL B 444 32.63 -39.18 -31.66
CA VAL B 444 33.87 -38.44 -31.94
C VAL B 444 34.85 -38.69 -30.80
N PRO B 445 36.17 -38.61 -31.06
CA PRO B 445 37.14 -38.79 -29.97
C PRO B 445 37.14 -37.65 -28.96
N LEU B 446 37.22 -36.40 -29.42
CA LEU B 446 37.30 -35.27 -28.51
C LEU B 446 36.45 -34.13 -29.02
N THR B 447 36.02 -33.27 -28.10
CA THR B 447 35.11 -32.17 -28.39
C THR B 447 35.60 -30.96 -27.61
N ILE B 448 35.24 -29.75 -28.07
CA ILE B 448 35.53 -28.50 -27.38
C ILE B 448 34.23 -27.69 -27.35
N HIS B 449 33.86 -27.18 -26.16
CA HIS B 449 32.64 -26.41 -26.00
C HIS B 449 32.90 -25.11 -25.24
N LEU B 450 32.08 -24.10 -25.55
CA LEU B 450 32.22 -22.77 -24.94
C LEU B 450 30.86 -22.08 -25.03
N SER B 451 30.06 -22.13 -23.94
CA SER B 451 28.73 -21.53 -24.01
C SER B 451 28.24 -20.87 -22.73
N GLN B 452 29.14 -20.37 -21.87
CA GLN B 452 28.89 -19.63 -20.62
C GLN B 452 28.24 -20.47 -19.52
N PHE B 453 27.85 -21.71 -19.79
CA PHE B 453 27.14 -22.56 -18.84
C PHE B 453 27.64 -23.98 -19.05
N VAL B 454 27.47 -24.80 -18.02
CA VAL B 454 27.66 -26.25 -18.18
C VAL B 454 26.32 -26.77 -18.66
N ASP B 455 26.12 -26.66 -19.98
CA ASP B 455 24.83 -26.96 -20.59
C ASP B 455 24.71 -28.46 -20.83
N GLU B 456 23.68 -28.85 -21.59
CA GLU B 456 23.53 -30.25 -21.98
C GLU B 456 24.68 -30.68 -22.87
N THR B 457 25.08 -29.81 -23.80
CA THR B 457 26.20 -30.12 -24.68
C THR B 457 27.51 -30.15 -23.92
N SER B 458 27.74 -29.17 -23.04
CA SER B 458 28.97 -29.12 -22.27
C SER B 458 29.09 -30.28 -21.28
N ALA B 459 27.96 -30.72 -20.73
CA ALA B 459 27.97 -31.94 -19.92
C ALA B 459 28.22 -33.16 -20.79
N ARG B 460 27.75 -33.16 -22.03
CA ARG B 460 28.03 -34.26 -22.93
C ARG B 460 29.45 -34.19 -23.50
N ALA B 461 29.95 -33.00 -23.76
CA ALA B 461 31.27 -32.84 -24.38
C ALA B 461 32.39 -33.07 -23.38
N THR B 462 33.52 -33.53 -23.90
CA THR B 462 34.78 -33.32 -23.23
C THR B 462 35.23 -31.86 -23.44
N TRP B 463 36.11 -31.39 -22.56
CA TRP B 463 36.82 -30.12 -22.67
C TRP B 463 35.86 -28.92 -22.78
N HIS B 464 35.11 -28.71 -21.70
CA HIS B 464 34.22 -27.56 -21.60
C HIS B 464 34.99 -26.39 -21.01
N ILE B 465 34.87 -25.23 -21.64
CA ILE B 465 35.55 -24.01 -21.22
C ILE B 465 34.50 -22.97 -20.93
N PRO B 466 34.55 -22.28 -19.78
CA PRO B 466 33.60 -21.19 -19.53
C PRO B 466 33.80 -20.03 -20.49
N GLN B 467 32.70 -19.45 -20.93
CA GLN B 467 32.70 -18.31 -21.83
C GLN B 467 32.34 -17.05 -21.06
N ALA B 468 33.08 -15.98 -21.32
CA ALA B 468 32.79 -14.70 -20.69
C ALA B 468 31.49 -14.13 -21.21
N HIS B 469 30.77 -13.46 -20.31
CA HIS B 469 29.57 -12.73 -20.68
C HIS B 469 29.94 -11.55 -21.59
N PRO B 470 29.02 -11.12 -22.46
CA PRO B 470 29.26 -9.88 -23.22
C PRO B 470 29.47 -8.63 -22.36
N LEU B 471 28.92 -8.59 -21.15
CA LEU B 471 29.17 -7.47 -20.26
C LEU B 471 30.53 -7.53 -19.59
N GLU B 472 31.27 -8.63 -19.73
CA GLU B 472 32.63 -8.72 -19.20
C GLU B 472 33.63 -9.18 -20.26
N SER B 473 33.26 -9.18 -21.53
CA SER B 473 34.11 -9.67 -22.60
C SER B 473 34.41 -8.58 -23.61
N TRP B 474 35.59 -8.68 -24.21
CA TRP B 474 35.97 -7.80 -25.31
C TRP B 474 35.58 -8.44 -26.63
N GLY B 475 35.05 -7.63 -27.54
CA GLY B 475 34.63 -8.14 -28.82
C GLY B 475 33.97 -7.06 -29.66
N ASP B 476 33.28 -7.51 -30.71
CA ASP B 476 32.57 -6.63 -31.60
C ASP B 476 31.39 -7.37 -32.21
N ALA B 477 30.44 -6.61 -32.75
CA ALA B 477 29.23 -7.20 -33.32
C ALA B 477 28.59 -6.22 -34.28
N ARG B 478 28.24 -6.69 -35.47
CA ARG B 478 27.53 -5.89 -36.43
C ARG B 478 26.04 -5.86 -36.11
N ALA B 479 25.38 -4.79 -36.52
CA ALA B 479 23.95 -4.62 -36.31
C ALA B 479 23.19 -5.19 -37.50
N PHE B 480 21.88 -4.96 -37.56
CA PHE B 480 21.08 -5.43 -38.68
C PHE B 480 21.37 -4.67 -39.97
N ASP B 481 21.87 -3.44 -39.87
CA ASP B 481 22.30 -2.66 -41.02
C ASP B 481 23.81 -2.58 -41.16
N GLY B 482 24.56 -3.12 -40.20
CA GLY B 482 25.99 -3.07 -40.23
C GLY B 482 26.54 -1.91 -39.44
N THR B 483 27.08 -2.18 -38.25
CA THR B 483 27.75 -1.14 -37.48
C THR B 483 29.06 -1.61 -36.87
N ALA B 484 29.23 -2.93 -36.66
CA ALA B 484 30.45 -3.56 -36.12
C ALA B 484 30.84 -2.98 -34.76
N SER B 485 29.83 -2.69 -33.94
CA SER B 485 30.02 -1.96 -32.69
C SER B 485 30.80 -2.79 -31.67
N ILE B 486 31.67 -2.11 -30.93
CA ILE B 486 32.60 -2.77 -30.03
C ILE B 486 31.86 -3.25 -28.78
N VAL B 487 32.03 -4.52 -28.43
CA VAL B 487 31.53 -5.07 -27.18
C VAL B 487 32.51 -4.67 -26.08
N GLN B 488 32.11 -3.70 -25.26
CA GLN B 488 32.98 -3.15 -24.24
C GLN B 488 32.68 -3.77 -22.90
N PRO B 489 33.64 -4.40 -22.24
CA PRO B 489 33.39 -4.93 -20.89
C PRO B 489 33.29 -3.82 -19.86
N LEU B 490 32.50 -4.08 -18.83
CA LEU B 490 32.41 -3.16 -17.71
C LEU B 490 33.06 -3.70 -16.45
N ILE B 491 33.62 -4.91 -16.51
CA ILE B 491 34.23 -5.55 -15.35
C ILE B 491 35.19 -6.60 -15.87
N GLU B 492 36.19 -6.91 -15.07
CA GLU B 492 36.97 -8.11 -15.30
C GLU B 492 36.07 -9.33 -15.02
N PRO B 493 36.29 -10.44 -15.73
CA PRO B 493 35.38 -11.59 -15.58
C PRO B 493 35.39 -12.20 -14.18
N LEU B 494 34.19 -12.52 -13.71
CA LEU B 494 34.01 -12.95 -12.32
C LEU B 494 34.59 -14.33 -12.10
N TYR B 495 34.46 -15.21 -13.08
CA TYR B 495 34.90 -16.59 -12.97
C TYR B 495 36.04 -16.90 -13.93
N GLY B 496 36.69 -15.87 -14.47
CA GLY B 496 37.63 -16.10 -15.54
C GLY B 496 36.87 -16.44 -16.81
N GLY B 497 37.40 -17.40 -17.54
CA GLY B 497 36.72 -17.77 -18.76
C GLY B 497 37.21 -16.98 -19.95
N LYS B 498 37.15 -17.61 -21.12
CA LYS B 498 37.73 -17.06 -22.33
C LYS B 498 36.65 -16.75 -23.34
N THR B 499 36.88 -15.69 -24.11
CA THR B 499 35.98 -15.36 -25.22
C THR B 499 36.27 -16.26 -26.41
N ALA B 500 35.44 -16.13 -27.44
CA ALA B 500 35.65 -16.90 -28.65
C ALA B 500 36.87 -16.40 -29.42
N ASN B 501 37.18 -15.11 -29.33
CA ASN B 501 38.42 -14.60 -29.91
C ASN B 501 39.64 -15.20 -29.21
N GLU B 502 39.58 -15.33 -27.88
CA GLU B 502 40.66 -15.97 -27.14
C GLU B 502 40.77 -17.46 -27.47
N LEU B 503 39.62 -18.13 -27.63
CA LEU B 503 39.62 -19.54 -28.00
C LEU B 503 40.22 -19.76 -29.38
N LEU B 504 39.90 -18.89 -30.33
CA LEU B 504 40.48 -19.02 -31.67
C LEU B 504 41.94 -18.57 -31.71
N ALA B 505 42.34 -17.65 -30.83
CA ALA B 505 43.76 -17.33 -30.70
C ALA B 505 44.55 -18.51 -30.17
N ALA B 506 44.00 -19.22 -29.18
CA ALA B 506 44.62 -20.44 -28.69
C ALA B 506 44.58 -21.55 -29.75
N MET B 507 43.55 -21.55 -30.58
CA MET B 507 43.46 -22.52 -31.68
C MET B 507 44.48 -22.22 -32.77
N LEU B 508 44.86 -20.95 -32.93
CA LEU B 508 45.82 -20.54 -33.95
C LEU B 508 47.26 -20.51 -33.42
N GLY B 509 47.57 -21.29 -32.41
CA GLY B 509 48.93 -21.38 -31.92
C GLY B 509 49.38 -20.23 -31.06
N GLN B 510 48.45 -19.43 -30.52
CA GLN B 510 48.78 -18.29 -29.65
C GLN B 510 48.01 -18.45 -28.34
N PRO B 511 48.54 -19.24 -27.41
CA PRO B 511 47.88 -19.34 -26.10
C PRO B 511 48.15 -18.10 -25.26
N GLU B 512 47.39 -18.01 -24.16
CA GLU B 512 47.29 -16.91 -23.19
C GLU B 512 47.29 -15.52 -23.83
N ALA B 513 46.56 -15.37 -24.94
CA ALA B 513 46.40 -14.09 -25.60
C ALA B 513 45.18 -13.36 -25.08
N GLU B 514 45.29 -12.03 -25.00
CA GLU B 514 44.21 -11.19 -24.47
C GLU B 514 43.23 -10.83 -25.58
N SER B 515 41.93 -10.92 -25.26
CA SER B 515 40.89 -10.59 -26.21
C SER B 515 40.88 -9.09 -26.53
N TYR B 516 41.26 -8.26 -25.56
CA TYR B 516 41.43 -6.83 -25.80
C TYR B 516 42.52 -6.57 -26.83
N ASP B 517 43.65 -7.28 -26.70
CA ASP B 517 44.73 -7.16 -27.67
C ASP B 517 44.33 -7.69 -29.03
N LEU B 518 43.50 -8.74 -29.06
CA LEU B 518 43.04 -9.29 -30.34
C LEU B 518 42.12 -8.32 -31.08
N VAL B 519 41.13 -7.76 -30.38
CA VAL B 519 40.22 -6.82 -31.05
C VAL B 519 40.92 -5.51 -31.37
N ARG B 520 41.89 -5.09 -30.54
CA ARG B 520 42.65 -3.88 -30.86
C ARG B 520 43.59 -4.11 -32.05
N SER B 521 44.15 -5.32 -32.18
CA SER B 521 44.97 -5.62 -33.34
C SER B 521 44.13 -5.72 -34.61
N PHE B 522 42.89 -6.19 -34.49
CA PHE B 522 42.01 -6.21 -35.67
C PHE B 522 41.60 -4.80 -36.07
N TRP B 523 41.22 -3.97 -35.10
CA TRP B 523 40.64 -2.67 -35.44
C TRP B 523 41.70 -1.60 -35.72
N LEU B 524 42.91 -1.73 -35.18
CA LEU B 524 43.99 -0.88 -35.62
C LEU B 524 44.43 -1.27 -37.02
N GLU B 525 44.89 -0.26 -37.79
CA GLU B 525 45.20 -0.32 -39.22
C GLU B 525 44.00 -0.68 -40.08
N GLN B 526 42.79 -0.58 -39.53
CA GLN B 526 41.54 -0.65 -40.28
C GLN B 526 40.71 0.62 -40.11
N ILE B 527 40.55 1.07 -38.87
CA ILE B 527 39.95 2.38 -38.59
C ILE B 527 40.91 3.33 -37.90
N GLY B 528 42.08 2.85 -37.48
CA GLY B 528 43.06 3.70 -36.83
C GLY B 528 42.88 3.78 -35.32
N GLU B 529 43.92 4.28 -34.65
CA GLU B 529 43.87 4.43 -33.20
C GLU B 529 42.87 5.50 -32.79
N THR B 530 42.83 6.62 -33.51
CA THR B 530 41.84 7.67 -33.23
C THR B 530 40.43 7.20 -33.56
N GLY B 531 40.25 6.37 -34.59
CA GLY B 531 38.95 5.79 -34.86
C GLY B 531 38.52 4.81 -33.79
N TRP B 532 39.46 4.03 -33.25
CA TRP B 532 39.17 3.12 -32.15
C TRP B 532 38.77 3.89 -30.89
N GLN B 533 39.46 4.99 -30.59
CA GLN B 533 39.14 5.77 -29.40
C GLN B 533 37.79 6.46 -29.55
N VAL B 534 37.49 6.99 -30.73
CA VAL B 534 36.19 7.60 -31.00
C VAL B 534 35.09 6.55 -30.91
N ALA B 535 35.33 5.36 -31.46
CA ALA B 535 34.33 4.29 -31.43
C ALA B 535 34.13 3.72 -30.03
N LEU B 536 35.17 3.75 -29.20
CA LEU B 536 35.02 3.25 -27.84
C LEU B 536 34.34 4.26 -26.94
N ALA B 537 34.57 5.56 -27.17
CA ALA B 537 33.83 6.59 -26.46
C ALA B 537 32.38 6.62 -26.88
N ASN B 538 32.12 6.47 -28.18
CA ASN B 538 30.78 6.34 -28.72
C ASN B 538 30.40 4.86 -28.70
N GLY B 539 29.38 4.48 -29.45
CA GLY B 539 29.10 3.06 -29.62
C GLY B 539 29.02 2.64 -31.06
N VAL B 540 29.54 3.46 -31.97
CA VAL B 540 29.37 3.28 -33.41
C VAL B 540 30.70 3.54 -34.10
N ILE B 541 31.12 2.62 -34.96
CA ILE B 541 32.14 2.93 -35.98
C ILE B 541 31.41 3.50 -37.18
N ALA B 542 31.84 4.69 -37.62
CA ALA B 542 31.17 5.38 -38.72
C ALA B 542 31.52 4.80 -40.09
N GLU B 543 32.54 3.96 -40.20
CA GLU B 543 33.01 3.47 -41.48
C GLU B 543 32.70 1.98 -41.71
N THR B 544 31.78 1.41 -40.93
CA THR B 544 31.43 0.00 -41.06
C THR B 544 29.97 -0.20 -41.42
N VAL B 545 29.31 0.80 -41.97
CA VAL B 545 27.93 0.65 -42.42
C VAL B 545 27.92 -0.12 -43.73
N ALA B 546 26.95 -1.01 -43.88
CA ALA B 546 26.85 -1.80 -45.10
C ALA B 546 26.39 -0.91 -46.24
N PRO B 547 27.12 -0.85 -47.35
CA PRO B 547 26.71 0.01 -48.46
C PRO B 547 25.48 -0.52 -49.16
N VAL B 548 24.66 0.40 -49.66
CA VAL B 548 23.45 0.03 -50.39
C VAL B 548 23.85 -0.44 -51.78
N ILE B 549 23.21 -1.52 -52.24
CA ILE B 549 23.49 -2.11 -53.54
C ILE B 549 22.19 -2.19 -54.33
N GLU B 550 22.32 -2.55 -55.59
CA GLU B 550 21.18 -2.70 -56.50
C GLU B 550 21.23 -4.09 -57.10
N PRO B 551 20.73 -5.11 -56.37
CA PRO B 551 20.74 -6.46 -56.91
C PRO B 551 19.70 -6.65 -58.00
N THR B 552 19.99 -7.55 -58.92
CA THR B 552 19.14 -7.80 -60.07
C THR B 552 18.13 -8.89 -59.73
N LEU B 553 16.85 -8.55 -59.77
CA LEU B 553 15.80 -9.50 -59.45
C LEU B 553 15.66 -10.54 -60.55
N ASN B 554 15.48 -11.80 -60.15
CA ASN B 554 15.41 -12.92 -61.09
C ASN B 554 13.97 -13.46 -61.05
N GLU B 555 13.11 -12.84 -61.85
CA GLU B 555 11.70 -13.21 -61.88
C GLU B 555 11.49 -14.59 -62.50
N GLY B 556 12.38 -15.01 -63.41
CA GLY B 556 12.30 -16.36 -63.94
C GLY B 556 12.59 -17.42 -62.89
N ALA B 557 13.57 -17.17 -62.02
CA ALA B 557 13.85 -18.10 -60.93
C ALA B 557 12.78 -18.03 -59.86
N ILE B 558 12.13 -16.87 -59.69
CA ILE B 558 11.00 -16.78 -58.78
C ILE B 558 9.81 -17.60 -59.31
N ARG B 559 9.54 -17.49 -60.61
CA ARG B 559 8.43 -18.23 -61.21
C ARG B 559 8.72 -19.72 -61.33
N ALA B 560 9.99 -20.11 -61.42
CA ALA B 560 10.37 -21.52 -61.54
C ALA B 560 10.56 -22.15 -60.16
N THR B 561 9.48 -22.14 -59.39
CA THR B 561 9.45 -22.66 -58.03
C THR B 561 8.25 -23.58 -57.84
N PRO B 562 8.36 -24.57 -56.95
CA PRO B 562 7.19 -25.44 -56.68
C PRO B 562 6.00 -24.72 -56.07
N ILE B 563 6.23 -23.67 -55.28
CA ILE B 563 5.22 -22.93 -54.49
C ILE B 563 4.41 -23.90 -53.64
N PRO B 564 4.96 -24.39 -52.52
CA PRO B 564 4.29 -25.47 -51.78
C PRO B 564 3.01 -25.04 -51.10
N GLN B 565 1.99 -25.89 -51.21
CA GLN B 565 0.67 -25.66 -50.66
C GLN B 565 0.62 -26.04 -49.19
N PRO B 566 -0.32 -25.48 -48.42
CA PRO B 566 -0.53 -25.96 -47.05
C PRO B 566 -1.03 -27.40 -47.04
N GLY B 567 -0.60 -28.15 -46.03
CA GLY B 567 -0.93 -29.55 -45.90
C GLY B 567 -2.14 -29.79 -45.02
N ASP B 568 -2.85 -30.87 -45.31
CA ASP B 568 -4.02 -31.23 -44.52
C ASP B 568 -3.59 -31.82 -43.17
N GLY B 569 -4.43 -31.61 -42.17
CA GLY B 569 -4.18 -32.07 -40.82
C GLY B 569 -3.82 -30.92 -39.90
N VAL B 570 -3.55 -31.28 -38.64
CA VAL B 570 -3.16 -30.31 -37.64
C VAL B 570 -1.69 -30.00 -37.79
N GLU B 571 -1.36 -28.72 -37.91
CA GLU B 571 0.03 -28.31 -38.05
C GLU B 571 0.59 -27.80 -36.73
N ILE B 572 1.87 -28.05 -36.52
CA ILE B 572 2.58 -27.62 -35.32
C ILE B 572 3.52 -26.51 -35.75
N VAL B 573 3.25 -25.29 -35.28
CA VAL B 573 4.05 -24.12 -35.61
C VAL B 573 5.10 -23.95 -34.53
N PHE B 574 6.37 -23.89 -34.93
CA PHE B 574 7.46 -23.72 -33.98
C PHE B 574 7.79 -22.24 -33.87
N ARG B 575 7.84 -21.74 -32.64
CA ARG B 575 7.97 -20.32 -32.39
C ARG B 575 9.01 -20.08 -31.31
N PRO B 576 9.87 -19.07 -31.48
CA PRO B 576 10.72 -18.64 -30.37
C PRO B 576 9.89 -18.10 -29.21
N ASP B 577 10.35 -18.39 -28.00
CA ASP B 577 9.66 -17.90 -26.82
C ASP B 577 9.86 -16.39 -26.70
N PRO B 578 8.83 -15.61 -26.28
CA PRO B 578 8.99 -14.17 -26.08
C PRO B 578 9.93 -13.84 -24.92
N SER B 579 10.04 -14.74 -23.93
CA SER B 579 10.88 -14.44 -22.73
C SER B 579 12.19 -15.23 -22.75
N LEU B 580 12.15 -16.50 -23.14
CA LEU B 580 13.38 -17.35 -23.12
C LEU B 580 14.03 -17.38 -24.51
N PHE B 581 13.38 -16.75 -25.50
CA PHE B 581 13.91 -16.75 -26.89
C PHE B 581 14.01 -18.20 -27.38
N ASP B 582 15.23 -18.75 -27.41
CA ASP B 582 15.44 -20.15 -27.88
C ASP B 582 15.71 -21.05 -26.66
N GLY B 583 15.72 -20.48 -25.46
CA GLY B 583 15.96 -21.26 -24.23
C GLY B 583 17.29 -20.89 -23.58
N PHE B 584 18.01 -19.94 -24.15
CA PHE B 584 19.30 -19.49 -23.59
C PHE B 584 19.01 -18.78 -22.28
N TYR B 585 17.89 -18.09 -22.22
CA TYR B 585 17.58 -17.27 -21.03
C TYR B 585 16.84 -18.14 -20.01
N ALA B 586 16.81 -19.45 -20.22
CA ALA B 586 16.01 -20.36 -19.36
C ALA B 586 16.26 -20.15 -17.87
N ASN B 587 17.47 -19.80 -17.48
CA ASN B 587 17.78 -19.68 -16.03
C ASN B 587 17.57 -18.22 -15.61
N ASN B 588 17.32 -17.33 -16.57
CA ASN B 588 17.07 -15.93 -16.25
C ASN B 588 15.79 -15.83 -15.42
N GLY B 589 15.94 -15.41 -14.16
CA GLY B 589 14.80 -15.32 -13.27
C GLY B 589 13.81 -14.24 -13.67
N TRP B 590 14.32 -13.10 -14.16
CA TRP B 590 13.46 -12.01 -14.61
C TRP B 590 12.63 -12.43 -15.81
N LEU B 591 13.25 -13.13 -16.77
CA LEU B 591 12.56 -13.54 -17.97
C LEU B 591 11.63 -14.72 -17.73
N GLN B 592 11.95 -15.59 -16.77
CA GLN B 592 11.02 -16.68 -16.45
C GLN B 592 9.84 -16.19 -15.60
N GLU B 593 10.09 -15.29 -14.66
CA GLU B 593 9.05 -14.70 -13.83
C GLU B 593 8.20 -13.71 -14.61
N LEU B 594 8.73 -13.18 -15.71
CA LEU B 594 8.03 -12.21 -16.51
C LEU B 594 6.82 -12.83 -17.22
N PRO B 595 5.65 -12.20 -17.16
CA PRO B 595 4.49 -12.72 -17.90
C PRO B 595 4.68 -12.56 -19.39
N ARG B 596 4.38 -13.63 -20.13
CA ARG B 596 4.61 -13.64 -21.56
C ARG B 596 3.58 -12.78 -22.27
N PRO B 597 3.95 -12.16 -23.39
CA PRO B 597 2.94 -11.45 -24.20
C PRO B 597 1.93 -12.43 -24.77
N LEU B 598 0.68 -11.96 -24.87
CA LEU B 598 -0.49 -12.61 -25.49
C LEU B 598 -1.05 -13.77 -24.67
N THR B 599 -0.34 -14.20 -23.63
CA THR B 599 -0.84 -15.30 -22.80
C THR B 599 -0.66 -15.10 -21.30
N LYS B 600 0.22 -14.19 -20.86
CA LYS B 600 0.51 -13.86 -19.47
C LYS B 600 1.02 -15.06 -18.66
N LEU B 601 1.55 -16.08 -19.33
CA LEU B 601 2.06 -17.26 -18.66
C LEU B 601 3.41 -16.97 -18.01
N VAL B 602 3.71 -17.72 -16.96
CA VAL B 602 4.99 -17.63 -16.27
C VAL B 602 5.53 -19.03 -16.05
N TRP B 603 6.86 -19.16 -16.14
CA TRP B 603 7.64 -20.32 -15.68
C TRP B 603 7.30 -21.62 -16.41
N ASP B 604 6.63 -21.56 -17.56
CA ASP B 604 6.12 -22.79 -18.15
C ASP B 604 5.87 -22.61 -19.63
N ASN B 605 5.83 -23.74 -20.32
CA ASN B 605 5.49 -23.83 -21.73
C ASN B 605 4.08 -24.38 -21.87
N ALA B 606 3.42 -24.02 -22.98
CA ALA B 606 2.07 -24.51 -23.22
C ALA B 606 1.84 -24.66 -24.71
N ALA B 607 0.85 -25.49 -25.05
CA ALA B 607 0.42 -25.67 -26.43
C ALA B 607 -0.65 -24.61 -26.71
N LEU B 608 -0.21 -23.46 -27.22
CA LEU B 608 -1.12 -22.35 -27.47
C LEU B 608 -1.94 -22.65 -28.72
N MET B 609 -3.25 -22.49 -28.62
CA MET B 609 -4.15 -22.80 -29.72
C MET B 609 -5.43 -22.00 -29.54
N SER B 610 -6.20 -21.91 -30.61
CA SER B 610 -7.50 -21.25 -30.56
C SER B 610 -8.49 -22.10 -29.77
N PRO B 611 -9.49 -21.47 -29.15
CA PRO B 611 -10.56 -22.25 -28.49
C PRO B 611 -11.31 -23.19 -29.42
N ARG B 612 -11.55 -22.79 -30.68
CA ARG B 612 -12.19 -23.67 -31.64
C ARG B 612 -11.33 -24.89 -31.94
N THR B 613 -10.02 -24.69 -32.10
CA THR B 613 -9.10 -25.80 -32.31
C THR B 613 -9.05 -26.72 -31.08
N ALA B 614 -9.09 -26.13 -29.88
CA ALA B 614 -9.07 -26.92 -28.66
C ALA B 614 -10.33 -27.78 -28.52
N ILE B 615 -11.49 -27.22 -28.86
CA ILE B 615 -12.73 -27.99 -28.83
C ILE B 615 -12.69 -29.12 -29.86
N LYS B 616 -12.33 -28.79 -31.11
CA LYS B 616 -12.32 -29.77 -32.18
C LYS B 616 -11.26 -30.85 -32.01
N LEU B 617 -10.20 -30.58 -31.24
CA LEU B 617 -9.14 -31.57 -31.03
C LEU B 617 -9.35 -32.39 -29.77
N LEU B 618 -9.57 -31.74 -28.62
CA LEU B 618 -9.64 -32.45 -27.36
C LEU B 618 -11.05 -32.89 -26.98
N GLY B 619 -12.08 -32.44 -27.70
CA GLY B 619 -13.44 -32.81 -27.35
C GLY B 619 -13.93 -32.25 -26.04
N LEU B 620 -13.53 -31.03 -25.70
CA LEU B 620 -13.98 -30.42 -24.47
C LEU B 620 -15.45 -30.02 -24.59
N PRO B 621 -16.24 -30.14 -23.52
CA PRO B 621 -17.71 -29.95 -23.63
C PRO B 621 -18.12 -28.49 -23.73
N PHE B 622 -17.80 -27.87 -24.86
CA PHE B 622 -18.21 -26.50 -25.16
C PHE B 622 -18.60 -26.40 -26.63
N ASN B 623 -18.99 -25.20 -27.05
CA ASN B 623 -19.50 -24.96 -28.39
C ASN B 623 -18.54 -24.18 -29.26
N ALA B 624 -17.97 -23.09 -28.73
CA ALA B 624 -17.05 -22.12 -29.34
C ALA B 624 -17.70 -21.27 -30.44
N ASP B 625 -18.96 -21.51 -30.79
CA ASP B 625 -19.75 -20.60 -31.60
C ASP B 625 -20.52 -19.61 -30.73
N ARG B 626 -20.46 -19.76 -29.42
CA ARG B 626 -21.06 -18.83 -28.48
C ARG B 626 -20.14 -17.67 -28.15
N LEU B 627 -18.96 -17.61 -28.75
CA LEU B 627 -18.09 -16.45 -28.67
C LEU B 627 -18.37 -15.42 -29.75
N ILE B 628 -19.26 -15.73 -30.69
CA ILE B 628 -19.57 -14.84 -31.81
C ILE B 628 -20.89 -14.14 -31.52
N GLY B 629 -20.89 -12.81 -31.65
CA GLY B 629 -22.08 -12.03 -31.40
C GLY B 629 -21.84 -10.54 -31.56
N THR B 630 -22.39 -9.74 -30.65
CA THR B 630 -22.30 -8.30 -30.73
C THR B 630 -22.35 -7.72 -29.33
N GLU B 631 -22.54 -6.41 -29.24
CA GLU B 631 -22.59 -5.72 -27.96
C GLU B 631 -23.85 -6.02 -27.15
N ALA B 632 -24.87 -6.61 -27.78
CA ALA B 632 -26.06 -7.00 -27.04
C ALA B 632 -25.79 -8.19 -26.12
N ASP B 633 -24.95 -9.12 -26.57
CA ASP B 633 -24.58 -10.29 -25.76
C ASP B 633 -23.08 -10.34 -25.50
N ASP B 634 -22.44 -9.17 -25.49
CA ASP B 634 -21.00 -9.07 -25.25
C ASP B 634 -20.61 -9.58 -23.86
N ARG B 635 -21.40 -9.24 -22.84
CA ARG B 635 -21.10 -9.71 -21.49
C ARG B 635 -21.32 -11.21 -21.35
N GLU B 636 -22.31 -11.74 -22.04
CA GLU B 636 -22.53 -13.20 -22.06
C GLU B 636 -21.39 -13.92 -22.78
N ARG B 637 -20.87 -13.31 -23.84
CA ARG B 637 -19.73 -13.91 -24.54
C ARG B 637 -18.46 -13.85 -23.69
N GLN B 638 -18.29 -12.78 -22.90
CA GLN B 638 -17.15 -12.72 -21.99
C GLN B 638 -17.28 -13.73 -20.86
N GLN B 639 -18.51 -13.94 -20.37
CA GLN B 639 -18.74 -14.99 -19.37
C GLN B 639 -18.48 -16.38 -19.96
N TYR B 640 -18.84 -16.58 -21.23
CA TYR B 640 -18.55 -17.86 -21.87
C TYR B 640 -17.05 -18.05 -22.11
N LEU B 641 -16.31 -16.97 -22.37
CA LEU B 641 -14.86 -17.10 -22.48
C LEU B 641 -14.23 -17.41 -21.12
N GLU B 642 -14.78 -16.84 -20.05
CA GLU B 642 -14.33 -17.20 -18.70
C GLU B 642 -14.64 -18.65 -18.38
N GLN B 643 -15.74 -19.18 -18.90
CA GLN B 643 -16.02 -20.60 -18.75
C GLN B 643 -15.11 -21.46 -19.62
N LEU B 644 -14.74 -20.93 -20.80
CA LEU B 644 -13.81 -21.66 -21.70
C LEU B 644 -12.42 -21.68 -21.05
N SER B 645 -12.18 -20.78 -20.10
CA SER B 645 -10.86 -20.72 -19.41
C SER B 645 -10.76 -21.85 -18.38
N LYS B 646 -9.69 -21.86 -17.59
CA LYS B 646 -9.49 -22.91 -16.55
C LYS B 646 -9.06 -24.21 -17.21
N VAL B 647 -9.71 -24.58 -18.32
CA VAL B 647 -9.40 -25.87 -19.02
C VAL B 647 -7.91 -25.85 -19.42
N ASN B 648 -7.34 -24.66 -19.58
CA ASN B 648 -5.90 -24.54 -19.92
C ASN B 648 -5.09 -25.38 -18.91
N GLY B 649 -4.11 -26.15 -19.39
CA GLY B 649 -3.34 -27.04 -18.50
C GLY B 649 -3.62 -28.50 -18.81
N THR B 650 -4.74 -28.79 -19.48
CA THR B 650 -5.04 -30.18 -19.88
C THR B 650 -3.90 -30.69 -20.75
N ILE B 651 -3.25 -31.80 -20.35
CA ILE B 651 -2.11 -32.31 -21.09
C ILE B 651 -2.61 -33.07 -22.31
N ALA B 652 -2.19 -32.63 -23.49
CA ALA B 652 -2.58 -33.24 -24.75
C ALA B 652 -1.39 -33.98 -25.33
N ARG B 653 -1.60 -35.23 -25.71
CA ARG B 653 -0.53 -36.04 -26.31
C ARG B 653 -0.46 -35.72 -27.80
N ILE B 654 0.61 -35.04 -28.20
CA ILE B 654 0.80 -34.62 -29.59
C ILE B 654 1.87 -35.53 -30.21
N GLU B 655 1.45 -36.35 -31.17
CA GLU B 655 2.37 -37.17 -31.96
C GLU B 655 2.53 -36.47 -33.31
N TYR B 656 3.65 -35.78 -33.50
CA TYR B 656 3.82 -34.96 -34.70
C TYR B 656 4.51 -35.73 -35.82
N ARG B 657 5.78 -36.10 -35.62
CA ARG B 657 6.51 -36.95 -36.58
C ARG B 657 7.41 -37.87 -35.76
N GLY B 658 6.85 -39.03 -35.38
CA GLY B 658 7.60 -40.01 -34.60
C GLY B 658 8.00 -39.57 -33.21
N GLY B 659 7.36 -38.55 -32.67
CA GLY B 659 7.75 -38.02 -31.37
C GLY B 659 6.54 -37.54 -30.60
N ILE B 660 6.61 -37.70 -29.28
CA ILE B 660 5.52 -37.36 -28.37
C ILE B 660 6.03 -36.34 -27.38
N ILE B 661 5.28 -35.25 -27.20
CA ILE B 661 5.67 -34.17 -26.31
C ILE B 661 4.83 -34.17 -25.04
N GLU B 662 3.51 -34.39 -25.15
CA GLU B 662 2.55 -34.42 -24.04
C GLU B 662 2.57 -33.13 -23.22
N ILE B 663 2.20 -32.03 -23.88
CA ILE B 663 2.30 -30.70 -23.30
C ILE B 663 0.90 -30.19 -22.94
N PRO B 664 0.73 -29.48 -21.81
CA PRO B 664 -0.56 -28.88 -21.51
C PRO B 664 -0.93 -27.77 -22.48
N ILE B 665 -2.23 -27.56 -22.64
CA ILE B 665 -2.75 -26.60 -23.60
C ILE B 665 -3.04 -25.29 -22.89
N TRP B 666 -3.11 -24.22 -23.68
CA TRP B 666 -3.52 -22.91 -23.20
C TRP B 666 -4.35 -22.26 -24.30
N LEU B 667 -5.47 -21.66 -23.93
CA LEU B 667 -6.34 -21.04 -24.91
C LEU B 667 -5.74 -19.71 -25.36
N LEU B 668 -5.54 -19.57 -26.67
CA LEU B 668 -5.11 -18.32 -27.27
C LEU B 668 -6.22 -17.88 -28.21
N PRO B 669 -7.10 -16.97 -27.78
CA PRO B 669 -8.24 -16.57 -28.63
C PRO B 669 -7.86 -15.92 -29.96
N GLY B 670 -6.70 -15.29 -30.07
CA GLY B 670 -6.34 -14.73 -31.35
C GLY B 670 -5.72 -15.69 -32.34
N HIS B 671 -5.64 -16.97 -31.99
CA HIS B 671 -4.82 -17.92 -32.73
C HIS B 671 -5.59 -18.48 -33.91
N ALA B 672 -4.84 -18.95 -34.91
CA ALA B 672 -5.44 -19.51 -36.11
C ALA B 672 -6.03 -20.90 -35.86
N GLU B 673 -6.98 -21.27 -36.71
CA GLU B 673 -7.64 -22.56 -36.59
C GLU B 673 -6.74 -23.68 -37.10
N ASP B 674 -6.86 -24.85 -36.46
CA ASP B 674 -6.14 -26.08 -36.83
C ASP B 674 -4.63 -25.90 -36.80
N SER B 675 -4.14 -25.14 -35.83
CA SER B 675 -2.72 -24.95 -35.62
C SER B 675 -2.45 -24.92 -34.12
N ILE B 676 -1.22 -25.30 -33.76
CA ILE B 676 -0.75 -25.28 -32.37
C ILE B 676 0.66 -24.71 -32.39
N THR B 677 0.91 -23.71 -31.54
CA THR B 677 2.25 -23.16 -31.40
C THR B 677 2.88 -23.63 -30.09
N LEU B 678 4.08 -24.18 -30.19
CA LEU B 678 4.89 -24.55 -29.05
C LEU B 678 6.11 -23.64 -29.00
N ASN B 679 6.33 -23.00 -27.86
CA ASN B 679 7.43 -22.06 -27.72
C ASN B 679 8.74 -22.83 -27.55
N LEU B 680 9.73 -22.51 -28.38
CA LEU B 680 11.03 -23.13 -28.25
C LEU B 680 11.77 -22.57 -27.04
N GLY B 681 12.49 -23.44 -26.34
CA GLY B 681 13.33 -22.99 -25.25
C GLY B 681 12.95 -23.49 -23.88
N TYR B 682 12.30 -24.65 -23.82
CA TYR B 682 11.84 -25.22 -22.56
C TYR B 682 12.27 -26.68 -22.48
N GLY B 683 11.97 -27.29 -21.34
CA GLY B 683 12.27 -28.70 -21.15
C GLY B 683 13.75 -29.00 -21.00
N ARG B 684 14.53 -28.03 -20.53
CA ARG B 684 15.96 -28.24 -20.37
C ARG B 684 16.23 -29.16 -19.18
N THR B 685 17.45 -29.67 -19.12
CA THR B 685 17.88 -30.53 -18.02
C THR B 685 19.13 -30.03 -17.33
N HIS B 686 20.02 -29.35 -18.05
CA HIS B 686 21.28 -28.86 -17.50
C HIS B 686 21.32 -27.34 -17.47
N ALA B 687 20.20 -26.72 -17.15
CA ALA B 687 20.15 -25.29 -16.87
C ALA B 687 20.44 -25.08 -15.39
N GLY B 688 20.24 -23.86 -14.91
CA GLY B 688 20.57 -23.53 -13.54
C GLY B 688 19.50 -23.98 -12.56
N ARG B 689 19.63 -23.48 -11.32
CA ARG B 689 18.62 -23.74 -10.30
C ARG B 689 17.30 -23.06 -10.66
N VAL B 690 17.36 -21.86 -11.23
CA VAL B 690 16.19 -21.20 -11.77
C VAL B 690 15.92 -21.77 -13.16
N GLY B 691 14.72 -22.26 -13.38
CA GLY B 691 14.39 -22.86 -14.67
C GLY B 691 15.15 -24.13 -14.99
N ASN B 692 15.26 -25.04 -14.01
CA ASN B 692 15.95 -26.30 -14.24
C ASN B 692 15.16 -27.21 -15.16
N ASN B 693 13.86 -27.38 -14.88
CA ASN B 693 13.01 -28.30 -15.63
C ASN B 693 11.69 -27.65 -15.95
N VAL B 694 11.70 -26.35 -16.24
CA VAL B 694 10.47 -25.63 -16.58
C VAL B 694 10.09 -25.96 -18.02
N GLY B 695 8.79 -26.05 -18.26
CA GLY B 695 8.28 -26.31 -19.59
C GLY B 695 8.54 -27.75 -20.03
N ILE B 696 8.11 -28.04 -21.25
CA ILE B 696 8.30 -29.34 -21.87
C ILE B 696 9.00 -29.12 -23.21
N ASP B 697 10.03 -29.91 -23.49
CA ASP B 697 10.93 -29.67 -24.61
C ASP B 697 10.23 -29.88 -25.95
N VAL B 698 10.52 -28.97 -26.89
CA VAL B 698 9.94 -29.00 -28.23
C VAL B 698 10.98 -29.44 -29.26
N TYR B 699 12.27 -29.26 -28.97
CA TYR B 699 13.33 -29.59 -29.93
C TYR B 699 13.40 -31.06 -30.38
N PRO B 700 13.15 -32.09 -29.54
CA PRO B 700 13.01 -33.44 -30.11
C PRO B 700 11.85 -33.57 -31.10
N ILE B 701 10.76 -32.84 -30.88
CA ILE B 701 9.64 -32.87 -31.80
C ILE B 701 9.98 -32.13 -33.09
N ARG B 702 10.82 -31.09 -32.99
CA ARG B 702 11.22 -30.29 -34.14
C ARG B 702 12.08 -31.10 -35.10
N THR B 703 11.88 -30.88 -36.41
CA THR B 703 12.60 -31.58 -37.44
C THR B 703 13.34 -30.59 -38.32
N SER B 704 14.41 -31.08 -38.96
CA SER B 704 15.23 -30.21 -39.81
C SER B 704 14.56 -29.90 -41.14
N ASP B 705 13.63 -30.73 -41.60
CA ASP B 705 12.95 -30.48 -42.86
C ASP B 705 12.00 -29.30 -42.75
N SER B 706 11.23 -29.23 -41.66
CA SER B 706 10.30 -28.13 -41.39
C SER B 706 10.58 -27.62 -39.99
N PRO B 707 11.58 -26.74 -39.83
CA PRO B 707 11.93 -26.25 -38.49
C PRO B 707 10.99 -25.22 -37.91
N TRP B 708 9.96 -24.80 -38.65
CA TRP B 708 8.99 -23.84 -38.15
C TRP B 708 7.55 -24.23 -38.38
N PHE B 709 7.25 -25.12 -39.33
CA PHE B 709 5.87 -25.48 -39.64
C PHE B 709 5.64 -26.96 -39.35
N GLY B 710 4.41 -27.40 -39.62
CA GLY B 710 4.06 -28.79 -39.46
C GLY B 710 3.07 -29.21 -40.53
N ALA B 711 2.92 -30.52 -40.67
CA ALA B 711 2.01 -31.09 -41.64
C ALA B 711 0.86 -31.86 -41.00
N GLY B 712 1.18 -32.84 -40.15
CA GLY B 712 0.15 -33.64 -39.53
C GLY B 712 0.48 -34.04 -38.11
N ALA B 713 -0.38 -33.67 -37.15
CA ALA B 713 -0.08 -33.94 -35.74
C ALA B 713 -1.25 -34.66 -35.06
N ARG B 714 -0.96 -35.73 -34.30
CA ARG B 714 -2.03 -36.47 -33.57
C ARG B 714 -2.18 -35.85 -32.18
N VAL B 715 -2.86 -34.71 -32.08
CA VAL B 715 -3.05 -34.02 -30.76
C VAL B 715 -4.26 -34.64 -30.07
N THR B 716 -4.03 -35.43 -29.01
CA THR B 716 -5.15 -36.12 -28.32
C THR B 716 -5.15 -35.74 -26.83
N ASN B 717 -6.31 -35.35 -26.30
CA ASN B 717 -6.41 -35.02 -24.85
C ASN B 717 -6.16 -36.30 -24.04
N THR B 718 -5.38 -36.19 -22.97
CA THR B 718 -5.06 -37.38 -22.13
C THR B 718 -5.30 -37.03 -20.66
N GLY B 719 -6.42 -36.38 -20.35
CA GLY B 719 -6.65 -35.96 -18.98
C GLY B 719 -5.41 -35.30 -18.41
N ARG B 720 -5.24 -35.44 -17.09
CA ARG B 720 -4.06 -35.00 -16.33
C ARG B 720 -3.81 -33.50 -16.48
N THR B 721 -4.75 -32.73 -15.92
CA THR B 721 -4.67 -31.27 -15.98
C THR B 721 -3.48 -30.75 -15.18
N TYR B 722 -2.57 -30.06 -15.86
CA TYR B 722 -1.39 -29.46 -15.25
C TYR B 722 -1.70 -28.05 -14.79
N LEU B 723 -0.95 -27.59 -13.79
CA LEU B 723 -1.12 -26.25 -13.24
C LEU B 723 -0.32 -25.26 -14.09
N LEU B 724 -1.03 -24.56 -14.97
CA LEU B 724 -0.43 -23.49 -15.77
C LEU B 724 -0.81 -22.16 -15.14
N VAL B 725 0.18 -21.29 -14.95
CA VAL B 725 0.05 -20.12 -14.10
C VAL B 725 0.06 -18.86 -14.95
N SER B 726 -0.98 -18.05 -14.82
CA SER B 726 -1.06 -16.75 -15.46
C SER B 726 -1.09 -15.65 -14.40
N THR B 727 -0.66 -14.45 -14.79
CA THR B 727 -0.67 -13.30 -13.90
C THR B 727 -1.92 -12.45 -14.02
N GLN B 728 -2.83 -12.79 -14.91
CA GLN B 728 -4.04 -12.00 -15.14
C GLN B 728 -5.31 -12.71 -14.69
N ASP B 729 -5.55 -13.91 -15.21
CA ASP B 729 -6.63 -14.85 -14.90
C ASP B 729 -8.02 -14.39 -15.33
N HIS B 730 -8.18 -13.16 -15.81
CA HIS B 730 -9.41 -12.74 -16.47
C HIS B 730 -9.04 -11.95 -17.70
N TRP B 731 -9.63 -12.30 -18.84
CA TRP B 731 -9.06 -11.97 -20.13
C TRP B 731 -9.76 -10.85 -20.86
N THR B 732 -10.89 -10.32 -20.34
CA THR B 732 -11.71 -9.38 -21.09
C THR B 732 -12.01 -8.14 -20.26
N LEU B 733 -12.37 -7.06 -20.97
CA LEU B 733 -12.86 -5.83 -20.35
C LEU B 733 -14.35 -5.98 -20.09
N GLU B 734 -14.74 -5.88 -18.82
CA GLU B 734 -16.13 -6.16 -18.44
C GLU B 734 -16.99 -4.90 -18.50
N GLY B 735 -17.10 -4.36 -19.72
CA GLY B 735 -17.91 -3.17 -19.97
C GLY B 735 -17.43 -1.91 -19.28
N ARG B 736 -16.12 -1.67 -19.29
CA ARG B 736 -15.52 -0.56 -18.56
C ARG B 736 -14.64 0.26 -19.48
N ASP B 737 -14.55 1.56 -19.18
CA ASP B 737 -13.76 2.50 -20.00
C ASP B 737 -12.31 2.52 -19.52
N ILE B 738 -11.58 1.49 -19.91
CA ILE B 738 -10.16 1.36 -19.59
C ILE B 738 -9.31 1.50 -20.85
N TYR B 739 -9.54 0.64 -21.84
CA TYR B 739 -8.88 0.74 -23.13
C TYR B 739 -9.84 1.43 -24.10
N ARG B 740 -9.53 2.66 -24.46
CA ARG B 740 -10.37 3.47 -25.31
C ARG B 740 -9.84 3.43 -26.74
N VAL B 741 -10.71 3.07 -27.68
CA VAL B 741 -10.33 2.82 -29.07
C VAL B 741 -11.07 3.79 -29.97
N GLY B 742 -10.34 4.46 -30.87
CA GLY B 742 -10.94 5.36 -31.83
C GLY B 742 -10.42 5.09 -33.23
N GLU B 743 -11.00 5.81 -34.18
CA GLU B 743 -10.63 5.73 -35.60
C GLU B 743 -9.94 7.02 -36.02
N PHE B 744 -9.23 6.95 -37.14
CA PHE B 744 -8.34 8.04 -37.54
C PHE B 744 -9.11 9.23 -38.12
N LYS B 745 -10.14 8.97 -38.93
CA LYS B 745 -10.83 10.05 -39.63
C LYS B 745 -11.66 10.89 -38.67
N LYS B 746 -12.33 10.25 -37.71
CA LYS B 746 -13.07 11.00 -36.72
C LYS B 746 -12.14 11.68 -35.72
N PHE B 747 -10.93 11.13 -35.53
CA PHE B 747 -9.90 11.83 -34.77
C PHE B 747 -9.44 13.09 -35.51
N LYS B 748 -9.33 13.03 -36.83
CA LYS B 748 -8.98 14.19 -37.62
C LYS B 748 -10.09 15.24 -37.58
N GLU B 749 -11.35 14.79 -37.56
CA GLU B 749 -12.46 15.71 -37.43
C GLU B 749 -12.49 16.38 -36.06
N ASP B 750 -12.40 15.59 -34.99
CA ASP B 750 -12.40 16.08 -33.63
C ASP B 750 -11.68 15.10 -32.72
N PRO B 751 -10.55 15.47 -32.12
CA PRO B 751 -9.76 14.49 -31.34
C PRO B 751 -10.35 14.15 -29.98
N LYS B 752 -11.42 14.81 -29.54
CA LYS B 752 -12.03 14.55 -28.24
C LYS B 752 -13.23 13.61 -28.33
N TYR B 753 -13.49 13.02 -29.50
CA TYR B 753 -14.75 12.32 -29.69
C TYR B 753 -14.77 10.99 -28.96
N ILE B 754 -13.61 10.40 -28.65
CA ILE B 754 -13.58 9.15 -27.89
C ILE B 754 -14.14 9.37 -26.49
N ALA B 755 -13.60 10.37 -25.79
CA ALA B 755 -14.08 10.73 -24.47
C ALA B 755 -15.51 11.26 -24.52
N LYS B 756 -15.85 12.00 -25.58
CA LYS B 756 -17.22 12.50 -25.72
C LYS B 756 -18.22 11.37 -25.85
N GLU B 757 -17.89 10.33 -26.64
CA GLU B 757 -18.79 9.20 -26.80
C GLU B 757 -18.88 8.35 -25.53
N VAL B 758 -17.75 8.16 -24.84
CA VAL B 758 -17.75 7.41 -23.57
C VAL B 758 -18.60 8.12 -22.52
N TYR B 759 -18.39 9.41 -22.32
CA TYR B 759 -19.16 10.12 -21.31
C TYR B 759 -20.59 10.41 -21.74
N GLN B 760 -20.87 10.39 -23.05
CA GLN B 760 -22.25 10.49 -23.51
C GLN B 760 -23.01 9.19 -23.26
N GLU B 761 -22.35 8.05 -23.43
CA GLU B 761 -23.00 6.78 -23.11
C GLU B 761 -23.13 6.59 -21.60
N GLU B 762 -22.18 7.10 -20.82
CA GLU B 762 -22.20 6.86 -19.38
C GLU B 762 -23.09 7.85 -18.64
N TYR B 763 -22.99 9.15 -18.95
CA TYR B 763 -23.68 10.18 -18.19
C TYR B 763 -24.68 11.00 -19.00
N GLY B 764 -24.67 10.87 -20.33
CA GLY B 764 -25.56 11.68 -21.15
C GLY B 764 -25.05 13.06 -21.47
N ARG B 765 -23.83 13.40 -21.06
CA ARG B 765 -23.22 14.69 -21.33
C ARG B 765 -21.83 14.48 -21.89
N GLU B 766 -21.35 15.47 -22.65
CA GLU B 766 -20.06 15.31 -23.33
C GLU B 766 -18.90 15.33 -22.34
N THR B 767 -19.01 16.11 -21.28
CA THR B 767 -17.95 16.20 -20.29
C THR B 767 -18.43 15.68 -18.93
N PRO B 768 -17.55 15.06 -18.13
CA PRO B 768 -17.97 14.65 -16.79
C PRO B 768 -17.74 15.75 -15.76
N ASN B 769 -18.77 16.05 -14.97
CA ASN B 769 -18.66 17.06 -13.93
C ASN B 769 -18.33 16.38 -12.61
N TYR B 770 -17.14 15.79 -12.56
CA TYR B 770 -16.67 15.07 -11.38
C TYR B 770 -16.38 16.04 -10.25
N GLN B 771 -17.08 15.88 -9.14
CA GLN B 771 -16.96 16.77 -7.99
C GLN B 771 -16.35 16.01 -6.83
N SER B 772 -15.36 16.62 -6.18
CA SER B 772 -14.65 16.01 -5.07
C SER B 772 -14.84 16.87 -3.82
N LEU B 773 -14.81 16.21 -2.67
CA LEU B 773 -14.89 16.88 -1.39
C LEU B 773 -13.51 17.20 -0.82
N GLN B 774 -12.44 16.88 -1.54
CA GLN B 774 -11.09 17.11 -1.07
C GLN B 774 -10.39 18.14 -1.95
N PRO B 775 -9.65 19.07 -1.37
CA PRO B 775 -9.04 20.14 -2.17
C PRO B 775 -7.79 19.70 -2.93
N GLY B 776 -7.03 18.78 -2.36
CA GLY B 776 -5.74 18.44 -2.92
C GLY B 776 -4.71 19.50 -2.62
N ASP B 777 -3.64 19.48 -3.38
CA ASP B 777 -2.60 20.50 -3.33
C ASP B 777 -2.70 21.37 -4.58
N ASP B 778 -1.80 22.37 -4.68
CA ASP B 778 -1.96 23.41 -5.70
C ASP B 778 -1.29 23.06 -7.02
N TYR B 779 0.04 22.88 -7.00
CA TYR B 779 0.89 22.58 -8.17
C TYR B 779 0.76 23.66 -9.25
N THR B 780 1.14 24.89 -8.89
CA THR B 780 1.04 26.00 -9.83
C THR B 780 2.38 26.63 -10.17
N GLY B 781 3.40 26.47 -9.34
CA GLY B 781 4.71 27.03 -9.64
C GLY B 781 5.84 26.09 -9.28
N ARG B 782 5.57 24.79 -9.35
CA ARG B 782 6.52 23.79 -8.89
C ARG B 782 6.64 22.67 -9.92
N ASN B 783 7.70 21.88 -9.76
CA ASN B 783 7.99 20.77 -10.66
C ASN B 783 7.02 19.63 -10.38
N ALA B 784 6.01 19.48 -11.22
CA ALA B 784 4.98 18.46 -11.06
C ALA B 784 5.23 17.37 -12.09
N TRP B 785 5.42 16.14 -11.61
CA TRP B 785 5.85 15.03 -12.45
C TRP B 785 4.67 14.17 -12.86
N GLY B 786 4.66 13.76 -14.13
CA GLY B 786 3.59 12.94 -14.64
C GLY B 786 4.07 12.04 -15.76
N MET B 787 3.21 11.10 -16.13
CA MET B 787 3.51 10.11 -17.15
C MET B 787 2.37 10.08 -18.15
N THR B 788 2.70 9.84 -19.42
CA THR B 788 1.71 9.70 -20.46
C THR B 788 2.05 8.46 -21.28
N ILE B 789 1.14 7.49 -21.29
CA ILE B 789 1.37 6.22 -21.97
C ILE B 789 0.50 6.19 -23.22
N ASN B 790 1.14 5.97 -24.37
CA ASN B 790 0.46 5.97 -25.65
C ASN B 790 0.01 4.54 -25.97
N LEU B 791 -1.30 4.30 -25.91
CA LEU B 791 -1.83 2.99 -26.23
C LEU B 791 -1.83 2.70 -27.73
N ASN B 792 -1.75 3.74 -28.55
CA ASN B 792 -1.59 3.55 -29.99
C ASN B 792 -0.21 3.04 -30.35
N ALA B 793 0.79 3.31 -29.51
CA ALA B 793 2.18 2.97 -29.80
C ALA B 793 2.76 1.99 -28.79
N CYS B 794 1.93 1.09 -28.25
CA CYS B 794 2.40 0.05 -27.36
C CYS B 794 2.16 -1.31 -28.02
N ILE B 795 3.20 -2.14 -28.03
CA ILE B 795 3.16 -3.43 -28.71
C ILE B 795 3.03 -4.56 -27.68
N GLY B 796 3.55 -4.34 -26.47
CA GLY B 796 3.46 -5.36 -25.45
C GLY B 796 4.69 -6.25 -25.38
N CYS B 797 5.87 -5.65 -25.46
CA CYS B 797 7.11 -6.39 -25.52
C CYS B 797 7.73 -6.68 -24.15
N ASN B 798 7.16 -6.13 -23.08
CA ASN B 798 7.56 -6.31 -21.67
C ASN B 798 8.97 -5.77 -21.36
N ALA B 799 9.56 -5.00 -22.29
CA ALA B 799 10.88 -4.43 -22.06
C ALA B 799 10.86 -3.40 -20.94
N CYS B 800 9.75 -2.66 -20.84
CA CYS B 800 9.57 -1.73 -19.72
C CYS B 800 9.48 -2.47 -18.39
N VAL B 801 8.85 -3.65 -18.38
CA VAL B 801 8.71 -4.42 -17.15
C VAL B 801 10.07 -4.99 -16.72
N VAL B 802 10.85 -5.50 -17.66
CA VAL B 802 12.17 -6.03 -17.32
C VAL B 802 13.11 -4.90 -16.90
N ALA B 803 13.00 -3.73 -17.55
CA ALA B 803 13.78 -2.57 -17.15
C ALA B 803 13.41 -2.08 -15.75
N CYS B 804 12.12 -2.10 -15.43
CA CYS B 804 11.67 -1.70 -14.10
C CYS B 804 12.18 -2.67 -13.04
N GLN B 805 12.16 -3.98 -13.34
CA GLN B 805 12.70 -4.97 -12.43
C GLN B 805 14.20 -4.78 -12.21
N ALA B 806 14.94 -4.55 -13.29
CA ALA B 806 16.38 -4.35 -13.22
C ALA B 806 16.75 -3.08 -12.48
N GLU B 807 16.00 -2.00 -12.70
CA GLU B 807 16.30 -0.72 -12.05
C GLU B 807 15.90 -0.73 -10.59
N ASN B 808 14.76 -1.32 -10.25
CA ASN B 808 14.15 -1.15 -8.94
C ASN B 808 14.24 -2.38 -8.06
N ASN B 809 15.02 -3.40 -8.47
CA ASN B 809 15.35 -4.56 -7.63
C ASN B 809 14.12 -5.35 -7.20
N ILE B 810 13.17 -5.49 -8.13
CA ILE B 810 11.97 -6.25 -7.84
C ILE B 810 12.30 -7.73 -7.79
N ALA B 811 11.85 -8.39 -6.72
CA ALA B 811 12.25 -9.75 -6.44
C ALA B 811 11.60 -10.74 -7.39
N VAL B 812 12.29 -11.85 -7.63
CA VAL B 812 11.73 -12.95 -8.41
C VAL B 812 11.12 -13.93 -7.42
N VAL B 813 9.82 -14.15 -7.56
CA VAL B 813 9.11 -15.08 -6.71
C VAL B 813 8.96 -16.39 -7.49
N GLY B 814 8.54 -17.43 -6.78
CA GLY B 814 8.40 -18.71 -7.44
C GLY B 814 7.16 -18.82 -8.30
N LYS B 815 7.13 -19.88 -9.10
CA LYS B 815 5.92 -20.22 -9.86
C LYS B 815 4.76 -20.50 -8.94
N ASP B 816 5.03 -21.14 -7.79
CA ASP B 816 4.01 -21.37 -6.78
C ASP B 816 3.51 -20.05 -6.19
N GLN B 817 4.40 -19.07 -6.04
CA GLN B 817 4.00 -17.78 -5.51
C GLN B 817 3.19 -16.96 -6.52
N VAL B 818 3.46 -17.11 -7.82
CA VAL B 818 2.58 -16.51 -8.81
C VAL B 818 1.24 -17.24 -8.86
N SER B 819 1.25 -18.57 -8.69
CA SER B 819 0.01 -19.34 -8.66
C SER B 819 -0.85 -18.98 -7.45
N ARG B 820 -0.21 -18.58 -6.36
CA ARG B 820 -0.92 -18.02 -5.22
C ARG B 820 -1.40 -16.59 -5.47
N GLY B 821 -0.94 -15.95 -6.53
CA GLY B 821 -1.36 -14.60 -6.86
C GLY B 821 -0.44 -13.50 -6.38
N ARG B 822 0.83 -13.80 -6.12
CA ARG B 822 1.72 -12.85 -5.47
C ARG B 822 2.91 -12.51 -6.34
N GLU B 823 2.67 -12.24 -7.62
CA GLU B 823 3.71 -11.73 -8.50
C GLU B 823 4.10 -10.32 -8.10
N MET B 824 5.37 -10.00 -8.31
CA MET B 824 5.92 -8.68 -7.95
C MET B 824 6.35 -8.00 -9.24
N HIS B 825 5.55 -7.05 -9.70
CA HIS B 825 5.86 -6.28 -10.89
C HIS B 825 5.27 -4.90 -10.69
N TRP B 826 6.11 -3.87 -10.72
CA TRP B 826 5.63 -2.51 -10.49
C TRP B 826 4.85 -2.00 -11.69
N ILE B 827 5.12 -2.52 -12.88
CA ILE B 827 4.36 -2.22 -14.08
C ILE B 827 3.93 -3.54 -14.71
N ARG B 828 2.67 -3.64 -15.08
CA ARG B 828 2.14 -4.82 -15.74
C ARG B 828 1.52 -4.40 -17.07
N ILE B 829 1.60 -5.30 -18.05
CA ILE B 829 1.06 -5.06 -19.37
C ILE B 829 -0.23 -5.86 -19.45
N ASP B 830 -1.37 -5.19 -19.52
CA ASP B 830 -2.67 -5.84 -19.39
C ASP B 830 -3.26 -6.08 -20.78
N ARG B 831 -3.07 -7.29 -21.28
CA ARG B 831 -3.76 -7.76 -22.47
C ARG B 831 -5.25 -7.91 -22.18
N TYR B 832 -6.10 -7.62 -23.17
CA TYR B 832 -7.52 -7.50 -22.86
C TYR B 832 -8.53 -8.12 -23.83
N PHE B 833 -8.16 -8.61 -25.02
CA PHE B 833 -9.02 -9.49 -25.86
C PHE B 833 -10.39 -8.93 -26.20
N ALA B 834 -10.53 -7.62 -26.35
CA ALA B 834 -11.85 -7.06 -26.62
C ALA B 834 -12.16 -7.15 -28.11
N GLY B 835 -13.35 -7.62 -28.43
CA GLY B 835 -13.76 -7.71 -29.83
C GLY B 835 -15.20 -8.19 -29.91
N GLU B 836 -15.74 -8.12 -31.13
CA GLU B 836 -17.10 -8.59 -31.39
C GLU B 836 -17.17 -10.09 -31.61
N ASP B 837 -16.04 -10.76 -31.65
CA ASP B 837 -15.99 -12.22 -31.59
C ASP B 837 -14.78 -12.67 -30.80
N LEU B 838 -15.01 -13.42 -29.72
CA LEU B 838 -13.93 -13.79 -28.82
C LEU B 838 -13.12 -14.97 -29.31
N ASP B 839 -13.54 -15.63 -30.39
CA ASP B 839 -12.71 -16.68 -31.00
C ASP B 839 -11.67 -16.12 -31.95
N ASN B 840 -11.69 -14.81 -32.20
CA ASN B 840 -10.64 -14.04 -32.87
C ASN B 840 -10.80 -12.57 -32.51
N PRO B 841 -10.34 -12.13 -31.33
CA PRO B 841 -10.56 -10.75 -30.92
C PRO B 841 -9.38 -9.86 -31.26
N SER B 842 -9.57 -8.56 -31.02
CA SER B 842 -8.47 -7.61 -31.10
C SER B 842 -7.72 -7.56 -29.78
N ILE B 843 -6.39 -7.45 -29.87
CA ILE B 843 -5.52 -7.55 -28.72
C ILE B 843 -5.22 -6.13 -28.25
N TYR B 844 -5.50 -5.86 -26.98
CA TYR B 844 -5.34 -4.52 -26.41
C TYR B 844 -4.33 -4.60 -25.27
N MET B 845 -3.10 -4.18 -25.53
CA MET B 845 -2.04 -4.17 -24.54
C MET B 845 -1.93 -2.78 -23.92
N MET B 846 -1.88 -2.72 -22.59
CA MET B 846 -1.73 -1.43 -21.92
C MET B 846 -0.86 -1.55 -20.67
N PRO B 847 0.20 -0.73 -20.56
CA PRO B 847 1.03 -0.72 -19.34
C PRO B 847 0.31 -0.02 -18.20
N VAL B 848 0.13 -0.72 -17.09
CA VAL B 848 -0.48 -0.15 -15.90
C VAL B 848 0.56 -0.17 -14.79
N ASN B 849 1.00 1.01 -14.38
CA ASN B 849 1.84 1.24 -13.23
C ASN B 849 1.08 2.14 -12.26
N CYS B 850 1.75 2.60 -11.21
CA CYS B 850 1.12 3.51 -10.26
C CYS B 850 0.87 4.86 -10.92
N MET B 851 -0.36 5.35 -10.78
CA MET B 851 -0.76 6.61 -11.39
C MET B 851 -0.28 7.81 -10.62
N GLN B 852 0.23 7.62 -9.40
CA GLN B 852 0.67 8.68 -8.48
C GLN B 852 -0.41 9.72 -8.29
N CYS B 853 -1.58 9.21 -7.87
CA CYS B 853 -2.81 9.99 -7.85
C CYS B 853 -2.72 11.13 -6.86
N GLU B 854 -3.18 12.31 -7.27
CA GLU B 854 -3.08 13.50 -6.42
C GLU B 854 -3.96 13.39 -5.18
N LYS B 855 -5.10 12.72 -5.29
CA LYS B 855 -5.94 12.37 -4.16
C LYS B 855 -5.95 10.86 -4.07
N ALA B 856 -4.96 10.30 -3.34
CA ALA B 856 -4.66 8.89 -3.44
C ALA B 856 -5.45 8.07 -2.43
N PRO B 857 -6.32 7.17 -2.88
CA PRO B 857 -7.03 6.27 -1.96
C PRO B 857 -6.12 5.31 -1.24
N CYS B 858 -4.94 5.01 -1.79
CA CYS B 858 -3.94 4.28 -1.05
C CYS B 858 -3.36 5.11 0.09
N GLU B 859 -3.26 6.43 -0.11
CA GLU B 859 -2.66 7.29 0.90
C GLU B 859 -3.58 7.53 2.08
N VAL B 860 -4.90 7.64 1.83
CA VAL B 860 -5.81 7.94 2.93
C VAL B 860 -5.90 6.79 3.93
N VAL B 861 -5.78 5.54 3.47
CA VAL B 861 -6.06 4.40 4.31
C VAL B 861 -4.81 3.84 4.98
N CYS B 862 -3.70 4.54 4.93
CA CYS B 862 -2.50 4.05 5.59
C CYS B 862 -2.45 4.51 7.03
N PRO B 863 -2.43 3.61 8.02
CA PRO B 863 -2.57 4.05 9.41
C PRO B 863 -1.35 4.74 9.99
N VAL B 864 -0.20 4.68 9.32
CA VAL B 864 1.06 5.19 9.87
C VAL B 864 1.71 6.20 8.96
N ALA B 865 1.02 6.66 7.91
CA ALA B 865 1.53 7.58 6.90
C ALA B 865 2.80 7.04 6.22
N ALA B 866 2.79 5.74 5.92
CA ALA B 866 3.86 5.14 5.14
C ALA B 866 3.77 5.49 3.67
N THR B 867 2.58 5.79 3.18
CA THR B 867 2.40 6.29 1.83
C THR B 867 1.77 7.68 1.92
N VAL B 868 2.56 8.70 1.54
CA VAL B 868 2.14 10.10 1.57
C VAL B 868 2.42 10.67 0.19
N HIS B 869 2.10 11.95 -0.01
CA HIS B 869 2.23 12.56 -1.31
C HIS B 869 3.30 13.65 -1.25
N ASP B 870 4.00 13.84 -2.37
CA ASP B 870 5.12 14.78 -2.42
C ASP B 870 4.65 16.22 -2.62
N TYR B 871 5.60 17.14 -2.43
CA TYR B 871 5.47 18.49 -2.97
C TYR B 871 5.55 18.46 -4.50
N GLU B 872 6.28 17.49 -5.05
CA GLU B 872 6.35 17.36 -6.50
C GLU B 872 5.14 16.64 -7.07
N GLY B 873 4.45 15.85 -6.27
CA GLY B 873 3.24 15.19 -6.76
C GLY B 873 3.37 13.69 -6.93
N LEU B 874 4.24 13.08 -6.13
CA LEU B 874 4.47 11.64 -6.17
C LEU B 874 3.96 11.00 -4.90
N ASN B 875 3.31 9.85 -5.05
CA ASN B 875 2.98 9.03 -3.90
C ASN B 875 4.25 8.38 -3.36
N ASN B 876 4.50 8.55 -2.08
CA ASN B 876 5.77 8.14 -1.46
C ASN B 876 5.58 6.85 -0.67
N MET B 877 5.72 5.72 -1.36
CA MET B 877 5.69 4.42 -0.69
C MET B 877 7.00 4.24 0.08
N VAL B 878 6.96 4.47 1.39
CA VAL B 878 8.12 4.36 2.25
C VAL B 878 8.14 2.96 2.83
N TYR B 879 9.18 2.19 2.50
CA TYR B 879 9.30 0.79 2.97
C TYR B 879 9.81 0.75 4.40
N ASN B 880 10.72 1.66 4.76
CA ASN B 880 11.21 1.72 6.17
C ASN B 880 10.01 1.96 7.08
N ARG B 881 9.00 2.70 6.59
CA ARG B 881 7.81 3.03 7.42
C ARG B 881 6.71 1.96 7.26
N CYS B 882 6.54 1.41 6.05
CA CYS B 882 5.43 0.44 5.79
C CYS B 882 5.44 -0.70 6.83
N VAL B 883 4.31 -0.97 7.47
CA VAL B 883 4.23 -2.00 8.50
C VAL B 883 3.19 -3.04 8.15
N GLY B 884 3.10 -3.41 6.89
CA GLY B 884 2.05 -4.32 6.46
C GLY B 884 0.69 -3.68 6.69
N THR B 885 -0.32 -4.40 7.18
CA THR B 885 -1.73 -3.91 7.34
C THR B 885 -2.45 -4.05 6.00
N LYS B 886 -1.71 -4.37 4.94
CA LYS B 886 -2.27 -4.47 3.59
C LYS B 886 -3.59 -3.75 3.31
N TYR B 887 -3.66 -2.44 3.49
CA TYR B 887 -4.92 -1.73 3.11
C TYR B 887 -4.73 -0.80 1.93
N CYS B 888 -3.50 -0.38 1.68
CA CYS B 888 -3.14 0.49 0.56
C CYS B 888 -3.50 -0.23 -0.72
N SER B 889 -3.38 -1.54 -0.73
CA SER B 889 -3.60 -2.34 -1.94
C SER B 889 -5.08 -2.56 -2.14
N ASN B 890 -5.86 -2.52 -1.07
CA ASN B 890 -7.32 -2.76 -1.14
C ASN B 890 -8.00 -1.47 -1.55
N ASN B 891 -7.39 -0.32 -1.27
CA ASN B 891 -7.96 1.00 -1.62
C ASN B 891 -7.31 1.48 -2.91
N CYS B 892 -6.35 0.74 -3.43
CA CYS B 892 -5.84 1.10 -4.75
C CYS B 892 -6.78 0.57 -5.81
N PRO B 893 -7.37 1.42 -6.64
CA PRO B 893 -8.37 0.94 -7.61
C PRO B 893 -7.75 0.19 -8.77
N TYR B 894 -6.45 0.32 -8.98
CA TYR B 894 -5.76 -0.31 -10.09
C TYR B 894 -4.96 -1.52 -9.65
N LYS B 895 -4.79 -1.71 -8.33
CA LYS B 895 -4.07 -2.83 -7.72
C LYS B 895 -2.64 -2.93 -8.23
N VAL B 896 -1.96 -1.78 -8.28
CA VAL B 896 -0.58 -1.72 -8.73
C VAL B 896 0.41 -2.01 -7.61
N ARG B 897 -0.05 -2.14 -6.37
CA ARG B 897 0.83 -2.30 -5.22
C ARG B 897 1.08 -3.78 -4.96
N ARG B 898 2.35 -4.13 -4.78
CA ARG B 898 2.78 -5.51 -4.59
C ARG B 898 3.35 -5.67 -3.19
N PHE B 899 2.93 -6.73 -2.51
CA PHE B 899 3.29 -6.94 -1.11
C PHE B 899 4.28 -8.09 -0.98
N ASN B 900 5.30 -7.89 -0.15
CA ASN B 900 6.27 -8.95 0.16
C ASN B 900 5.65 -9.84 1.22
N PHE B 901 4.94 -10.88 0.76
CA PHE B 901 4.28 -11.79 1.68
C PHE B 901 5.30 -12.67 2.40
N LEU B 902 6.32 -13.12 1.70
CA LEU B 902 7.42 -13.87 2.27
C LEU B 902 8.71 -13.11 2.02
N GLN B 903 9.85 -13.74 2.36
CA GLN B 903 11.16 -13.19 2.03
C GLN B 903 11.44 -13.49 0.57
N TYR B 904 10.91 -12.63 -0.30
CA TYR B 904 11.02 -12.82 -1.73
C TYR B 904 12.39 -12.46 -2.26
N SER B 905 13.01 -11.41 -1.71
CA SER B 905 14.32 -10.98 -2.15
C SER B 905 15.39 -11.95 -1.67
N ASP B 906 16.35 -12.24 -2.53
CA ASP B 906 17.41 -13.18 -2.19
C ASP B 906 18.39 -12.54 -1.22
N THR B 907 18.77 -13.30 -0.18
CA THR B 907 19.70 -12.83 0.83
C THR B 907 21.02 -13.58 0.82
N THR B 908 21.14 -14.66 0.06
CA THR B 908 22.31 -15.53 0.13
C THR B 908 23.13 -15.58 -1.15
N THR B 909 22.54 -15.26 -2.31
CA THR B 909 23.27 -15.36 -3.58
C THR B 909 24.05 -14.08 -3.81
N GLU B 910 25.39 -14.19 -3.78
CA GLU B 910 26.26 -13.03 -3.92
C GLU B 910 26.18 -12.41 -5.30
N THR B 911 25.92 -13.22 -6.33
CA THR B 911 25.75 -12.69 -7.67
C THR B 911 24.49 -11.84 -7.78
N PHE B 912 23.39 -12.28 -7.16
CA PHE B 912 22.17 -11.46 -7.15
C PHE B 912 22.36 -10.22 -6.29
N LYS B 913 23.14 -10.33 -5.21
CA LYS B 913 23.46 -9.17 -4.37
C LYS B 913 24.26 -8.14 -5.15
N LEU B 914 25.16 -8.60 -6.03
CA LEU B 914 25.86 -7.68 -6.92
C LEU B 914 24.93 -7.13 -8.00
N ALA B 915 23.93 -7.92 -8.42
CA ALA B 915 22.98 -7.46 -9.42
C ALA B 915 22.02 -6.41 -8.88
N PHE B 916 21.86 -6.31 -7.56
CA PHE B 916 20.97 -5.31 -6.98
C PHE B 916 21.48 -3.89 -7.20
N ASN B 917 20.55 -2.98 -7.49
CA ASN B 917 20.85 -1.56 -7.67
C ASN B 917 21.19 -0.93 -6.32
N PRO B 918 22.37 -0.32 -6.16
CA PRO B 918 22.71 0.28 -4.86
C PRO B 918 21.90 1.50 -4.49
N ASP B 919 21.26 2.16 -5.45
CA ASP B 919 20.56 3.41 -5.18
C ASP B 919 19.06 3.19 -4.96
N VAL B 920 18.59 1.95 -5.08
CA VAL B 920 17.22 1.56 -4.73
C VAL B 920 17.31 0.52 -3.63
N THR B 921 16.42 0.62 -2.65
CA THR B 921 16.41 -0.31 -1.54
C THR B 921 15.99 -1.70 -2.00
N VAL B 922 16.36 -2.70 -1.20
CA VAL B 922 15.94 -4.08 -1.42
C VAL B 922 14.93 -4.41 -0.33
N ARG B 923 13.73 -4.77 -0.75
CA ARG B 923 12.60 -4.85 0.17
C ARG B 923 12.63 -6.14 0.98
N ILE B 924 12.22 -6.04 2.24
CA ILE B 924 12.18 -7.17 3.14
C ILE B 924 10.75 -7.70 3.18
N ARG B 925 10.57 -8.88 3.77
CA ARG B 925 9.25 -9.45 4.00
C ARG B 925 8.39 -8.53 4.87
N GLY B 926 7.14 -8.32 4.43
CA GLY B 926 6.19 -7.58 5.22
C GLY B 926 5.99 -6.14 4.80
N VAL B 927 6.58 -5.71 3.68
CA VAL B 927 6.40 -4.35 3.22
C VAL B 927 5.76 -4.34 1.84
N MET B 928 5.15 -3.20 1.52
CA MET B 928 4.44 -2.99 0.26
C MET B 928 5.31 -2.19 -0.69
N GLU B 929 5.32 -2.59 -1.96
CA GLU B 929 6.10 -1.91 -2.97
C GLU B 929 5.25 -1.68 -4.23
N LYS B 930 5.53 -0.58 -4.92
CA LYS B 930 4.81 -0.17 -6.12
C LYS B 930 5.67 0.83 -6.88
N CYS B 931 5.16 1.28 -8.04
CA CYS B 931 5.88 2.16 -8.95
C CYS B 931 6.11 3.55 -8.35
N THR B 932 7.34 4.05 -8.46
CA THR B 932 7.75 5.30 -7.83
C THR B 932 8.13 6.39 -8.84
N TYR B 933 7.77 6.24 -10.12
CA TYR B 933 8.27 7.08 -11.23
C TYR B 933 9.79 7.17 -11.30
N CYS B 934 10.49 6.11 -10.87
CA CYS B 934 11.96 6.04 -10.80
C CYS B 934 12.52 7.24 -10.03
N VAL B 935 12.16 7.27 -8.74
CA VAL B 935 12.46 8.44 -7.92
C VAL B 935 13.93 8.50 -7.56
N GLN B 936 14.68 7.42 -7.78
CA GLN B 936 16.14 7.50 -7.77
C GLN B 936 16.64 8.48 -8.82
N ARG B 937 16.09 8.40 -10.04
CA ARG B 937 16.46 9.31 -11.11
C ARG B 937 15.87 10.69 -10.90
N ILE B 938 14.65 10.76 -10.33
CA ILE B 938 14.03 12.05 -10.03
C ILE B 938 14.84 12.81 -8.99
N SER B 939 15.24 12.13 -7.92
CA SER B 939 16.03 12.75 -6.86
C SER B 939 17.43 13.08 -7.34
N GLY B 940 18.03 12.23 -8.18
CA GLY B 940 19.34 12.54 -8.72
C GLY B 940 19.34 13.76 -9.62
N ALA B 941 18.34 13.88 -10.49
CA ALA B 941 18.25 15.06 -11.34
C ALA B 941 17.87 16.31 -10.56
N ARG B 942 17.06 16.18 -9.51
CA ARG B 942 16.73 17.33 -8.68
C ARG B 942 17.95 17.82 -7.90
N ILE B 943 18.75 16.89 -7.37
CA ILE B 943 19.98 17.25 -6.66
C ILE B 943 20.97 17.88 -7.62
N ALA B 944 21.08 17.33 -8.84
CA ALA B 944 21.97 17.89 -9.85
C ALA B 944 21.54 19.29 -10.28
N ALA B 945 20.23 19.51 -10.43
CA ALA B 945 19.72 20.82 -10.81
C ALA B 945 19.94 21.84 -9.71
N LYS B 946 19.71 21.45 -8.45
CA LYS B 946 19.94 22.36 -7.33
C LYS B 946 21.42 22.68 -7.16
N ARG B 947 22.29 21.69 -7.36
CA ARG B 947 23.73 21.90 -7.26
C ARG B 947 24.24 22.81 -8.37
N ALA B 948 23.71 22.63 -9.59
CA ALA B 948 24.05 23.52 -10.69
C ALA B 948 23.53 24.93 -10.44
N ALA B 949 22.34 25.04 -9.84
CA ALA B 949 21.75 26.34 -9.54
C ALA B 949 22.59 27.11 -8.51
N VAL B 950 23.07 26.43 -7.46
CA VAL B 950 23.89 27.16 -6.50
C VAL B 950 25.33 27.34 -6.98
N GLN B 951 25.80 26.50 -7.90
CA GLN B 951 27.13 26.73 -8.46
C GLN B 951 27.12 27.89 -9.46
N ALA B 952 25.99 28.13 -10.12
CA ALA B 952 25.86 29.29 -11.00
C ALA B 952 25.26 30.50 -10.32
N GLY B 953 24.79 30.37 -9.07
CA GLY B 953 24.20 31.49 -8.37
C GLY B 953 22.82 31.88 -8.82
N GLN B 954 22.06 30.97 -9.43
CA GLN B 954 20.77 31.31 -9.99
C GLN B 954 19.66 31.42 -8.95
N SER B 955 19.85 30.83 -7.77
CA SER B 955 18.91 30.83 -6.64
C SER B 955 17.58 30.16 -6.96
N SER B 956 17.52 29.37 -8.02
CA SER B 956 16.30 28.67 -8.43
C SER B 956 16.72 27.56 -9.39
N TYR B 957 16.35 26.32 -9.07
CA TYR B 957 16.74 25.19 -9.89
C TYR B 957 15.70 24.94 -10.97
N VAL B 958 16.18 24.65 -12.17
CA VAL B 958 15.34 24.30 -13.31
C VAL B 958 15.73 22.89 -13.75
N ILE B 959 14.74 22.00 -13.78
CA ILE B 959 14.93 20.64 -14.27
C ILE B 959 14.41 20.58 -15.69
N SER B 960 15.27 20.15 -16.63
CA SER B 960 14.93 20.14 -18.03
C SER B 960 13.95 19.00 -18.34
N ASP B 961 13.40 19.03 -19.56
CA ASP B 961 12.41 18.05 -19.96
C ASP B 961 13.04 16.67 -20.16
N GLY B 962 14.23 16.62 -20.73
CA GLY B 962 14.95 15.38 -20.88
C GLY B 962 15.87 15.02 -19.73
N ALA B 963 15.83 15.79 -18.64
CA ALA B 963 16.74 15.55 -17.51
C ALA B 963 16.39 14.26 -16.77
N ILE B 964 15.10 13.97 -16.63
CA ILE B 964 14.66 12.72 -16.02
C ILE B 964 14.10 11.83 -17.11
N GLN B 965 14.66 10.63 -17.22
CA GLN B 965 14.15 9.60 -18.11
C GLN B 965 14.07 8.32 -17.28
N THR B 966 12.85 7.84 -17.02
CA THR B 966 12.68 6.65 -16.20
C THR B 966 13.12 5.41 -16.97
N ALA B 967 13.17 4.28 -16.26
CA ALA B 967 13.66 3.03 -16.84
C ALA B 967 12.72 2.51 -17.91
N CYS B 968 11.41 2.58 -17.66
CA CYS B 968 10.43 2.14 -18.64
C CYS B 968 10.41 3.02 -19.88
N GLU B 969 10.54 4.35 -19.67
CA GLU B 969 10.59 5.28 -20.79
C GLU B 969 11.86 5.11 -21.61
N GLN B 970 13.00 4.87 -20.94
CA GLN B 970 14.25 4.64 -21.64
C GLN B 970 14.22 3.35 -22.44
N ALA B 971 13.78 2.26 -21.83
CA ALA B 971 13.83 0.97 -22.50
C ALA B 971 12.59 0.68 -23.33
N CYS B 972 11.66 1.61 -23.45
CA CYS B 972 10.58 1.43 -24.40
C CYS B 972 11.13 1.59 -25.81
N PRO B 973 11.06 0.56 -26.66
CA PRO B 973 11.57 0.70 -28.03
C PRO B 973 10.67 1.54 -28.92
N THR B 974 9.43 1.79 -28.50
CA THR B 974 8.46 2.55 -29.28
C THR B 974 8.29 3.98 -28.80
N GLY B 975 8.63 4.26 -27.55
CA GLY B 975 8.38 5.57 -27.00
C GLY B 975 6.94 5.80 -26.58
N ALA B 976 6.22 4.73 -26.20
CA ALA B 976 4.86 4.87 -25.71
C ALA B 976 4.82 5.62 -24.39
N ILE B 977 5.76 5.33 -23.51
CA ILE B 977 5.84 5.99 -22.21
C ILE B 977 6.68 7.25 -22.37
N VAL B 978 6.16 8.38 -21.91
CA VAL B 978 6.92 9.62 -21.85
C VAL B 978 6.77 10.21 -20.45
N PHE B 979 7.87 10.66 -19.87
CA PHE B 979 7.92 11.23 -18.54
C PHE B 979 8.43 12.66 -18.63
N GLY B 980 7.86 13.52 -17.80
CA GLY B 980 8.24 14.92 -17.85
C GLY B 980 7.50 15.73 -16.81
N ASP B 981 7.48 17.04 -17.03
CA ASP B 981 6.87 17.99 -16.11
C ASP B 981 5.48 18.36 -16.57
N ILE B 982 4.55 18.47 -15.62
CA ILE B 982 3.17 18.84 -15.93
C ILE B 982 3.03 20.35 -16.02
N ASN B 983 3.61 21.08 -15.06
CA ASN B 983 3.46 22.53 -15.00
C ASN B 983 4.27 23.24 -16.08
N ASP B 984 5.29 22.60 -16.64
CA ASP B 984 6.02 23.17 -17.75
C ASP B 984 5.26 22.87 -19.03
N SER B 985 4.69 23.92 -19.64
CA SER B 985 3.82 23.75 -20.81
C SER B 985 4.57 23.31 -22.04
N ASN B 986 5.87 23.60 -22.13
CA ASN B 986 6.67 23.22 -23.29
C ASN B 986 7.19 21.79 -23.20
N SER B 987 6.93 21.08 -22.11
CA SER B 987 7.39 19.71 -21.97
C SER B 987 6.53 18.77 -22.82
N ARG B 988 7.12 17.64 -23.19
CA ARG B 988 6.46 16.68 -24.06
C ARG B 988 5.28 16.01 -23.38
N VAL B 989 5.34 15.80 -22.07
CA VAL B 989 4.22 15.21 -21.34
C VAL B 989 3.06 16.18 -21.28
N ALA B 990 3.33 17.47 -21.04
CA ALA B 990 2.26 18.46 -21.06
C ALA B 990 1.68 18.64 -22.46
N LYS B 991 2.51 18.50 -23.50
CA LYS B 991 2.00 18.59 -24.87
C LYS B 991 1.18 17.36 -25.23
N TRP B 992 1.52 16.19 -24.68
CA TRP B 992 0.70 14.99 -24.91
C TRP B 992 -0.57 15.00 -24.09
N LYS B 993 -0.53 15.61 -22.90
CA LYS B 993 -1.71 15.74 -22.05
C LYS B 993 -2.61 16.88 -22.46
N ALA B 994 -2.13 17.80 -23.31
CA ALA B 994 -3.00 18.78 -23.94
C ALA B 994 -3.77 18.21 -25.11
N GLU B 995 -3.45 16.99 -25.55
CA GLU B 995 -4.19 16.35 -26.63
C GLU B 995 -5.57 15.91 -26.13
N GLY B 996 -6.53 15.87 -27.06
CA GLY B 996 -7.90 15.57 -26.70
C GLY B 996 -8.17 14.13 -26.34
N HIS B 997 -7.34 13.21 -26.84
CA HIS B 997 -7.51 11.79 -26.56
C HIS B 997 -6.76 11.33 -25.32
N ASN B 998 -6.14 12.25 -24.59
CA ASN B 998 -5.53 11.91 -23.32
C ASN B 998 -6.60 11.73 -22.26
N TYR B 999 -6.49 10.66 -21.47
CA TYR B 999 -7.48 10.38 -20.44
C TYR B 999 -6.83 9.62 -19.29
N GLY B 1000 -7.48 9.66 -18.14
CA GLY B 1000 -7.06 8.92 -16.97
C GLY B 1000 -8.05 7.81 -16.66
N LEU B 1001 -7.55 6.74 -16.05
CA LEU B 1001 -8.38 5.58 -15.74
C LEU B 1001 -9.20 5.83 -14.48
N LEU B 1002 -10.50 5.48 -14.55
CA LEU B 1002 -11.45 5.53 -13.44
C LEU B 1002 -11.54 6.93 -12.82
N GLY B 1003 -11.99 7.88 -13.64
CA GLY B 1003 -12.06 9.26 -13.20
C GLY B 1003 -13.19 9.53 -12.22
N PHE B 1004 -14.19 8.66 -12.17
CA PHE B 1004 -15.30 8.79 -11.21
C PHE B 1004 -14.81 8.63 -9.78
N LEU B 1005 -13.74 7.88 -9.59
CA LEU B 1005 -12.99 7.94 -8.34
C LEU B 1005 -12.07 9.15 -8.41
N ASN B 1006 -12.33 10.15 -7.57
CA ASN B 1006 -11.66 11.44 -7.68
C ASN B 1006 -10.23 11.31 -7.19
N THR B 1007 -9.39 10.73 -8.04
CA THR B 1007 -7.99 10.48 -7.74
C THR B 1007 -7.05 11.43 -8.44
N VAL B 1008 -7.47 11.95 -9.60
CA VAL B 1008 -6.72 12.81 -10.52
C VAL B 1008 -5.41 12.10 -10.83
N PRO B 1009 -5.42 11.07 -11.69
CA PRO B 1009 -4.19 10.32 -11.95
C PRO B 1009 -3.19 11.15 -12.75
N ARG B 1010 -1.92 10.98 -12.41
CA ARG B 1010 -0.86 11.65 -13.16
C ARG B 1010 -0.29 10.79 -14.27
N THR B 1011 -0.50 9.48 -14.22
CA THR B 1011 -0.23 8.60 -15.36
C THR B 1011 -1.51 8.52 -16.17
N THR B 1012 -1.63 9.42 -17.12
CA THR B 1012 -2.77 9.39 -18.04
C THR B 1012 -2.42 8.57 -19.27
N TYR B 1013 -3.44 8.25 -20.04
CA TYR B 1013 -3.31 7.37 -21.20
C TYR B 1013 -3.82 8.08 -22.44
N LEU B 1014 -3.18 7.84 -23.56
CA LEU B 1014 -3.66 8.31 -24.86
C LEU B 1014 -4.43 7.17 -25.51
N ALA B 1015 -5.66 7.45 -25.94
CA ALA B 1015 -6.53 6.43 -26.49
C ALA B 1015 -5.99 5.90 -27.80
N ARG B 1016 -6.17 4.61 -28.04
CA ARG B 1016 -5.70 3.99 -29.26
C ARG B 1016 -6.53 4.47 -30.44
N VAL B 1017 -5.87 5.05 -31.43
CA VAL B 1017 -6.53 5.54 -32.63
C VAL B 1017 -6.20 4.57 -33.75
N ARG B 1018 -7.21 3.86 -34.25
CA ARG B 1018 -7.00 2.89 -35.31
C ARG B 1018 -7.10 3.57 -36.67
N ASN B 1019 -6.55 2.91 -37.68
CA ASN B 1019 -6.59 3.38 -39.06
C ASN B 1019 -7.12 2.27 -39.94
N PRO B 1020 -8.43 2.02 -39.92
CA PRO B 1020 -8.97 0.94 -40.76
C PRO B 1020 -9.16 1.38 -42.20
N SER B 1021 -9.19 0.38 -43.09
CA SER B 1021 -9.42 0.63 -44.50
C SER B 1021 -10.90 0.46 -44.82
N GLU B 1022 -11.37 1.23 -45.80
CA GLU B 1022 -12.78 1.21 -46.18
C GLU B 1022 -13.15 -0.06 -46.93
N GLU B 1023 -12.20 -0.69 -47.60
CA GLU B 1023 -12.47 -1.94 -48.31
C GLU B 1023 -12.64 -3.13 -47.36
N LEU B 1024 -12.16 -3.01 -46.13
CA LEU B 1024 -12.19 -4.13 -45.19
C LEU B 1024 -13.13 -3.88 -44.02
N GLU B 1025 -12.94 -2.77 -43.29
CA GLU B 1025 -13.75 -2.50 -42.10
C GLU B 1025 -14.86 -1.49 -42.38
N LYS B 1026 -14.51 -0.30 -42.86
CA LYS B 1026 -15.49 0.74 -43.11
C LYS B 1026 -16.23 0.50 -44.43
N GLU C 16 -43.78 -16.04 31.38
CA GLU C 16 -42.90 -16.69 32.35
C GLU C 16 -42.31 -15.66 33.30
N ALA C 17 -41.27 -16.05 34.02
CA ALA C 17 -40.60 -15.18 34.97
C ALA C 17 -39.09 -15.27 34.77
N TYR C 18 -38.40 -14.18 35.11
CA TYR C 18 -36.95 -14.13 35.02
C TYR C 18 -36.27 -14.65 36.28
N LEU C 19 -37.05 -15.05 37.29
CA LEU C 19 -36.50 -15.66 38.49
C LEU C 19 -37.54 -16.64 39.03
N LEU C 20 -37.16 -17.90 39.14
CA LEU C 20 -38.09 -18.91 39.61
C LEU C 20 -38.27 -18.78 41.12
N PRO C 21 -39.46 -19.05 41.65
CA PRO C 21 -39.69 -18.91 43.09
C PRO C 21 -38.98 -19.99 43.89
N GLY C 22 -38.74 -19.68 45.15
CA GLY C 22 -38.04 -20.57 46.05
C GLY C 22 -36.57 -20.25 46.27
N GLU C 23 -36.18 -18.99 46.13
CA GLU C 23 -34.80 -18.57 46.29
C GLU C 23 -34.70 -17.53 47.40
N THR C 24 -33.65 -17.66 48.21
CA THR C 24 -33.30 -16.67 49.22
C THR C 24 -31.94 -16.08 48.87
N TYR C 25 -31.55 -15.05 49.62
CA TYR C 25 -30.26 -14.40 49.37
C TYR C 25 -29.10 -15.33 49.69
N THR C 26 -29.18 -16.06 50.81
CA THR C 26 -28.14 -17.02 51.16
C THR C 26 -28.13 -18.22 50.21
N SER C 27 -29.28 -18.62 49.70
CA SER C 27 -29.32 -19.71 48.72
C SER C 27 -28.72 -19.27 47.40
N ILE C 28 -28.99 -18.03 46.98
CA ILE C 28 -28.39 -17.48 45.75
C ILE C 28 -26.88 -17.39 45.90
N SER C 29 -26.42 -16.90 47.05
CA SER C 29 -24.98 -16.76 47.31
C SER C 29 -24.28 -18.10 47.34
N ALA C 30 -24.87 -19.10 47.99
CA ALA C 30 -24.29 -20.43 48.04
C ALA C 30 -24.28 -21.10 46.67
N LYS C 31 -25.43 -21.07 45.97
CA LYS C 31 -25.57 -21.75 44.69
C LYS C 31 -24.72 -21.13 43.59
N ILE C 32 -24.38 -19.85 43.69
CA ILE C 32 -23.49 -19.26 42.70
C ILE C 32 -22.03 -19.37 43.11
N GLY C 33 -21.70 -19.05 44.37
CA GLY C 33 -20.31 -19.08 44.78
C GLY C 33 -19.75 -20.42 45.15
N ASP C 34 -20.55 -21.49 45.13
CA ASP C 34 -20.01 -22.82 45.41
C ASP C 34 -19.48 -23.53 44.17
N VAL C 35 -19.70 -22.98 42.97
CA VAL C 35 -19.10 -23.56 41.77
C VAL C 35 -17.65 -23.08 41.66
N PRO C 36 -17.30 -21.81 41.92
CA PRO C 36 -15.91 -21.52 42.33
C PRO C 36 -15.73 -21.90 43.79
N LEU C 37 -14.52 -21.62 44.29
CA LEU C 37 -14.09 -21.85 45.68
C LEU C 37 -14.09 -23.34 46.09
N THR C 38 -14.36 -24.23 45.15
CA THR C 38 -14.20 -25.66 45.41
C THR C 38 -12.72 -26.01 45.32
N PRO C 39 -12.28 -27.04 46.05
CA PRO C 39 -10.89 -27.47 45.93
C PRO C 39 -10.62 -28.02 44.55
N PRO C 40 -9.38 -27.87 44.06
CA PRO C 40 -9.06 -28.35 42.70
C PRO C 40 -9.11 -29.87 42.55
N LEU C 41 -9.08 -30.63 43.64
CA LEU C 41 -9.28 -32.07 43.54
C LEU C 41 -10.73 -32.43 43.28
N LYS C 42 -11.67 -31.53 43.57
CA LYS C 42 -13.09 -31.74 43.33
C LYS C 42 -13.55 -31.11 42.02
N THR C 43 -12.62 -30.84 41.11
CA THR C 43 -12.97 -30.25 39.82
C THR C 43 -13.71 -31.27 38.97
N PRO C 44 -14.83 -30.89 38.34
CA PRO C 44 -15.59 -31.86 37.53
C PRO C 44 -14.85 -32.33 36.29
N LYS C 45 -15.15 -33.59 35.91
CA LYS C 45 -14.51 -34.19 34.75
C LYS C 45 -14.99 -33.56 33.46
N GLY C 46 -16.20 -33.00 33.43
CA GLY C 46 -16.64 -32.26 32.27
C GLY C 46 -15.83 -30.99 32.05
N TRP C 47 -15.54 -30.27 33.14
CA TRP C 47 -14.65 -29.12 33.05
C TRP C 47 -13.25 -29.55 32.63
N LEU C 48 -12.76 -30.67 33.18
CA LEU C 48 -11.43 -31.15 32.84
C LEU C 48 -11.33 -31.52 31.36
N ALA C 49 -12.35 -32.17 30.81
CA ALA C 49 -12.35 -32.54 29.39
C ALA C 49 -12.45 -31.31 28.50
N GLY C 50 -13.32 -30.36 28.85
CA GLY C 50 -13.43 -29.14 28.06
C GLY C 50 -12.16 -28.30 28.10
N PHE C 51 -11.51 -28.23 29.26
CA PHE C 51 -10.25 -27.51 29.37
C PHE C 51 -9.12 -28.24 28.64
N SER C 52 -9.16 -29.57 28.59
CA SER C 52 -8.17 -30.31 27.81
C SER C 52 -8.31 -30.06 26.32
N VAL C 53 -9.56 -30.01 25.83
CA VAL C 53 -9.80 -29.68 24.42
C VAL C 53 -9.37 -28.25 24.11
N ALA C 54 -9.69 -27.33 25.04
CA ALA C 54 -9.30 -25.93 24.87
C ALA C 54 -7.79 -25.74 24.91
N PHE C 55 -7.09 -26.49 25.76
CA PHE C 55 -5.63 -26.38 25.82
C PHE C 55 -4.96 -27.02 24.62
N PHE C 56 -5.55 -28.09 24.06
CA PHE C 56 -5.02 -28.67 22.83
C PHE C 56 -5.16 -27.69 21.66
N MET C 57 -6.31 -27.03 21.55
CA MET C 57 -6.44 -26.03 20.50
C MET C 57 -5.63 -24.77 20.79
N LEU C 58 -5.32 -24.48 22.05
CA LEU C 58 -4.38 -23.40 22.36
C LEU C 58 -2.95 -23.78 21.95
N MET C 59 -2.60 -25.06 22.05
CA MET C 59 -1.32 -25.51 21.51
C MET C 59 -1.29 -25.38 19.99
N ILE C 60 -2.43 -25.62 19.34
CA ILE C 60 -2.56 -25.37 17.90
C ILE C 60 -2.38 -23.88 17.60
N PHE C 61 -2.92 -23.02 18.47
CA PHE C 61 -2.73 -21.56 18.34
C PHE C 61 -1.27 -21.18 18.43
N PHE C 62 -0.56 -21.75 19.40
CA PHE C 62 0.86 -21.45 19.58
C PHE C 62 1.70 -21.93 18.40
N VAL C 63 1.39 -23.11 17.87
CA VAL C 63 2.10 -23.63 16.70
C VAL C 63 1.85 -22.76 15.47
N SER C 64 0.58 -22.36 15.25
CA SER C 64 0.24 -21.53 14.10
C SER C 64 0.87 -20.14 14.20
N VAL C 65 0.86 -19.53 15.39
CA VAL C 65 1.46 -18.22 15.58
C VAL C 65 2.98 -18.28 15.42
N THR C 66 3.60 -19.35 15.93
CA THR C 66 5.04 -19.53 15.78
C THR C 66 5.44 -19.70 14.32
N TRP C 67 4.68 -20.51 13.56
CA TRP C 67 5.00 -20.68 12.16
C TRP C 67 4.72 -19.42 11.34
N LEU C 68 3.70 -18.66 11.73
CA LEU C 68 3.43 -17.37 11.09
C LEU C 68 4.57 -16.40 11.32
N PHE C 69 5.05 -16.30 12.56
CA PHE C 69 6.16 -15.39 12.86
C PHE C 69 7.47 -15.85 12.23
N ILE C 70 7.65 -17.17 12.06
CA ILE C 70 8.85 -17.67 11.42
C ILE C 70 8.83 -17.43 9.92
N ARG C 71 7.72 -17.76 9.26
CA ARG C 71 7.69 -17.77 7.81
C ARG C 71 7.18 -16.48 7.19
N GLY C 72 6.07 -15.94 7.69
CA GLY C 72 5.49 -14.75 7.10
C GLY C 72 3.99 -14.84 7.01
N VAL C 73 3.33 -13.76 6.57
CA VAL C 73 1.90 -13.78 6.32
C VAL C 73 1.56 -14.43 5.00
N GLY C 74 2.56 -14.88 4.24
CA GLY C 74 2.38 -15.60 3.00
C GLY C 74 2.04 -17.06 3.15
N ILE C 75 1.96 -17.55 4.39
CA ILE C 75 1.42 -18.90 4.62
C ILE C 75 -0.08 -18.91 4.46
N TRP C 76 -0.73 -17.75 4.50
CA TRP C 76 -2.15 -17.64 4.27
C TRP C 76 -2.44 -17.55 2.78
N GLY C 77 -3.72 -17.43 2.45
CA GLY C 77 -4.14 -17.36 1.06
C GLY C 77 -4.23 -15.97 0.49
N ILE C 78 -3.79 -14.96 1.22
CA ILE C 78 -3.92 -13.57 0.76
C ILE C 78 -2.95 -13.31 -0.37
N ASN C 79 -3.38 -12.49 -1.33
CA ASN C 79 -2.60 -12.17 -2.51
C ASN C 79 -2.78 -10.69 -2.83
N ILE C 80 -2.36 -10.29 -4.03
CA ILE C 80 -2.34 -8.88 -4.43
C ILE C 80 -3.73 -8.26 -4.54
N PRO C 81 -4.76 -8.84 -5.19
CA PRO C 81 -6.07 -8.20 -5.09
C PRO C 81 -6.74 -8.41 -3.74
N VAL C 82 -6.68 -9.62 -3.20
CA VAL C 82 -7.29 -9.90 -1.90
C VAL C 82 -6.20 -9.82 -0.85
N GLY C 83 -5.93 -8.61 -0.35
CA GLY C 83 -4.95 -8.45 0.70
C GLY C 83 -5.50 -8.66 2.08
N TRP C 84 -6.82 -8.64 2.22
CA TRP C 84 -7.51 -8.91 3.47
C TRP C 84 -8.33 -10.17 3.27
N GLY C 85 -8.08 -11.19 4.09
CA GLY C 85 -8.77 -12.44 3.90
C GLY C 85 -9.38 -12.98 5.19
N MET C 86 -9.08 -14.25 5.48
CA MET C 86 -9.65 -14.92 6.64
C MET C 86 -9.18 -14.29 7.95
N ASP C 87 -8.01 -13.66 7.95
CA ASP C 87 -7.54 -12.94 9.14
C ASP C 87 -8.49 -11.80 9.50
N ILE C 88 -8.92 -11.02 8.51
CA ILE C 88 -9.84 -9.92 8.78
C ILE C 88 -11.26 -10.41 8.98
N ILE C 89 -11.65 -11.52 8.31
CA ILE C 89 -12.96 -12.12 8.54
C ILE C 89 -13.09 -12.59 9.99
N ASN C 90 -12.09 -13.30 10.49
CA ASN C 90 -12.10 -13.76 11.85
C ASN C 90 -11.90 -12.62 12.84
N PHE C 91 -11.23 -11.54 12.42
CA PHE C 91 -11.12 -10.35 13.26
C PHE C 91 -12.49 -9.71 13.50
N VAL C 92 -13.23 -9.46 12.42
CA VAL C 92 -14.56 -8.85 12.57
C VAL C 92 -15.51 -9.80 13.28
N TRP C 93 -15.38 -11.11 13.04
CA TRP C 93 -16.21 -12.11 13.73
C TRP C 93 -15.97 -12.11 15.23
N TRP C 94 -14.71 -12.19 15.65
CA TRP C 94 -14.40 -12.26 17.07
C TRP C 94 -14.64 -10.93 17.78
N ILE C 95 -14.39 -9.80 17.11
CA ILE C 95 -14.70 -8.53 17.74
C ILE C 95 -16.20 -8.27 17.76
N GLY C 96 -16.97 -8.90 16.86
CA GLY C 96 -18.41 -8.74 16.90
C GLY C 96 -19.10 -9.66 17.86
N ILE C 97 -18.42 -10.70 18.34
CA ILE C 97 -18.98 -11.55 19.39
C ILE C 97 -19.24 -10.73 20.67
N GLY C 98 -18.36 -9.78 20.98
CA GLY C 98 -18.42 -9.06 22.24
C GLY C 98 -19.51 -8.01 22.36
N HIS C 99 -20.19 -7.67 21.25
CA HIS C 99 -21.18 -6.60 21.26
C HIS C 99 -22.38 -6.95 22.13
N ALA C 100 -22.83 -8.20 22.10
CA ALA C 100 -24.01 -8.57 22.88
C ALA C 100 -23.69 -8.59 24.38
N GLY C 101 -22.49 -8.99 24.75
CA GLY C 101 -22.11 -8.93 26.15
C GLY C 101 -22.00 -7.50 26.65
N THR C 102 -21.46 -6.61 25.81
CA THR C 102 -21.47 -5.19 26.18
C THR C 102 -22.89 -4.64 26.22
N LEU C 103 -23.77 -5.14 25.36
CA LEU C 103 -25.18 -4.73 25.37
C LEU C 103 -25.87 -5.15 26.66
N ILE C 104 -25.66 -6.39 27.09
CA ILE C 104 -26.27 -6.87 28.33
C ILE C 104 -25.68 -6.15 29.53
N SER C 105 -24.38 -5.86 29.50
CA SER C 105 -23.76 -5.18 30.63
C SER C 105 -24.14 -3.70 30.70
N ALA C 106 -24.41 -3.05 29.56
CA ALA C 106 -24.59 -1.60 29.55
C ALA C 106 -25.97 -1.16 29.07
N ILE C 107 -26.40 -1.60 27.89
CA ILE C 107 -27.64 -1.10 27.30
C ILE C 107 -28.84 -1.59 28.08
N LEU C 108 -28.78 -2.82 28.59
CA LEU C 108 -29.87 -3.34 29.41
C LEU C 108 -29.90 -2.71 30.79
N LEU C 109 -28.75 -2.24 31.29
CA LEU C 109 -28.75 -1.44 32.50
C LEU C 109 -29.36 -0.07 32.26
N LEU C 110 -29.11 0.50 31.08
CA LEU C 110 -29.71 1.79 30.72
C LEU C 110 -31.22 1.65 30.52
N LEU C 111 -31.67 0.56 29.91
CA LEU C 111 -33.05 0.40 29.52
C LEU C 111 -33.96 0.02 30.68
N ASN C 112 -33.38 -0.37 31.81
CA ASN C 112 -34.03 -0.98 32.98
C ASN C 112 -34.76 -2.26 32.59
N GLN C 113 -33.98 -3.21 32.07
CA GLN C 113 -34.46 -4.54 31.74
C GLN C 113 -33.95 -5.51 32.80
N GLY C 114 -34.86 -6.25 33.41
CA GLY C 114 -34.53 -7.12 34.52
C GLY C 114 -33.93 -8.46 34.17
N TRP C 115 -33.76 -8.76 32.88
CA TRP C 115 -33.18 -10.02 32.46
C TRP C 115 -31.67 -9.95 32.27
N ARG C 116 -31.05 -8.79 32.49
CA ARG C 116 -29.60 -8.71 32.41
C ARG C 116 -28.91 -9.27 33.64
N ASN C 117 -29.64 -9.44 34.74
CA ASN C 117 -29.01 -9.73 36.03
C ASN C 117 -28.42 -11.13 36.12
N SER C 118 -28.79 -12.02 35.21
CA SER C 118 -28.32 -13.41 35.27
C SER C 118 -27.52 -13.81 34.04
N ILE C 119 -27.17 -12.87 33.16
CA ILE C 119 -26.41 -13.24 31.97
C ILE C 119 -25.24 -12.27 31.76
N ASN C 120 -25.21 -11.16 32.52
CA ASN C 120 -24.27 -10.09 32.19
C ASN C 120 -22.84 -10.42 32.57
N ARG C 121 -22.62 -11.19 33.64
CA ARG C 121 -21.27 -11.54 34.04
C ARG C 121 -20.60 -12.46 33.02
N PHE C 122 -21.30 -13.53 32.64
CA PHE C 122 -20.78 -14.46 31.65
C PHE C 122 -20.66 -13.78 30.28
N ALA C 123 -21.64 -12.94 29.94
CA ALA C 123 -21.63 -12.29 28.63
C ALA C 123 -20.52 -11.24 28.54
N GLU C 124 -20.26 -10.50 29.62
CA GLU C 124 -19.16 -9.55 29.62
C GLU C 124 -17.80 -10.24 29.66
N ALA C 125 -17.71 -11.40 30.34
CA ALA C 125 -16.50 -12.21 30.27
C ALA C 125 -16.25 -12.71 28.86
N MET C 126 -17.31 -13.14 28.17
CA MET C 126 -17.21 -13.57 26.78
C MET C 126 -16.80 -12.40 25.88
N THR C 127 -17.29 -11.20 26.18
CA THR C 127 -16.88 -10.01 25.46
C THR C 127 -15.39 -9.75 25.63
N LEU C 128 -14.91 -9.84 26.87
CA LEU C 128 -13.49 -9.59 27.14
C LEU C 128 -12.60 -10.64 26.47
N PHE C 129 -13.03 -11.90 26.47
CA PHE C 129 -12.21 -12.94 25.85
C PHE C 129 -12.28 -12.89 24.33
N ALA C 130 -13.43 -12.46 23.78
CA ALA C 130 -13.53 -12.30 22.33
C ALA C 130 -12.71 -11.11 21.84
N VAL C 131 -12.68 -10.02 22.62
CA VAL C 131 -11.82 -8.88 22.29
C VAL C 131 -10.35 -9.26 22.47
N ALA C 132 -10.03 -10.12 23.44
CA ALA C 132 -8.68 -10.63 23.59
C ALA C 132 -8.26 -11.49 22.40
N CYS C 133 -9.19 -12.28 21.86
CA CYS C 133 -8.89 -13.07 20.67
C CYS C 133 -8.79 -12.20 19.43
N ALA C 134 -9.60 -11.15 19.35
CA ALA C 134 -9.65 -10.29 18.17
C ALA C 134 -8.64 -9.15 18.20
N GLY C 135 -7.94 -8.94 19.31
CA GLY C 135 -6.93 -7.91 19.36
C GLY C 135 -5.58 -8.40 18.91
N LEU C 136 -5.40 -9.73 18.91
CA LEU C 136 -4.19 -10.32 18.37
C LEU C 136 -4.19 -10.32 16.85
N TYR C 137 -5.37 -10.48 16.26
CA TYR C 137 -5.53 -10.49 14.80
C TYR C 137 -4.99 -9.29 14.03
N PRO C 138 -5.08 -8.03 14.50
CA PRO C 138 -4.29 -6.97 13.85
C PRO C 138 -2.79 -7.21 13.92
N ILE C 139 -2.28 -7.51 15.12
CA ILE C 139 -0.87 -7.80 15.31
C ILE C 139 -0.45 -9.05 14.56
N LEU C 140 -1.34 -10.06 14.49
CA LEU C 140 -1.01 -11.29 13.80
C LEU C 140 -0.97 -11.10 12.29
N HIS C 141 -1.85 -10.30 11.71
CA HIS C 141 -1.94 -10.12 10.26
C HIS C 141 -1.12 -9.02 9.76
N LEU C 142 -0.50 -8.34 10.67
CA LEU C 142 0.17 -7.10 10.33
C LEU C 142 1.32 -7.26 9.35
N GLY C 143 1.95 -8.42 9.23
CA GLY C 143 3.01 -8.58 8.25
C GLY C 143 4.39 -8.23 8.75
N ARG C 144 4.48 -7.14 9.50
CA ARG C 144 5.61 -6.87 10.40
C ARG C 144 4.98 -6.73 11.78
N PRO C 145 4.77 -7.84 12.49
CA PRO C 145 3.95 -7.83 13.72
C PRO C 145 4.53 -7.02 14.87
N TRP C 146 5.84 -6.82 14.92
CA TRP C 146 6.46 -6.16 16.05
C TRP C 146 6.32 -4.64 15.99
N LEU C 147 5.74 -4.09 14.93
CA LEU C 147 5.54 -2.66 14.76
C LEU C 147 4.08 -2.26 14.83
N PHE C 148 3.32 -2.91 15.71
CA PHE C 148 1.96 -2.49 16.00
C PHE C 148 1.91 -1.16 16.73
N TYR C 149 2.99 -0.80 17.44
CA TYR C 149 3.06 0.44 18.21
C TYR C 149 3.30 1.67 17.35
N TRP C 150 3.59 1.49 16.05
CA TRP C 150 3.71 2.64 15.16
C TRP C 150 2.34 3.16 14.77
N LEU C 151 1.30 2.34 14.91
CA LEU C 151 -0.07 2.79 14.73
C LEU C 151 -0.55 3.58 15.93
N ILE C 152 0.00 3.31 17.11
CA ILE C 152 -0.31 4.05 18.33
C ILE C 152 0.44 5.38 18.28
N PRO C 153 -0.19 6.50 18.67
CA PRO C 153 0.58 7.75 18.81
C PRO C 153 1.52 7.70 20.00
N TYR C 154 2.80 7.50 19.73
CA TYR C 154 3.83 7.37 20.74
C TYR C 154 4.99 8.29 20.39
N PRO C 155 5.73 8.79 21.37
CA PRO C 155 6.85 9.68 21.06
C PRO C 155 8.06 8.89 20.56
N ASN C 156 8.60 9.31 19.43
CA ASN C 156 9.77 8.69 18.83
C ASN C 156 10.77 9.75 18.41
N THR C 157 11.98 9.30 18.09
CA THR C 157 13.03 10.20 17.66
C THR C 157 12.88 10.64 16.21
N HIS C 158 11.97 10.03 15.45
CA HIS C 158 11.75 10.42 14.08
C HIS C 158 10.86 11.65 13.96
N GLY C 159 9.96 11.86 14.89
CA GLY C 159 8.92 12.85 14.71
C GLY C 159 7.75 12.36 13.90
N MET C 160 7.65 11.06 13.68
CA MET C 160 6.55 10.49 12.91
C MET C 160 5.27 10.46 13.73
N TRP C 161 4.15 10.46 13.03
CA TRP C 161 2.82 10.36 13.60
C TRP C 161 2.02 9.31 12.85
N PRO C 162 1.02 8.71 13.48
CA PRO C 162 0.00 8.00 12.72
C PRO C 162 -0.83 8.99 11.92
N GLN C 163 -1.43 8.51 10.84
CA GLN C 163 -2.12 9.40 9.92
C GLN C 163 -3.37 10.01 10.54
N PHE C 164 -4.14 9.21 11.29
CA PHE C 164 -5.40 9.51 11.98
C PHE C 164 -6.55 9.81 11.03
N ARG C 165 -6.32 9.87 9.71
CA ARG C 165 -7.38 9.97 8.72
C ARG C 165 -7.84 8.59 8.26
N SER C 166 -6.97 7.60 8.37
CA SER C 166 -7.34 6.22 8.11
C SER C 166 -8.23 5.70 9.23
N ALA C 167 -9.01 4.68 8.90
CA ALA C 167 -9.86 4.08 9.91
C ALA C 167 -9.14 3.08 10.80
N LEU C 168 -7.91 2.68 10.45
CA LEU C 168 -7.18 1.75 11.30
C LEU C 168 -6.60 2.45 12.53
N ALA C 169 -6.31 3.75 12.46
CA ALA C 169 -5.96 4.50 13.66
C ALA C 169 -7.16 4.65 14.59
N TRP C 170 -8.34 4.86 14.01
CA TRP C 170 -9.57 4.85 14.79
C TRP C 170 -9.81 3.47 15.38
N ASP C 171 -9.42 2.42 14.65
CA ASP C 171 -9.49 1.06 15.17
C ASP C 171 -8.55 0.83 16.34
N VAL C 172 -7.35 1.43 16.29
CA VAL C 172 -6.42 1.38 17.43
C VAL C 172 -7.07 1.98 18.66
N PHE C 173 -7.60 3.20 18.51
CA PHE C 173 -8.22 3.88 19.65
C PHE C 173 -9.49 3.18 20.12
N ALA C 174 -10.29 2.66 19.18
CA ALA C 174 -11.55 2.02 19.51
C ALA C 174 -11.34 0.67 20.18
N ILE C 175 -10.39 -0.13 19.69
CA ILE C 175 -10.12 -1.43 20.27
C ILE C 175 -9.48 -1.29 21.65
N SER C 176 -8.55 -0.34 21.79
CA SER C 176 -7.93 -0.10 23.09
C SER C 176 -8.94 0.41 24.11
N THR C 177 -9.80 1.35 23.70
CA THR C 177 -10.84 1.87 24.59
C THR C 177 -11.89 0.81 24.92
N TYR C 178 -12.27 -0.01 23.93
CA TYR C 178 -13.27 -1.05 24.15
C TYR C 178 -12.76 -2.10 25.13
N ALA C 179 -11.53 -2.57 24.93
CA ALA C 179 -10.93 -3.55 25.84
C ALA C 179 -10.74 -2.97 27.24
N THR C 180 -10.27 -1.72 27.34
CA THR C 180 -9.97 -1.14 28.64
C THR C 180 -11.25 -0.86 29.42
N VAL C 181 -12.25 -0.24 28.79
CA VAL C 181 -13.49 0.10 29.48
C VAL C 181 -14.32 -1.15 29.75
N SER C 182 -14.27 -2.15 28.87
CA SER C 182 -14.94 -3.43 29.15
C SER C 182 -14.32 -4.15 30.34
N LEU C 183 -12.98 -4.16 30.42
CA LEU C 183 -12.30 -4.77 31.56
C LEU C 183 -12.57 -3.99 32.85
N VAL C 184 -12.61 -2.67 32.76
CA VAL C 184 -12.88 -1.82 33.92
C VAL C 184 -14.30 -2.04 34.44
N PHE C 185 -15.28 -2.08 33.53
CA PHE C 185 -16.67 -2.28 33.92
C PHE C 185 -16.91 -3.70 34.43
N TRP C 186 -16.20 -4.69 33.87
CA TRP C 186 -16.29 -6.06 34.36
C TRP C 186 -15.70 -6.18 35.78
N LEU C 187 -14.57 -5.52 36.03
CA LEU C 187 -13.97 -5.57 37.35
C LEU C 187 -14.80 -4.81 38.39
N VAL C 188 -15.43 -3.70 37.97
CA VAL C 188 -16.34 -2.96 38.83
C VAL C 188 -17.56 -3.82 39.17
N GLY C 189 -18.11 -4.53 38.18
CA GLY C 189 -19.16 -5.49 38.45
C GLY C 189 -18.72 -6.72 39.20
N LEU C 190 -17.41 -6.97 39.31
CA LEU C 190 -16.91 -8.09 40.07
C LEU C 190 -16.52 -7.76 41.51
N ILE C 191 -16.35 -6.47 41.84
CA ILE C 191 -15.78 -6.09 43.16
C ILE C 191 -16.63 -6.55 44.36
N PRO C 192 -17.97 -6.37 44.40
CA PRO C 192 -18.71 -7.02 45.49
C PRO C 192 -18.90 -8.53 45.31
N ASP C 193 -18.80 -9.07 44.10
CA ASP C 193 -18.68 -10.51 43.97
C ASP C 193 -17.34 -11.01 44.52
N PHE C 194 -16.28 -10.22 44.35
CA PHE C 194 -15.01 -10.53 45.00
C PHE C 194 -15.15 -10.48 46.51
N ALA C 195 -15.95 -9.54 47.03
CA ALA C 195 -16.23 -9.49 48.46
C ALA C 195 -17.01 -10.72 48.93
N THR C 196 -17.97 -11.18 48.12
CA THR C 196 -18.73 -12.38 48.46
C THR C 196 -17.85 -13.63 48.46
N LEU C 197 -16.94 -13.74 47.48
CA LEU C 197 -16.02 -14.89 47.44
C LEU C 197 -15.01 -14.83 48.58
N ARG C 198 -14.55 -13.62 48.94
CA ARG C 198 -13.67 -13.44 50.08
C ARG C 198 -14.36 -13.82 51.38
N ASP C 199 -15.66 -13.54 51.47
CA ASP C 199 -16.42 -13.93 52.65
C ASP C 199 -16.68 -15.43 52.68
N ARG C 200 -16.95 -16.04 51.52
CA ARG C 200 -17.35 -17.44 51.44
C ARG C 200 -16.18 -18.41 51.35
N ALA C 201 -14.95 -17.92 51.21
CA ALA C 201 -13.80 -18.80 51.11
C ALA C 201 -13.51 -19.49 52.45
N LYS C 202 -12.76 -20.58 52.37
CA LYS C 202 -12.40 -21.36 53.56
C LYS C 202 -10.92 -21.26 53.91
N ASN C 203 -10.04 -21.47 52.94
CA ASN C 203 -8.60 -21.36 53.18
C ASN C 203 -8.22 -19.90 53.39
N ILE C 204 -7.30 -19.67 54.33
CA ILE C 204 -6.90 -18.31 54.67
C ILE C 204 -6.08 -17.63 53.59
N TRP C 205 -5.45 -18.40 52.70
CA TRP C 205 -4.62 -17.82 51.66
C TRP C 205 -5.37 -17.51 50.38
N VAL C 206 -6.59 -18.04 50.21
CA VAL C 206 -7.43 -17.66 49.09
C VAL C 206 -8.40 -16.55 49.49
N LYS C 207 -8.46 -16.21 50.79
CA LYS C 207 -9.13 -14.99 51.22
C LYS C 207 -8.46 -13.76 50.63
N ARG C 208 -7.12 -13.73 50.64
CA ARG C 208 -6.38 -12.59 50.14
C ARG C 208 -6.38 -12.52 48.62
N LEU C 209 -6.71 -13.62 47.94
CA LEU C 209 -6.82 -13.58 46.48
C LEU C 209 -8.00 -12.72 46.05
N TYR C 210 -9.15 -12.86 46.72
CA TYR C 210 -10.30 -12.02 46.43
C TYR C 210 -10.39 -10.80 47.34
N GLY C 211 -9.66 -10.79 48.46
CA GLY C 211 -9.67 -9.60 49.31
C GLY C 211 -9.02 -8.40 48.68
N ILE C 212 -7.86 -8.60 48.03
CA ILE C 212 -7.18 -7.50 47.37
C ILE C 212 -7.86 -7.08 46.08
N ALA C 213 -8.78 -7.89 45.55
CA ALA C 213 -9.58 -7.52 44.39
C ALA C 213 -10.93 -6.93 44.77
N ALA C 214 -11.40 -7.20 45.99
CA ALA C 214 -12.60 -6.54 46.49
C ALA C 214 -12.28 -5.20 47.12
N LEU C 215 -11.05 -5.04 47.62
CA LEU C 215 -10.54 -3.79 48.23
C LEU C 215 -11.34 -3.39 49.46
N GLY C 216 -11.93 -4.36 50.17
CA GLY C 216 -12.74 -4.04 51.33
C GLY C 216 -14.04 -3.35 50.98
N TRP C 217 -14.94 -4.08 50.32
CA TRP C 217 -16.11 -3.45 49.72
C TRP C 217 -17.15 -3.05 50.77
N ARG C 218 -17.39 -3.93 51.76
CA ARG C 218 -18.20 -3.74 52.97
C ARG C 218 -19.71 -3.69 52.73
N GLY C 219 -20.14 -3.58 51.48
CA GLY C 219 -21.56 -3.47 51.16
C GLY C 219 -22.24 -2.24 51.72
N SER C 220 -21.51 -1.12 51.84
CA SER C 220 -22.04 0.06 52.50
C SER C 220 -23.04 0.80 51.62
N ALA C 221 -24.11 1.30 52.24
CA ALA C 221 -25.16 2.00 51.49
C ALA C 221 -24.67 3.32 50.94
N ARG C 222 -23.72 3.98 51.63
CA ARG C 222 -23.04 5.13 51.06
C ARG C 222 -22.20 4.72 49.86
N HIS C 223 -21.55 3.55 49.95
CA HIS C 223 -20.76 3.04 48.83
C HIS C 223 -21.65 2.52 47.72
N TRP C 224 -22.85 2.06 48.06
CA TRP C 224 -23.78 1.54 47.05
C TRP C 224 -24.34 2.66 46.18
N HIS C 225 -24.50 3.86 46.74
CA HIS C 225 -24.98 4.99 45.96
C HIS C 225 -23.98 5.40 44.89
N ARG C 226 -22.71 5.55 45.29
CA ARG C 226 -21.65 5.86 44.34
C ARG C 226 -21.43 4.71 43.36
N TYR C 227 -21.59 3.48 43.82
CA TYR C 227 -21.47 2.31 42.94
C TYR C 227 -22.55 2.30 41.88
N GLU C 228 -23.80 2.58 42.26
CA GLU C 228 -24.89 2.59 41.29
C GLU C 228 -24.76 3.76 40.32
N MET C 229 -24.31 4.92 40.80
CA MET C 229 -24.08 6.06 39.91
C MET C 229 -22.94 5.78 38.93
N ALA C 230 -21.86 5.14 39.40
CA ALA C 230 -20.75 4.79 38.51
C ALA C 230 -21.15 3.74 37.50
N SER C 231 -21.98 2.77 37.92
CA SER C 231 -22.45 1.74 36.98
C SER C 231 -23.39 2.34 35.94
N ILE C 232 -24.24 3.29 36.35
CA ILE C 232 -25.14 3.97 35.41
C ILE C 232 -24.35 4.80 34.41
N LEU C 233 -23.35 5.55 34.88
CA LEU C 233 -22.55 6.37 33.97
C LEU C 233 -21.66 5.51 33.08
N LEU C 234 -21.15 4.39 33.60
CA LEU C 234 -20.38 3.46 32.79
C LEU C 234 -21.23 2.79 31.72
N ALA C 235 -22.50 2.50 32.03
CA ALA C 235 -23.42 2.00 31.01
C ALA C 235 -23.73 3.05 29.95
N GLY C 236 -23.96 4.30 30.37
CA GLY C 236 -24.24 5.40 29.47
C GLY C 236 -23.04 5.98 28.76
N LEU C 237 -21.85 5.49 29.09
CA LEU C 237 -20.65 5.71 28.29
C LEU C 237 -20.28 4.51 27.44
N SER C 238 -20.63 3.30 27.86
CA SER C 238 -20.29 2.08 27.14
C SER C 238 -21.27 1.74 26.04
N THR C 239 -22.51 2.22 26.11
CA THR C 239 -23.40 2.09 24.96
C THR C 239 -22.91 2.86 23.72
N PRO C 240 -22.59 4.17 23.79
CA PRO C 240 -22.02 4.80 22.58
C PRO C 240 -20.60 4.36 22.31
N LEU C 241 -19.88 3.87 23.32
CA LEU C 241 -18.57 3.25 23.09
C LEU C 241 -18.69 2.04 22.18
N VAL C 242 -19.58 1.10 22.50
CA VAL C 242 -19.64 -0.11 21.71
C VAL C 242 -20.25 0.16 20.34
N VAL C 243 -21.18 1.13 20.23
CA VAL C 243 -21.70 1.50 18.92
C VAL C 243 -20.61 2.15 18.08
N SER C 244 -19.75 2.97 18.70
CA SER C 244 -18.67 3.62 17.97
C SER C 244 -17.58 2.63 17.56
N VAL C 245 -17.30 1.64 18.42
CA VAL C 245 -16.31 0.62 18.08
C VAL C 245 -16.77 -0.21 16.88
N HIS C 246 -18.02 -0.67 16.89
CA HIS C 246 -18.46 -1.45 15.75
C HIS C 246 -18.74 -0.59 14.52
N SER C 247 -19.03 0.70 14.70
CA SER C 247 -19.09 1.62 13.57
C SER C 247 -17.72 1.83 12.95
N ILE C 248 -16.67 1.90 13.77
CA ILE C 248 -15.31 2.09 13.27
C ILE C 248 -14.82 0.83 12.56
N ILE C 249 -15.18 -0.34 13.08
CA ILE C 249 -14.88 -1.60 12.41
C ILE C 249 -15.71 -1.75 11.12
N SER C 250 -16.88 -1.13 11.04
CA SER C 250 -17.52 -0.99 9.73
C SER C 250 -16.76 -0.02 8.85
N LEU C 251 -16.20 1.03 9.45
CA LEU C 251 -15.58 2.09 8.68
C LEU C 251 -14.25 1.68 8.07
N ASP C 252 -13.60 0.66 8.62
CA ASP C 252 -12.33 0.23 7.99
C ASP C 252 -12.54 -0.53 6.69
N PHE C 253 -13.79 -0.76 6.28
CA PHE C 253 -14.15 -1.02 4.91
C PHE C 253 -14.86 0.17 4.28
N ALA C 254 -15.72 0.85 5.05
CA ALA C 254 -16.62 1.84 4.47
C ALA C 254 -15.94 3.15 4.08
N ILE C 255 -14.73 3.43 4.56
CA ILE C 255 -14.00 4.61 4.09
C ILE C 255 -13.24 4.35 2.81
N SER C 256 -13.19 3.10 2.36
CA SER C 256 -12.50 2.74 1.14
C SER C 256 -13.41 2.95 -0.08
N GLN C 257 -12.79 2.96 -1.26
CA GLN C 257 -13.49 3.15 -2.51
C GLN C 257 -13.89 1.84 -3.16
N VAL C 258 -13.70 0.71 -2.47
CA VAL C 258 -14.05 -0.62 -2.98
C VAL C 258 -15.57 -0.70 -3.18
N PRO C 259 -16.06 -1.19 -4.32
CA PRO C 259 -17.51 -1.17 -4.59
C PRO C 259 -18.34 -2.00 -3.63
N GLY C 260 -17.81 -3.09 -3.08
CA GLY C 260 -18.52 -3.78 -2.03
C GLY C 260 -18.40 -3.15 -0.67
N TRP C 261 -17.49 -2.20 -0.51
CA TRP C 261 -17.19 -1.63 0.79
C TRP C 261 -17.67 -0.19 0.94
N GLN C 262 -17.69 0.59 -0.13
CA GLN C 262 -18.26 1.94 -0.12
C GLN C 262 -19.79 1.81 -0.09
N VAL C 263 -20.28 1.45 1.10
CA VAL C 263 -21.70 1.29 1.38
C VAL C 263 -21.96 1.99 2.71
N THR C 264 -22.91 2.91 2.71
CA THR C 264 -23.02 3.84 3.84
C THR C 264 -23.91 3.33 4.97
N VAL C 265 -24.60 2.19 4.79
CA VAL C 265 -25.39 1.62 5.88
C VAL C 265 -24.55 0.66 6.71
N PHE C 266 -23.26 0.54 6.42
CA PHE C 266 -22.37 -0.32 7.20
C PHE C 266 -22.25 -0.06 8.70
N PRO C 267 -22.24 1.17 9.24
CA PRO C 267 -22.15 1.28 10.72
C PRO C 267 -23.35 0.70 11.46
N PRO C 268 -24.62 1.03 11.14
CA PRO C 268 -25.70 0.30 11.85
C PRO C 268 -25.84 -1.15 11.40
N TYR C 269 -25.43 -1.47 10.16
CA TYR C 269 -25.45 -2.85 9.68
C TYR C 269 -24.46 -3.72 10.44
N PHE C 270 -23.27 -3.19 10.73
CA PHE C 270 -22.27 -3.92 11.48
C PHE C 270 -22.62 -3.98 12.95
N VAL C 271 -23.25 -2.94 13.50
CA VAL C 271 -23.80 -3.00 14.85
C VAL C 271 -24.83 -4.12 14.98
N ALA C 272 -25.75 -4.20 14.01
CA ALA C 272 -26.76 -5.26 14.04
C ALA C 272 -26.17 -6.64 13.85
N GLY C 273 -25.18 -6.78 12.95
CA GLY C 273 -24.55 -8.07 12.74
C GLY C 273 -23.74 -8.53 13.94
N ALA C 274 -23.10 -7.59 14.63
CA ALA C 274 -22.35 -7.92 15.82
C ALA C 274 -23.27 -8.32 16.97
N VAL C 275 -24.39 -7.61 17.16
CA VAL C 275 -25.34 -8.02 18.20
C VAL C 275 -25.99 -9.36 17.85
N PHE C 276 -26.23 -9.62 16.56
CA PHE C 276 -26.77 -10.88 16.08
C PHE C 276 -25.84 -12.06 16.41
N ALA C 277 -24.59 -11.96 15.98
CA ALA C 277 -23.61 -13.02 16.25
C ALA C 277 -23.29 -13.14 17.73
N GLY C 278 -23.33 -12.02 18.45
CA GLY C 278 -23.05 -12.04 19.86
C GLY C 278 -24.09 -12.80 20.65
N PHE C 279 -25.38 -12.48 20.44
CA PHE C 279 -26.42 -13.27 21.10
C PHE C 279 -26.51 -14.69 20.60
N ALA C 280 -26.07 -14.99 19.37
CA ALA C 280 -25.93 -16.39 18.97
C ALA C 280 -24.91 -17.12 19.83
N MET C 281 -23.73 -16.51 20.02
CA MET C 281 -22.70 -17.12 20.87
C MET C 281 -23.12 -17.14 22.33
N VAL C 282 -23.83 -16.10 22.79
CA VAL C 282 -24.30 -16.03 24.17
C VAL C 282 -25.31 -17.15 24.44
N LEU C 283 -26.26 -17.38 23.54
CA LEU C 283 -27.20 -18.49 23.72
C LEU C 283 -26.49 -19.84 23.65
N LEU C 284 -25.57 -19.98 22.70
CA LEU C 284 -24.79 -21.20 22.53
C LEU C 284 -23.87 -21.50 23.71
N LEU C 285 -23.57 -20.51 24.55
CA LEU C 285 -22.80 -20.78 25.77
C LEU C 285 -23.60 -20.66 27.07
N MET C 286 -24.79 -20.04 27.06
CA MET C 286 -25.66 -20.12 28.23
C MET C 286 -26.26 -21.51 28.36
N ILE C 287 -26.68 -22.10 27.23
CA ILE C 287 -27.45 -23.35 27.28
C ILE C 287 -26.67 -24.51 27.90
N PRO C 288 -25.40 -24.78 27.54
CA PRO C 288 -24.65 -25.77 28.33
C PRO C 288 -24.39 -25.35 29.77
N VAL C 289 -24.14 -24.06 30.04
CA VAL C 289 -23.94 -23.61 31.41
C VAL C 289 -25.21 -23.76 32.23
N ARG C 290 -26.36 -23.42 31.65
CA ARG C 290 -27.65 -23.61 32.30
C ARG C 290 -27.97 -25.08 32.56
N THR C 291 -27.65 -25.97 31.61
CA THR C 291 -27.99 -27.37 31.83
C THR C 291 -26.93 -28.15 32.60
N PHE C 292 -25.72 -27.61 32.79
CA PHE C 292 -24.68 -28.31 33.52
C PHE C 292 -24.46 -27.77 34.93
N TYR C 293 -24.81 -26.52 35.20
CA TYR C 293 -24.84 -25.98 36.54
C TYR C 293 -26.28 -25.75 36.96
N GLY C 294 -26.51 -25.64 38.26
CA GLY C 294 -27.87 -25.49 38.75
C GLY C 294 -28.43 -24.09 38.61
N PHE C 295 -28.52 -23.60 37.38
CA PHE C 295 -28.91 -22.22 37.11
C PHE C 295 -30.23 -22.14 36.33
N GLU C 296 -31.08 -23.16 36.47
CA GLU C 296 -32.40 -23.08 35.85
C GLU C 296 -33.29 -22.07 36.55
N ASN C 297 -33.05 -21.82 37.84
CA ASN C 297 -33.82 -20.81 38.55
C ASN C 297 -33.40 -19.40 38.17
N TYR C 298 -32.14 -19.22 37.75
CA TYR C 298 -31.61 -17.90 37.44
C TYR C 298 -31.66 -17.61 35.94
N ILE C 299 -31.04 -18.46 35.12
CA ILE C 299 -31.19 -18.39 33.68
C ILE C 299 -32.41 -19.23 33.33
N THR C 300 -33.45 -18.58 32.83
CA THR C 300 -34.76 -19.21 32.67
C THR C 300 -35.12 -19.34 31.19
N LEU C 301 -36.26 -20.00 30.97
CA LEU C 301 -36.83 -20.08 29.62
C LEU C 301 -37.26 -18.71 29.13
N HIS C 302 -37.65 -17.81 30.04
CA HIS C 302 -37.92 -16.43 29.65
C HIS C 302 -36.64 -15.72 29.22
N HIS C 303 -35.51 -16.02 29.87
CA HIS C 303 -34.22 -15.48 29.45
C HIS C 303 -33.85 -15.94 28.05
N LEU C 304 -34.03 -17.25 27.78
CA LEU C 304 -33.76 -17.77 26.45
C LEU C 304 -34.72 -17.18 25.41
N ASP C 305 -35.98 -16.99 25.79
CA ASP C 305 -36.98 -16.43 24.90
C ASP C 305 -36.66 -14.99 24.52
N VAL C 306 -36.26 -14.17 25.49
CA VAL C 306 -35.98 -12.77 25.18
C VAL C 306 -34.64 -12.63 24.46
N MET C 307 -33.66 -13.50 24.74
CA MET C 307 -32.41 -13.48 23.99
C MET C 307 -32.63 -13.89 22.53
N ALA C 308 -33.51 -14.88 22.29
CA ALA C 308 -33.86 -15.22 20.93
C ALA C 308 -34.70 -14.13 20.25
N LYS C 309 -35.48 -13.38 21.03
CA LYS C 309 -36.21 -12.24 20.47
C LYS C 309 -35.27 -11.15 20.00
N VAL C 310 -34.22 -10.86 20.77
CA VAL C 310 -33.22 -9.89 20.35
C VAL C 310 -32.42 -10.41 19.15
N MET C 311 -32.16 -11.74 19.11
CA MET C 311 -31.59 -12.36 17.93
C MET C 311 -32.45 -12.16 16.69
N LEU C 312 -33.75 -12.37 16.83
CA LEU C 312 -34.67 -12.22 15.71
C LEU C 312 -34.74 -10.77 15.22
N THR C 313 -34.77 -9.82 16.16
CA THR C 313 -34.80 -8.40 15.81
C THR C 313 -33.54 -7.97 15.08
N THR C 314 -32.37 -8.31 15.63
CA THR C 314 -31.13 -7.87 15.02
C THR C 314 -30.83 -8.61 13.72
N GLY C 315 -31.22 -9.89 13.63
CA GLY C 315 -31.12 -10.59 12.37
C GLY C 315 -32.04 -10.02 11.30
N MET C 316 -33.20 -9.50 11.71
CA MET C 316 -34.06 -8.80 10.77
C MET C 316 -33.43 -7.50 10.30
N ILE C 317 -32.71 -6.81 11.18
CA ILE C 317 -32.00 -5.59 10.75
C ILE C 317 -30.87 -5.94 9.78
N VAL C 318 -30.19 -7.07 10.00
CA VAL C 318 -29.15 -7.51 9.05
C VAL C 318 -29.76 -7.92 7.71
N VAL C 319 -30.94 -8.54 7.74
CA VAL C 319 -31.66 -8.87 6.50
C VAL C 319 -32.07 -7.60 5.76
N TYR C 320 -32.46 -6.56 6.53
CA TYR C 320 -32.73 -5.25 5.95
C TYR C 320 -31.46 -4.65 5.33
N GLY C 321 -30.30 -4.87 5.95
CA GLY C 321 -29.06 -4.42 5.36
C GLY C 321 -28.70 -5.14 4.07
N TYR C 322 -28.99 -6.45 4.00
CA TYR C 322 -28.84 -7.19 2.75
C TYR C 322 -29.74 -6.62 1.67
N PHE C 323 -30.98 -6.31 2.04
CA PHE C 323 -31.91 -5.70 1.09
C PHE C 323 -31.44 -4.32 0.66
N MET C 324 -30.80 -3.57 1.56
CA MET C 324 -30.25 -2.27 1.20
C MET C 324 -29.10 -2.38 0.22
N GLU C 325 -28.22 -3.36 0.41
CA GLU C 325 -27.12 -3.59 -0.54
C GLU C 325 -27.63 -4.05 -1.90
N VAL C 326 -28.61 -4.95 -1.91
CA VAL C 326 -29.19 -5.43 -3.16
C VAL C 326 -29.94 -4.30 -3.88
N PHE C 327 -30.63 -3.45 -3.11
CA PHE C 327 -31.30 -2.29 -3.69
C PHE C 327 -30.28 -1.30 -4.26
N ALA C 328 -29.16 -1.10 -3.57
CA ALA C 328 -28.13 -0.19 -4.07
C ALA C 328 -27.53 -0.69 -5.37
N SER C 329 -27.29 -2.00 -5.46
CA SER C 329 -26.75 -2.59 -6.69
C SER C 329 -27.76 -2.51 -7.83
N LEU C 330 -29.04 -2.75 -7.56
CA LEU C 330 -30.04 -2.71 -8.62
C LEU C 330 -30.41 -1.29 -9.01
N TYR C 331 -30.44 -0.38 -8.04
CA TYR C 331 -30.84 1.00 -8.23
C TYR C 331 -29.74 1.82 -8.90
N SER C 332 -28.48 1.49 -8.62
CA SER C 332 -27.37 2.18 -9.26
C SER C 332 -27.28 1.78 -10.72
N GLY C 333 -26.93 2.75 -11.57
CA GLY C 333 -26.51 2.42 -12.91
C GLY C 333 -25.04 2.06 -13.01
N ASN C 334 -24.38 1.87 -11.87
CA ASN C 334 -22.94 1.66 -11.82
C ASN C 334 -22.62 0.20 -12.16
N GLU C 335 -21.74 0.01 -13.14
CA GLU C 335 -21.37 -1.33 -13.58
C GLU C 335 -20.63 -2.10 -12.50
N PHE C 336 -19.91 -1.40 -11.61
CA PHE C 336 -19.18 -2.07 -10.56
C PHE C 336 -20.10 -2.56 -9.45
N GLU C 337 -21.16 -1.80 -9.15
CA GLU C 337 -22.18 -2.30 -8.23
C GLU C 337 -22.98 -3.45 -8.83
N GLU C 338 -23.29 -3.34 -10.13
CA GLU C 338 -24.00 -4.42 -10.83
C GLU C 338 -23.16 -5.69 -10.87
N TYR C 339 -21.86 -5.57 -11.13
CA TYR C 339 -21.00 -6.74 -11.11
C TYR C 339 -20.70 -7.23 -9.71
N LEU C 340 -20.76 -6.37 -8.69
CA LEU C 340 -20.67 -6.85 -7.31
C LEU C 340 -21.84 -7.76 -6.98
N LEU C 341 -23.05 -7.35 -7.37
CA LEU C 341 -24.23 -8.21 -7.18
C LEU C 341 -24.13 -9.48 -8.01
N TYR C 342 -23.67 -9.37 -9.26
CA TYR C 342 -23.52 -10.55 -10.11
C TYR C 342 -22.46 -11.50 -9.57
N ASN C 343 -21.35 -10.97 -9.06
CA ASN C 343 -20.27 -11.79 -8.53
C ASN C 343 -20.70 -12.49 -7.24
N ARG C 344 -21.46 -11.81 -6.39
CA ARG C 344 -22.01 -12.45 -5.20
C ARG C 344 -23.01 -13.54 -5.57
N LEU C 345 -23.86 -13.29 -6.56
CA LEU C 345 -24.89 -14.26 -6.90
C LEU C 345 -24.34 -15.47 -7.66
N PHE C 346 -23.46 -15.26 -8.64
CA PHE C 346 -23.04 -16.30 -9.56
C PHE C 346 -21.53 -16.25 -9.80
N GLY C 347 -20.75 -15.96 -8.76
CA GLY C 347 -19.32 -15.91 -8.90
C GLY C 347 -18.65 -17.21 -8.48
N PRO C 348 -17.32 -17.22 -8.51
CA PRO C 348 -16.60 -18.39 -7.96
C PRO C 348 -16.73 -18.52 -6.45
N SER C 349 -17.11 -17.47 -5.74
CA SER C 349 -17.33 -17.51 -4.30
C SER C 349 -18.79 -17.29 -3.94
N SER C 350 -19.71 -17.65 -4.83
CA SER C 350 -21.14 -17.49 -4.58
C SER C 350 -21.68 -18.46 -3.54
N TRP C 351 -20.91 -19.50 -3.18
CA TRP C 351 -21.29 -20.40 -2.10
C TRP C 351 -21.45 -19.65 -0.79
N ALA C 352 -20.59 -18.66 -0.55
CA ALA C 352 -20.65 -17.88 0.68
C ALA C 352 -21.91 -17.03 0.73
N TYR C 353 -22.29 -16.42 -0.39
CA TYR C 353 -23.50 -15.61 -0.44
C TYR C 353 -24.76 -16.46 -0.32
N TRP C 354 -24.79 -17.63 -0.97
CA TRP C 354 -25.98 -18.47 -0.91
C TRP C 354 -26.15 -19.12 0.46
N GLY C 355 -25.04 -19.63 1.04
CA GLY C 355 -25.09 -20.12 2.39
C GLY C 355 -25.37 -19.04 3.41
N LEU C 356 -24.93 -17.81 3.13
CA LEU C 356 -25.26 -16.67 3.96
C LEU C 356 -26.76 -16.37 3.94
N LEU C 357 -27.36 -16.41 2.75
CA LEU C 357 -28.80 -16.15 2.65
C LEU C 357 -29.60 -17.23 3.35
N PHE C 358 -29.18 -18.49 3.22
CA PHE C 358 -29.85 -19.57 3.95
C PHE C 358 -29.66 -19.45 5.46
N CYS C 359 -28.46 -19.12 5.91
CA CYS C 359 -28.16 -19.14 7.33
C CYS C 359 -28.56 -17.86 8.06
N ASN C 360 -28.89 -16.80 7.35
CA ASN C 360 -29.29 -15.56 7.99
C ASN C 360 -30.69 -15.09 7.62
N ALA C 361 -31.33 -15.70 6.62
CA ALA C 361 -32.70 -15.32 6.28
C ALA C 361 -33.68 -16.46 6.47
N VAL C 362 -33.35 -17.66 5.99
CA VAL C 362 -34.26 -18.80 6.12
C VAL C 362 -34.32 -19.27 7.57
N ALA C 363 -33.19 -19.26 8.26
CA ALA C 363 -33.08 -19.84 9.60
C ALA C 363 -33.63 -18.94 10.70
N ILE C 364 -34.08 -17.73 10.37
CA ILE C 364 -34.59 -16.80 11.37
C ILE C 364 -36.12 -16.75 11.36
N GLN C 365 -36.75 -17.15 10.26
CA GLN C 365 -38.20 -17.30 10.24
C GLN C 365 -38.76 -18.33 11.24
N PRO C 366 -38.07 -19.41 11.62
CA PRO C 366 -38.52 -20.14 12.81
C PRO C 366 -38.48 -19.34 14.11
N LEU C 367 -37.59 -18.36 14.25
CA LEU C 367 -37.48 -17.63 15.51
C LEU C 367 -38.65 -16.68 15.76
N TRP C 368 -39.50 -16.43 14.77
CA TRP C 368 -40.76 -15.74 15.02
C TRP C 368 -41.69 -16.58 15.89
N PHE C 369 -41.62 -17.90 15.75
CA PHE C 369 -42.57 -18.78 16.41
C PHE C 369 -42.19 -19.01 17.87
N LYS C 370 -43.23 -19.06 18.71
CA LYS C 370 -43.04 -19.07 20.16
C LYS C 370 -42.50 -20.41 20.64
N LYS C 371 -42.99 -21.50 20.06
CA LYS C 371 -42.52 -22.84 20.44
C LYS C 371 -41.06 -23.04 20.05
N VAL C 372 -40.67 -22.57 18.86
CA VAL C 372 -39.27 -22.64 18.43
C VAL C 372 -38.39 -21.74 19.29
N ARG C 373 -38.92 -20.57 19.69
CA ARG C 373 -38.19 -19.67 20.57
C ARG C 373 -37.98 -20.28 21.95
N GLN C 374 -38.95 -21.04 22.44
CA GLN C 374 -38.82 -21.71 23.73
C GLN C 374 -38.02 -23.00 23.66
N ASN C 375 -37.91 -23.62 22.48
CA ASN C 375 -37.20 -24.88 22.34
C ASN C 375 -35.69 -24.67 22.45
N ILE C 376 -35.05 -25.51 23.26
CA ILE C 376 -33.61 -25.44 23.52
C ILE C 376 -32.75 -26.02 22.39
N PRO C 377 -32.96 -27.25 21.87
CA PRO C 377 -32.07 -27.70 20.78
C PRO C 377 -32.27 -26.94 19.48
N ALA C 378 -33.49 -26.46 19.21
CA ALA C 378 -33.71 -25.59 18.06
C ALA C 378 -32.94 -24.29 18.22
N LEU C 379 -32.88 -23.76 19.45
CA LEU C 379 -32.09 -22.56 19.72
C LEU C 379 -30.60 -22.80 19.52
N LEU C 380 -30.11 -23.97 19.94
CA LEU C 380 -28.70 -24.31 19.75
C LEU C 380 -28.35 -24.43 18.27
N ILE C 381 -29.21 -25.11 17.50
CA ILE C 381 -28.99 -25.29 16.06
C ILE C 381 -29.05 -23.93 15.35
N ILE C 382 -30.01 -23.09 15.73
CA ILE C 382 -30.16 -21.76 15.13
C ILE C 382 -28.96 -20.88 15.46
N SER C 383 -28.46 -20.95 16.70
CA SER C 383 -27.30 -20.15 17.09
C SER C 383 -26.03 -20.57 16.35
N LEU C 384 -25.82 -21.89 16.19
CA LEU C 384 -24.67 -22.37 15.44
C LEU C 384 -24.76 -21.99 13.97
N ILE C 385 -25.96 -22.08 13.38
CA ILE C 385 -26.19 -21.71 11.99
C ILE C 385 -25.96 -20.21 11.80
N VAL C 386 -26.36 -19.40 12.77
CA VAL C 386 -26.18 -17.95 12.68
C VAL C 386 -24.71 -17.58 12.80
N SER C 387 -23.94 -18.29 13.65
CA SER C 387 -22.51 -18.03 13.75
C SER C 387 -21.79 -18.39 12.44
N VAL C 388 -22.15 -19.53 11.83
CA VAL C 388 -21.59 -19.92 10.54
C VAL C 388 -21.95 -18.90 9.46
N GLY C 389 -23.22 -18.46 9.44
CA GLY C 389 -23.66 -17.50 8.44
C GLY C 389 -23.09 -16.11 8.65
N MET C 390 -22.73 -15.77 9.88
CA MET C 390 -22.10 -14.48 10.10
C MET C 390 -20.64 -14.49 9.68
N TRP C 391 -19.96 -15.63 9.86
CA TRP C 391 -18.64 -15.81 9.24
C TRP C 391 -18.74 -15.72 7.72
N LEU C 392 -19.79 -16.31 7.15
CA LEU C 392 -20.02 -16.20 5.70
C LEU C 392 -20.34 -14.77 5.28
N GLU C 393 -21.03 -14.00 6.14
CA GLU C 393 -21.31 -12.60 5.85
C GLU C 393 -20.03 -11.79 5.76
N ARG C 394 -19.11 -12.00 6.71
CA ARG C 394 -17.85 -11.27 6.69
C ARG C 394 -16.96 -11.72 5.54
N TYR C 395 -17.05 -13.00 5.15
CA TYR C 395 -16.41 -13.47 3.92
C TYR C 395 -16.96 -12.75 2.69
N VAL C 396 -18.29 -12.62 2.59
CA VAL C 396 -18.93 -11.98 1.46
C VAL C 396 -18.54 -10.50 1.37
N ILE C 397 -18.49 -9.83 2.53
CA ILE C 397 -18.13 -8.42 2.57
C ILE C 397 -16.68 -8.21 2.15
N ILE C 398 -15.75 -9.00 2.69
CA ILE C 398 -14.34 -8.71 2.45
C ILE C 398 -13.84 -9.38 1.18
N VAL C 399 -13.89 -10.71 1.13
CA VAL C 399 -13.14 -11.48 0.13
C VAL C 399 -13.74 -11.31 -1.26
N ILE C 400 -15.07 -11.38 -1.39
CA ILE C 400 -15.70 -11.31 -2.70
C ILE C 400 -15.55 -9.92 -3.30
N SER C 401 -15.63 -8.88 -2.47
CA SER C 401 -15.44 -7.52 -2.96
C SER C 401 -13.98 -7.26 -3.33
N LEU C 402 -13.03 -7.86 -2.61
CA LEU C 402 -11.63 -7.70 -2.98
C LEU C 402 -11.21 -8.58 -4.15
N GLU C 403 -11.96 -9.66 -4.43
CA GLU C 403 -11.58 -10.59 -5.49
C GLU C 403 -11.71 -9.96 -6.86
N ARG C 404 -12.86 -9.34 -7.12
CA ARG C 404 -13.12 -8.67 -8.40
C ARG C 404 -13.34 -7.19 -8.13
N ASP C 405 -12.52 -6.37 -8.77
CA ASP C 405 -12.32 -4.96 -8.50
C ASP C 405 -12.57 -4.21 -9.80
N PHE C 406 -12.13 -2.96 -9.86
CA PHE C 406 -12.38 -2.10 -11.01
C PHE C 406 -11.71 -2.63 -12.27
N LEU C 407 -10.41 -2.91 -12.21
CA LEU C 407 -9.69 -3.38 -13.38
C LEU C 407 -9.80 -4.90 -13.48
N PRO C 408 -10.34 -5.44 -14.58
CA PRO C 408 -10.48 -6.90 -14.68
C PRO C 408 -9.17 -7.64 -14.84
N SER C 409 -8.08 -6.95 -15.16
CA SER C 409 -6.78 -7.61 -15.18
C SER C 409 -6.31 -7.95 -13.78
N SER C 410 -6.73 -7.19 -12.78
CA SER C 410 -6.37 -7.44 -11.39
C SER C 410 -7.43 -8.26 -10.68
N TRP C 411 -7.83 -9.38 -11.27
CA TRP C 411 -8.82 -10.28 -10.71
C TRP C 411 -8.16 -11.61 -10.39
N ASP C 412 -8.42 -12.11 -9.19
CA ASP C 412 -7.90 -13.40 -8.77
C ASP C 412 -8.83 -13.98 -7.72
N ILE C 413 -8.64 -15.25 -7.42
CA ILE C 413 -9.47 -15.98 -6.47
C ILE C 413 -8.71 -16.10 -5.16
N TYR C 414 -9.41 -15.93 -4.04
CA TYR C 414 -8.83 -16.09 -2.71
C TYR C 414 -9.12 -17.51 -2.24
N ILE C 415 -8.07 -18.31 -2.08
CA ILE C 415 -8.17 -19.67 -1.56
C ILE C 415 -7.44 -19.72 -0.23
N PRO C 416 -8.14 -19.83 0.90
CA PRO C 416 -7.46 -19.93 2.19
C PRO C 416 -6.70 -21.24 2.33
N THR C 417 -5.58 -21.17 3.05
CA THR C 417 -4.71 -22.31 3.24
C THR C 417 -5.11 -23.06 4.51
N ILE C 418 -4.25 -23.97 4.97
CA ILE C 418 -4.51 -24.66 6.22
C ILE C 418 -4.12 -23.81 7.42
N TRP C 419 -3.31 -22.77 7.23
CA TRP C 419 -2.70 -22.08 8.35
C TRP C 419 -3.62 -21.03 8.97
N ASP C 420 -4.41 -20.33 8.15
CA ASP C 420 -5.39 -19.42 8.72
C ASP C 420 -6.57 -20.17 9.34
N TRP C 421 -6.91 -21.35 8.80
CA TRP C 421 -7.88 -22.21 9.47
C TRP C 421 -7.35 -22.72 10.81
N SER C 422 -6.05 -23.06 10.86
CA SER C 422 -5.43 -23.49 12.10
C SER C 422 -5.39 -22.36 13.12
N LEU C 423 -5.14 -21.13 12.66
CA LEU C 423 -5.17 -19.97 13.54
C LEU C 423 -6.58 -19.69 14.04
N TYR C 424 -7.59 -19.92 13.21
CA TYR C 424 -8.99 -19.76 13.63
C TYR C 424 -9.37 -20.77 14.71
N ILE C 425 -8.99 -22.04 14.50
CA ILE C 425 -9.23 -23.10 15.49
C ILE C 425 -8.46 -22.79 16.78
N GLY C 426 -7.25 -22.24 16.63
CA GLY C 426 -6.47 -21.88 17.79
C GLY C 426 -7.02 -20.72 18.60
N THR C 427 -7.60 -19.72 17.92
CA THR C 427 -8.25 -18.64 18.66
C THR C 427 -9.55 -19.08 19.30
N PHE C 428 -10.23 -20.06 18.69
CA PHE C 428 -11.34 -20.74 19.38
C PHE C 428 -10.85 -21.40 20.67
N GLY C 429 -9.69 -22.05 20.59
CA GLY C 429 -9.13 -22.68 21.79
C GLY C 429 -8.70 -21.69 22.84
N LEU C 430 -8.14 -20.55 22.42
CA LEU C 430 -7.78 -19.49 23.37
C LEU C 430 -9.02 -18.90 24.05
N PHE C 431 -10.09 -18.67 23.28
CA PHE C 431 -11.35 -18.20 23.83
C PHE C 431 -11.94 -19.18 24.83
N PHE C 432 -11.93 -20.47 24.50
CA PHE C 432 -12.50 -21.46 25.41
C PHE C 432 -11.59 -21.72 26.61
N THR C 433 -10.27 -21.56 26.45
CA THR C 433 -9.35 -21.67 27.58
C THR C 433 -9.59 -20.55 28.59
N LEU C 434 -9.73 -19.32 28.08
CA LEU C 434 -10.04 -18.18 28.95
C LEU C 434 -11.41 -18.33 29.60
N LEU C 435 -12.40 -18.82 28.85
CA LEU C 435 -13.74 -19.04 29.41
C LEU C 435 -13.74 -20.11 30.49
N PHE C 436 -13.00 -21.21 30.28
CA PHE C 436 -12.97 -22.27 31.28
C PHE C 436 -12.20 -21.84 32.53
N LEU C 437 -11.16 -21.03 32.36
CA LEU C 437 -10.48 -20.45 33.51
C LEU C 437 -11.40 -19.50 34.28
N PHE C 438 -12.22 -18.72 33.54
CA PHE C 438 -13.17 -17.81 34.17
C PHE C 438 -14.23 -18.56 34.96
N ILE C 439 -14.81 -19.62 34.39
CA ILE C 439 -15.82 -20.40 35.10
C ILE C 439 -15.21 -21.26 36.20
N ARG C 440 -13.90 -21.45 36.20
CA ARG C 440 -13.27 -22.12 37.34
C ARG C 440 -13.05 -21.18 38.50
N VAL C 441 -12.38 -20.03 38.27
CA VAL C 441 -11.98 -19.19 39.40
C VAL C 441 -12.97 -18.09 39.74
N LEU C 442 -14.01 -17.89 38.93
CA LEU C 442 -14.95 -16.78 39.10
C LEU C 442 -16.36 -17.28 38.89
N PRO C 443 -17.35 -16.63 39.51
CA PRO C 443 -18.75 -17.04 39.28
C PRO C 443 -19.20 -16.71 37.86
N MET C 444 -20.02 -17.58 37.30
CA MET C 444 -20.53 -17.37 35.96
C MET C 444 -21.57 -16.27 35.91
N ILE C 445 -22.30 -16.07 37.01
CA ILE C 445 -23.38 -15.09 37.07
C ILE C 445 -23.16 -14.22 38.30
N ASN C 446 -23.76 -13.03 38.26
CA ASN C 446 -23.53 -12.02 39.28
C ASN C 446 -24.24 -12.40 40.56
N ILE C 447 -23.49 -12.50 41.67
CA ILE C 447 -24.11 -12.86 42.95
C ILE C 447 -24.99 -11.72 43.44
N PHE C 448 -24.48 -10.49 43.43
CA PHE C 448 -25.35 -9.36 43.70
C PHE C 448 -26.09 -9.04 42.40
N GLU C 449 -27.07 -8.14 42.50
CA GLU C 449 -27.98 -7.69 41.43
C GLU C 449 -28.94 -8.79 40.98
N MET C 450 -28.76 -10.02 41.47
CA MET C 450 -29.68 -11.13 41.36
C MET C 450 -30.37 -11.43 42.68
N ARG C 451 -29.65 -11.25 43.79
CA ARG C 451 -30.32 -11.12 45.07
C ARG C 451 -31.04 -9.78 45.18
N LEU C 452 -30.49 -8.72 44.56
CA LEU C 452 -31.23 -7.49 44.41
C LEU C 452 -32.42 -7.67 43.47
N PHE C 453 -32.27 -8.51 42.45
CA PHE C 453 -33.41 -8.86 41.59
C PHE C 453 -34.46 -9.63 42.37
N LEU C 454 -34.03 -10.51 43.27
CA LEU C 454 -34.97 -11.23 44.14
C LEU C 454 -35.70 -10.28 45.08
N TYR C 455 -34.97 -9.29 45.61
CA TYR C 455 -35.60 -8.27 46.45
C TYR C 455 -36.57 -7.41 45.66
N GLN C 456 -36.24 -7.10 44.41
CA GLN C 456 -37.13 -6.32 43.56
C GLN C 456 -38.38 -7.11 43.18
N GLU C 457 -38.24 -8.42 42.94
CA GLU C 457 -39.41 -9.24 42.67
C GLU C 457 -40.26 -9.44 43.91
N THR C 458 -39.63 -9.50 45.10
CA THR C 458 -40.39 -9.55 46.35
C THR C 458 -41.16 -8.25 46.57
N GLU C 459 -40.54 -7.10 46.26
CA GLU C 459 -41.22 -5.82 46.35
C GLU C 459 -42.36 -5.71 45.34
N LYS C 460 -42.16 -6.27 44.14
CA LYS C 460 -43.23 -6.28 43.14
C LYS C 460 -44.39 -7.15 43.59
N ALA C 461 -44.11 -8.30 44.21
CA ALA C 461 -45.18 -9.14 44.74
C ALA C 461 -45.89 -8.48 45.92
N LYS C 462 -45.17 -7.72 46.73
CA LYS C 462 -45.80 -6.98 47.82
C LYS C 462 -46.64 -5.82 47.30
N GLN C 463 -46.23 -5.21 46.17
CA GLN C 463 -47.02 -4.17 45.53
C GLN C 463 -48.15 -4.72 44.68
N ARG C 464 -48.16 -6.03 44.43
CA ARG C 464 -49.16 -6.76 43.64
C ARG C 464 -49.30 -6.20 42.22
N VAL D 5 -15.73 1.15 70.10
CA VAL D 5 -15.04 2.43 70.16
C VAL D 5 -15.24 3.14 68.82
N TYR D 6 -15.10 2.39 67.72
CA TYR D 6 -15.40 2.94 66.40
C TYR D 6 -16.89 3.24 66.25
N GLY D 7 -17.73 2.41 66.84
CA GLY D 7 -19.16 2.63 66.77
C GLY D 7 -19.90 1.48 67.41
N VAL D 8 -21.23 1.52 67.28
CA VAL D 8 -22.10 0.43 67.70
C VAL D 8 -22.95 0.03 66.51
N MET D 9 -22.97 -1.26 66.20
CA MET D 9 -23.77 -1.77 65.10
C MET D 9 -24.73 -2.85 65.60
N ALA D 10 -25.79 -3.06 64.81
CA ALA D 10 -26.82 -4.03 65.12
C ALA D 10 -27.11 -4.86 63.88
N GLU D 11 -27.43 -6.13 64.09
CA GLU D 11 -27.72 -7.06 63.01
C GLU D 11 -29.21 -7.23 62.85
N PHE D 12 -29.66 -7.31 61.60
CA PHE D 12 -31.07 -7.46 61.27
C PHE D 12 -31.27 -8.59 60.28
N PRO D 13 -32.38 -9.35 60.39
CA PRO D 13 -32.55 -10.53 59.54
C PRO D 13 -33.06 -10.22 58.15
N THR D 14 -33.81 -9.14 57.99
CA THR D 14 -34.47 -8.85 56.73
C THR D 14 -34.25 -7.39 56.34
N PRO D 15 -34.20 -7.10 55.04
CA PRO D 15 -34.04 -5.70 54.60
C PRO D 15 -35.21 -4.80 55.00
N GLU D 16 -36.39 -5.36 55.23
CA GLU D 16 -37.49 -4.54 55.77
C GLU D 16 -37.18 -4.05 57.18
N ALA D 17 -36.60 -4.92 58.01
CA ALA D 17 -36.17 -4.49 59.34
C ALA D 17 -34.98 -3.53 59.26
N LEU D 18 -34.11 -3.71 58.26
CA LEU D 18 -33.04 -2.73 58.04
C LEU D 18 -33.60 -1.36 57.65
N ILE D 19 -34.62 -1.34 56.80
CA ILE D 19 -35.28 -0.09 56.38
C ILE D 19 -35.93 0.58 57.58
N GLU D 20 -36.65 -0.20 58.39
CA GLU D 20 -37.33 0.35 59.56
C GLU D 20 -36.33 0.86 60.60
N ALA D 21 -35.21 0.17 60.78
CA ALA D 21 -34.20 0.60 61.74
C ALA D 21 -33.46 1.85 61.25
N THR D 22 -33.20 1.95 59.95
CA THR D 22 -32.57 3.17 59.43
C THR D 22 -33.52 4.36 59.48
N ARG D 23 -34.82 4.11 59.31
CA ARG D 23 -35.79 5.18 59.45
C ARG D 23 -35.94 5.62 60.91
N LYS D 24 -35.87 4.66 61.84
CA LYS D 24 -36.01 4.99 63.26
C LYS D 24 -34.76 5.65 63.82
N ALA D 25 -33.58 5.29 63.31
CA ALA D 25 -32.35 5.93 63.78
C ALA D 25 -32.23 7.35 63.27
N LYS D 26 -32.65 7.59 62.03
CA LYS D 26 -32.62 8.95 61.48
C LYS D 26 -33.69 9.83 62.12
N ALA D 27 -34.81 9.24 62.56
CA ALA D 27 -35.84 10.01 63.24
C ALA D 27 -35.44 10.38 64.65
N ALA D 28 -34.49 9.65 65.26
CA ALA D 28 -33.98 10.01 66.57
C ALA D 28 -32.91 11.09 66.52
N GLY D 29 -32.48 11.48 65.33
CA GLY D 29 -31.48 12.52 65.17
C GLY D 29 -30.07 12.02 64.93
N TYR D 30 -29.87 10.73 64.73
CA TYR D 30 -28.54 10.18 64.53
C TYR D 30 -28.07 10.47 63.11
N THR D 31 -26.95 11.16 62.99
CA THR D 31 -26.28 11.37 61.71
C THR D 31 -24.93 10.64 61.74
N LYS D 32 -24.27 10.65 60.58
CA LYS D 32 -23.00 9.95 60.33
C LYS D 32 -23.11 8.46 60.66
N MET D 33 -24.07 7.81 59.99
CA MET D 33 -24.33 6.39 60.18
C MET D 33 -24.30 5.69 58.83
N ASP D 34 -23.91 4.42 58.86
CA ASP D 34 -23.79 3.61 57.65
C ASP D 34 -24.51 2.28 57.85
N ALA D 35 -25.03 1.75 56.75
CA ALA D 35 -25.72 0.47 56.74
C ALA D 35 -25.10 -0.44 55.69
N PHE D 36 -24.94 -1.71 56.05
CA PHE D 36 -24.21 -2.67 55.24
C PHE D 36 -25.14 -3.80 54.83
N SER D 37 -25.18 -4.06 53.52
CA SER D 37 -26.07 -5.04 52.93
C SER D 37 -25.37 -5.71 51.76
N PRO D 38 -25.74 -6.95 51.42
CA PRO D 38 -25.16 -7.58 50.23
C PRO D 38 -25.59 -6.94 48.92
N PHE D 39 -26.68 -6.18 48.90
CA PHE D 39 -27.24 -5.57 47.72
C PHE D 39 -27.73 -4.17 48.08
N PRO D 40 -27.84 -3.23 47.12
CA PRO D 40 -28.36 -1.88 47.41
C PRO D 40 -29.84 -1.92 47.84
N ILE D 41 -30.10 -1.69 49.12
CA ILE D 41 -31.50 -1.66 49.63
C ILE D 41 -32.22 -0.47 49.00
N GLU D 42 -31.51 0.64 48.78
CA GLU D 42 -32.11 1.87 48.19
C GLU D 42 -33.00 2.55 49.23
N GLU D 43 -33.95 1.82 49.80
CA GLU D 43 -34.89 2.40 50.80
C GLU D 43 -34.11 2.82 52.05
N VAL D 44 -32.79 2.56 52.06
CA VAL D 44 -31.94 3.00 53.21
C VAL D 44 -31.05 4.14 52.71
N ILE D 45 -30.55 4.05 51.48
CA ILE D 45 -29.65 5.10 50.92
C ILE D 45 -30.42 6.42 50.82
N GLU D 46 -31.64 6.39 50.27
CA GLU D 46 -32.45 7.62 50.11
C GLU D 46 -32.52 8.35 51.46
N GLU D 47 -32.25 7.64 52.56
CA GLU D 47 -32.26 8.25 53.88
C GLU D 47 -30.86 8.54 54.42
N ILE D 48 -29.90 7.63 54.24
CA ILE D 48 -28.59 7.81 54.89
C ILE D 48 -27.49 8.25 53.94
N ALA D 49 -27.74 8.31 52.63
CA ALA D 49 -26.76 8.74 51.66
C ALA D 49 -27.38 9.59 50.57
N HIS D 50 -28.42 10.36 50.91
CA HIS D 50 -29.11 11.17 49.93
C HIS D 50 -28.27 12.40 49.57
N GLY D 51 -28.13 12.64 48.28
CA GLY D 51 -27.37 13.78 47.81
C GLY D 51 -26.65 13.44 46.51
N ASP D 52 -25.65 14.24 46.20
CA ASP D 52 -24.84 14.07 45.00
C ASP D 52 -23.67 13.13 45.30
N THR D 53 -23.45 12.16 44.43
CA THR D 53 -22.38 11.18 44.63
C THR D 53 -21.01 11.78 44.36
N GLY D 54 -20.92 12.75 43.45
CA GLY D 54 -19.66 13.31 43.03
C GLY D 54 -19.03 12.63 41.85
N VAL D 55 -19.57 11.47 41.43
CA VAL D 55 -19.09 10.80 40.22
C VAL D 55 -19.35 11.59 38.93
N PRO D 56 -20.59 12.05 38.62
CA PRO D 56 -20.82 12.61 37.26
C PRO D 56 -20.09 13.91 36.96
N ARG D 57 -19.74 14.70 37.97
CA ARG D 57 -18.92 15.88 37.73
C ARG D 57 -17.53 15.50 37.23
N LEU D 58 -16.92 14.49 37.85
CA LEU D 58 -15.62 14.00 37.39
C LEU D 58 -15.73 13.34 36.03
N VAL D 59 -16.84 12.63 35.78
CA VAL D 59 -17.05 11.99 34.47
C VAL D 59 -17.15 13.03 33.37
N LEU D 60 -17.92 14.10 33.61
CA LEU D 60 -18.05 15.18 32.64
C LEU D 60 -16.74 15.92 32.43
N LEU D 61 -16.01 16.18 33.51
CA LEU D 61 -14.74 16.91 33.42
C LEU D 61 -13.70 16.12 32.63
N PHE D 62 -13.51 14.85 32.95
CA PHE D 62 -12.51 14.08 32.21
C PHE D 62 -13.00 13.65 30.84
N GLY D 63 -14.31 13.60 30.59
CA GLY D 63 -14.79 13.40 29.23
C GLY D 63 -14.51 14.60 28.34
N LEU D 64 -14.69 15.81 28.89
CA LEU D 64 -14.32 17.02 28.18
C LEU D 64 -12.81 17.09 27.95
N ILE D 65 -12.02 16.71 28.96
CA ILE D 65 -10.57 16.68 28.85
C ILE D 65 -10.14 15.67 27.78
N GLY D 66 -10.77 14.49 27.77
CA GLY D 66 -10.43 13.49 26.78
C GLY D 66 -10.80 13.87 25.36
N ALA D 67 -11.99 14.48 25.19
CA ALA D 67 -12.39 14.94 23.86
C ALA D 67 -11.48 16.06 23.35
N ALA D 68 -11.14 17.01 24.23
CA ALA D 68 -10.24 18.09 23.85
C ALA D 68 -8.85 17.56 23.52
N SER D 69 -8.34 16.62 24.32
CA SER D 69 -7.00 16.06 24.07
C SER D 69 -6.98 15.22 22.80
N GLY D 70 -8.05 14.45 22.55
CA GLY D 70 -8.13 13.67 21.33
C GLY D 70 -8.24 14.52 20.07
N PHE D 71 -8.90 15.67 20.16
CA PHE D 71 -8.91 16.57 19.01
C PHE D 71 -7.57 17.27 18.84
N ILE D 72 -6.98 17.75 19.95
CA ILE D 72 -5.75 18.53 19.91
C ILE D 72 -4.57 17.67 19.44
N LEU D 73 -4.53 16.40 19.85
CA LEU D 73 -3.44 15.50 19.44
C LEU D 73 -3.47 15.25 17.94
N GLN D 74 -4.64 14.95 17.38
CA GLN D 74 -4.77 14.76 15.94
C GLN D 74 -4.50 16.04 15.17
N TYR D 75 -4.98 17.18 15.68
CA TYR D 75 -4.77 18.46 15.02
C TYR D 75 -3.31 18.82 14.94
N ILE D 76 -2.61 18.78 16.08
CA ILE D 76 -1.19 19.12 16.13
C ILE D 76 -0.38 18.12 15.30
N GLY D 77 -0.67 16.83 15.45
CA GLY D 77 0.13 15.82 14.80
C GLY D 77 -0.02 15.77 13.28
N ASN D 78 -1.23 15.95 12.79
CA ASN D 78 -1.43 15.87 11.35
C ASN D 78 -1.36 17.22 10.67
N LEU D 79 -1.40 18.31 11.42
CA LEU D 79 -1.67 19.59 10.82
C LEU D 79 -0.64 20.65 11.18
N VAL D 80 0.04 20.53 12.32
CA VAL D 80 0.92 21.57 12.81
C VAL D 80 2.33 21.01 12.91
N ASP D 81 2.49 19.94 13.69
CA ASP D 81 3.82 19.37 13.93
C ASP D 81 4.38 18.72 12.67
N TYR D 82 3.52 18.12 11.85
CA TYR D 82 3.98 17.39 10.67
C TYR D 82 2.90 17.46 9.60
N PRO D 83 2.88 18.54 8.81
CA PRO D 83 1.84 18.69 7.77
C PRO D 83 2.14 17.78 6.59
N LEU D 84 1.37 16.71 6.46
CA LEU D 84 1.56 15.72 5.42
C LEU D 84 0.36 15.74 4.49
N ASN D 85 0.62 15.71 3.19
CA ASN D 85 -0.44 15.57 2.20
C ASN D 85 -0.72 14.08 2.00
N VAL D 86 -1.85 13.62 2.53
CA VAL D 86 -2.31 12.26 2.30
C VAL D 86 -3.71 12.32 1.67
N GLY D 87 -3.85 11.70 0.51
CA GLY D 87 -5.12 11.61 -0.18
C GLY D 87 -5.74 12.91 -0.66
N GLY D 88 -4.97 14.00 -0.65
CA GLY D 88 -5.51 15.30 -0.98
C GLY D 88 -6.41 15.92 0.06
N ARG D 89 -6.47 15.36 1.26
CA ARG D 89 -7.36 15.78 2.32
C ARG D 89 -6.87 17.10 2.93
N PRO D 90 -7.77 17.89 3.54
CA PRO D 90 -7.40 19.25 3.96
C PRO D 90 -6.35 19.30 5.07
N LEU D 91 -5.68 20.44 5.13
CA LEU D 91 -4.65 20.72 6.12
C LEU D 91 -5.08 21.78 7.13
N ASP D 92 -6.37 21.86 7.42
CA ASP D 92 -6.92 22.88 8.32
C ASP D 92 -8.16 22.30 9.00
N ILE D 93 -9.02 23.18 9.53
CA ILE D 93 -10.25 22.77 10.20
C ILE D 93 -11.27 22.13 9.27
N THR D 94 -11.08 22.20 7.95
CA THR D 94 -11.91 21.47 7.00
C THR D 94 -11.69 19.96 7.10
N ASN D 95 -10.60 19.53 7.75
CA ASN D 95 -10.31 18.13 8.05
C ASN D 95 -10.97 17.71 9.38
N TRP D 96 -12.08 18.35 9.74
CA TRP D 96 -12.82 17.98 10.95
C TRP D 96 -13.49 16.59 10.90
N PRO D 97 -13.87 16.00 9.75
CA PRO D 97 -14.09 14.55 9.78
C PRO D 97 -12.75 13.85 9.83
N ALA D 98 -12.80 12.58 10.22
CA ALA D 98 -11.62 11.75 10.56
C ALA D 98 -10.81 12.37 11.71
N MET D 99 -11.49 13.08 12.61
CA MET D 99 -10.92 13.50 13.89
C MET D 99 -11.92 13.17 14.98
N ILE D 100 -13.20 13.13 14.56
CA ILE D 100 -14.29 12.76 15.48
C ILE D 100 -14.15 11.38 16.10
N PRO D 101 -13.79 10.29 15.37
CA PRO D 101 -13.68 8.99 16.07
C PRO D 101 -12.63 8.92 17.17
N ILE D 102 -11.41 9.38 16.92
CA ILE D 102 -10.37 9.33 17.94
C ILE D 102 -10.66 10.33 19.06
N THR D 103 -11.28 11.48 18.72
CA THR D 103 -11.75 12.43 19.73
C THR D 103 -12.77 11.79 20.66
N PHE D 104 -13.75 11.09 20.10
CA PHE D 104 -14.79 10.45 20.88
C PHE D 104 -14.25 9.30 21.72
N GLU D 105 -13.34 8.50 21.16
CA GLU D 105 -12.79 7.37 21.90
C GLU D 105 -11.91 7.83 23.05
N SER D 106 -11.15 8.92 22.85
CA SER D 106 -10.37 9.49 23.95
C SER D 106 -11.27 10.05 25.05
N GLY D 107 -12.38 10.71 24.65
CA GLY D 107 -13.32 11.21 25.65
C GLY D 107 -14.00 10.11 26.44
N ILE D 108 -14.38 9.02 25.75
CA ILE D 108 -15.00 7.87 26.42
C ILE D 108 -14.01 7.20 27.36
N LEU D 109 -12.75 7.07 26.93
CA LEU D 109 -11.72 6.43 27.75
C LEU D 109 -11.47 7.20 29.04
N LEU D 110 -11.28 8.52 28.94
CA LEU D 110 -11.01 9.27 30.16
C LEU D 110 -12.26 9.48 31.00
N ALA D 111 -13.46 9.48 30.40
CA ALA D 111 -14.67 9.57 31.19
C ALA D 111 -14.94 8.28 31.96
N SER D 112 -14.64 7.13 31.36
CA SER D 112 -14.82 5.86 32.06
C SER D 112 -13.76 5.66 33.14
N PHE D 113 -12.54 6.13 32.88
CA PHE D 113 -11.51 6.17 33.93
C PHE D 113 -11.95 7.06 35.07
N ALA D 114 -12.57 8.21 34.75
CA ALA D 114 -13.10 9.09 35.78
C ALA D 114 -14.18 8.42 36.59
N ALA D 115 -15.09 7.69 35.93
CA ALA D 115 -16.18 6.99 36.61
C ALA D 115 -15.63 5.96 37.59
N ALA D 116 -14.73 5.10 37.11
CA ALA D 116 -14.16 4.04 37.95
C ALA D 116 -13.33 4.60 39.09
N ILE D 117 -12.27 5.35 38.76
CA ILE D 117 -11.32 5.82 39.76
C ILE D 117 -11.99 6.83 40.71
N GLY D 118 -12.88 7.67 40.17
CA GLY D 118 -13.61 8.60 41.01
C GLY D 118 -14.55 7.93 41.98
N MET D 119 -15.24 6.86 41.54
CA MET D 119 -16.08 6.11 42.48
C MET D 119 -15.24 5.44 43.56
N ILE D 120 -14.14 4.78 43.16
CA ILE D 120 -13.29 4.04 44.10
C ILE D 120 -12.66 4.98 45.12
N VAL D 121 -12.18 6.14 44.69
CA VAL D 121 -11.59 7.11 45.60
C VAL D 121 -12.66 7.78 46.46
N LEU D 122 -13.80 8.15 45.84
CA LEU D 122 -14.78 8.98 46.51
C LEU D 122 -15.55 8.22 47.59
N ASN D 123 -15.78 6.93 47.37
CA ASN D 123 -16.46 6.11 48.42
C ASN D 123 -15.41 5.69 49.45
N GLY D 124 -14.13 5.98 49.19
CA GLY D 124 -13.05 5.55 50.10
C GLY D 124 -12.91 4.04 50.09
N LEU D 125 -13.18 3.40 48.95
CA LEU D 125 -13.11 1.91 48.85
C LEU D 125 -11.67 1.42 49.12
N PRO D 126 -10.60 2.11 48.68
CA PRO D 126 -9.23 1.61 48.85
C PRO D 126 -8.83 1.48 50.33
N SER D 127 -9.69 0.87 51.15
CA SER D 127 -9.38 0.64 52.59
C SER D 127 -9.73 -0.81 52.95
N PRO D 128 -8.99 -1.82 52.42
CA PRO D 128 -9.33 -3.22 52.67
C PRO D 128 -9.52 -3.48 54.17
N TYR D 129 -8.59 -2.98 54.99
CA TYR D 129 -8.73 -3.12 56.46
C TYR D 129 -9.68 -2.04 56.98
N HIS D 130 -10.88 -2.44 57.43
CA HIS D 130 -11.82 -1.49 57.97
C HIS D 130 -12.13 -1.94 59.39
N PRO D 131 -12.48 -1.01 60.29
CA PRO D 131 -12.93 -1.41 61.63
C PRO D 131 -14.17 -2.28 61.63
N VAL D 132 -15.02 -2.20 60.61
CA VAL D 132 -16.31 -2.89 60.58
C VAL D 132 -16.14 -4.41 60.47
N PHE D 133 -14.98 -4.90 60.03
CA PHE D 133 -14.74 -6.34 59.93
C PHE D 133 -14.36 -6.98 61.26
N ASN D 134 -14.21 -6.18 62.33
CA ASN D 134 -13.89 -6.71 63.64
C ASN D 134 -15.04 -7.51 64.24
N VAL D 135 -16.26 -7.27 63.80
CA VAL D 135 -17.41 -8.08 64.23
C VAL D 135 -17.30 -9.46 63.58
N PRO D 136 -17.35 -10.55 64.36
CA PRO D 136 -17.21 -11.89 63.76
C PRO D 136 -18.38 -12.31 62.90
N ARG D 137 -19.54 -11.67 63.04
CA ARG D 137 -20.70 -11.98 62.21
C ARG D 137 -20.80 -11.10 60.97
N PHE D 138 -19.81 -10.23 60.73
CA PHE D 138 -19.78 -9.42 59.52
C PHE D 138 -19.30 -10.19 58.30
N GLN D 139 -18.86 -11.44 58.48
CA GLN D 139 -18.54 -12.30 57.35
C GLN D 139 -19.76 -12.61 56.49
N TYR D 140 -20.94 -12.58 57.08
CA TYR D 140 -22.17 -12.87 56.36
C TYR D 140 -22.82 -11.61 55.78
N ALA D 141 -22.15 -10.46 55.87
CA ALA D 141 -22.71 -9.21 55.35
C ALA D 141 -22.80 -9.16 53.83
N SER D 142 -22.20 -10.12 53.12
CA SER D 142 -22.49 -10.38 51.72
C SER D 142 -23.17 -11.72 51.53
N GLN D 143 -23.59 -12.38 52.61
CA GLN D 143 -24.20 -13.71 52.62
C GLN D 143 -25.50 -13.70 53.40
N ASP D 144 -26.39 -12.75 53.07
CA ASP D 144 -27.69 -12.55 53.70
C ASP D 144 -27.57 -12.22 55.18
N ALA D 145 -26.93 -11.09 55.46
CA ALA D 145 -27.01 -10.45 56.76
C ALA D 145 -26.98 -8.95 56.54
N PHE D 146 -27.61 -8.22 57.46
CA PHE D 146 -27.83 -6.79 57.29
C PHE D 146 -27.44 -6.07 58.58
N PHE D 147 -26.69 -4.98 58.44
CA PHE D 147 -26.13 -4.28 59.58
C PHE D 147 -26.40 -2.79 59.44
N LEU D 148 -26.34 -2.10 60.58
CA LEU D 148 -26.48 -0.65 60.62
C LEU D 148 -25.56 -0.14 61.72
N CYS D 149 -24.49 0.54 61.34
CA CYS D 149 -23.49 1.03 62.28
C CYS D 149 -23.64 2.52 62.48
N ILE D 150 -23.76 2.94 63.73
CA ILE D 150 -23.76 4.34 64.10
C ILE D 150 -22.34 4.67 64.56
N GLU D 151 -21.66 5.52 63.80
CA GLU D 151 -20.25 5.78 64.00
C GLU D 151 -20.03 6.71 65.19
N ALA D 152 -18.77 6.78 65.64
CA ALA D 152 -18.40 7.59 66.78
C ALA D 152 -18.22 9.07 66.43
N THR D 153 -18.31 9.43 65.15
CA THR D 153 -18.25 10.82 64.73
C THR D 153 -19.58 11.54 64.90
N ASP D 154 -20.63 10.83 65.28
CA ASP D 154 -21.90 11.45 65.59
C ASP D 154 -21.77 12.30 66.86
N PRO D 155 -22.41 13.47 66.90
CA PRO D 155 -22.31 14.30 68.12
C PRO D 155 -23.03 13.72 69.32
N LEU D 156 -24.23 13.19 69.15
CA LEU D 156 -24.98 12.59 70.26
C LEU D 156 -24.72 11.09 70.38
N PHE D 157 -23.44 10.73 70.38
CA PHE D 157 -23.01 9.34 70.43
C PHE D 157 -22.54 8.99 71.84
N ASP D 158 -22.97 7.84 72.33
CA ASP D 158 -22.48 7.27 73.58
C ASP D 158 -22.44 5.76 73.43
N ARG D 159 -21.40 5.15 74.02
CA ARG D 159 -21.18 3.72 73.85
C ARG D 159 -22.27 2.88 74.49
N SER D 160 -22.85 3.36 75.59
CA SER D 160 -23.96 2.66 76.23
C SER D 160 -25.31 3.08 75.69
N ARG D 161 -25.50 4.38 75.44
CA ARG D 161 -26.82 4.88 75.02
C ARG D 161 -27.14 4.46 73.58
N THR D 162 -26.15 4.47 72.70
CA THR D 162 -26.35 4.02 71.33
C THR D 162 -26.64 2.52 71.28
N SER D 163 -25.96 1.74 72.11
CA SER D 163 -26.23 0.31 72.21
C SER D 163 -27.62 0.04 72.76
N GLN D 164 -28.05 0.83 73.74
CA GLN D 164 -29.40 0.69 74.29
C GLN D 164 -30.46 1.07 73.27
N PHE D 165 -30.21 2.11 72.47
CA PHE D 165 -31.14 2.49 71.42
C PHE D 165 -31.24 1.42 70.33
N LEU D 166 -30.10 0.86 69.93
CA LEU D 166 -30.09 -0.19 68.92
C LEU D 166 -30.75 -1.47 69.45
N ARG D 167 -30.60 -1.76 70.74
CA ARG D 167 -31.32 -2.87 71.35
C ARG D 167 -32.82 -2.58 71.43
N SER D 168 -33.20 -1.31 71.60
CA SER D 168 -34.58 -0.91 71.56
C SER D 168 -35.16 -0.94 70.15
N LEU D 169 -34.32 -1.00 69.11
CA LEU D 169 -34.77 -1.19 67.74
C LEU D 169 -35.07 -2.67 67.41
N ASN D 170 -35.00 -3.56 68.41
CA ASN D 170 -35.22 -5.01 68.33
C ASN D 170 -34.36 -5.69 67.27
N PRO D 171 -33.05 -5.77 67.47
CA PRO D 171 -32.17 -6.38 66.45
C PRO D 171 -31.95 -7.87 66.67
N MET D 172 -31.09 -8.46 65.85
CA MET D 172 -30.61 -9.82 66.10
C MET D 172 -29.43 -9.85 67.07
N GLN D 173 -28.46 -8.95 66.89
CA GLN D 173 -27.27 -8.93 67.73
C GLN D 173 -26.64 -7.55 67.68
N VAL D 174 -26.31 -6.99 68.85
CA VAL D 174 -25.60 -5.73 68.97
C VAL D 174 -24.16 -6.01 69.37
N SER D 175 -23.21 -5.51 68.58
CA SER D 175 -21.80 -5.66 68.85
C SER D 175 -21.14 -4.29 68.88
N GLU D 176 -20.45 -3.99 69.98
CA GLU D 176 -19.67 -2.75 70.07
C GLU D 176 -18.39 -2.94 69.28
N VAL D 177 -18.33 -2.34 68.10
CA VAL D 177 -17.25 -2.60 67.16
C VAL D 177 -16.06 -1.71 67.53
N ALA D 178 -14.86 -2.25 67.35
CA ALA D 178 -13.62 -1.57 67.72
C ALA D 178 -12.89 -1.09 66.47
N TYR D 179 -11.79 -0.38 66.70
CA TYR D 179 -10.94 0.13 65.63
C TYR D 179 -10.30 -1.00 64.83
N CYS E 26 17.14 -3.38 17.58
CA CYS E 26 16.18 -4.46 17.77
C CYS E 26 15.46 -4.79 16.47
N HIS E 27 15.14 -3.73 15.70
CA HIS E 27 14.41 -3.85 14.44
C HIS E 27 15.20 -4.62 13.37
N GLN E 28 16.30 -4.01 12.89
CA GLN E 28 17.29 -4.63 12.01
C GLN E 28 16.70 -5.21 10.72
N ASP E 29 15.83 -4.46 10.05
CA ASP E 29 15.17 -5.02 8.85
C ASP E 29 15.92 -4.67 7.57
N MET E 30 15.97 -3.38 7.23
CA MET E 30 16.64 -2.93 6.02
C MET E 30 17.82 -2.05 6.35
N TYR E 31 18.42 -2.26 7.53
CA TYR E 31 19.49 -1.39 8.00
C TYR E 31 20.78 -1.69 7.25
N ASP E 32 21.06 -2.97 7.02
CA ASP E 32 22.23 -3.44 6.27
C ASP E 32 21.69 -4.38 5.20
N GLN E 33 21.43 -3.83 4.01
CA GLN E 33 20.74 -4.56 2.98
C GLN E 33 21.70 -5.46 2.20
N GLN E 34 21.11 -6.35 1.40
CA GLN E 34 21.88 -7.30 0.61
C GLN E 34 22.59 -6.64 -0.56
N LYS E 35 22.09 -5.49 -1.03
CA LYS E 35 22.75 -4.74 -2.09
C LYS E 35 24.09 -4.22 -1.61
N TYR E 36 25.01 -4.05 -2.54
CA TYR E 36 26.35 -3.59 -2.22
C TYR E 36 26.42 -2.07 -2.35
N THR E 37 26.94 -1.42 -1.32
CA THR E 37 27.02 0.03 -1.25
C THR E 37 28.36 0.41 -1.93
N THR E 38 28.81 1.66 -1.81
CA THR E 38 29.95 2.14 -2.61
C THR E 38 31.25 1.44 -2.22
N TYR E 39 31.58 1.42 -0.94
CA TYR E 39 32.80 0.79 -0.48
C TYR E 39 32.51 -0.38 0.46
N GLU E 40 31.43 -1.10 0.19
CA GLU E 40 31.07 -2.25 1.01
C GLU E 40 32.02 -3.40 0.72
N PRO E 41 32.53 -4.09 1.75
CA PRO E 41 33.37 -5.26 1.49
C PRO E 41 32.55 -6.43 0.98
N SER E 42 33.21 -7.29 0.20
CA SER E 42 32.54 -8.44 -0.40
C SER E 42 33.46 -9.65 -0.33
N SER E 43 32.89 -10.80 0.02
CA SER E 43 33.62 -12.06 0.02
C SER E 43 33.59 -12.75 -1.33
N PHE E 44 32.89 -12.19 -2.31
CA PHE E 44 32.82 -12.79 -3.63
C PHE E 44 34.13 -12.63 -4.40
N PHE E 45 34.83 -11.53 -4.19
CA PHE E 45 36.03 -11.20 -4.95
C PHE E 45 37.28 -11.53 -4.14
N ALA E 46 38.40 -11.65 -4.87
CA ALA E 46 39.65 -12.12 -4.26
C ALA E 46 40.27 -11.07 -3.36
N ASP E 47 40.14 -9.79 -3.68
CA ASP E 47 40.73 -8.73 -2.87
C ASP E 47 39.81 -8.26 -1.76
N GLY E 48 38.67 -8.90 -1.57
CA GLY E 48 37.76 -8.56 -0.48
C GLY E 48 37.10 -7.20 -0.58
N ARG E 49 36.63 -6.83 -1.76
CA ARG E 49 36.09 -5.49 -1.99
C ARG E 49 35.09 -5.55 -3.13
N SER E 50 33.88 -5.04 -2.90
CA SER E 50 32.87 -5.03 -3.95
C SER E 50 33.12 -3.93 -4.97
N SER E 51 33.90 -2.92 -4.63
CA SER E 51 34.25 -1.87 -5.58
C SER E 51 35.29 -2.40 -6.56
N ARG E 52 34.96 -2.38 -7.84
CA ARG E 52 35.83 -2.97 -8.84
C ARG E 52 36.68 -1.92 -9.53
N PRO E 53 37.94 -2.24 -9.83
CA PRO E 53 38.82 -1.27 -10.50
C PRO E 53 38.44 -1.08 -11.96
N ASN E 54 39.11 -0.13 -12.58
CA ASN E 54 38.88 0.16 -13.99
C ASN E 54 39.40 -0.99 -14.87
N VAL E 55 38.61 -1.35 -15.86
CA VAL E 55 39.06 -2.33 -16.86
C VAL E 55 40.17 -1.70 -17.70
N PRO E 56 41.31 -2.36 -17.90
CA PRO E 56 42.40 -1.73 -18.64
C PRO E 56 42.12 -1.59 -20.13
N GLY E 57 41.85 -0.36 -20.57
CA GLY E 57 41.63 -0.08 -21.97
C GLY E 57 40.20 0.30 -22.31
N THR E 58 39.50 0.91 -21.37
CA THR E 58 38.11 1.30 -21.58
C THR E 58 37.92 2.78 -21.27
N THR E 59 36.86 3.35 -21.84
CA THR E 59 36.48 4.74 -21.63
C THR E 59 34.98 4.82 -21.47
N PRO E 60 34.48 5.79 -20.69
CA PRO E 60 33.01 5.92 -20.55
C PRO E 60 32.33 6.44 -21.81
N PHE E 61 31.01 6.57 -21.75
CA PHE E 61 30.24 7.01 -22.90
C PHE E 61 30.47 8.49 -23.16
N GLU E 62 30.78 8.81 -24.42
CA GLU E 62 31.01 10.18 -24.92
C GLU E 62 32.16 10.87 -24.19
N VAL E 63 33.14 10.11 -23.73
CA VAL E 63 34.35 10.64 -23.10
C VAL E 63 35.51 10.21 -24.00
N VAL E 64 35.89 11.08 -24.91
CA VAL E 64 36.84 10.74 -25.96
C VAL E 64 38.25 10.98 -25.44
N LYS E 65 39.19 10.14 -25.90
CA LYS E 65 40.58 10.20 -25.47
C LYS E 65 41.53 10.46 -26.63
N THR E 66 41.03 11.03 -27.73
CA THR E 66 41.84 11.20 -28.94
C THR E 66 42.89 12.29 -28.79
N ASP E 67 42.59 13.34 -28.02
CA ASP E 67 43.57 14.39 -27.77
C ASP E 67 44.63 13.87 -26.82
N GLU E 68 45.78 13.49 -27.38
CA GLU E 68 46.87 12.97 -26.55
C GLU E 68 47.48 14.05 -25.68
N PHE E 69 47.48 15.30 -26.15
CA PHE E 69 48.02 16.39 -25.34
C PHE E 69 47.11 16.72 -24.16
N LEU E 70 45.82 16.40 -24.26
CA LEU E 70 44.90 16.66 -23.15
C LEU E 70 45.11 15.67 -22.00
N TYR E 71 45.53 14.44 -22.31
CA TYR E 71 45.64 13.40 -21.30
C TYR E 71 47.07 13.04 -20.92
N THR E 72 48.06 13.49 -21.69
CA THR E 72 49.45 13.37 -21.28
C THR E 72 50.21 14.55 -21.86
N GLY E 73 51.39 14.81 -21.30
CA GLY E 73 52.21 15.90 -21.77
C GLY E 73 53.14 15.55 -22.91
N LEU E 74 53.02 14.35 -23.47
CA LEU E 74 53.92 13.89 -24.53
C LEU E 74 53.20 13.96 -25.87
N ILE E 75 53.89 14.51 -26.86
CA ILE E 75 53.40 14.57 -28.24
C ILE E 75 54.29 13.80 -29.19
N ASP E 76 55.59 14.11 -29.20
CA ASP E 76 56.54 13.46 -30.10
C ASP E 76 57.74 12.90 -29.34
N GLY E 77 57.59 12.65 -28.03
CA GLY E 77 58.68 12.17 -27.22
C GLY E 77 59.42 13.23 -26.45
N GLN E 78 58.96 14.48 -26.47
CA GLN E 78 59.62 15.56 -25.76
C GLN E 78 58.55 16.48 -25.16
N GLU E 79 59.00 17.44 -24.37
CA GLU E 79 58.10 18.39 -23.74
C GLU E 79 57.58 19.39 -24.76
N VAL E 80 56.42 19.97 -24.46
CA VAL E 80 55.68 20.79 -25.40
C VAL E 80 55.72 22.28 -25.02
N ASP E 81 55.54 22.58 -23.73
CA ASP E 81 55.36 23.95 -23.19
C ASP E 81 54.19 24.65 -23.88
N ALA E 82 53.00 24.08 -23.69
CA ALA E 82 51.79 24.61 -24.32
C ALA E 82 50.61 24.22 -23.45
N MET E 83 49.40 24.51 -23.95
CA MET E 83 48.16 24.21 -23.25
C MET E 83 47.11 23.80 -24.26
N PRO E 84 46.29 22.78 -23.95
CA PRO E 84 45.24 22.37 -24.90
C PRO E 84 44.11 23.38 -25.06
N PHE E 85 43.94 24.30 -24.10
CA PHE E 85 42.89 25.30 -24.17
C PHE E 85 43.44 26.62 -23.66
N PRO E 86 42.91 27.75 -24.10
CA PRO E 86 43.37 29.05 -23.58
C PRO E 86 43.00 29.26 -22.12
N VAL E 87 43.79 30.08 -21.45
CA VAL E 87 43.64 30.31 -20.02
C VAL E 87 42.44 31.23 -19.78
N THR E 88 41.79 31.04 -18.63
CA THR E 88 40.60 31.77 -18.25
C THR E 88 40.74 32.11 -16.78
N LYS E 89 40.12 33.22 -16.34
CA LYS E 89 40.17 33.59 -14.93
C LYS E 89 39.44 32.57 -14.05
N ASP E 90 38.32 32.03 -14.54
CA ASP E 90 37.62 30.97 -13.81
C ASP E 90 38.46 29.70 -13.76
N LEU E 91 39.18 29.39 -14.85
CA LEU E 91 40.07 28.24 -14.87
C LEU E 91 41.23 28.43 -13.90
N LEU E 92 41.76 29.65 -13.80
CA LEU E 92 42.83 29.94 -12.86
C LEU E 92 42.34 29.89 -11.42
N LEU E 93 41.09 30.30 -11.16
CA LEU E 93 40.54 30.16 -9.81
C LEU E 93 40.31 28.71 -9.44
N ARG E 94 39.86 27.89 -10.40
CA ARG E 94 39.73 26.46 -10.18
C ARG E 94 41.09 25.81 -9.94
N GLY E 95 42.11 26.26 -10.67
CA GLY E 95 43.46 25.76 -10.44
C GLY E 95 44.01 26.17 -9.09
N GLN E 96 43.69 27.39 -8.63
CA GLN E 96 44.08 27.82 -7.29
C GLN E 96 43.40 26.97 -6.22
N LEU E 97 42.11 26.66 -6.42
CA LEU E 97 41.38 25.82 -5.47
C LEU E 97 41.94 24.40 -5.42
N LYS E 98 42.22 23.82 -6.59
CA LYS E 98 42.76 22.46 -6.62
C LYS E 98 44.21 22.41 -6.14
N TYR E 99 44.97 23.49 -6.34
CA TYR E 99 46.30 23.59 -5.76
C TYR E 99 46.24 23.65 -4.24
N ASN E 100 45.29 24.41 -3.70
CA ASN E 100 45.15 24.52 -2.25
C ASN E 100 44.64 23.21 -1.65
N ILE E 101 43.86 22.44 -2.41
CA ILE E 101 43.38 21.15 -1.91
C ILE E 101 44.50 20.11 -1.95
N TYR E 102 45.11 19.91 -3.12
CA TYR E 102 45.94 18.74 -3.36
C TYR E 102 47.43 19.01 -3.32
N CYS E 103 47.87 20.23 -3.60
CA CYS E 103 49.29 20.48 -3.82
C CYS E 103 49.94 21.37 -2.77
N ALA E 104 49.16 22.22 -2.09
CA ALA E 104 49.73 23.15 -1.12
C ALA E 104 50.01 22.52 0.23
N VAL E 105 49.67 21.25 0.40
CA VAL E 105 49.96 20.56 1.67
C VAL E 105 51.46 20.36 1.83
N CYS E 106 52.16 20.00 0.74
CA CYS E 106 53.60 19.80 0.77
C CYS E 106 54.37 20.99 0.19
N HIS E 107 53.98 21.45 -0.99
CA HIS E 107 54.70 22.54 -1.65
C HIS E 107 54.41 23.91 -1.06
N GLY E 108 53.40 24.03 -0.21
CA GLY E 108 53.03 25.30 0.36
C GLY E 108 52.05 26.08 -0.50
N GLU E 109 51.40 27.07 0.13
CA GLU E 109 50.45 27.91 -0.59
C GLU E 109 51.16 28.84 -1.57
N ALA E 110 52.29 29.42 -1.14
CA ALA E 110 53.08 30.27 -2.02
C ALA E 110 53.98 29.50 -2.97
N GLY E 111 54.17 28.20 -2.72
CA GLY E 111 54.96 27.38 -3.61
C GLY E 111 56.44 27.31 -3.32
N TYR E 112 56.87 27.72 -2.13
CA TYR E 112 58.27 27.74 -1.78
C TYR E 112 58.77 26.42 -1.20
N GLY E 113 57.90 25.42 -1.08
CA GLY E 113 58.31 24.13 -0.55
C GLY E 113 58.42 24.06 0.95
N ALA E 114 57.99 25.09 1.67
CA ALA E 114 58.05 25.11 3.13
C ALA E 114 56.67 24.76 3.68
N SER E 115 56.58 23.64 4.38
CA SER E 115 55.32 23.18 4.94
C SER E 115 55.58 22.25 6.11
N MET E 116 54.51 21.91 6.82
CA MET E 116 54.61 21.04 7.97
C MET E 116 54.93 19.60 7.58
N VAL E 117 54.59 19.20 6.36
CA VAL E 117 54.96 17.87 5.88
C VAL E 117 56.47 17.77 5.69
N ALA E 118 57.08 18.80 5.11
CA ALA E 118 58.52 18.83 4.97
C ALA E 118 59.22 19.06 6.30
N GLU E 119 58.56 19.73 7.24
CA GLU E 119 59.14 19.93 8.56
C GLU E 119 59.17 18.63 9.36
N ARG E 120 58.04 17.90 9.37
CA ARG E 120 57.96 16.67 10.16
C ARG E 120 58.77 15.55 9.53
N GLY E 121 58.65 15.38 8.21
CA GLY E 121 59.36 14.30 7.55
C GLY E 121 60.55 14.76 6.72
N GLY E 122 60.91 13.98 5.71
CA GLY E 122 62.01 14.30 4.84
C GLY E 122 61.59 14.53 3.40
N ILE E 123 60.48 15.25 3.23
CA ILE E 123 59.92 15.47 1.89
C ILE E 123 60.78 16.42 1.08
N VAL E 124 60.91 17.66 1.61
CA VAL E 124 61.72 18.71 0.95
C VAL E 124 61.25 18.82 -0.51
N PRO E 125 60.04 19.35 -0.81
CA PRO E 125 59.60 19.35 -2.21
C PRO E 125 60.24 20.48 -3.01
N ALA E 126 60.08 20.37 -4.32
CA ALA E 126 60.76 21.29 -5.23
C ALA E 126 60.12 22.67 -5.20
N ASN E 127 60.96 23.70 -5.13
CA ASN E 127 60.50 25.08 -5.18
C ASN E 127 60.17 25.45 -6.62
N PHE E 128 58.97 25.99 -6.83
CA PHE E 128 58.56 26.39 -8.17
C PHE E 128 59.27 27.65 -8.66
N HIS E 129 59.88 28.40 -7.75
CA HIS E 129 60.51 29.68 -8.08
C HIS E 129 62.01 29.55 -8.28
N GLN E 130 62.53 28.33 -8.37
CA GLN E 130 63.90 28.12 -8.82
C GLN E 130 63.96 28.20 -10.34
N GLN E 131 65.18 28.21 -10.87
CA GLN E 131 65.38 28.39 -12.31
C GLN E 131 64.88 27.18 -13.10
N ARG E 132 65.11 25.97 -12.59
CA ARG E 132 64.76 24.75 -13.30
C ARG E 132 63.25 24.60 -13.47
N LEU E 133 62.48 25.00 -12.46
CA LEU E 133 61.02 24.99 -12.57
C LEU E 133 60.46 26.28 -13.14
N ARG E 134 61.26 27.36 -13.19
CA ARG E 134 60.81 28.58 -13.85
C ARG E 134 60.85 28.43 -15.37
N GLU E 135 61.91 27.81 -15.89
CA GLU E 135 61.97 27.48 -17.31
C GLU E 135 61.48 26.07 -17.61
N ALA E 136 60.58 25.54 -16.79
CA ALA E 136 60.00 24.21 -17.02
C ALA E 136 58.74 24.32 -17.86
N PRO E 137 58.54 23.37 -18.77
CA PRO E 137 57.35 23.40 -19.63
C PRO E 137 56.06 23.07 -18.88
N LEU E 138 54.95 23.60 -19.41
CA LEU E 138 53.62 23.27 -18.90
C LEU E 138 53.28 21.80 -19.12
N SER E 139 53.75 21.22 -20.23
CA SER E 139 53.60 19.80 -20.45
C SER E 139 54.38 19.00 -19.41
N HIS E 140 55.56 19.49 -19.02
CA HIS E 140 56.33 18.84 -17.95
C HIS E 140 55.60 18.95 -16.62
N PHE E 141 54.93 20.08 -16.37
CA PHE E 141 54.11 20.21 -15.16
C PHE E 141 52.95 19.21 -15.17
N PHE E 142 52.31 19.02 -16.33
CA PHE E 142 51.24 18.05 -16.44
C PHE E 142 51.75 16.62 -16.24
N VAL E 143 52.94 16.31 -16.78
CA VAL E 143 53.55 15.00 -16.59
C VAL E 143 53.87 14.75 -15.12
N VAL E 144 54.42 15.75 -14.42
CA VAL E 144 54.79 15.52 -13.03
C VAL E 144 53.56 15.50 -12.12
N ILE E 145 52.45 16.13 -12.50
CA ILE E 145 51.22 15.92 -11.74
C ILE E 145 50.65 14.53 -12.00
N THR E 146 50.63 14.10 -13.26
CA THR E 146 49.98 12.84 -13.63
C THR E 146 50.76 11.63 -13.13
N ASN E 147 52.08 11.62 -13.33
CA ASN E 147 52.91 10.46 -13.03
C ASN E 147 53.82 10.65 -11.84
N GLY E 148 54.46 11.81 -11.70
CA GLY E 148 55.35 12.04 -10.58
C GLY E 148 56.80 12.15 -10.98
N VAL E 149 57.68 11.49 -10.23
CA VAL E 149 59.12 11.55 -10.46
C VAL E 149 59.65 10.15 -10.72
N TYR E 150 60.98 10.04 -10.79
CA TYR E 150 61.66 8.77 -11.07
C TYR E 150 61.28 7.69 -10.07
N ARG E 151 61.04 6.49 -10.57
CA ARG E 151 60.65 5.35 -9.75
C ARG E 151 61.89 4.63 -9.25
N GLY E 152 61.71 3.43 -8.71
CA GLY E 152 62.82 2.65 -8.20
C GLY E 152 63.71 2.16 -9.34
N ASP E 153 64.94 2.65 -9.38
CA ASP E 153 65.90 2.21 -10.39
C ASP E 153 66.33 0.76 -10.11
N PRO E 154 66.59 -0.03 -11.16
CA PRO E 154 67.07 -1.40 -10.94
C PRO E 154 68.49 -1.47 -10.37
N GLU E 155 69.28 -0.40 -10.47
CA GLU E 155 70.63 -0.36 -9.95
C GLU E 155 70.70 0.62 -8.79
N ASN E 156 71.29 0.16 -7.68
CA ASN E 156 71.53 0.96 -6.46
C ASN E 156 70.24 1.50 -5.84
N GLY E 157 69.15 0.76 -5.99
CA GLY E 157 67.89 1.13 -5.36
C GLY E 157 67.20 2.30 -6.05
N GLY E 158 66.16 2.79 -5.38
CA GLY E 158 65.41 3.93 -5.87
C GLY E 158 64.09 4.04 -5.15
N TYR E 159 63.48 5.21 -5.29
CA TYR E 159 62.22 5.50 -4.62
C TYR E 159 61.49 6.61 -5.37
N GLN E 160 60.20 6.74 -5.10
CA GLN E 160 59.37 7.80 -5.65
C GLN E 160 58.98 8.76 -4.54
N SER E 161 58.97 10.06 -4.86
CA SER E 161 58.65 11.09 -3.88
C SER E 161 57.41 11.89 -4.24
N MET E 162 57.33 12.38 -5.48
CA MET E 162 56.22 13.22 -5.91
C MET E 162 54.93 12.42 -6.05
N TYR E 163 55.03 11.16 -6.48
CA TYR E 163 54.08 10.07 -6.38
C TYR E 163 52.92 10.16 -7.37
N GLY E 164 52.73 11.28 -8.08
CA GLY E 164 51.68 11.35 -9.08
C GLY E 164 50.27 11.52 -8.54
N TYR E 165 49.42 12.22 -9.29
CA TYR E 165 48.06 12.54 -8.85
C TYR E 165 47.06 12.32 -9.98
N ALA E 166 47.21 11.24 -10.73
CA ALA E 166 46.33 10.97 -11.86
C ALA E 166 44.95 10.50 -11.40
N SER E 167 44.90 9.72 -10.33
CA SER E 167 43.64 9.11 -9.91
C SER E 167 42.72 10.10 -9.21
N ARG E 168 43.27 11.13 -8.57
CA ARG E 168 42.45 12.04 -7.78
C ARG E 168 42.00 13.27 -8.53
N ILE E 169 42.75 13.72 -9.54
CA ILE E 169 42.50 14.99 -10.20
C ILE E 169 42.15 14.74 -11.66
N THR E 170 41.07 15.37 -12.11
CA THR E 170 40.69 15.36 -13.52
C THR E 170 41.76 16.09 -14.33
N PRO E 171 42.11 15.60 -15.54
CA PRO E 171 43.20 16.23 -16.31
C PRO E 171 42.98 17.70 -16.69
N GLU E 172 41.73 18.13 -16.86
CA GLU E 172 41.45 19.56 -17.04
C GLU E 172 41.83 20.33 -15.77
N ASP E 173 41.54 19.77 -14.61
CA ASP E 173 41.94 20.42 -13.35
C ASP E 173 43.45 20.34 -13.14
N ARG E 174 44.12 19.31 -13.68
CA ARG E 174 45.58 19.27 -13.61
C ARG E 174 46.20 20.36 -14.49
N TRP E 175 45.62 20.60 -15.66
CA TRP E 175 46.07 21.71 -16.50
C TRP E 175 45.79 23.06 -15.82
N ALA E 176 44.67 23.16 -15.12
CA ALA E 176 44.38 24.37 -14.34
C ALA E 176 45.38 24.56 -13.19
N ILE E 177 45.81 23.45 -12.57
CA ILE E 177 46.84 23.51 -11.55
C ILE E 177 48.16 23.98 -12.14
N ALA E 178 48.49 23.51 -13.34
CA ALA E 178 49.71 23.96 -14.02
C ALA E 178 49.63 25.45 -14.38
N ALA E 179 48.45 25.92 -14.78
CA ALA E 179 48.26 27.34 -15.03
C ALA E 179 48.41 28.16 -13.76
N TYR E 180 47.93 27.65 -12.63
CA TYR E 180 48.14 28.34 -11.36
C TYR E 180 49.59 28.28 -10.91
N ILE E 181 50.32 27.24 -11.31
CA ILE E 181 51.76 27.17 -11.04
C ILE E 181 52.48 28.27 -11.81
N ARG E 182 52.08 28.48 -13.07
CA ARG E 182 52.62 29.60 -13.86
C ARG E 182 52.24 30.95 -13.24
N ALA E 183 51.02 31.04 -12.70
CA ALA E 183 50.60 32.26 -12.01
C ALA E 183 51.41 32.53 -10.76
N LEU E 184 51.73 31.48 -9.99
CA LEU E 184 52.56 31.64 -8.79
C LEU E 184 53.99 31.98 -9.16
N GLN E 185 54.50 31.44 -10.27
CA GLN E 185 55.83 31.78 -10.74
C GLN E 185 55.89 33.23 -11.20
N LEU E 186 54.82 33.74 -11.81
CA LEU E 186 54.76 35.17 -12.09
C LEU E 186 54.59 35.99 -10.81
N SER E 187 53.92 35.43 -9.80
CA SER E 187 53.72 36.12 -8.53
C SER E 187 55.04 36.34 -7.80
N GLN E 188 55.92 35.34 -7.79
CA GLN E 188 57.18 35.43 -7.07
C GLN E 188 58.33 35.83 -7.97
N ASN E 189 58.07 36.65 -8.99
CA ASN E 189 59.11 37.13 -9.89
C ASN E 189 58.81 38.55 -10.35
N ILE F 11 -58.31 17.93 28.14
CA ILE F 11 -59.44 18.43 27.34
C ILE F 11 -59.42 19.99 27.16
N PRO F 12 -59.14 20.80 28.20
CA PRO F 12 -58.90 22.22 27.90
C PRO F 12 -57.59 22.48 27.19
N GLN F 13 -56.51 21.83 27.63
CA GLN F 13 -55.22 21.96 26.95
C GLN F 13 -55.23 21.29 25.58
N LEU F 14 -55.98 20.18 25.45
CA LEU F 14 -56.14 19.54 24.16
C LEU F 14 -56.91 20.43 23.18
N GLY F 15 -57.96 21.11 23.67
CA GLY F 15 -58.65 22.07 22.83
C GLY F 15 -57.80 23.29 22.50
N GLN F 16 -56.94 23.71 23.42
CA GLN F 16 -56.04 24.84 23.17
C GLN F 16 -55.02 24.50 22.10
N VAL F 17 -54.39 23.32 22.19
CA VAL F 17 -53.45 22.95 21.14
C VAL F 17 -54.18 22.60 19.83
N GLN F 18 -55.44 22.15 19.89
CA GLN F 18 -56.19 21.88 18.67
C GLN F 18 -56.51 23.18 17.92
N MET F 19 -56.94 24.22 18.65
CA MET F 19 -57.20 25.48 17.97
C MET F 19 -55.91 26.18 17.57
N LEU F 20 -54.81 25.96 18.31
CA LEU F 20 -53.51 26.49 17.89
C LEU F 20 -53.04 25.85 16.59
N GLY F 21 -53.19 24.52 16.47
CA GLY F 21 -52.83 23.85 15.23
C GLY F 21 -53.76 24.19 14.08
N LEU F 22 -55.05 24.41 14.37
CA LEU F 22 -55.98 24.84 13.34
C LEU F 22 -55.61 26.24 12.81
N ALA F 23 -55.25 27.15 13.72
CA ALA F 23 -54.83 28.49 13.32
C ALA F 23 -53.52 28.47 12.54
N ALA F 24 -52.55 27.65 12.99
CA ALA F 24 -51.28 27.53 12.28
C ALA F 24 -51.46 26.88 10.92
N ALA F 25 -52.38 25.91 10.81
CA ALA F 25 -52.68 25.28 9.54
C ALA F 25 -53.36 26.26 8.58
N VAL F 26 -54.28 27.08 9.10
CA VAL F 26 -54.95 28.08 8.27
C VAL F 26 -53.94 29.11 7.75
N ILE F 27 -53.05 29.55 8.63
CA ILE F 27 -52.02 30.53 8.24
C ILE F 27 -51.06 29.94 7.20
N GLY F 28 -50.59 28.71 7.44
CA GLY F 28 -49.66 28.07 6.52
C GLY F 28 -50.26 27.76 5.16
N ILE F 29 -51.49 27.25 5.14
CA ILE F 29 -52.18 26.97 3.88
C ILE F 29 -52.51 28.27 3.15
N GLY F 30 -52.86 29.33 3.87
CA GLY F 30 -53.13 30.60 3.22
C GLY F 30 -51.90 31.23 2.58
N VAL F 31 -50.77 31.23 3.29
CA VAL F 31 -49.53 31.76 2.73
C VAL F 31 -49.03 30.88 1.59
N LEU F 32 -49.21 29.56 1.71
CA LEU F 32 -48.82 28.63 0.65
C LEU F 32 -49.67 28.81 -0.60
N ALA F 33 -50.97 29.05 -0.43
CA ALA F 33 -51.84 29.30 -1.58
C ALA F 33 -51.58 30.67 -2.20
N ALA F 34 -51.17 31.65 -1.39
CA ALA F 34 -50.75 32.93 -1.93
C ALA F 34 -49.47 32.79 -2.74
N GLY F 35 -48.53 31.97 -2.28
CA GLY F 35 -47.31 31.73 -3.02
C GLY F 35 -47.47 30.82 -4.23
N TYR F 36 -48.55 30.02 -4.25
CA TYR F 36 -48.83 29.17 -5.40
C TYR F 36 -49.14 29.98 -6.65
N PHE F 37 -49.83 31.12 -6.48
CA PHE F 37 -50.17 31.94 -7.63
C PHE F 37 -48.98 32.72 -8.16
N LEU F 38 -47.92 32.89 -7.38
CA LEU F 38 -46.72 33.56 -7.88
C LEU F 38 -45.67 32.57 -8.38
N SER F 39 -45.63 31.36 -7.82
CA SER F 39 -44.72 30.33 -8.30
C SER F 39 -45.34 28.96 -8.03
N PRO F 40 -46.10 28.44 -8.99
CA PRO F 40 -46.74 27.12 -8.79
C PRO F 40 -45.75 25.97 -8.75
N THR F 41 -44.56 26.12 -9.33
CA THR F 41 -43.51 25.10 -9.17
C THR F 41 -43.03 25.06 -7.74
N SER F 42 -42.66 26.22 -7.19
CA SER F 42 -42.12 26.29 -5.83
C SER F 42 -43.18 25.99 -4.77
N PHE F 43 -44.46 26.14 -5.11
CA PHE F 43 -45.54 25.63 -4.25
C PHE F 43 -45.39 24.14 -3.98
N PHE F 44 -45.24 23.35 -5.05
CA PHE F 44 -45.10 21.90 -4.88
C PHE F 44 -43.73 21.52 -4.34
N GLU F 45 -42.68 22.27 -4.69
CA GLU F 45 -41.36 21.97 -4.12
C GLU F 45 -41.34 22.24 -2.62
N SER F 46 -42.04 23.28 -2.15
CA SER F 46 -42.18 23.48 -0.71
C SER F 46 -43.13 22.49 -0.08
N TYR F 47 -44.15 22.02 -0.83
CA TYR F 47 -45.08 21.05 -0.30
C TYR F 47 -44.43 19.69 -0.06
N ILE F 48 -43.45 19.32 -0.90
CA ILE F 48 -42.69 18.10 -0.67
C ILE F 48 -41.94 18.16 0.65
N TYR F 49 -41.28 19.30 0.91
CA TYR F 49 -40.55 19.49 2.15
C TYR F 49 -41.49 19.56 3.35
N GLY F 50 -42.65 20.17 3.18
CA GLY F 50 -43.64 20.20 4.26
C GLY F 50 -44.21 18.84 4.57
N TYR F 51 -44.41 18.01 3.54
CA TYR F 51 -44.87 16.64 3.75
C TYR F 51 -43.80 15.80 4.44
N TYR F 52 -42.54 15.99 4.05
CA TYR F 52 -41.44 15.27 4.70
C TYR F 52 -41.29 15.67 6.15
N VAL F 53 -41.52 16.94 6.48
CA VAL F 53 -41.51 17.38 7.86
C VAL F 53 -42.69 16.80 8.63
N ALA F 54 -43.89 16.91 8.07
CA ALA F 54 -45.09 16.54 8.79
C ALA F 54 -45.30 15.04 8.89
N MET F 55 -44.58 14.23 8.11
CA MET F 55 -44.65 12.79 8.26
C MET F 55 -43.71 12.25 9.35
N THR F 56 -42.89 13.11 9.95
CA THR F 56 -41.99 12.65 11.01
C THR F 56 -42.77 12.33 12.28
N ILE F 57 -43.90 12.98 12.50
CA ILE F 57 -44.72 12.73 13.69
C ILE F 57 -45.52 11.43 13.58
N PRO F 58 -46.39 11.18 12.59
CA PRO F 58 -47.22 9.97 12.67
C PRO F 58 -46.45 8.67 12.44
N LEU F 59 -45.44 8.70 11.56
CA LEU F 59 -44.60 7.52 11.37
C LEU F 59 -43.80 7.21 12.63
N GLY F 60 -43.27 8.24 13.29
CA GLY F 60 -42.60 8.02 14.56
C GLY F 60 -43.53 7.57 15.68
N CYS F 61 -44.78 8.05 15.68
CA CYS F 61 -45.75 7.58 16.67
C CYS F 61 -46.10 6.11 16.47
N LEU F 62 -46.27 5.68 15.22
CA LEU F 62 -46.48 4.26 14.94
C LEU F 62 -45.25 3.43 15.32
N GLY F 63 -44.06 3.95 15.03
CA GLY F 63 -42.83 3.25 15.36
C GLY F 63 -42.62 3.06 16.86
N PHE F 64 -42.75 4.14 17.65
CA PHE F 64 -42.64 3.96 19.10
C PHE F 64 -43.83 3.25 19.71
N LEU F 65 -45.02 3.29 19.08
CA LEU F 65 -46.12 2.49 19.59
C LEU F 65 -45.78 1.01 19.52
N MET F 66 -45.20 0.58 18.40
CA MET F 66 -44.77 -0.81 18.30
C MET F 66 -43.56 -1.13 19.17
N VAL F 67 -42.62 -0.19 19.31
CA VAL F 67 -41.45 -0.41 20.17
C VAL F 67 -41.86 -0.50 21.64
N GLN F 68 -42.79 0.34 22.10
CA GLN F 68 -43.22 0.25 23.49
C GLN F 68 -44.13 -0.96 23.72
N HIS F 69 -44.82 -1.42 22.68
CA HIS F 69 -45.60 -2.64 22.83
C HIS F 69 -44.69 -3.86 22.97
N LEU F 70 -43.60 -3.89 22.18
CA LEU F 70 -42.64 -4.99 22.31
C LEU F 70 -41.88 -4.92 23.63
N THR F 71 -41.35 -3.74 23.97
CA THR F 71 -40.60 -3.51 25.20
C THR F 71 -41.44 -2.57 26.06
N GLY F 72 -42.15 -3.14 27.03
CA GLY F 72 -43.03 -2.34 27.86
C GLY F 72 -42.26 -1.43 28.80
N GLY F 73 -42.87 -0.30 29.14
CA GLY F 73 -42.22 0.66 30.00
C GLY F 73 -43.21 1.66 30.56
N ALA F 74 -42.78 2.34 31.62
CA ALA F 74 -43.58 3.39 32.23
C ALA F 74 -43.80 4.55 31.27
N TRP F 75 -42.75 4.94 30.54
CA TRP F 75 -42.90 5.93 29.47
C TRP F 75 -43.81 5.42 28.37
N GLY F 76 -43.77 4.11 28.09
CA GLY F 76 -44.61 3.55 27.04
C GLY F 76 -46.09 3.61 27.38
N VAL F 77 -46.45 3.22 28.61
CA VAL F 77 -47.86 3.35 28.98
C VAL F 77 -48.25 4.78 29.27
N THR F 78 -47.28 5.67 29.52
CA THR F 78 -47.63 7.08 29.65
C THR F 78 -47.99 7.71 28.31
N VAL F 79 -47.19 7.43 27.27
CA VAL F 79 -47.36 8.11 25.99
C VAL F 79 -48.06 7.23 24.96
N ARG F 80 -48.55 6.05 25.36
CA ARG F 80 -49.12 5.07 24.42
C ARG F 80 -50.36 5.60 23.70
N ARG F 81 -51.24 6.29 24.42
CA ARG F 81 -52.45 6.80 23.78
C ARG F 81 -52.13 7.99 22.88
N MET F 82 -51.12 8.78 23.24
CA MET F 82 -50.63 9.83 22.34
C MET F 82 -50.03 9.23 21.08
N LEU F 83 -49.32 8.12 21.20
CA LEU F 83 -48.75 7.43 20.04
C LEU F 83 -49.86 6.88 19.15
N GLU F 84 -50.92 6.34 19.76
CA GLU F 84 -52.07 5.87 18.98
C GLU F 84 -52.77 7.01 18.26
N ALA F 85 -52.94 8.15 18.94
CA ALA F 85 -53.57 9.31 18.33
C ALA F 85 -52.72 9.90 17.20
N GLY F 86 -51.40 9.91 17.38
CA GLY F 86 -50.53 10.37 16.32
C GLY F 86 -50.51 9.43 15.12
N ALA F 87 -50.49 8.12 15.38
CA ALA F 87 -50.45 7.14 14.31
C ALA F 87 -51.80 6.98 13.61
N ALA F 88 -52.89 7.41 14.22
CA ALA F 88 -54.20 7.31 13.58
C ALA F 88 -54.43 8.39 12.53
N THR F 89 -53.52 9.35 12.39
CA THR F 89 -53.65 10.40 11.39
C THR F 89 -53.08 10.01 10.03
N LEU F 90 -52.58 8.78 9.89
CA LEU F 90 -51.92 8.31 8.69
C LEU F 90 -52.82 8.09 7.46
N PRO F 91 -54.10 7.70 7.58
CA PRO F 91 -54.97 7.83 6.41
C PRO F 91 -55.15 9.25 5.90
N ILE F 92 -55.15 10.25 6.79
CA ILE F 92 -55.24 11.63 6.33
C ILE F 92 -53.94 12.06 5.65
N MET F 93 -52.81 11.54 6.13
CA MET F 93 -51.54 11.76 5.42
C MET F 93 -51.52 11.07 4.07
N GLY F 94 -52.16 9.90 3.96
CA GLY F 94 -52.33 9.28 2.65
C GLY F 94 -53.21 10.09 1.73
N LEU F 95 -54.22 10.75 2.29
CA LEU F 95 -55.04 11.67 1.50
C LEU F 95 -54.27 12.93 1.12
N LEU F 96 -53.30 13.34 1.94
CA LEU F 96 -52.53 14.54 1.69
C LEU F 96 -51.31 14.32 0.81
N PHE F 97 -50.95 13.05 0.54
CA PHE F 97 -49.92 12.77 -0.47
C PHE F 97 -50.40 13.01 -1.90
N ILE F 98 -51.72 13.16 -2.09
CA ILE F 98 -52.28 13.33 -3.45
C ILE F 98 -51.74 14.54 -4.21
N PRO F 99 -51.50 15.73 -3.61
CA PRO F 99 -50.82 16.79 -4.39
C PRO F 99 -49.44 16.44 -4.93
N ILE F 100 -48.62 15.68 -4.21
CA ILE F 100 -47.32 15.26 -4.73
C ILE F 100 -47.49 14.28 -5.90
N ALA F 101 -48.43 13.35 -5.77
CA ALA F 101 -48.70 12.39 -6.84
C ALA F 101 -49.23 13.09 -8.08
N LEU F 102 -50.11 14.08 -7.91
CA LEU F 102 -50.58 14.86 -9.05
C LEU F 102 -49.47 15.75 -9.62
N GLY F 103 -48.49 16.10 -8.79
CA GLY F 103 -47.32 16.80 -9.29
C GLY F 103 -46.47 15.94 -10.22
N TYR F 104 -46.23 14.68 -9.85
CA TYR F 104 -45.41 13.84 -10.71
C TYR F 104 -46.21 12.99 -11.70
N PHE F 105 -47.53 13.16 -11.77
CA PHE F 105 -48.31 12.50 -12.82
C PHE F 105 -48.22 13.31 -14.12
N ASP F 106 -49.04 12.92 -15.10
CA ASP F 106 -49.10 13.62 -16.38
C ASP F 106 -49.99 14.85 -16.33
N THR F 107 -50.67 15.09 -15.21
CA THR F 107 -51.54 16.25 -15.02
C THR F 107 -50.81 17.46 -14.46
N TYR F 108 -49.48 17.50 -14.60
CA TYR F 108 -48.69 18.63 -14.10
C TYR F 108 -48.96 19.91 -14.89
N LYS F 109 -49.31 19.78 -16.18
CA LYS F 109 -49.52 20.96 -17.02
C LYS F 109 -50.78 21.73 -16.60
N ALA F 110 -51.81 21.02 -16.16
CA ALA F 110 -53.05 21.66 -15.75
C ALA F 110 -52.95 22.35 -14.40
N LEU F 111 -51.88 22.10 -13.65
CA LEU F 111 -51.71 22.63 -12.29
C LEU F 111 -50.68 23.74 -12.22
N GLY F 112 -50.24 24.28 -13.36
CA GLY F 112 -49.33 25.41 -13.40
C GLY F 112 -47.86 25.06 -13.36
N LEU F 113 -47.53 23.84 -12.96
CA LEU F 113 -46.15 23.39 -12.88
C LEU F 113 -45.64 22.99 -14.26
N GLU F 114 -44.56 23.63 -14.70
CA GLU F 114 -44.15 23.57 -16.11
C GLU F 114 -43.38 22.29 -16.44
N HIS F 115 -42.42 21.89 -15.61
CA HIS F 115 -41.73 20.64 -15.83
C HIS F 115 -41.93 19.73 -14.62
N PRO F 116 -42.18 18.43 -14.84
CA PRO F 116 -42.72 17.55 -13.78
C PRO F 116 -41.87 17.46 -12.52
N LEU F 117 -42.55 17.11 -11.43
CA LEU F 117 -42.07 17.37 -10.08
C LEU F 117 -40.82 16.56 -9.74
N TYR F 118 -40.69 15.36 -10.28
CA TYR F 118 -39.50 14.54 -10.10
C TYR F 118 -38.81 14.35 -11.43
N GLU F 119 -37.51 14.06 -11.37
CA GLU F 119 -36.69 13.97 -12.59
C GLU F 119 -37.01 12.72 -13.40
N TRP F 120 -37.58 11.68 -12.78
CA TRP F 120 -37.95 10.47 -13.49
C TRP F 120 -39.36 10.51 -14.05
N ALA F 121 -40.10 11.59 -13.80
CA ALA F 121 -41.39 11.78 -14.45
C ALA F 121 -41.25 12.50 -15.79
N ASN F 122 -40.03 12.88 -16.18
CA ASN F 122 -39.78 13.52 -17.46
C ASN F 122 -39.69 12.46 -18.55
N PRO F 123 -40.57 12.49 -19.56
CA PRO F 123 -40.35 11.62 -20.73
C PRO F 123 -39.07 11.95 -21.49
N GLU F 124 -38.67 13.22 -21.52
CA GLU F 124 -37.42 13.59 -22.18
C GLU F 124 -36.19 13.12 -21.42
N VAL F 125 -36.32 12.77 -20.14
CA VAL F 125 -35.20 12.20 -19.40
C VAL F 125 -35.21 10.67 -19.44
N VAL F 126 -36.38 10.05 -19.24
CA VAL F 126 -36.43 8.59 -19.12
C VAL F 126 -36.69 7.89 -20.44
N THR F 127 -36.87 8.63 -21.54
CA THR F 127 -37.01 7.89 -22.79
C THR F 127 -35.82 8.15 -23.71
N PRO F 128 -35.35 7.14 -24.44
CA PRO F 128 -34.28 7.38 -25.41
C PRO F 128 -34.74 8.24 -26.57
N GLY F 129 -33.81 9.03 -27.09
CA GLY F 129 -34.14 9.98 -28.14
C GLY F 129 -34.77 11.26 -27.66
N GLY F 130 -34.86 11.47 -26.34
CA GLY F 130 -35.45 12.67 -25.80
C GLY F 130 -34.48 13.83 -25.79
N ALA F 131 -34.91 14.92 -25.17
CA ALA F 131 -34.08 16.13 -25.11
C ALA F 131 -32.90 15.94 -24.18
N GLU F 132 -33.13 15.41 -22.98
CA GLU F 132 -32.06 15.21 -22.02
C GLU F 132 -31.49 13.80 -22.10
N PHE F 133 -32.33 12.80 -21.84
CA PHE F 133 -31.98 11.37 -21.84
C PHE F 133 -30.81 11.09 -20.88
N ASP F 134 -31.09 11.26 -19.61
CA ASP F 134 -30.15 10.84 -18.58
C ASP F 134 -30.16 9.32 -18.51
N PRO F 135 -29.04 8.65 -18.77
CA PRO F 135 -29.07 7.17 -18.83
C PRO F 135 -29.23 6.51 -17.47
N ILE F 136 -28.82 7.15 -16.39
CA ILE F 136 -28.98 6.56 -15.06
C ILE F 136 -30.46 6.57 -14.65
N ILE F 137 -31.12 7.71 -14.85
CA ILE F 137 -32.54 7.82 -14.57
C ILE F 137 -33.36 6.95 -15.53
N ALA F 138 -32.90 6.83 -16.78
CA ALA F 138 -33.56 5.93 -17.71
C ALA F 138 -33.30 4.47 -17.35
N HIS F 139 -32.21 4.18 -16.65
CA HIS F 139 -31.98 2.84 -16.14
C HIS F 139 -32.95 2.51 -15.02
N LYS F 140 -33.31 3.51 -14.20
CA LYS F 140 -34.29 3.26 -13.15
C LYS F 140 -35.73 3.52 -13.59
N VAL F 141 -36.04 3.38 -14.87
CA VAL F 141 -37.37 3.74 -15.39
C VAL F 141 -38.51 2.83 -14.89
N PRO F 142 -38.37 1.48 -14.59
CA PRO F 142 -39.54 0.82 -13.99
C PRO F 142 -39.72 1.17 -12.52
N TRP F 143 -38.62 1.18 -11.77
CA TRP F 143 -38.70 1.42 -10.33
C TRP F 143 -39.07 2.86 -10.01
N LEU F 144 -38.41 3.82 -10.67
CA LEU F 144 -38.73 5.23 -10.50
C LEU F 144 -39.63 5.64 -11.66
N SER F 145 -40.88 5.24 -11.57
CA SER F 145 -41.95 5.65 -12.46
C SER F 145 -43.11 6.14 -11.61
N PRO F 146 -43.96 7.04 -12.14
CA PRO F 146 -45.12 7.50 -11.35
C PRO F 146 -46.06 6.40 -10.91
N LEU F 147 -46.32 5.41 -11.78
CA LEU F 147 -47.25 4.33 -11.45
C LEU F 147 -46.69 3.44 -10.35
N TRP F 148 -45.42 3.04 -10.47
CA TRP F 148 -44.80 2.17 -9.47
C TRP F 148 -44.60 2.90 -8.15
N VAL F 149 -44.21 4.18 -8.20
CA VAL F 149 -44.01 4.95 -6.97
C VAL F 149 -45.34 5.18 -6.26
N THR F 150 -46.40 5.50 -7.01
CA THR F 150 -47.72 5.67 -6.42
C THR F 150 -48.25 4.37 -5.83
N ALA F 151 -48.03 3.24 -6.52
CA ALA F 151 -48.44 1.94 -6.00
C ALA F 151 -47.68 1.58 -4.72
N ARG F 152 -46.37 1.85 -4.69
CA ARG F 152 -45.57 1.55 -3.51
C ARG F 152 -45.98 2.40 -2.31
N ILE F 153 -46.16 3.71 -2.53
CA ILE F 153 -46.52 4.59 -1.42
C ILE F 153 -47.96 4.34 -0.97
N ALA F 154 -48.86 3.93 -1.88
CA ALA F 154 -50.21 3.57 -1.49
C ALA F 154 -50.24 2.27 -0.69
N ILE F 155 -49.40 1.30 -1.08
CA ILE F 155 -49.27 0.07 -0.30
C ILE F 155 -48.70 0.37 1.09
N PHE F 156 -47.76 1.31 1.17
CA PHE F 156 -47.18 1.71 2.44
C PHE F 156 -48.23 2.40 3.32
N PHE F 157 -49.09 3.22 2.72
CA PHE F 157 -50.19 3.86 3.43
C PHE F 157 -51.19 2.82 3.95
N ILE F 158 -51.49 1.81 3.13
CA ILE F 158 -52.39 0.73 3.54
C ILE F 158 -51.81 -0.04 4.72
N ILE F 159 -50.50 -0.32 4.68
CA ILE F 159 -49.82 -1.04 5.76
C ILE F 159 -49.84 -0.22 7.04
N TRP F 160 -49.47 1.06 6.95
CA TRP F 160 -49.45 1.94 8.12
C TRP F 160 -50.84 2.14 8.71
N SER F 161 -51.84 2.34 7.85
CA SER F 161 -53.20 2.58 8.32
C SER F 161 -53.79 1.34 8.99
N ALA F 162 -53.62 0.17 8.36
CA ALA F 162 -54.12 -1.07 8.95
C ALA F 162 -53.42 -1.39 10.27
N LEU F 163 -52.10 -1.15 10.33
CA LEU F 163 -51.33 -1.41 11.54
C LEU F 163 -51.76 -0.50 12.69
N ALA F 164 -51.84 0.82 12.41
CA ALA F 164 -52.20 1.77 13.46
C ALA F 164 -53.66 1.61 13.89
N LEU F 165 -54.56 1.36 12.95
CA LEU F 165 -55.96 1.19 13.30
C LEU F 165 -56.19 -0.10 14.08
N THR F 166 -55.46 -1.17 13.74
CA THR F 166 -55.58 -2.42 14.50
C THR F 166 -55.03 -2.27 15.91
N LEU F 167 -53.87 -1.60 16.06
CA LEU F 167 -53.30 -1.38 17.39
C LEU F 167 -54.19 -0.48 18.25
N ARG F 168 -54.74 0.59 17.66
CA ARG F 168 -55.64 1.48 18.38
C ARG F 168 -56.95 0.80 18.74
N ALA F 169 -57.48 -0.03 17.83
CA ALA F 169 -58.73 -0.74 18.11
C ALA F 169 -58.54 -1.79 19.19
N TRP F 170 -57.40 -2.47 19.19
CA TRP F 170 -57.12 -3.45 20.25
C TRP F 170 -56.91 -2.77 21.59
N SER F 171 -56.29 -1.59 21.60
CA SER F 171 -56.13 -0.84 22.85
C SER F 171 -57.47 -0.32 23.37
N ARG F 172 -58.35 0.13 22.47
CA ARG F 172 -59.67 0.60 22.89
C ARG F 172 -60.54 -0.55 23.36
N GLN F 173 -60.42 -1.72 22.72
CA GLN F 173 -61.15 -2.91 23.17
C GLN F 173 -60.63 -3.37 24.52
N GLN F 174 -59.32 -3.25 24.76
CA GLN F 174 -58.74 -3.58 26.06
C GLN F 174 -59.23 -2.62 27.14
N ASP F 175 -59.40 -1.35 26.79
CA ASP F 175 -59.92 -0.38 27.76
C ASP F 175 -61.40 -0.63 28.04
N ALA F 176 -62.17 -0.99 27.00
CA ALA F 176 -63.62 -1.11 27.16
C ALA F 176 -64.00 -2.45 27.79
N GLY F 177 -63.73 -3.55 27.11
CA GLY F 177 -64.13 -4.85 27.60
C GLY F 177 -63.33 -6.00 27.04
N GLY F 178 -62.81 -6.86 27.91
CA GLY F 178 -62.01 -7.98 27.48
C GLY F 178 -60.84 -8.23 28.41
N ASP F 179 -60.08 -9.31 28.16
CA ASP F 179 -58.93 -9.62 28.99
C ASP F 179 -57.76 -8.72 28.64
N ALA F 180 -57.21 -8.06 29.66
CA ALA F 180 -56.09 -7.14 29.43
C ALA F 180 -54.82 -7.90 29.09
N LYS F 181 -54.62 -9.07 29.68
CA LYS F 181 -53.43 -9.87 29.38
C LYS F 181 -53.53 -10.51 28.00
N LYS F 182 -54.73 -10.95 27.61
CA LYS F 182 -54.89 -11.57 26.29
C LYS F 182 -54.81 -10.53 25.18
N LEU F 183 -55.38 -9.35 25.40
CA LEU F 183 -55.26 -8.27 24.41
C LEU F 183 -54.06 -7.37 24.72
N ALA F 184 -52.94 -8.00 24.97
CA ALA F 184 -51.61 -7.41 25.00
C ALA F 184 -50.62 -8.25 24.21
N THR F 185 -50.75 -9.57 24.26
CA THR F 185 -49.92 -10.46 23.45
C THR F 185 -50.22 -10.29 21.96
N ARG F 186 -51.48 -10.01 21.63
CA ARG F 186 -51.87 -9.79 20.23
C ARG F 186 -51.21 -8.55 19.66
N MET F 187 -51.25 -7.44 20.41
CA MET F 187 -50.59 -6.23 19.93
C MET F 187 -49.08 -6.32 20.06
N ARG F 188 -48.55 -7.15 20.95
CA ARG F 188 -47.11 -7.40 20.98
C ARG F 188 -46.65 -8.18 19.75
N ARG F 189 -47.42 -9.17 19.32
CA ARG F 189 -47.07 -9.93 18.11
C ARG F 189 -47.22 -9.07 16.86
N LEU F 190 -48.30 -8.28 16.80
CA LEU F 190 -48.50 -7.36 15.68
C LEU F 190 -47.39 -6.31 15.64
N SER F 191 -46.94 -5.86 16.80
CA SER F 191 -45.82 -4.94 16.85
C SER F 191 -44.52 -5.61 16.46
N GLY F 192 -44.36 -6.89 16.78
CA GLY F 192 -43.15 -7.60 16.41
C GLY F 192 -42.99 -7.76 14.91
N ILE F 193 -44.07 -8.08 14.21
CA ILE F 193 -43.97 -8.11 12.75
C ILE F 193 -43.96 -6.68 12.17
N GLY F 194 -44.63 -5.75 12.85
CA GLY F 194 -44.75 -4.39 12.36
C GLY F 194 -43.51 -3.55 12.47
N VAL F 195 -42.60 -3.87 13.40
CA VAL F 195 -41.32 -3.15 13.44
C VAL F 195 -40.51 -3.43 12.18
N ALA F 196 -40.43 -4.69 11.76
CA ALA F 196 -39.71 -5.02 10.53
C ALA F 196 -40.40 -4.44 9.31
N LEU F 197 -41.73 -4.57 9.25
CA LEU F 197 -42.49 -3.98 8.13
C LEU F 197 -42.34 -2.47 8.11
N PHE F 198 -42.35 -1.84 9.28
CA PHE F 198 -42.19 -0.39 9.42
C PHE F 198 -40.81 0.07 8.97
N VAL F 199 -39.76 -0.68 9.34
CA VAL F 199 -38.40 -0.28 8.98
C VAL F 199 -38.21 -0.32 7.47
N ILE F 200 -38.59 -1.44 6.83
CA ILE F 200 -38.41 -1.54 5.38
C ILE F 200 -39.36 -0.59 4.64
N THR F 201 -40.56 -0.38 5.17
CA THR F 201 -41.57 0.45 4.52
C THR F 201 -41.20 1.93 4.60
N VAL F 202 -40.77 2.39 5.77
CA VAL F 202 -40.37 3.79 5.95
C VAL F 202 -39.08 4.08 5.21
N THR F 203 -38.14 3.13 5.16
CA THR F 203 -36.92 3.33 4.37
C THR F 203 -37.22 3.48 2.88
N PHE F 204 -38.12 2.64 2.34
CA PHE F 204 -38.43 2.76 0.93
C PHE F 204 -39.32 3.98 0.63
N PHE F 205 -40.17 4.37 1.58
CA PHE F 205 -40.96 5.61 1.44
C PHE F 205 -40.05 6.83 1.42
N SER F 206 -39.06 6.87 2.33
CA SER F 206 -38.10 7.96 2.36
C SER F 206 -37.26 8.00 1.10
N PHE F 207 -36.90 6.82 0.59
CA PHE F 207 -36.22 6.71 -0.71
C PHE F 207 -37.05 7.36 -1.81
N ASP F 208 -38.24 6.81 -2.05
CA ASP F 208 -39.09 7.22 -3.18
C ASP F 208 -39.61 8.65 -3.05
N VAL F 209 -39.62 9.23 -1.86
CA VAL F 209 -40.06 10.62 -1.72
C VAL F 209 -38.90 11.59 -1.78
N ALA F 210 -37.83 11.37 -1.00
CA ALA F 210 -36.76 12.34 -0.89
C ALA F 210 -35.58 12.06 -1.83
N MET F 211 -35.05 10.83 -1.83
CA MET F 211 -33.89 10.53 -2.67
C MET F 211 -34.24 10.38 -4.14
N SER F 212 -35.51 10.22 -4.47
CA SER F 212 -35.90 10.10 -5.86
C SER F 212 -36.01 11.46 -6.55
N LEU F 213 -35.79 12.56 -5.82
CA LEU F 213 -35.66 13.87 -6.44
C LEU F 213 -34.41 13.93 -7.31
N ASP F 214 -33.28 13.47 -6.78
CA ASP F 214 -32.02 13.37 -7.54
C ASP F 214 -31.64 11.91 -7.66
N PRO F 215 -31.95 11.26 -8.77
CA PRO F 215 -31.59 9.85 -8.94
C PRO F 215 -30.11 9.59 -9.20
N HIS F 216 -29.29 10.63 -9.37
CA HIS F 216 -27.86 10.43 -9.56
C HIS F 216 -27.14 9.97 -8.30
N TRP F 217 -27.76 10.13 -7.14
CA TRP F 217 -27.11 9.91 -5.86
C TRP F 217 -27.94 8.93 -5.04
N PHE F 218 -27.29 7.92 -4.47
CA PHE F 218 -27.97 6.95 -3.64
C PHE F 218 -27.24 6.78 -2.31
N SER F 219 -28.02 6.48 -1.29
CA SER F 219 -27.49 6.24 0.05
C SER F 219 -28.36 5.20 0.73
N THR F 220 -27.74 4.20 1.33
CA THR F 220 -28.45 3.11 1.98
C THR F 220 -28.72 3.36 3.45
N ILE F 221 -27.95 4.23 4.11
CA ILE F 221 -28.25 4.65 5.48
C ILE F 221 -29.38 5.68 5.50
N TYR F 222 -29.71 6.25 4.35
CA TYR F 222 -30.87 7.09 4.19
C TYR F 222 -32.13 6.26 4.42
N GLY F 223 -33.17 6.90 4.92
CA GLY F 223 -34.36 6.14 5.30
C GLY F 223 -34.31 5.68 6.74
N ALA F 224 -33.21 5.03 7.13
CA ALA F 224 -32.97 4.76 8.54
C ALA F 224 -32.50 6.02 9.27
N HIS F 225 -31.75 6.88 8.56
CA HIS F 225 -31.49 8.22 9.07
C HIS F 225 -32.77 9.02 9.20
N TYR F 226 -33.70 8.85 8.25
CA TYR F 226 -35.01 9.46 8.37
C TYR F 226 -35.81 8.85 9.52
N MET F 227 -35.61 7.56 9.80
CA MET F 227 -36.25 6.94 10.95
C MET F 227 -35.74 7.54 12.26
N ALA F 228 -34.43 7.76 12.37
CA ALA F 228 -33.88 8.42 13.56
C ALA F 228 -34.35 9.87 13.66
N ASN F 229 -34.44 10.56 12.53
CA ASN F 229 -34.94 11.93 12.47
C ASN F 229 -36.40 12.01 12.94
N ALA F 230 -37.24 11.10 12.42
CA ALA F 230 -38.65 11.05 12.78
C ALA F 230 -38.83 10.64 14.23
N GLY F 231 -37.98 9.73 14.72
CA GLY F 231 -38.05 9.33 16.11
C GLY F 231 -37.71 10.44 17.07
N LEU F 232 -36.66 11.21 16.76
CA LEU F 232 -36.30 12.36 17.59
C LEU F 232 -37.38 13.44 17.54
N MET F 233 -37.94 13.68 16.34
CA MET F 233 -38.98 14.67 16.17
C MET F 233 -40.24 14.33 16.98
N THR F 234 -40.70 13.09 16.88
CA THR F 234 -41.88 12.73 17.65
C THR F 234 -41.59 12.50 19.12
N LEU F 235 -40.33 12.26 19.50
CA LEU F 235 -40.02 12.19 20.94
C LEU F 235 -40.06 13.56 21.58
N ALA F 236 -39.50 14.57 20.91
CA ALA F 236 -39.62 15.93 21.40
C ALA F 236 -41.07 16.44 21.33
N PHE F 237 -41.81 15.97 20.33
CA PHE F 237 -43.25 16.22 20.25
C PHE F 237 -43.99 15.62 21.45
N LEU F 238 -43.62 14.40 21.84
CA LEU F 238 -44.22 13.75 22.99
C LEU F 238 -43.88 14.49 24.28
N ALA F 239 -42.65 15.00 24.38
CA ALA F 239 -42.26 15.79 25.55
C ALA F 239 -43.05 17.09 25.65
N LEU F 240 -43.26 17.77 24.52
CA LEU F 240 -44.06 19.00 24.51
C LEU F 240 -45.51 18.73 24.88
N MET F 241 -46.12 17.68 24.30
CA MET F 241 -47.51 17.37 24.60
C MET F 241 -47.68 16.86 26.03
N MET F 242 -46.69 16.12 26.52
CA MET F 242 -46.70 15.62 27.90
C MET F 242 -46.57 16.77 28.89
N SER F 243 -45.80 17.80 28.54
CA SER F 243 -45.78 19.01 29.35
C SER F 243 -47.11 19.75 29.29
N ARG F 244 -47.80 19.69 28.14
CA ARG F 244 -49.06 20.40 28.02
C ARG F 244 -50.19 19.73 28.80
N VAL F 245 -50.21 18.39 28.87
CA VAL F 245 -51.32 17.68 29.49
C VAL F 245 -50.99 17.21 30.92
N ARG F 246 -50.00 17.84 31.56
CA ARG F 246 -49.56 17.41 32.89
C ARG F 246 -50.59 17.68 33.98
N ASP F 247 -51.60 18.52 33.71
CA ASP F 247 -52.72 18.76 34.64
C ASP F 247 -53.98 18.34 33.90
N ALA F 248 -54.31 17.05 33.97
CA ALA F 248 -55.48 16.53 33.28
C ALA F 248 -56.26 15.50 34.10
N ALA F 249 -55.96 15.38 35.39
CA ALA F 249 -56.61 14.50 36.37
C ALA F 249 -56.51 13.02 36.02
N LEU F 250 -55.62 12.64 35.10
CA LEU F 250 -55.32 11.24 34.82
C LEU F 250 -53.82 11.03 34.93
N PHE F 251 -53.05 12.04 34.54
CA PHE F 251 -51.61 12.02 34.69
C PHE F 251 -51.15 12.57 36.04
N ARG F 252 -52.06 13.17 36.81
CA ARG F 252 -51.70 13.65 38.14
C ARG F 252 -51.60 12.53 39.14
N GLU F 253 -52.37 11.45 38.96
CA GLU F 253 -52.43 10.35 39.91
C GLU F 253 -51.52 9.19 39.54
N TYR F 254 -51.43 8.84 38.26
CA TYR F 254 -50.75 7.62 37.85
C TYR F 254 -49.37 7.85 37.25
N VAL F 255 -49.00 9.10 36.95
CA VAL F 255 -47.77 9.40 36.23
C VAL F 255 -46.87 10.24 37.14
N SER F 256 -45.63 9.79 37.30
CA SER F 256 -44.62 10.44 38.14
C SER F 256 -43.49 10.93 37.25
N VAL F 257 -42.39 11.35 37.90
CA VAL F 257 -41.26 11.91 37.16
C VAL F 257 -40.43 10.88 36.42
N LYS F 258 -40.65 9.59 36.66
CA LYS F 258 -39.86 8.56 35.99
C LYS F 258 -40.22 8.36 34.51
N PRO F 259 -41.49 8.43 34.08
CA PRO F 259 -41.74 8.54 32.62
C PRO F 259 -41.14 9.79 31.98
N ILE F 260 -41.12 10.92 32.69
CA ILE F 260 -40.47 12.13 32.16
C ILE F 260 -38.98 11.92 32.00
N HIS F 261 -38.35 11.28 32.99
CA HIS F 261 -36.93 10.96 32.92
C HIS F 261 -36.62 9.99 31.78
N ASP F 262 -37.49 8.99 31.59
CA ASP F 262 -37.31 8.03 30.50
C ASP F 262 -37.48 8.69 29.13
N ILE F 263 -38.46 9.60 29.02
CA ILE F 263 -38.67 10.33 27.77
C ILE F 263 -37.48 11.23 27.45
N GLY F 264 -36.94 11.93 28.47
CA GLY F 264 -35.76 12.74 28.24
C GLY F 264 -34.53 11.93 27.90
N LYS F 265 -34.37 10.76 28.51
CA LYS F 265 -33.27 9.87 28.17
C LYS F 265 -33.40 9.34 26.74
N LEU F 266 -34.64 9.03 26.32
CA LEU F 266 -34.87 8.61 24.94
C LEU F 266 -34.58 9.73 23.94
N ILE F 267 -34.94 10.97 24.30
CA ILE F 267 -34.66 12.12 23.45
C ILE F 267 -33.16 12.34 23.32
N PHE F 268 -32.42 12.24 24.43
CA PHE F 268 -30.97 12.39 24.39
C PHE F 268 -30.31 11.28 23.59
N ALA F 269 -30.77 10.04 23.79
CA ALA F 269 -30.24 8.89 23.07
C ALA F 269 -30.50 8.99 21.57
N PHE F 270 -31.66 9.50 21.18
CA PHE F 270 -31.91 9.57 19.74
C PHE F 270 -31.43 10.86 19.11
N THR F 271 -31.09 11.89 19.89
CA THR F 271 -30.26 12.97 19.38
C THR F 271 -28.86 12.45 19.04
N VAL F 272 -28.29 11.64 19.93
CA VAL F 272 -27.00 10.99 19.66
C VAL F 272 -27.12 10.04 18.48
N LEU F 273 -28.24 9.33 18.37
CA LEU F 273 -28.45 8.42 17.25
C LEU F 273 -28.61 9.17 15.92
N TRP F 274 -29.30 10.31 15.92
CA TRP F 274 -29.45 11.10 14.70
C TRP F 274 -28.11 11.66 14.24
N THR F 275 -27.31 12.21 15.16
CA THR F 275 -26.01 12.71 14.73
C THR F 275 -25.06 11.57 14.37
N TYR F 276 -25.30 10.37 14.89
CA TYR F 276 -24.56 9.19 14.45
C TYR F 276 -24.89 8.83 13.02
N MET F 277 -26.18 8.76 12.67
CA MET F 277 -26.56 8.42 11.31
C MET F 277 -26.22 9.51 10.31
N SER F 278 -26.14 10.77 10.75
CA SER F 278 -25.67 11.83 9.86
C SER F 278 -24.16 11.77 9.67
N TYR F 279 -23.41 11.60 10.78
CA TYR F 279 -21.95 11.62 10.69
C TYR F 279 -21.40 10.39 10.00
N GLY F 280 -22.05 9.22 10.13
CA GLY F 280 -21.57 8.04 9.45
C GLY F 280 -21.64 8.17 7.94
N GLN F 281 -22.76 8.67 7.44
CA GLN F 281 -22.92 8.97 6.01
C GLN F 281 -21.93 10.02 5.55
N LEU F 282 -21.75 11.08 6.36
CA LEU F 282 -20.83 12.14 5.99
C LEU F 282 -19.39 11.66 5.93
N VAL F 283 -18.94 10.88 6.91
CA VAL F 283 -17.55 10.43 6.91
C VAL F 283 -17.33 9.36 5.85
N ILE F 284 -18.36 8.57 5.52
CA ILE F 284 -18.20 7.55 4.47
C ILE F 284 -18.06 8.22 3.10
N ILE F 285 -18.94 9.19 2.81
CA ILE F 285 -18.88 9.90 1.53
C ILE F 285 -17.65 10.80 1.46
N TRP F 286 -17.24 11.41 2.58
CA TRP F 286 -16.09 12.31 2.60
C TRP F 286 -14.78 11.55 2.44
N SER F 287 -14.63 10.42 3.16
CA SER F 287 -13.39 9.66 3.08
C SER F 287 -13.30 8.85 1.79
N GLY F 288 -14.40 8.25 1.37
CA GLY F 288 -14.40 7.61 0.05
C GLY F 288 -14.79 8.62 -1.00
N ASP F 289 -13.79 9.21 -1.64
CA ASP F 289 -14.01 10.36 -2.54
C ASP F 289 -14.44 9.85 -3.92
N VAL F 290 -15.69 9.41 -3.99
CA VAL F 290 -16.29 8.92 -5.22
C VAL F 290 -17.25 9.99 -5.73
N ALA F 291 -17.16 10.30 -7.02
CA ALA F 291 -17.97 11.36 -7.60
C ALA F 291 -19.43 10.99 -7.79
N GLU F 292 -19.82 9.75 -7.50
CA GLU F 292 -21.23 9.38 -7.47
C GLU F 292 -21.92 9.84 -6.19
N PHE F 293 -21.15 10.16 -5.14
CA PHE F 293 -21.71 10.49 -3.83
C PHE F 293 -21.40 11.89 -3.35
N THR F 294 -20.23 12.43 -3.67
CA THR F 294 -19.79 13.75 -3.25
C THR F 294 -20.61 14.97 -3.74
N PRO F 295 -21.34 14.94 -4.88
CA PRO F 295 -22.23 16.08 -5.19
C PRO F 295 -23.33 16.36 -4.18
N TRP F 296 -23.75 15.37 -3.39
CA TRP F 296 -24.73 15.63 -2.34
C TRP F 296 -24.19 16.61 -1.31
N TYR F 297 -22.99 16.34 -0.79
CA TYR F 297 -22.41 17.25 0.19
C TYR F 297 -21.84 18.51 -0.45
N VAL F 298 -21.54 18.48 -1.75
CA VAL F 298 -21.22 19.72 -2.46
C VAL F 298 -22.44 20.63 -2.50
N HIS F 299 -23.61 20.08 -2.84
CA HIS F 299 -24.84 20.86 -2.86
C HIS F 299 -25.28 21.28 -1.46
N ARG F 300 -24.96 20.48 -0.44
CA ARG F 300 -25.29 20.80 0.93
C ARG F 300 -24.20 21.60 1.63
N THR F 301 -23.15 21.99 0.90
CA THR F 301 -22.12 22.89 1.41
C THR F 301 -22.05 24.21 0.67
N GLN F 302 -22.26 24.21 -0.65
CA GLN F 302 -22.11 25.41 -1.45
C GLN F 302 -23.27 26.38 -1.21
N HIS F 303 -23.00 27.66 -1.49
CA HIS F 303 -23.98 28.77 -1.47
C HIS F 303 -24.66 28.91 -0.11
N GLY F 304 -23.86 28.94 0.94
CA GLY F 304 -24.37 29.23 2.26
C GLY F 304 -24.96 28.06 3.01
N TRP F 305 -25.05 26.87 2.41
CA TRP F 305 -25.57 25.72 3.11
C TRP F 305 -24.58 25.16 4.14
N VAL F 306 -23.31 25.55 4.04
CA VAL F 306 -22.33 25.18 5.07
C VAL F 306 -22.67 25.86 6.40
N PHE F 307 -23.31 27.03 6.36
CA PHE F 307 -23.74 27.69 7.58
C PHE F 307 -24.88 26.92 8.25
N VAL F 308 -25.79 26.37 7.45
CA VAL F 308 -26.87 25.55 7.99
C VAL F 308 -26.33 24.23 8.52
N ALA F 309 -25.31 23.67 7.85
CA ALA F 309 -24.65 22.47 8.35
C ALA F 309 -23.92 22.73 9.67
N LEU F 310 -23.27 23.88 9.80
CA LEU F 310 -22.63 24.24 11.06
C LEU F 310 -23.64 24.53 12.16
N ALA F 311 -24.79 25.11 11.80
CA ALA F 311 -25.87 25.29 12.77
C ALA F 311 -26.46 23.96 13.21
N LEU F 312 -26.49 22.96 12.32
CA LEU F 312 -26.92 21.63 12.71
C LEU F 312 -25.88 20.95 13.59
N MET F 313 -24.60 21.23 13.37
CA MET F 313 -23.57 20.72 14.27
C MET F 313 -23.67 21.37 15.66
N LEU F 314 -23.95 22.66 15.70
CA LEU F 314 -23.89 23.41 16.95
C LEU F 314 -25.18 23.37 17.76
N PHE F 315 -26.34 23.46 17.12
CA PHE F 315 -27.61 23.61 17.83
C PHE F 315 -28.47 22.35 17.81
N ALA F 316 -28.22 21.40 16.91
CA ALA F 316 -28.98 20.16 16.91
C ALA F 316 -28.24 19.01 17.60
N PHE F 317 -26.92 19.08 17.73
CA PHE F 317 -26.17 18.09 18.48
C PHE F 317 -25.46 18.69 19.69
N ALA F 318 -24.66 19.74 19.51
CA ALA F 318 -23.79 20.22 20.57
C ALA F 318 -24.56 20.90 21.70
N LEU F 319 -25.66 21.55 21.38
CA LEU F 319 -26.50 22.12 22.44
C LEU F 319 -27.42 21.10 23.12
N PRO F 320 -28.21 20.25 22.42
CA PRO F 320 -29.03 19.29 23.17
C PRO F 320 -28.23 18.17 23.81
N PHE F 321 -27.05 17.83 23.28
CA PHE F 321 -26.20 16.84 23.91
C PHE F 321 -25.71 17.32 25.27
N PHE F 322 -25.42 18.62 25.39
CA PHE F 322 -24.91 19.15 26.64
C PHE F 322 -26.00 19.56 27.61
N VAL F 323 -27.17 20.01 27.12
CA VAL F 323 -28.26 20.33 28.05
C VAL F 323 -29.10 19.12 28.40
N LEU F 324 -28.99 18.02 27.66
CA LEU F 324 -29.66 16.77 27.99
C LEU F 324 -28.73 15.78 28.66
N LEU F 325 -27.52 16.20 29.00
CA LEU F 325 -26.60 15.32 29.72
C LEU F 325 -26.78 15.44 31.23
N PHE F 326 -27.50 16.44 31.69
CA PHE F 326 -27.74 16.68 33.09
C PHE F 326 -29.03 16.01 33.52
N ARG F 327 -29.06 15.55 34.78
CA ARG F 327 -30.20 14.80 35.28
C ARG F 327 -31.41 15.69 35.49
N GLY F 328 -31.21 16.91 35.97
CA GLY F 328 -32.32 17.78 36.33
C GLY F 328 -33.06 18.38 35.15
N THR F 329 -32.42 18.47 33.99
CA THR F 329 -33.07 19.09 32.84
C THR F 329 -34.02 18.15 32.11
N LYS F 330 -33.95 16.84 32.39
CA LYS F 330 -34.92 15.90 31.85
C LYS F 330 -35.90 15.40 32.90
N ARG F 331 -35.64 15.65 34.18
CA ARG F 331 -36.61 15.39 35.24
C ARG F 331 -37.66 16.48 35.36
N ASN F 332 -37.45 17.64 34.75
CA ASN F 332 -38.38 18.75 34.80
C ASN F 332 -39.09 18.89 33.46
N LEU F 333 -40.43 18.95 33.50
CA LEU F 333 -41.21 19.04 32.27
C LEU F 333 -41.07 20.40 31.59
N ASN F 334 -40.87 21.47 32.34
CA ASN F 334 -40.71 22.79 31.73
C ASN F 334 -39.40 22.89 30.96
N THR F 335 -38.30 22.45 31.58
CA THR F 335 -37.01 22.45 30.88
C THR F 335 -37.00 21.44 29.74
N LEU F 336 -37.66 20.29 29.93
CA LEU F 336 -37.76 19.31 28.85
C LEU F 336 -38.59 19.84 27.69
N ALA F 337 -39.64 20.62 27.98
CA ALA F 337 -40.45 21.20 26.92
C ALA F 337 -39.70 22.29 26.16
N THR F 338 -38.91 23.10 26.87
CA THR F 338 -38.10 24.12 26.21
C THR F 338 -37.03 23.48 25.32
N ILE F 339 -36.36 22.44 25.83
CA ILE F 339 -35.37 21.71 25.05
C ILE F 339 -36.04 21.01 23.86
N ALA F 340 -37.26 20.50 24.04
CA ALA F 340 -37.98 19.83 22.97
C ALA F 340 -38.43 20.81 21.89
N GLY F 341 -38.80 22.03 22.29
CA GLY F 341 -39.12 23.06 21.30
C GLY F 341 -37.90 23.47 20.49
N TRP F 342 -36.76 23.62 21.16
CA TRP F 342 -35.52 23.90 20.43
C TRP F 342 -35.14 22.74 19.52
N ILE F 343 -35.41 21.51 19.96
CA ILE F 343 -35.09 20.33 19.17
C ILE F 343 -35.98 20.26 17.93
N VAL F 344 -37.29 20.51 18.06
CA VAL F 344 -38.15 20.44 16.87
C VAL F 344 -37.88 21.60 15.91
N VAL F 345 -37.43 22.76 16.43
CA VAL F 345 -36.94 23.82 15.55
C VAL F 345 -35.71 23.34 14.78
N MET F 346 -34.79 22.65 15.47
CA MET F 346 -33.60 22.16 14.79
C MET F 346 -33.91 21.00 13.85
N ARG F 347 -34.99 20.25 14.08
CA ARG F 347 -35.37 19.22 13.11
C ARG F 347 -35.99 19.84 11.88
N PHE F 348 -36.73 20.96 12.05
CA PHE F 348 -37.16 21.74 10.90
C PHE F 348 -35.97 22.22 10.08
N VAL F 349 -34.93 22.71 10.75
CA VAL F 349 -33.71 23.14 10.07
C VAL F 349 -33.00 21.95 9.40
N ASP F 350 -33.05 20.77 10.04
CA ASP F 350 -32.37 19.59 9.49
C ASP F 350 -33.06 19.07 8.24
N MET F 351 -34.39 18.98 8.26
CA MET F 351 -35.09 18.62 7.03
C MET F 351 -34.99 19.71 5.97
N ALA F 352 -34.82 20.97 6.37
CA ALA F 352 -34.54 22.03 5.40
C ALA F 352 -33.20 21.79 4.71
N TRP F 353 -32.16 21.50 5.50
CA TRP F 353 -30.84 21.22 4.96
C TRP F 353 -30.81 19.93 4.13
N ILE F 354 -31.73 19.00 4.39
CA ILE F 354 -31.77 17.76 3.63
C ILE F 354 -32.54 17.95 2.32
N ILE F 355 -33.69 18.60 2.36
CA ILE F 355 -34.60 18.62 1.21
C ILE F 355 -34.39 19.86 0.35
N LEU F 356 -34.30 21.04 0.97
CA LEU F 356 -34.28 22.29 0.21
C LEU F 356 -33.04 22.53 -0.68
N PRO F 357 -31.84 21.96 -0.47
CA PRO F 357 -30.82 22.04 -1.53
C PRO F 357 -31.20 21.38 -2.84
N GLU F 358 -32.19 20.49 -2.87
CA GLU F 358 -32.61 19.89 -4.13
C GLU F 358 -33.41 20.84 -5.01
N PHE F 359 -33.92 21.94 -4.46
CA PHE F 359 -34.69 22.90 -5.23
C PHE F 359 -34.06 24.27 -5.30
N ARG F 360 -33.61 24.81 -4.18
CA ARG F 360 -33.26 26.23 -4.08
C ARG F 360 -31.88 26.55 -4.61
N GLU F 361 -30.88 25.70 -4.30
CA GLU F 361 -29.48 25.86 -4.80
C GLU F 361 -28.71 26.94 -4.04
N HIS F 362 -29.40 27.81 -3.29
CA HIS F 362 -28.79 28.88 -2.54
C HIS F 362 -29.53 29.03 -1.22
N LEU F 363 -28.81 29.53 -0.20
CA LEU F 363 -29.46 29.80 1.08
C LEU F 363 -30.41 30.98 0.97
N TRP F 364 -30.06 31.98 0.16
CA TRP F 364 -30.89 33.17 0.00
C TRP F 364 -32.01 32.97 -1.01
N ASP F 365 -32.10 31.79 -1.63
CA ASP F 365 -33.17 31.48 -2.58
C ASP F 365 -34.37 30.83 -1.90
N ILE F 366 -34.34 30.70 -0.57
CA ILE F 366 -35.45 30.11 0.17
C ILE F 366 -36.63 31.07 0.17
N ALA F 367 -37.80 30.56 -0.23
CA ALA F 367 -39.00 31.39 -0.33
C ALA F 367 -39.77 31.36 0.99
N ILE F 368 -40.89 32.09 1.03
CA ILE F 368 -41.76 32.05 2.19
C ILE F 368 -42.68 30.83 2.14
N THR F 369 -42.83 30.20 0.98
CA THR F 369 -43.58 28.96 0.89
C THR F 369 -42.86 27.82 1.59
N ASP F 370 -41.52 27.86 1.60
CA ASP F 370 -40.72 26.84 2.26
C ASP F 370 -40.87 26.86 3.78
N VAL F 371 -41.34 27.96 4.36
CA VAL F 371 -41.66 27.96 5.78
C VAL F 371 -43.17 27.87 6.00
N ALA F 372 -43.98 28.26 5.01
CA ALA F 372 -45.43 28.17 5.16
C ALA F 372 -45.92 26.73 5.10
N ALA F 373 -45.37 25.93 4.19
CA ALA F 373 -45.84 24.54 4.02
C ALA F 373 -45.60 23.64 5.23
N PRO F 374 -44.40 23.55 5.82
CA PRO F 374 -44.26 22.64 6.99
C PRO F 374 -44.97 23.14 8.23
N ILE F 375 -45.03 24.46 8.46
CA ILE F 375 -45.73 24.99 9.63
C ILE F 375 -47.22 24.72 9.54
N GLY F 376 -47.82 24.98 8.37
CA GLY F 376 -49.23 24.71 8.20
C GLY F 376 -49.57 23.23 8.22
N LEU F 377 -48.71 22.41 7.62
CA LEU F 377 -49.04 20.98 7.56
C LEU F 377 -48.79 20.31 8.91
N ILE F 378 -47.81 20.79 9.69
CA ILE F 378 -47.66 20.28 11.05
C ILE F 378 -48.73 20.86 11.96
N GLY F 379 -49.33 22.00 11.62
CA GLY F 379 -50.51 22.45 12.34
C GLY F 379 -51.71 21.55 12.08
N LEU F 380 -51.84 21.07 10.85
CA LEU F 380 -52.84 20.05 10.54
C LEU F 380 -52.59 18.77 11.32
N VAL F 381 -51.30 18.37 11.43
CA VAL F 381 -50.92 17.20 12.23
C VAL F 381 -51.28 17.40 13.69
N ILE F 382 -51.01 18.60 14.22
CA ILE F 382 -51.36 18.98 15.61
C ILE F 382 -52.86 18.85 15.85
N ALA F 383 -53.67 19.40 14.94
CA ALA F 383 -55.12 19.39 15.10
C ALA F 383 -55.70 17.98 15.00
N LEU F 384 -55.20 17.17 14.06
CA LEU F 384 -55.68 15.80 13.92
C LEU F 384 -55.27 14.94 15.11
N PHE F 385 -54.04 15.13 15.62
CA PHE F 385 -53.60 14.40 16.80
C PHE F 385 -54.40 14.78 18.03
N ALA F 386 -54.71 16.07 18.19
CA ALA F 386 -55.49 16.52 19.34
C ALA F 386 -56.93 16.01 19.26
N ALA F 387 -57.52 16.01 18.06
CA ALA F 387 -58.86 15.46 17.90
C ALA F 387 -58.90 13.96 18.13
N ASN F 388 -57.82 13.25 17.79
CA ASN F 388 -57.78 11.81 18.03
C ASN F 388 -57.53 11.48 19.51
N VAL F 389 -56.73 12.29 20.21
CA VAL F 389 -56.48 12.00 21.62
C VAL F 389 -57.63 12.51 22.50
N GLN F 390 -58.49 13.38 21.98
CA GLN F 390 -59.68 13.77 22.72
C GLN F 390 -60.75 12.68 22.75
N GLN F 391 -60.63 11.65 21.91
CA GLN F 391 -61.63 10.60 21.81
C GLN F 391 -61.38 9.44 22.76
N ALA F 392 -60.28 9.45 23.49
CA ALA F 392 -59.85 8.32 24.31
C ALA F 392 -59.28 8.84 25.62
N PRO F 393 -59.28 8.01 26.66
CA PRO F 393 -58.50 8.35 27.86
C PRO F 393 -57.01 8.41 27.55
N LEU F 394 -56.30 9.23 28.32
CA LEU F 394 -54.89 9.52 28.03
C LEU F 394 -53.95 8.37 28.39
N LEU F 395 -54.42 7.34 29.10
CA LEU F 395 -53.54 6.27 29.50
C LEU F 395 -54.29 4.95 29.64
N PRO F 396 -53.67 3.83 29.27
CA PRO F 396 -54.36 2.53 29.34
C PRO F 396 -54.52 2.00 30.76
N LEU F 397 -55.62 2.37 31.41
CA LEU F 397 -55.87 1.96 32.79
C LEU F 397 -55.99 0.44 32.93
N ARG F 398 -56.65 -0.21 31.97
CA ARG F 398 -56.83 -1.66 32.02
C ARG F 398 -55.75 -2.34 31.18
N ASP F 399 -54.52 -2.22 31.65
CA ASP F 399 -53.35 -2.78 30.99
C ASP F 399 -52.51 -3.56 31.97
N PRO F 400 -51.89 -4.67 31.53
CA PRO F 400 -50.93 -5.37 32.41
C PRO F 400 -49.72 -4.54 32.78
N ASN F 401 -49.28 -3.63 31.92
CA ASN F 401 -48.12 -2.79 32.16
C ASN F 401 -48.46 -1.53 32.94
N MET F 402 -49.64 -1.48 33.57
CA MET F 402 -49.99 -0.37 34.45
C MET F 402 -49.16 -0.37 35.73
N GLU F 403 -48.63 -1.53 36.13
CA GLU F 403 -47.81 -1.64 37.33
C GLU F 403 -46.47 -0.94 37.16
N GLN F 404 -46.01 -0.74 35.93
CA GLN F 404 -44.76 -0.02 35.69
C GLN F 404 -44.88 1.47 36.00
N LEU F 405 -46.09 2.01 36.05
CA LEU F 405 -46.29 3.40 36.45
C LEU F 405 -46.19 3.60 37.95
N GLN F 406 -46.32 2.54 38.74
CA GLN F 406 -46.19 2.66 40.19
C GLN F 406 -44.74 2.89 40.60
N ASN F 407 -43.79 2.39 39.81
CA ASN F 407 -42.35 2.50 40.01
C ASN F 407 -41.87 1.98 41.37
N LEU G 32 -0.69 7.24 53.56
CA LEU G 32 0.18 8.27 54.10
C LEU G 32 0.90 9.00 52.98
N SER G 33 0.79 10.33 52.98
CA SER G 33 1.40 11.15 51.94
C SER G 33 2.91 11.21 52.03
N ARG G 34 3.47 11.00 53.24
CA ARG G 34 4.92 11.05 53.40
C ARG G 34 5.59 9.87 52.69
N LEU G 35 4.96 8.70 52.71
CA LEU G 35 5.49 7.57 51.97
C LEU G 35 5.35 7.78 50.46
N MET G 36 4.30 8.47 50.02
CA MET G 36 4.18 8.87 48.62
C MET G 36 5.30 9.82 48.21
N ILE G 37 5.64 10.77 49.08
CA ILE G 37 6.71 11.72 48.82
C ILE G 37 8.07 11.02 48.77
N ALA G 38 8.30 10.09 49.70
CA ALA G 38 9.57 9.34 49.71
C ALA G 38 9.69 8.42 48.50
N GLY G 39 8.59 7.78 48.09
CA GLY G 39 8.62 6.96 46.88
C GLY G 39 8.82 7.78 45.63
N LEU G 40 8.23 8.98 45.58
CA LEU G 40 8.44 9.89 44.46
C LEU G 40 9.89 10.37 44.41
N MET G 41 10.49 10.63 45.57
CA MET G 41 11.90 11.03 45.61
C MET G 41 12.82 9.90 45.15
N VAL G 42 12.52 8.67 45.56
CA VAL G 42 13.29 7.50 45.11
C VAL G 42 13.14 7.31 43.61
N PHE G 43 11.91 7.46 43.09
CA PHE G 43 11.66 7.34 41.65
C PHE G 43 12.37 8.42 40.87
N LEU G 44 12.39 9.66 41.39
CA LEU G 44 13.06 10.77 40.73
C LEU G 44 14.58 10.56 40.72
N VAL G 45 15.16 10.10 41.83
CA VAL G 45 16.60 9.86 41.90
C VAL G 45 17.00 8.74 40.95
N LEU G 46 16.23 7.65 40.93
CA LEU G 46 16.52 6.54 40.03
C LEU G 46 16.34 6.92 38.57
N SER G 47 15.37 7.79 38.27
CA SER G 47 15.16 8.24 36.91
C SER G 47 16.27 9.17 36.43
N LEU G 48 16.76 10.05 37.31
CA LEU G 48 17.92 10.88 36.94
C LEU G 48 19.19 10.05 36.77
N VAL G 49 19.35 8.99 37.56
CA VAL G 49 20.47 8.06 37.32
C VAL G 49 20.31 7.36 35.97
N VAL G 50 19.08 6.99 35.60
CA VAL G 50 18.84 6.36 34.31
C VAL G 50 19.14 7.33 33.15
N LEU G 51 18.71 8.58 33.27
CA LEU G 51 18.98 9.60 32.25
C LEU G 51 20.48 9.88 32.11
N LEU G 52 21.19 9.96 33.25
CA LEU G 52 22.63 10.19 33.21
C LEU G 52 23.37 8.98 32.63
N ALA G 53 22.87 7.76 32.87
CA ALA G 53 23.47 6.58 32.26
C ALA G 53 23.14 6.51 30.77
N GLY G 54 22.04 7.11 30.36
CA GLY G 54 21.78 7.25 28.94
C GLY G 54 22.72 8.22 28.26
N ARG G 55 23.11 9.28 28.98
CA ARG G 55 24.12 10.21 28.49
C ARG G 55 25.52 9.90 29.04
N LEU G 56 25.76 8.66 29.46
CA LEU G 56 27.00 8.26 30.13
C LEU G 56 28.26 8.40 29.27
N PRO G 57 28.29 8.03 27.95
CA PRO G 57 29.45 8.44 27.15
C PRO G 57 29.39 9.94 26.86
N PHE G 58 30.18 10.73 27.56
CA PHE G 58 30.20 12.16 27.36
C PHE G 58 30.99 12.49 26.09
N THR G 59 30.88 13.74 25.67
CA THR G 59 31.64 14.21 24.51
C THR G 59 33.11 14.25 24.88
N PRO G 60 34.00 13.58 24.13
CA PRO G 60 35.41 13.51 24.51
C PRO G 60 36.11 14.86 24.40
N GLN G 61 37.12 15.04 25.25
CA GLN G 61 37.91 16.26 25.31
C GLN G 61 39.33 15.91 24.90
N PRO G 62 39.67 16.08 23.63
CA PRO G 62 41.04 15.79 23.18
C PRO G 62 42.03 16.81 23.72
N ALA G 63 43.29 16.38 23.82
CA ALA G 63 44.35 17.27 24.24
C ALA G 63 44.64 18.29 23.15
N PRO G 64 44.84 19.56 23.51
CA PRO G 64 45.18 20.57 22.49
C PRO G 64 46.57 20.36 21.93
N VAL G 65 46.76 20.85 20.70
CA VAL G 65 48.04 20.73 20.03
C VAL G 65 49.02 21.73 20.64
N THR G 66 50.11 21.23 21.21
CA THR G 66 51.09 22.05 21.91
C THR G 66 52.33 22.34 21.08
N GLY G 67 52.34 21.97 19.80
CA GLY G 67 53.51 22.17 18.98
C GLY G 67 53.27 23.06 17.77
N ASN G 68 54.22 23.06 16.84
CA ASN G 68 54.07 23.83 15.62
C ASN G 68 53.02 23.21 14.72
N THR G 69 52.24 24.05 14.05
CA THR G 69 51.15 23.63 13.20
C THR G 69 51.35 24.15 11.78
N TYR G 70 50.41 23.79 10.90
CA TYR G 70 50.36 24.30 9.54
C TYR G 70 49.88 25.74 9.44
N ARG G 71 49.30 26.27 10.52
CA ARG G 71 48.72 27.60 10.50
C ARG G 71 49.78 28.68 10.31
N THR G 72 50.98 28.49 10.90
CA THR G 72 52.07 29.45 10.69
C THR G 72 52.51 29.48 9.24
N TYR G 73 52.65 28.31 8.61
CA TYR G 73 53.03 28.24 7.20
C TYR G 73 51.96 28.86 6.30
N VAL G 74 50.68 28.56 6.57
CA VAL G 74 49.59 29.06 5.75
C VAL G 74 49.46 30.58 5.90
N ASN G 75 49.57 31.10 7.13
CA ASN G 75 49.48 32.53 7.36
C ASN G 75 50.66 33.28 6.76
N ASP G 76 51.87 32.72 6.87
CA ASP G 76 53.05 33.34 6.27
C ASP G 76 52.96 33.35 4.74
N ALA G 77 52.46 32.27 4.14
CA ALA G 77 52.32 32.22 2.70
C ALA G 77 51.23 33.15 2.20
N ARG G 78 50.14 33.28 2.96
CA ARG G 78 49.07 34.20 2.55
C ARG G 78 49.47 35.66 2.76
N THR G 79 50.33 35.93 3.74
CA THR G 79 50.88 37.28 3.87
C THR G 79 51.87 37.58 2.75
N LEU G 80 52.67 36.59 2.36
CA LEU G 80 53.62 36.78 1.27
C LEU G 80 52.93 36.86 -0.09
N LEU G 81 51.72 36.32 -0.21
CA LEU G 81 50.97 36.36 -1.45
C LEU G 81 50.09 37.59 -1.57
N ASN G 82 50.21 38.55 -0.64
CA ASN G 82 49.42 39.77 -0.68
C ASN G 82 50.30 40.95 -0.28
N SER G 83 49.77 42.16 -0.51
CA SER G 83 50.34 43.44 -0.08
C SER G 83 51.73 43.71 -0.68
N TYR G 84 52.01 43.10 -1.83
CA TYR G 84 53.23 43.28 -2.65
C TYR G 84 54.44 42.88 -1.79
N GLY G 85 55.56 43.60 -1.90
CA GLY G 85 56.74 43.31 -1.11
C GLY G 85 57.90 42.85 -1.98
N TYR G 86 59.00 42.55 -1.30
CA TYR G 86 60.24 42.13 -1.94
C TYR G 86 60.66 40.76 -1.42
N THR G 87 61.29 39.98 -2.29
CA THR G 87 61.90 38.73 -1.88
C THR G 87 63.36 38.98 -1.48
N MET G 88 64.12 37.91 -1.31
CA MET G 88 65.53 38.04 -0.97
C MET G 88 66.44 38.20 -2.19
N GLU G 89 65.98 37.78 -3.37
CA GLU G 89 66.82 37.85 -4.56
C GLU G 89 66.11 38.51 -5.74
N GLY G 90 64.79 38.39 -5.81
CA GLY G 90 64.03 38.89 -6.93
C GLY G 90 63.69 40.36 -6.81
N LYS G 91 62.75 40.79 -7.63
CA LYS G 91 62.42 42.21 -7.74
C LYS G 91 61.26 42.61 -6.84
N VAL G 92 60.07 42.05 -7.07
CA VAL G 92 58.86 42.51 -6.39
C VAL G 92 57.83 41.39 -6.45
N HIS G 93 56.96 41.34 -5.43
CA HIS G 93 55.82 40.44 -5.47
C HIS G 93 54.75 40.98 -6.40
N ILE G 94 53.96 40.07 -6.95
CA ILE G 94 52.68 40.39 -7.57
C ILE G 94 51.63 39.55 -6.84
N PRO G 95 50.62 40.17 -6.22
CA PRO G 95 49.72 39.41 -5.35
C PRO G 95 48.73 38.56 -6.13
N ILE G 96 48.06 37.68 -5.38
CA ILE G 96 46.93 36.92 -5.91
C ILE G 96 45.80 37.89 -6.24
N ASP G 97 45.04 37.55 -7.30
CA ASP G 97 44.02 38.33 -8.00
C ASP G 97 44.62 39.52 -8.74
N ARG G 98 45.95 39.56 -8.87
CA ARG G 98 46.65 40.47 -9.77
C ARG G 98 47.50 39.71 -10.78
N ALA G 99 48.33 38.77 -10.32
CA ALA G 99 49.18 38.01 -11.22
C ALA G 99 48.37 37.05 -12.07
N MET G 100 47.25 36.54 -11.55
CA MET G 100 46.34 35.75 -12.36
C MET G 100 45.72 36.58 -13.47
N ASP G 101 45.42 37.85 -13.17
CA ASP G 101 44.90 38.75 -14.20
C ASP G 101 45.96 39.08 -15.25
N LEU G 102 47.21 39.24 -14.83
CA LEU G 102 48.30 39.43 -15.80
C LEU G 102 48.53 38.18 -16.65
N ILE G 103 48.38 36.99 -16.05
CA ILE G 103 48.49 35.74 -16.81
C ILE G 103 47.38 35.63 -17.84
N VAL G 104 46.16 36.00 -17.45
CA VAL G 104 45.01 35.99 -18.36
C VAL G 104 45.21 37.01 -19.49
N GLU G 105 45.71 38.19 -19.15
CA GLU G 105 45.90 39.25 -20.16
C GLU G 105 47.02 38.90 -21.14
N ARG G 106 48.14 38.38 -20.65
CA ARG G 106 49.25 38.05 -21.53
C ARG G 106 49.08 36.71 -22.23
N GLY G 107 48.14 35.87 -21.78
CA GLY G 107 47.89 34.60 -22.42
C GLY G 107 48.93 33.55 -22.08
N LEU G 108 48.69 32.36 -22.61
CA LEU G 108 49.59 31.22 -22.50
C LEU G 108 49.74 30.58 -23.87
N PRO G 109 50.88 29.93 -24.13
CA PRO G 109 51.04 29.22 -25.41
C PRO G 109 50.06 28.05 -25.53
N VAL G 110 49.51 27.90 -26.73
CA VAL G 110 48.49 26.89 -27.02
C VAL G 110 49.02 25.99 -28.12
N ARG G 111 49.00 24.67 -27.87
CA ARG G 111 49.45 23.62 -28.80
C ARG G 111 50.89 23.81 -29.29
N MET H 1 -23.79 14.74 48.62
CA MET H 1 -23.28 14.35 49.92
C MET H 1 -21.77 14.51 49.98
N GLN H 2 -21.24 14.53 51.21
CA GLN H 2 -19.81 14.68 51.40
C GLN H 2 -19.07 13.40 51.00
N PRO H 3 -17.81 13.51 50.60
CA PRO H 3 -17.02 12.30 50.34
C PRO H 3 -16.68 11.54 51.61
N GLU H 4 -16.07 10.36 51.41
CA GLU H 4 -15.73 9.48 52.52
C GLU H 4 -14.62 10.07 53.39
N TRP H 5 -13.61 10.66 52.77
CA TRP H 5 -12.46 11.19 53.48
C TRP H 5 -12.61 12.67 53.82
N SER H 6 -13.83 13.20 53.82
CA SER H 6 -14.03 14.61 54.14
C SER H 6 -13.77 14.86 55.62
N GLY H 7 -12.96 15.87 55.91
CA GLY H 7 -12.56 16.17 57.27
C GLY H 7 -11.27 15.51 57.71
N ASP H 8 -10.56 14.82 56.83
CA ASP H 8 -9.31 14.15 57.14
C ASP H 8 -8.14 15.08 56.87
N PRO H 9 -7.23 15.26 57.82
CA PRO H 9 -6.09 16.18 57.60
C PRO H 9 -5.06 15.66 56.60
N GLU H 10 -5.12 14.40 56.19
CA GLU H 10 -4.18 13.86 55.22
C GLU H 10 -4.64 14.03 53.77
N VAL H 11 -5.84 14.58 53.55
CA VAL H 11 -6.41 14.62 52.21
C VAL H 11 -5.68 15.62 51.33
N LYS H 12 -5.43 16.82 51.85
CA LYS H 12 -4.70 17.79 51.03
C LYS H 12 -3.21 17.47 50.93
N PRO H 13 -2.51 16.94 51.96
CA PRO H 13 -1.17 16.37 51.70
C PRO H 13 -1.13 15.27 50.65
N VAL H 14 -2.11 14.35 50.64
CA VAL H 14 -2.02 13.29 49.64
C VAL H 14 -2.44 13.80 48.25
N PHE H 15 -3.30 14.83 48.18
CA PHE H 15 -3.60 15.44 46.88
C PHE H 15 -2.41 16.20 46.32
N LEU H 16 -1.68 16.94 47.19
CA LEU H 16 -0.46 17.57 46.74
C LEU H 16 0.62 16.55 46.38
N ALA H 17 0.67 15.41 47.07
CA ALA H 17 1.62 14.36 46.70
C ALA H 17 1.29 13.76 45.33
N VAL H 18 0.00 13.49 45.06
CA VAL H 18 -0.40 12.94 43.77
C VAL H 18 -0.17 13.95 42.65
N THR H 19 -0.51 15.22 42.86
CA THR H 19 -0.28 16.22 41.82
C THR H 19 1.21 16.50 41.61
N LEU H 20 2.01 16.46 42.67
CA LEU H 20 3.45 16.62 42.53
C LEU H 20 4.06 15.45 41.78
N THR H 21 3.60 14.23 42.04
CA THR H 21 4.05 13.06 41.30
C THR H 21 3.67 13.16 39.83
N GLY H 22 2.44 13.62 39.57
CA GLY H 22 1.98 13.77 38.19
C GLY H 22 2.76 14.82 37.42
N MET H 23 3.06 15.96 38.06
CA MET H 23 3.79 17.00 37.35
C MET H 23 5.28 16.66 37.19
N VAL H 24 5.87 15.95 38.16
CA VAL H 24 7.25 15.50 38.02
C VAL H 24 7.37 14.45 36.92
N ALA H 25 6.43 13.50 36.88
CA ALA H 25 6.44 12.49 35.82
C ALA H 25 6.16 13.10 34.46
N PHE H 26 5.26 14.09 34.39
CA PHE H 26 4.97 14.77 33.13
C PHE H 26 6.18 15.54 32.63
N LEU H 27 6.84 16.30 33.51
CA LEU H 27 8.03 17.05 33.12
C LEU H 27 9.17 16.14 32.72
N LEU H 28 9.29 15.00 33.38
CA LEU H 28 10.36 14.05 33.06
C LEU H 28 10.11 13.36 31.73
N MET H 29 8.85 13.01 31.44
CA MET H 29 8.51 12.44 30.13
C MET H 29 8.69 13.48 29.02
N VAL H 30 8.34 14.74 29.29
CA VAL H 30 8.56 15.81 28.31
C VAL H 30 10.04 16.02 28.06
N TRP H 31 10.87 15.96 29.10
CA TRP H 31 12.32 16.09 28.95
C TRP H 31 12.89 14.94 28.11
N LEU H 32 12.49 13.70 28.42
CA LEU H 32 12.99 12.54 27.69
C LEU H 32 12.52 12.53 26.24
N PHE H 33 11.28 12.94 25.97
CA PHE H 33 10.74 12.80 24.64
C PHE H 33 10.82 14.07 23.80
N ALA H 34 11.30 15.17 24.37
CA ALA H 34 11.43 16.38 23.58
C ALA H 34 12.80 17.04 23.68
N PHE H 35 13.44 17.01 24.86
CA PHE H 35 14.65 17.78 25.08
C PHE H 35 15.84 16.89 25.44
N TYR H 36 15.85 15.67 24.92
CA TYR H 36 16.91 14.71 25.23
C TYR H 36 17.85 14.51 24.05
N TRP H 37 17.33 14.11 22.90
CA TRP H 37 18.05 13.95 21.62
C TRP H 37 19.30 13.08 21.70
FE HEC I . 12.66 8.72 8.06
CHA HEC I . 14.27 6.35 9.74
CHB HEC I . 9.76 6.92 8.34
CHC HEC I . 10.97 11.10 6.41
CHD HEC I . 15.57 10.37 7.41
NA HEC I . 12.15 7.01 8.75
C1A HEC I . 12.94 6.24 9.58
C2A HEC I . 12.15 5.27 10.30
C3A HEC I . 10.91 5.43 9.92
C4A HEC I . 10.89 6.49 8.95
CMA HEC I . 9.71 4.61 10.42
CAA HEC I . 12.67 4.23 11.32
CBA HEC I . 13.02 2.98 10.54
CGA HEC I . 13.29 1.84 11.47
O1A HEC I . 13.25 0.68 11.01
O2A HEC I . 13.54 2.10 12.68
NB HEC I . 10.83 8.98 7.58
C1B HEC I . 9.77 8.09 7.65
C2B HEC I . 8.63 8.55 6.90
C3B HEC I . 8.97 9.72 6.36
C4B HEC I . 10.32 9.98 6.78
CMB HEC I . 7.30 7.78 6.77
CAB HEC I . 8.16 10.66 5.46
CBB HEC I . 7.01 11.38 6.21
NC HEC I . 13.15 10.34 7.18
C1C HEC I . 12.31 11.19 6.49
C2C HEC I . 13.04 12.22 5.80
C3C HEC I . 14.33 12.03 6.06
C4C HEC I . 14.41 10.87 6.91
CMC HEC I . 12.33 13.29 4.95
CAC HEC I . 15.56 12.84 5.58
CBC HEC I . 15.62 14.30 6.07
ND HEC I . 14.52 8.38 8.37
C1D HEC I . 15.58 9.28 8.22
C2D HEC I . 16.70 8.96 9.08
C3D HEC I . 16.28 7.70 9.80
C4D HEC I . 14.96 7.42 9.30
CMD HEC I . 18.04 9.69 9.25
CAD HEC I . 17.10 6.91 10.84
CBD HEC I . 16.60 7.27 12.24
CGD HEC I . 17.49 6.66 13.27
O1D HEC I . 18.56 6.10 12.90
O2D HEC I . 17.15 6.73 14.49
FE HEC J . 19.64 17.24 4.03
CHA HEC J . 18.79 18.44 1.09
CHB HEC J . 19.32 14.07 2.78
CHC HEC J . 20.03 15.92 7.12
CHD HEC J . 20.34 20.31 5.26
NA HEC J . 19.12 16.43 2.38
C1A HEC J . 18.89 17.11 1.21
C2A HEC J . 18.78 16.23 0.08
C3A HEC J . 18.94 14.99 0.54
C4A HEC J . 19.14 15.12 1.96
CMA HEC J . 18.93 13.66 -0.23
CAA HEC J . 18.55 16.74 -1.37
CBA HEC J . 17.16 16.37 -1.90
CGA HEC J . 16.52 17.54 -2.57
O1A HEC J . 15.54 17.32 -3.32
O2A HEC J . 16.98 18.68 -2.37
NB HEC J . 19.72 15.47 4.74
C1B HEC J . 19.47 14.26 4.11
C2B HEC J . 19.39 13.18 5.04
C3B HEC J . 19.58 13.68 6.24
C4B HEC J . 19.80 15.09 6.08
CMB HEC J . 19.12 11.71 4.65
CAB HEC J . 19.58 12.93 7.58
CBB HEC J . 20.92 12.20 7.83
NC HEC J . 20.07 17.94 5.76
C1C HEC J . 20.21 17.25 6.95
C2C HEC J . 20.57 18.12 8.03
C3C HEC J . 20.67 19.35 7.52
C4C HEC J . 20.35 19.24 6.11
CMC HEC J . 20.79 17.63 9.48
CAC HEC J . 21.01 20.68 8.24
CBC HEC J . 22.43 20.81 8.79
ND HEC J . 19.53 19.02 3.33
C1D HEC J . 19.96 20.18 3.95
C2D HEC J . 19.98 21.29 3.03
C3D HEC J . 19.48 20.73 1.71
C4D HEC J . 19.25 19.33 2.00
CMD HEC J . 20.40 22.75 3.32
CAD HEC J . 19.36 21.58 0.41
CBD HEC J . 18.13 21.38 -0.48
CGD HEC J . 17.66 22.70 -0.98
O1D HEC J . 18.20 23.70 -0.49
O2D HEC J . 16.77 22.74 -1.87
FE HEC K . 29.57 13.39 5.99
CHA HEC K . 29.18 10.08 6.13
CHB HEC K . 32.91 13.04 5.67
CHC HEC K . 29.79 16.62 5.09
CHD HEC K . 26.65 13.98 7.50
NA HEC K . 30.77 11.91 6.00
C1A HEC K . 30.43 10.57 5.92
C2A HEC K . 31.58 9.76 5.58
C3A HEC K . 32.62 10.60 5.46
C4A HEC K . 32.13 11.92 5.72
CMA HEC K . 34.07 10.21 5.11
CAA HEC K . 31.60 8.23 5.40
CBA HEC K . 31.51 7.86 3.92
CGA HEC K . 30.19 8.32 3.35
O1A HEC K . 30.20 9.16 2.43
O2A HEC K . 29.14 7.83 3.82
NB HEC K . 31.00 14.53 5.44
C1B HEC K . 32.35 14.27 5.47
C2B HEC K . 33.11 15.48 5.24
C3B HEC K . 32.23 16.47 5.09
C4B HEC K . 30.93 15.90 5.20
CMB HEC K . 34.64 15.55 5.20
CAB HEC K . 32.49 17.98 4.84
CBB HEC K . 32.93 18.29 3.41
NC HEC K . 28.45 14.92 6.20
C1C HEC K . 28.71 16.22 5.82
C2C HEC K . 27.72 17.13 6.31
C3C HEC K . 26.85 16.41 6.99
C4C HEC K . 27.28 15.03 6.93
CMC HEC K . 27.74 18.65 6.08
CAC HEC K . 25.60 16.94 7.73
CBC HEC K . 24.39 17.35 6.88
ND HEC K . 28.23 12.25 6.74
C1D HEC K . 26.98 12.68 7.19
C2D HEC K . 26.05 11.59 7.29
C3D HEC K . 26.85 10.36 6.86
C4D HEC K . 28.16 10.87 6.55
CMD HEC K . 24.58 11.64 7.75
CAD HEC K . 26.37 8.89 6.78
CBD HEC K . 26.06 8.54 5.34
CGD HEC K . 25.87 7.05 5.22
O1D HEC K . 25.33 6.59 4.19
O2D HEC K . 26.29 6.32 6.16
FE HEC L . 38.18 12.12 7.42
CHA HEC L . 36.60 9.26 8.12
CHB HEC L . 35.45 13.86 8.47
CHC HEC L . 39.83 15.04 7.03
CHD HEC L . 40.84 10.47 6.17
NA HEC L . 36.43 11.68 8.03
C1A HEC L . 35.99 10.42 8.42
C2A HEC L . 34.79 10.49 9.19
C3A HEC L . 34.47 11.77 9.29
C4A HEC L . 35.47 12.52 8.58
CMA HEC L . 33.25 12.34 10.03
CAA HEC L . 34.04 9.29 9.78
CBA HEC L . 33.05 8.81 8.73
CGA HEC L . 32.67 7.38 8.99
O1A HEC L . 33.51 6.49 8.76
O2A HEC L . 31.53 7.17 9.44
NB HEC L . 37.75 13.96 7.71
C1B HEC L . 36.55 14.55 8.10
C2B HEC L . 36.62 16.00 8.09
C3B HEC L . 37.84 16.31 7.69
C4B HEC L . 38.55 15.08 7.45
CMB HEC L . 35.45 16.95 8.47
CAB HEC L . 38.47 17.70 7.46
CBB HEC L . 38.76 18.50 8.75
NC HEC L . 39.94 12.61 6.84
C1C HEC L . 40.41 13.89 6.62
C2C HEC L . 41.64 13.88 5.85
C3C HEC L . 41.94 12.61 5.61
C4C HEC L . 40.88 11.82 6.21
CMC HEC L . 42.38 15.16 5.46
CAC HEC L . 43.13 12.00 4.81
CBC HEC L . 44.55 12.26 5.36
ND HEC L . 38.60 10.28 7.14
C1D HEC L . 39.83 9.75 6.71
C2D HEC L . 39.91 8.33 6.93
C3D HEC L . 38.57 7.95 7.54
C4D HEC L . 37.85 9.20 7.61
CMD HEC L . 41.08 7.38 6.61
CAD HEC L . 38.08 6.57 7.99
CBD HEC L . 38.80 6.20 9.28
CGD HEC L . 38.18 6.91 10.46
O1D HEC L . 36.94 7.08 10.47
O2D HEC L . 38.93 7.28 11.39
FE HEC M . 49.78 10.16 8.15
CHA HEC M . 51.32 10.52 11.07
CHB HEC M . 48.50 7.17 9.15
CHC HEC M . 47.65 10.23 5.57
CHD HEC M . 51.66 12.53 6.69
NA HEC M . 49.84 9.12 9.74
C1A HEC M . 50.63 9.37 10.85
C2A HEC M . 50.62 8.25 11.75
C3A HEC M . 49.84 7.32 11.22
C4A HEC M . 49.34 7.85 9.98
CMA HEC M . 49.51 5.93 11.82
CAA HEC M . 51.38 8.16 13.09
CBA HEC M . 52.76 7.56 12.84
CGA HEC M . 53.65 7.83 14.03
O1A HEC M . 53.31 8.73 14.84
O2A HEC M . 54.68 7.14 14.16
NB HEC M . 48.38 9.01 7.55
C1B HEC M . 48.03 7.75 8.01
C2B HEC M . 47.09 7.11 7.12
C3B HEC M . 46.87 7.96 6.12
C4B HEC M . 47.64 9.15 6.38
CMB HEC M . 46.49 5.70 7.31
CAB HEC M . 45.93 7.78 4.90
CBB HEC M . 44.48 8.09 5.29
NC HEC M . 49.66 11.17 6.53
C1C HEC M . 48.73 11.04 5.52
C2C HEC M . 49.05 11.89 4.40
C3C HEC M . 50.18 12.52 4.71
C4C HEC M . 50.56 12.09 6.03
CMC HEC M . 48.23 11.97 3.09
CAC HEC M . 50.98 13.54 3.86
CBC HEC M . 50.29 14.93 3.82
ND HEC M . 51.23 11.27 8.74
C1D HEC M . 51.85 12.29 8.02
C2D HEC M . 52.70 13.09 8.86
C3D HEC M . 52.60 12.46 10.24
C4D HEC M . 51.68 11.35 10.06
CMD HEC M . 53.54 14.32 8.43
CAD HEC M . 53.30 12.87 11.55
CBD HEC M . 54.78 12.56 11.51
CGD HEC M . 55.43 12.94 12.81
O1D HEC M . 54.71 13.35 13.75
O2D HEC M . 56.68 12.84 12.91
FE1 SF4 N . 6.97 -2.51 -24.72
FE2 SF4 N . 7.13 0.21 -24.39
FE3 SF4 N . 6.47 -1.40 -22.28
FE4 SF4 N . 4.69 -1.04 -24.32
S1 SF4 N . 5.45 0.55 -22.88
S2 SF4 N . 5.25 -3.02 -23.32
S3 SF4 N . 6.11 -0.90 -26.10
S4 SF4 N . 8.44 -1.37 -23.40
FE1 SF4 O . 10.27 3.52 -13.22
FE2 SF4 O . 7.66 3.38 -12.42
FE3 SF4 O . 9.07 1.09 -12.87
FE4 SF4 O . 8.33 2.67 -14.98
S1 SF4 O . 6.95 1.54 -13.57
S2 SF4 O . 10.38 1.72 -14.62
S3 SF4 O . 8.52 4.74 -14.03
S4 SF4 O . 9.48 2.66 -11.27
FE1 SF4 P . -0.54 4.88 -7.04
FE2 SF4 P . -1.98 4.95 -4.71
FE3 SF4 P . -2.66 3.18 -6.69
FE4 SF4 P . -3.09 5.87 -7.04
S1 SF4 P . -4.07 4.51 -5.50
S2 SF4 P . -2.18 4.42 -8.55
S3 SF4 P . -1.29 6.74 -5.95
S4 SF4 P . -0.73 3.22 -5.49
FE1 F3S Q . -0.37 -0.25 2.91
FE3 F3S Q . 1.82 -0.30 4.50
FE4 F3S Q . -0.20 1.42 4.88
S1 F3S Q . 0.74 -2.04 3.65
S2 F3S Q . -2.13 0.50 4.18
S3 F3S Q . 1.26 1.41 3.06
S4 F3S Q . 0.95 0.35 6.50
P23 JLQ R . -40.14 -8.72 27.78
C01 JLQ R . -39.11 6.03 14.44
C02 JLQ R . -39.09 5.30 15.77
C03 JLQ R . -37.95 4.29 15.90
C04 JLQ R . -38.39 2.85 15.70
C05 JLQ R . -37.21 1.88 15.68
C06 JLQ R . -37.60 0.53 15.10
C07 JLQ R . -36.39 -0.33 14.79
C08 JLQ R . -35.60 -0.71 16.04
C09 JLQ R . -35.89 -2.13 16.50
C10 JLQ R . -36.88 -2.17 17.66
C11 JLQ R . -36.21 -2.54 18.99
C12 JLQ R . -37.16 -3.30 19.90
C13 JLQ R . -36.51 -4.54 20.52
C14 JLQ R . -37.53 -5.66 20.76
C15 JLQ R . -36.88 -6.92 21.31
C16 JLQ R . -37.74 -7.58 22.38
O17 JLQ R . -38.81 -8.01 22.10
O18 JLQ R . -37.27 -7.68 23.69
C19 JLQ R . -38.12 -7.11 24.63
C20 JLQ R . -37.31 -6.79 25.89
C21 JLQ R . -37.99 -7.39 27.11
O22 JLQ R . -39.35 -7.64 26.83
O24 JLQ R . -40.18 -10.04 27.14
O25 JLQ R . -39.37 -9.01 28.99
O26 JLQ R . -41.66 -8.19 28.13
C27 JLQ R . -41.86 -6.83 28.43
C28 JLQ R . -43.35 -6.54 28.33
N29 JLQ R . -44.03 -6.96 29.54
O30 JLQ R . -37.23 -5.40 26.06
C31 JLQ R . -36.00 -4.76 25.82
O32 JLQ R . -35.84 -3.67 26.24
C33 JLQ R . -34.87 -5.40 25.02
C34 JLQ R . -34.58 -4.59 23.76
C35 JLQ R . -33.09 -4.26 23.59
C36 JLQ R . -32.81 -3.57 22.26
C37 JLQ R . -31.70 -4.24 21.47
C38 JLQ R . -31.94 -4.23 19.97
C39 JLQ R . -31.28 -3.05 19.27
C40 JLQ R . -31.00 -3.33 17.79
C41 JLQ R . -29.53 -3.16 17.44
C42 JLQ R . -29.31 -2.47 16.09
C43 JLQ R . -29.39 -0.96 16.18
C44 JLQ R . -28.54 -0.26 15.13
C45 JLQ R . -27.85 0.99 15.66
C1 HQO S . -4.88 -3.00 11.47
O1 HQO S . -3.78 -3.10 10.69
C2 HQO S . -4.81 -2.41 12.71
C3 HQO S . -5.95 -2.32 13.51
N1 HQO S . -7.13 -2.77 13.11
O4 HQO S . -8.10 -2.67 13.85
C5 HQO S . -7.32 -3.38 11.87
C6 HQO S . -8.56 -3.85 11.48
C7 HQO S . -8.69 -4.45 10.24
C8 HQO S . -7.60 -4.57 9.40
C9 HQO S . -6.34 -4.12 9.74
C10 HQO S . -6.17 -3.52 10.99
C11 HQO S . -5.86 -1.66 14.86
C12 HQO S . -5.64 -2.77 17.05
C13 HQO S . -4.88 -2.34 15.80
C14 HQO S . -4.67 -3.16 18.16
C15 HQO S . -3.93 -1.93 18.67
C16 HQO S . -4.19 -1.71 20.15
C17 HQO S . -2.90 -1.49 20.90
P22 JL3 T . -39.00 -0.18 33.21
C01 JL3 T . -28.20 -1.15 20.29
C02 JL3 T . -27.51 0.12 19.81
C03 JL3 T . -28.29 1.38 20.14
C04 JL3 T . -28.62 1.48 21.63
C05 JL3 T . -29.54 2.66 21.94
C06 JL3 T . -30.61 2.29 22.95
C07 JL3 T . -30.95 3.46 23.88
C08 JL3 T . -30.21 3.36 25.21
C09 JL3 T . -30.43 4.58 26.11
C10 JL3 T . -31.89 5.01 26.17
C11 JL3 T . -32.49 4.78 27.56
C12 JL3 T . -34.01 4.90 27.55
C13 JL3 T . -34.54 5.30 28.92
C14 JL3 T . -34.73 4.10 29.85
C15 JL3 T . -35.97 3.32 29.46
O16 JL3 T . -37.01 3.86 29.44
O17 JL3 T . -35.85 1.98 29.08
C18 JL3 T . -36.14 1.00 30.05
C19 JL3 T . -37.57 0.63 29.65
C20 JL3 T . -38.53 0.74 30.84
O21 JL3 T . -38.23 -0.26 31.76
O23 JL3 T . -40.24 0.55 33.08
O24 JL3 T . -38.25 0.67 34.13
O25 JL3 T . -39.24 -1.70 33.80
C26 JL3 T . -39.42 -2.74 32.90
C27 JL3 T . -38.83 -4.02 33.50
N28 JL3 T . -38.99 -4.01 34.93
O29 JL3 T . -37.61 -0.63 29.06
C30 JL3 T . -37.91 -0.55 27.70
O31 JL3 T . -39.04 -0.59 27.36
C32 JL3 T . -36.80 -0.40 26.66
C33 JL3 T . -37.02 0.79 25.73
C34 JL3 T . -36.71 0.45 24.28
C35 JL3 T . -35.64 1.36 23.68
C36 JL3 T . -35.79 1.50 22.17
C37 JL3 T . -34.46 1.77 21.47
C38 JL3 T . -34.40 1.15 20.07
C39 JL3 T . -33.18 1.63 19.28
C40 JL3 T . -33.50 1.79 17.80
C41 JL3 T . -32.34 2.37 17.00
C42 JL3 T . -32.75 2.73 15.57
C43 JL3 T . -32.35 1.67 14.55
C44 JL3 T . -32.49 2.17 13.11
C45 JL3 T . -31.95 1.16 12.10
C10 JM9 U . -22.26 8.88 26.73
C11 JM9 U . -23.26 8.27 27.72
C12 JM9 U . -23.29 9.13 28.97
C13 JM9 U . -24.66 9.17 29.65
C14 JM9 U . -24.53 9.02 31.17
C15 JM9 U . -25.87 8.62 31.82
C01 JM9 U . -20.87 11.48 16.07
C02 JM9 U . -20.43 11.60 17.54
C03 JM9 U . -21.60 11.51 18.50
C04 JM9 U . -21.19 11.79 19.95
C05 JM9 U . -21.92 10.87 20.91
C06 JM9 U . -21.94 11.34 22.34
C07 JM9 U . -22.65 10.35 23.25
C08 JM9 U . -21.93 10.11 24.56
C09 JM9 U . -22.89 9.80 25.70
O16 JM9 U . -26.07 7.49 32.11
O17 JM9 U . -26.84 9.61 32.05
C18 JM9 U . -27.76 9.31 33.08
C19 JM9 U . -29.07 8.85 32.42
O20 JM9 U . -28.98 9.12 31.04
C21 JM9 U . -28.80 7.99 30.21
O22 JM9 U . -28.60 6.93 30.68
C23 JM9 U . -28.86 8.15 28.67
C24 JM9 U . -27.81 7.29 27.92
C25 JM9 U . -28.01 7.40 26.39
C26 JM9 U . -27.13 6.43 25.57
C27 JM9 U . -26.96 6.89 24.13
C28 JM9 U . -27.05 5.73 23.12
C29 JM9 U . -26.83 6.19 21.70
C30 JM9 U . -26.05 5.18 20.86
C31 JM9 U . -25.48 5.80 19.57
C32 JM9 U . -23.97 6.05 19.66
C33 JM9 U . -23.50 7.00 18.57
C34 JM9 U . -22.04 6.84 18.16
C35 JM9 U . -21.16 6.97 19.37
C36 JM9 U . -21.61 7.92 17.16
C37 JM9 U . -27.95 10.60 33.92
O38 JM9 U . -26.93 10.63 34.88
C39 JM9 U . -26.05 11.72 34.79
O40 JM9 U . -26.20 12.66 35.48
C41 JM9 U . -24.91 11.68 33.78
C42 JM9 U . -23.63 10.95 34.22
C43 JM9 U . -22.38 11.67 33.65
C44 JM9 U . -22.52 12.08 32.17
C45 JM9 U . -21.26 12.75 31.62
C46 JM9 U . -20.83 12.16 30.27
C47 JM9 U . -19.41 12.52 29.92
C48 JM9 U . -19.29 13.09 28.52
C49 JM9 U . -19.10 12.02 27.47
C50 JM9 U . -17.78 12.13 26.75
C51 JM9 U . -17.93 12.13 25.24
C52 JM9 U . -17.22 13.29 24.57
C53 JM9 U . -17.66 14.63 25.17
C54 JM9 U . -17.42 13.27 23.06
FE HEC V . 55.22 17.64 -6.05
CHA HEC V . 58.30 17.35 -7.30
CHB HEC V . 54.45 19.90 -8.45
CHC HEC V . 51.99 17.52 -5.13
CHD HEC V . 56.14 16.24 -3.12
NA HEC V . 56.15 18.40 -7.54
C1A HEC V . 57.47 18.21 -7.90
C2A HEC V . 57.85 19.08 -9.00
C3A HEC V . 56.77 19.79 -9.30
C4A HEC V . 55.71 19.38 -8.42
CMA HEC V . 56.68 20.85 -10.42
CAA HEC V . 59.22 19.20 -9.70
CBA HEC V . 59.59 17.99 -10.53
CGA HEC V . 61.02 18.07 -10.99
O1A HEC V . 61.49 17.13 -11.66
O2A HEC V . 61.69 19.09 -10.67
NB HEC V . 53.62 18.51 -6.62
C1B HEC V . 53.46 19.40 -7.68
C2B HEC V . 52.07 19.73 -7.85
C3B HEC V . 51.37 19.10 -6.92
C4B HEC V . 52.33 18.33 -6.16
CMB HEC V . 51.54 20.71 -8.93
CAB HEC V . 49.85 19.10 -6.70
CBB HEC V . 49.19 18.11 -7.69
NC HEC V . 54.28 16.95 -4.55
C1C HEC V . 52.94 17.13 -4.24
C2C HEC V . 52.67 16.87 -2.86
C3C HEC V . 53.82 16.53 -2.29
C4C HEC V . 54.84 16.56 -3.33
CMC HEC V . 51.29 17.02 -2.19
CAC HEC V . 54.07 16.15 -0.81
CBC HEC V . 53.66 14.68 -0.58
ND HEC V . 56.85 16.92 -5.36
C1D HEC V . 57.08 16.41 -4.08
C2D HEC V . 58.47 16.08 -3.88
C3D HEC V . 59.15 16.43 -5.20
C4D HEC V . 58.09 16.92 -6.03
CMD HEC V . 59.16 15.50 -2.63
CAD HEC V . 60.64 16.29 -5.56
CBD HEC V . 60.96 14.83 -5.89
CGD HEC V . 62.45 14.65 -6.03
O1D HEC V . 62.89 13.49 -6.24
O2D HEC V . 63.19 15.66 -5.93
#